data_6ZUZ
#
_entry.id   6ZUZ
#
_entity_poly.entity_id   1
_entity_poly.type   'polypeptide(L)'
_entity_poly.pdbx_seq_one_letter_code
;SNAASAMAAESALQVVEKLQARLAANPDPKKLLKYLKKLSTLPITVDILAETGVGKTVNSLRKHEHVGSFARDLVAQWKK
LVPVERNAGS
;
_entity_poly.pdbx_strand_id   A
#
# COMPACT_ATOMS: atom_id res chain seq x y z
N SER A 1 -12.61 -19.46 16.72
CA SER A 1 -13.22 -18.13 16.90
C SER A 1 -12.47 -17.10 16.09
N ASN A 2 -13.12 -16.00 15.71
CA ASN A 2 -12.46 -14.95 14.94
C ASN A 2 -11.38 -14.29 15.79
N ALA A 3 -11.71 -14.06 17.05
CA ALA A 3 -10.75 -13.52 18.01
C ALA A 3 -9.92 -14.71 18.47
N ALA A 4 -8.63 -14.47 18.70
CA ALA A 4 -7.68 -15.51 19.14
C ALA A 4 -7.67 -16.71 18.20
N SER A 5 -7.75 -16.45 16.90
CA SER A 5 -7.71 -17.52 15.91
C SER A 5 -6.28 -18.07 15.85
N ALA A 6 -6.14 -19.39 15.92
CA ALA A 6 -4.83 -20.03 15.92
C ALA A 6 -4.16 -20.02 14.53
N MET A 7 -4.90 -19.61 13.51
CA MET A 7 -4.40 -19.58 12.15
C MET A 7 -5.06 -18.42 11.42
N ALA A 8 -4.44 -17.97 10.34
CA ALA A 8 -4.92 -16.83 9.53
C ALA A 8 -5.18 -15.58 10.39
N ALA A 9 -4.31 -15.38 11.38
CA ALA A 9 -4.40 -14.27 12.33
C ALA A 9 -3.78 -12.98 11.78
N GLU A 10 -3.46 -12.97 10.50
CA GLU A 10 -2.74 -11.86 9.90
C GLU A 10 -3.60 -10.61 9.69
N SER A 11 -3.34 -9.58 10.48
CA SER A 11 -4.05 -8.32 10.34
C SER A 11 -3.68 -7.68 9.01
N ALA A 12 -4.55 -6.82 8.48
CA ALA A 12 -4.26 -6.11 7.22
C ALA A 12 -2.94 -5.36 7.33
N LEU A 13 -2.68 -4.84 8.52
CA LEU A 13 -1.43 -4.15 8.83
C LEU A 13 -0.25 -5.04 8.53
N GLN A 14 -0.26 -6.25 9.07
CA GLN A 14 0.86 -7.17 8.94
C GLN A 14 1.11 -7.57 7.50
N VAL A 15 0.04 -7.72 6.74
CA VAL A 15 0.16 -8.15 5.36
C VAL A 15 0.71 -6.99 4.52
N VAL A 16 0.21 -5.78 4.72
CA VAL A 16 0.73 -4.62 3.99
C VAL A 16 2.19 -4.43 4.30
N GLU A 17 2.57 -4.56 5.56
CA GLU A 17 3.94 -4.34 5.95
C GLU A 17 4.89 -5.26 5.21
N LYS A 18 4.52 -6.54 5.19
CA LYS A 18 5.38 -7.55 4.61
C LYS A 18 5.47 -7.38 3.10
N LEU A 19 4.41 -6.86 2.50
CA LEU A 19 4.45 -6.55 1.07
C LEU A 19 5.31 -5.34 0.81
N GLN A 20 5.22 -4.33 1.65
CA GLN A 20 5.99 -3.10 1.48
C GLN A 20 7.49 -3.41 1.54
N ALA A 21 7.86 -4.34 2.40
CA ALA A 21 9.25 -4.80 2.45
C ALA A 21 9.65 -5.35 1.07
N ARG A 22 8.74 -6.09 0.43
CA ARG A 22 9.03 -6.65 -0.89
C ARG A 22 9.00 -5.59 -1.99
N LEU A 23 8.35 -4.47 -1.73
CA LEU A 23 8.32 -3.35 -2.69
C LEU A 23 9.65 -2.63 -2.74
N ALA A 24 10.26 -2.43 -1.58
CA ALA A 24 11.55 -1.74 -1.48
C ALA A 24 12.64 -2.60 -2.12
N ALA A 25 12.48 -3.90 -1.98
CA ALA A 25 13.40 -4.89 -2.54
C ALA A 25 12.94 -5.32 -3.94
N ASN A 26 12.19 -4.44 -4.63
CA ASN A 26 11.52 -4.75 -5.89
C ASN A 26 12.22 -5.78 -6.82
N PRO A 27 11.69 -7.01 -6.89
CA PRO A 27 12.27 -8.04 -7.76
C PRO A 27 11.91 -7.96 -9.25
N ASP A 28 10.70 -7.50 -9.55
CA ASP A 28 10.23 -7.42 -10.94
C ASP A 28 9.19 -6.33 -11.04
N PRO A 29 9.08 -5.65 -12.20
CA PRO A 29 7.95 -4.72 -12.33
C PRO A 29 6.64 -5.51 -12.40
N LYS A 30 6.75 -6.76 -12.83
CA LYS A 30 5.60 -7.67 -12.95
C LYS A 30 5.06 -8.00 -11.55
N LYS A 31 5.98 -8.22 -10.63
CA LYS A 31 5.63 -8.54 -9.25
C LYS A 31 5.16 -7.28 -8.53
N LEU A 32 5.73 -6.13 -8.87
CA LEU A 32 5.29 -4.86 -8.27
C LEU A 32 3.80 -4.63 -8.44
N LEU A 33 3.25 -4.89 -9.63
CA LEU A 33 1.81 -4.69 -9.83
C LEU A 33 1.02 -5.66 -8.94
N LYS A 34 1.49 -6.90 -8.85
CA LYS A 34 0.85 -7.91 -8.00
C LYS A 34 0.83 -7.43 -6.55
N TYR A 35 1.91 -6.82 -6.09
CA TYR A 35 1.97 -6.31 -4.73
C TYR A 35 0.96 -5.20 -4.49
N LEU A 36 0.89 -4.27 -5.43
CA LEU A 36 -0.01 -3.13 -5.30
C LEU A 36 -1.44 -3.63 -5.18
N LYS A 37 -1.81 -4.58 -6.02
CA LYS A 37 -3.16 -5.17 -6.00
C LYS A 37 -3.46 -5.81 -4.64
N LYS A 38 -2.45 -6.31 -3.96
CA LYS A 38 -2.68 -6.88 -2.64
C LYS A 38 -2.89 -5.78 -1.60
N LEU A 39 -2.22 -4.64 -1.70
CA LEU A 39 -2.42 -3.55 -0.73
C LEU A 39 -3.85 -3.04 -0.91
N SER A 40 -4.29 -2.96 -2.16
CA SER A 40 -5.61 -2.42 -2.50
C SER A 40 -6.80 -3.30 -2.11
N THR A 41 -6.57 -4.59 -1.89
CA THR A 41 -7.67 -5.51 -1.57
C THR A 41 -7.78 -5.77 -0.07
N LEU A 42 -6.91 -5.13 0.70
CA LEU A 42 -6.95 -5.24 2.16
C LEU A 42 -7.68 -4.01 2.67
N PRO A 43 -8.34 -4.11 3.83
CA PRO A 43 -8.98 -2.93 4.41
C PRO A 43 -7.94 -1.97 5.00
N ILE A 44 -7.45 -1.07 4.15
CA ILE A 44 -6.47 -0.09 4.56
C ILE A 44 -7.14 0.99 5.35
N THR A 45 -6.49 1.37 6.44
CA THR A 45 -6.99 2.43 7.27
C THR A 45 -5.91 3.47 7.41
N VAL A 46 -6.24 4.63 7.96
CA VAL A 46 -5.25 5.69 8.13
C VAL A 46 -4.18 5.24 9.11
N ASP A 47 -4.55 4.37 10.04
CA ASP A 47 -3.61 3.85 11.03
C ASP A 47 -2.56 3.02 10.31
N ILE A 48 -2.99 2.18 9.38
CA ILE A 48 -2.05 1.35 8.64
C ILE A 48 -1.15 2.27 7.82
N LEU A 49 -1.72 3.26 7.15
CA LEU A 49 -0.93 4.15 6.32
C LEU A 49 0.13 4.86 7.12
N ALA A 50 -0.21 5.22 8.35
CA ALA A 50 0.71 5.92 9.23
C ALA A 50 1.84 5.03 9.74
N GLU A 51 1.50 3.81 10.18
CA GLU A 51 2.51 2.94 10.79
C GLU A 51 3.45 2.37 9.75
N THR A 52 2.88 1.98 8.61
CA THR A 52 3.67 1.37 7.55
C THR A 52 4.41 2.42 6.74
N GLY A 53 3.74 3.54 6.48
CA GLY A 53 4.35 4.62 5.72
C GLY A 53 4.26 4.23 4.27
N VAL A 54 3.40 3.26 4.01
CA VAL A 54 3.20 2.69 2.69
C VAL A 54 2.77 3.74 1.68
N GLY A 55 2.11 4.80 2.15
CA GLY A 55 1.71 5.88 1.28
C GLY A 55 2.91 6.52 0.60
N LYS A 56 4.04 6.59 1.30
CA LYS A 56 5.26 7.18 0.76
C LYS A 56 5.81 6.26 -0.31
N THR A 57 5.82 4.97 0.00
CA THR A 57 6.33 3.94 -0.89
C THR A 57 5.56 3.88 -2.22
N VAL A 58 4.24 3.81 -2.15
CA VAL A 58 3.43 3.68 -3.36
C VAL A 58 3.46 4.97 -4.18
N ASN A 59 3.53 6.10 -3.50
CA ASN A 59 3.62 7.39 -4.20
C ASN A 59 4.93 7.44 -5.00
N SER A 60 5.97 6.84 -4.44
CA SER A 60 7.27 6.75 -5.13
C SER A 60 7.21 5.77 -6.30
N LEU A 61 6.46 4.68 -6.15
CA LEU A 61 6.32 3.67 -7.21
C LEU A 61 5.68 4.23 -8.48
N ARG A 62 4.97 5.34 -8.35
CA ARG A 62 4.35 6.02 -9.51
C ARG A 62 5.38 6.44 -10.56
N LYS A 63 6.66 6.47 -10.18
CA LYS A 63 7.73 6.83 -11.11
C LYS A 63 7.99 5.74 -12.15
N HIS A 64 7.65 4.50 -11.85
CA HIS A 64 7.86 3.41 -12.79
C HIS A 64 6.75 3.42 -13.81
N GLU A 65 7.06 3.48 -15.09
CA GLU A 65 6.02 3.45 -16.11
C GLU A 65 5.23 2.13 -16.04
N HIS A 66 5.94 1.06 -15.69
CA HIS A 66 5.33 -0.28 -15.64
C HIS A 66 4.13 -0.41 -14.73
N VAL A 67 4.22 0.21 -13.56
CA VAL A 67 3.19 0.04 -12.52
C VAL A 67 2.64 1.36 -12.04
N GLY A 68 3.13 2.45 -12.60
CA GLY A 68 2.72 3.78 -12.18
C GLY A 68 1.25 4.03 -12.40
N SER A 69 0.67 3.44 -13.43
CA SER A 69 -0.76 3.61 -13.67
C SER A 69 -1.57 3.06 -12.50
N PHE A 70 -1.24 1.86 -12.02
CA PHE A 70 -1.97 1.30 -10.90
C PHE A 70 -1.59 1.98 -9.60
N ALA A 71 -0.29 2.21 -9.39
CA ALA A 71 0.18 2.95 -8.21
C ALA A 71 -0.50 4.33 -8.04
N ARG A 72 -0.85 4.99 -9.13
CA ARG A 72 -1.55 6.28 -9.06
C ARG A 72 -2.89 6.13 -8.42
N ASP A 73 -3.60 5.12 -8.89
CA ASP A 73 -4.93 4.83 -8.42
C ASP A 73 -4.87 4.33 -6.98
N LEU A 74 -3.76 3.70 -6.63
CA LEU A 74 -3.56 3.20 -5.28
C LEU A 74 -3.48 4.38 -4.30
N VAL A 75 -2.72 5.40 -4.67
CA VAL A 75 -2.62 6.60 -3.84
C VAL A 75 -3.98 7.32 -3.86
N ALA A 76 -4.66 7.29 -4.99
CA ALA A 76 -5.97 7.94 -5.10
C ALA A 76 -7.00 7.28 -4.18
N GLN A 77 -6.97 5.96 -4.04
CA GLN A 77 -7.89 5.27 -3.15
C GLN A 77 -7.56 5.62 -1.69
N TRP A 78 -6.27 5.79 -1.40
CA TRP A 78 -5.84 6.13 -0.04
C TRP A 78 -6.12 7.59 0.32
N LYS A 79 -6.24 8.43 -0.70
CA LYS A 79 -6.55 9.84 -0.48
C LYS A 79 -7.97 10.01 0.03
N LYS A 80 -8.79 8.98 -0.17
CA LYS A 80 -10.18 9.00 0.31
C LYS A 80 -10.26 8.70 1.81
N LEU A 81 -9.19 8.13 2.35
CA LEU A 81 -9.19 7.68 3.74
C LEU A 81 -8.70 8.77 4.67
N VAL A 82 -7.68 9.48 4.21
CA VAL A 82 -7.07 10.54 4.98
C VAL A 82 -7.92 11.80 4.91
N PRO A 83 -7.84 12.65 5.93
CA PRO A 83 -8.59 13.90 5.86
C PRO A 83 -7.93 14.83 4.84
N VAL A 84 -8.73 15.66 4.18
CA VAL A 84 -8.22 16.55 3.16
C VAL A 84 -8.76 17.95 3.41
N GLU A 85 -7.86 18.91 3.46
CA GLU A 85 -8.20 20.31 3.68
C GLU A 85 -8.19 21.03 2.33
N ARG A 86 -8.70 22.25 2.31
CA ARG A 86 -8.69 23.07 1.10
C ARG A 86 -8.27 24.50 1.46
N ASN A 87 -7.24 24.59 2.29
CA ASN A 87 -6.72 25.88 2.70
C ASN A 87 -5.99 26.52 1.52
N ALA A 88 -6.18 27.81 1.30
CA ALA A 88 -5.57 28.53 0.20
C ALA A 88 -5.56 30.01 0.59
N GLY A 89 -4.75 30.80 -0.09
CA GLY A 89 -4.69 32.22 0.17
C GLY A 89 -5.76 32.94 -0.63
N SER A 90 -6.15 34.12 -0.17
CA SER A 90 -7.17 34.94 -0.83
C SER A 90 -6.87 36.36 -0.38
N SER A 1 10.45 -29.79 12.18
CA SER A 1 9.11 -30.41 12.36
C SER A 1 8.58 -30.11 13.74
N ASN A 2 7.34 -30.50 14.04
CA ASN A 2 6.72 -30.30 15.35
C ASN A 2 6.79 -28.85 15.84
N ALA A 3 6.29 -27.93 15.02
CA ALA A 3 6.28 -26.51 15.36
C ALA A 3 5.02 -25.88 14.77
N ALA A 4 4.53 -24.84 15.42
CA ALA A 4 3.33 -24.12 14.98
C ALA A 4 3.50 -22.69 15.52
N SER A 5 2.70 -21.76 15.04
CA SER A 5 2.77 -20.38 15.48
C SER A 5 1.43 -19.70 15.23
N ALA A 6 1.15 -18.66 16.02
CA ALA A 6 -0.09 -17.87 15.94
C ALA A 6 -1.36 -18.70 16.22
N MET A 7 -2.50 -18.03 16.10
CA MET A 7 -3.81 -18.65 16.34
C MET A 7 -4.87 -18.04 15.43
N ALA A 8 -4.44 -17.15 14.54
CA ALA A 8 -5.31 -16.43 13.64
C ALA A 8 -4.38 -16.00 12.51
N ALA A 9 -4.94 -15.53 11.40
CA ALA A 9 -4.12 -15.08 10.28
C ALA A 9 -3.57 -13.68 10.51
N GLU A 10 -2.64 -13.29 9.65
CA GLU A 10 -2.01 -11.98 9.69
C GLU A 10 -3.05 -10.89 9.46
N SER A 11 -2.98 -9.88 10.30
CA SER A 11 -3.87 -8.72 10.20
C SER A 11 -3.54 -7.92 8.95
N ALA A 12 -4.48 -7.10 8.49
CA ALA A 12 -4.27 -6.28 7.28
C ALA A 12 -3.00 -5.44 7.39
N LEU A 13 -2.74 -4.90 8.57
CA LEU A 13 -1.54 -4.12 8.85
C LEU A 13 -0.30 -4.95 8.52
N GLN A 14 -0.27 -6.17 9.04
CA GLN A 14 0.89 -7.02 8.90
C GLN A 14 1.09 -7.47 7.47
N VAL A 15 0.01 -7.82 6.78
CA VAL A 15 0.13 -8.26 5.39
C VAL A 15 0.73 -7.12 4.57
N VAL A 16 0.23 -5.91 4.75
CA VAL A 16 0.77 -4.73 4.05
C VAL A 16 2.25 -4.54 4.35
N GLU A 17 2.66 -4.69 5.60
CA GLU A 17 4.05 -4.48 5.95
C GLU A 17 4.96 -5.42 5.16
N LYS A 18 4.55 -6.68 5.11
CA LYS A 18 5.36 -7.73 4.47
C LYS A 18 5.47 -7.44 2.99
N LEU A 19 4.42 -6.87 2.41
CA LEU A 19 4.43 -6.51 1.00
C LEU A 19 5.30 -5.33 0.75
N GLN A 20 5.23 -4.33 1.61
CA GLN A 20 6.00 -3.11 1.44
C GLN A 20 7.49 -3.43 1.49
N ALA A 21 7.85 -4.38 2.34
CA ALA A 21 9.23 -4.85 2.39
C ALA A 21 9.63 -5.39 1.00
N ARG A 22 8.72 -6.11 0.35
CA ARG A 22 9.02 -6.65 -1.00
C ARG A 22 8.98 -5.56 -2.07
N LEU A 23 8.31 -4.46 -1.81
CA LEU A 23 8.28 -3.33 -2.74
C LEU A 23 9.62 -2.62 -2.77
N ALA A 24 10.23 -2.46 -1.60
CA ALA A 24 11.52 -1.80 -1.48
C ALA A 24 12.62 -2.66 -2.11
N ALA A 25 12.42 -3.97 -2.02
CA ALA A 25 13.33 -4.97 -2.58
C ALA A 25 12.93 -5.34 -4.02
N ASN A 26 12.23 -4.43 -4.70
CA ASN A 26 11.60 -4.70 -6.01
C ASN A 26 12.27 -5.76 -6.91
N PRO A 27 11.70 -6.98 -6.94
CA PRO A 27 12.26 -8.04 -7.79
C PRO A 27 11.86 -8.00 -9.28
N ASP A 28 10.62 -7.59 -9.56
CA ASP A 28 10.11 -7.53 -10.93
C ASP A 28 9.04 -6.47 -10.98
N PRO A 29 8.87 -5.78 -12.12
CA PRO A 29 7.74 -4.85 -12.15
C PRO A 29 6.41 -5.61 -12.15
N LYS A 30 6.45 -6.84 -12.63
CA LYS A 30 5.28 -7.70 -12.66
C LYS A 30 4.86 -8.03 -11.23
N LYS A 31 5.85 -8.27 -10.39
CA LYS A 31 5.59 -8.59 -8.99
C LYS A 31 5.19 -7.32 -8.26
N LEU A 32 5.75 -6.17 -8.64
CA LEU A 32 5.36 -4.89 -8.03
C LEU A 32 3.87 -4.63 -8.22
N LEU A 33 3.36 -4.88 -9.41
CA LEU A 33 1.92 -4.69 -9.66
C LEU A 33 1.12 -5.66 -8.79
N LYS A 34 1.58 -6.90 -8.68
CA LYS A 34 0.89 -7.89 -7.84
C LYS A 34 0.87 -7.42 -6.39
N TYR A 35 1.97 -6.86 -5.93
CA TYR A 35 2.04 -6.36 -4.56
C TYR A 35 1.06 -5.21 -4.36
N LEU A 36 1.03 -4.28 -5.32
CA LEU A 36 0.13 -3.13 -5.26
C LEU A 36 -1.32 -3.59 -5.16
N LYS A 37 -1.67 -4.58 -5.97
CA LYS A 37 -3.02 -5.15 -5.97
C LYS A 37 -3.33 -5.82 -4.63
N LYS A 38 -2.32 -6.33 -3.95
CA LYS A 38 -2.53 -6.95 -2.65
C LYS A 38 -2.76 -5.87 -1.59
N LEU A 39 -2.12 -4.72 -1.70
CA LEU A 39 -2.34 -3.64 -0.71
C LEU A 39 -3.79 -3.17 -0.90
N SER A 40 -4.21 -3.06 -2.16
CA SER A 40 -5.54 -2.55 -2.50
C SER A 40 -6.71 -3.50 -2.20
N THR A 41 -6.43 -4.76 -1.91
CA THR A 41 -7.50 -5.73 -1.62
C THR A 41 -7.63 -5.96 -0.11
N LEU A 42 -6.80 -5.26 0.66
CA LEU A 42 -6.85 -5.34 2.11
C LEU A 42 -7.60 -4.11 2.60
N PRO A 43 -8.28 -4.21 3.75
CA PRO A 43 -8.95 -3.04 4.32
C PRO A 43 -7.94 -2.06 4.92
N ILE A 44 -7.47 -1.14 4.09
CA ILE A 44 -6.50 -0.15 4.51
C ILE A 44 -7.18 0.93 5.31
N THR A 45 -6.57 1.28 6.43
CA THR A 45 -7.09 2.34 7.27
C THR A 45 -6.01 3.40 7.38
N VAL A 46 -6.36 4.55 7.93
CA VAL A 46 -5.38 5.63 8.09
C VAL A 46 -4.31 5.20 9.07
N ASP A 47 -4.67 4.33 9.99
CA ASP A 47 -3.73 3.82 10.99
C ASP A 47 -2.68 2.97 10.29
N ILE A 48 -3.10 2.12 9.36
CA ILE A 48 -2.15 1.30 8.63
C ILE A 48 -1.25 2.21 7.82
N LEU A 49 -1.81 3.21 7.15
CA LEU A 49 -1.02 4.11 6.33
C LEU A 49 0.04 4.83 7.15
N ALA A 50 -0.33 5.19 8.36
CA ALA A 50 0.57 5.90 9.25
C ALA A 50 1.69 5.00 9.78
N GLU A 51 1.34 3.80 10.22
CA GLU A 51 2.33 2.89 10.81
C GLU A 51 3.30 2.34 9.78
N THR A 52 2.78 1.99 8.62
CA THR A 52 3.60 1.38 7.57
C THR A 52 4.33 2.43 6.74
N GLY A 53 3.64 3.54 6.47
CA GLY A 53 4.24 4.60 5.68
C GLY A 53 4.15 4.22 4.22
N VAL A 54 3.32 3.21 3.97
CA VAL A 54 3.13 2.63 2.65
C VAL A 54 2.67 3.67 1.63
N GLY A 55 1.99 4.72 2.09
CA GLY A 55 1.56 5.79 1.20
C GLY A 55 2.74 6.43 0.48
N LYS A 56 3.86 6.52 1.16
CA LYS A 56 5.07 7.14 0.61
C LYS A 56 5.65 6.19 -0.44
N THR A 57 5.64 4.91 -0.11
CA THR A 57 6.18 3.87 -0.98
C THR A 57 5.47 3.80 -2.33
N VAL A 58 4.15 3.71 -2.33
CA VAL A 58 3.41 3.58 -3.59
C VAL A 58 3.51 4.89 -4.39
N ASN A 59 3.55 6.01 -3.69
CA ASN A 59 3.70 7.31 -4.36
C ASN A 59 5.01 7.35 -5.16
N SER A 60 6.08 6.80 -4.60
CA SER A 60 7.37 6.76 -5.30
C SER A 60 7.29 5.86 -6.53
N LEU A 61 6.55 4.76 -6.41
CA LEU A 61 6.39 3.79 -7.49
C LEU A 61 5.66 4.37 -8.71
N ARG A 62 4.93 5.46 -8.52
CA ARG A 62 4.24 6.12 -9.64
C ARG A 62 5.21 6.51 -10.76
N LYS A 63 6.46 6.76 -10.42
CA LYS A 63 7.48 7.16 -11.40
C LYS A 63 7.87 6.00 -12.33
N HIS A 64 7.59 4.77 -11.92
CA HIS A 64 7.93 3.61 -12.71
C HIS A 64 6.79 3.33 -13.69
N GLU A 65 6.97 3.72 -14.95
CA GLU A 65 5.92 3.58 -15.99
C GLU A 65 5.22 2.22 -16.01
N HIS A 66 5.96 1.17 -15.69
CA HIS A 66 5.43 -0.20 -15.67
C HIS A 66 4.21 -0.37 -14.79
N VAL A 67 4.22 0.30 -13.64
CA VAL A 67 3.16 0.15 -12.65
C VAL A 67 2.54 1.47 -12.22
N GLY A 68 3.10 2.57 -12.72
CA GLY A 68 2.64 3.90 -12.35
C GLY A 68 1.16 4.16 -12.54
N SER A 69 0.56 3.61 -13.58
CA SER A 69 -0.87 3.78 -13.82
C SER A 69 -1.71 3.19 -12.69
N PHE A 70 -1.32 2.04 -12.17
CA PHE A 70 -2.04 1.44 -11.04
C PHE A 70 -1.63 2.13 -9.74
N ALA A 71 -0.36 2.50 -9.64
CA ALA A 71 0.17 3.15 -8.44
C ALA A 71 -0.53 4.49 -8.17
N ARG A 72 -0.88 5.23 -9.21
CA ARG A 72 -1.59 6.51 -9.00
C ARG A 72 -2.97 6.27 -8.40
N ASP A 73 -3.60 5.15 -8.72
CA ASP A 73 -4.91 4.82 -8.16
C ASP A 73 -4.76 4.43 -6.70
N LEU A 74 -3.69 3.72 -6.40
CA LEU A 74 -3.42 3.31 -5.02
C LEU A 74 -3.26 4.54 -4.13
N VAL A 75 -2.61 5.56 -4.64
CA VAL A 75 -2.48 6.81 -3.88
C VAL A 75 -3.82 7.55 -3.85
N ALA A 76 -4.57 7.53 -4.94
CA ALA A 76 -5.83 8.25 -5.02
C ALA A 76 -6.89 7.66 -4.10
N GLN A 77 -6.94 6.34 -4.01
CA GLN A 77 -7.93 5.68 -3.16
C GLN A 77 -7.60 5.93 -1.69
N TRP A 78 -6.31 5.98 -1.38
CA TRP A 78 -5.87 6.22 -0.01
C TRP A 78 -6.08 7.66 0.41
N LYS A 79 -6.13 8.56 -0.55
CA LYS A 79 -6.37 9.97 -0.26
C LYS A 79 -7.80 10.21 0.18
N LYS A 80 -8.68 9.26 -0.12
CA LYS A 80 -10.07 9.34 0.31
C LYS A 80 -10.23 8.93 1.76
N LEU A 81 -9.21 8.29 2.31
CA LEU A 81 -9.27 7.78 3.69
C LEU A 81 -8.81 8.83 4.68
N VAL A 82 -7.77 9.57 4.29
CA VAL A 82 -7.20 10.61 5.13
C VAL A 82 -8.05 11.86 5.01
N PRO A 83 -8.03 12.73 6.02
CA PRO A 83 -8.83 13.95 5.95
C PRO A 83 -8.25 14.95 4.95
N VAL A 84 -9.09 15.85 4.47
CA VAL A 84 -8.67 16.86 3.51
C VAL A 84 -7.73 17.87 4.17
N GLU A 85 -6.90 18.50 3.36
CA GLU A 85 -5.91 19.46 3.84
C GLU A 85 -5.83 20.60 2.82
N ARG A 86 -5.11 21.66 3.14
CA ARG A 86 -5.00 22.84 2.25
C ARG A 86 -3.59 23.43 2.22
N ASN A 87 -2.57 22.60 2.04
CA ASN A 87 -1.18 23.08 2.01
C ASN A 87 -0.49 22.63 0.72
N ALA A 88 -1.12 22.95 -0.40
CA ALA A 88 -0.59 22.62 -1.72
C ALA A 88 -0.43 23.91 -2.51
N GLY A 89 0.70 24.03 -3.21
CA GLY A 89 0.97 25.22 -4.01
C GLY A 89 0.52 25.04 -5.44
N SER A 90 0.94 25.96 -6.30
CA SER A 90 0.62 25.93 -7.73
C SER A 90 1.75 26.70 -8.39
N SER A 1 -0.93 -23.43 12.47
CA SER A 1 0.12 -22.42 12.09
C SER A 1 -0.54 -21.21 11.46
N ASN A 2 0.19 -20.40 10.71
CA ASN A 2 -0.38 -19.24 9.99
C ASN A 2 -0.81 -19.69 8.59
N ALA A 3 -0.63 -20.98 8.33
CA ALA A 3 -1.01 -21.62 7.09
C ALA A 3 -1.49 -23.00 7.50
N ALA A 4 -2.13 -23.72 6.58
CA ALA A 4 -2.68 -25.06 6.82
C ALA A 4 -3.70 -25.10 7.97
N SER A 5 -4.98 -24.91 7.62
CA SER A 5 -6.08 -24.88 8.60
C SER A 5 -5.78 -23.89 9.72
N ALA A 6 -5.30 -22.72 9.32
CA ALA A 6 -4.91 -21.68 10.24
C ALA A 6 -6.10 -20.99 10.89
N MET A 7 -5.86 -20.47 12.07
CA MET A 7 -6.83 -19.64 12.79
C MET A 7 -6.61 -18.22 12.26
N ALA A 8 -7.47 -17.28 12.64
CA ALA A 8 -7.31 -15.90 12.19
C ALA A 8 -5.95 -15.38 12.68
N ALA A 9 -5.15 -14.89 11.75
CA ALA A 9 -3.81 -14.38 12.03
C ALA A 9 -3.50 -13.40 10.91
N GLU A 10 -2.39 -12.66 11.05
CA GLU A 10 -1.92 -11.68 10.06
C GLU A 10 -3.01 -10.70 9.61
N SER A 11 -3.23 -9.68 10.42
CA SER A 11 -4.21 -8.64 10.12
C SER A 11 -3.80 -7.87 8.87
N ALA A 12 -4.69 -7.06 8.33
CA ALA A 12 -4.40 -6.28 7.12
C ALA A 12 -3.11 -5.47 7.28
N LEU A 13 -2.89 -4.94 8.47
CA LEU A 13 -1.69 -4.19 8.80
C LEU A 13 -0.46 -5.06 8.55
N GLN A 14 -0.47 -6.26 9.13
CA GLN A 14 0.67 -7.15 9.03
C GLN A 14 0.94 -7.58 7.61
N VAL A 15 -0.12 -7.93 6.89
CA VAL A 15 0.04 -8.38 5.50
C VAL A 15 0.66 -7.27 4.65
N VAL A 16 0.14 -6.05 4.77
CA VAL A 16 0.67 -4.90 4.04
C VAL A 16 2.13 -4.66 4.35
N GLU A 17 2.50 -4.80 5.62
CA GLU A 17 3.87 -4.51 6.00
C GLU A 17 4.86 -5.37 5.22
N LYS A 18 4.54 -6.64 5.12
CA LYS A 18 5.46 -7.60 4.50
C LYS A 18 5.54 -7.30 3.02
N LEU A 19 4.44 -6.86 2.45
CA LEU A 19 4.41 -6.50 1.04
C LEU A 19 5.27 -5.29 0.81
N GLN A 20 5.20 -4.31 1.69
CA GLN A 20 6.00 -3.09 1.53
C GLN A 20 7.48 -3.44 1.56
N ALA A 21 7.86 -4.35 2.45
CA ALA A 21 9.25 -4.81 2.49
C ALA A 21 9.63 -5.38 1.12
N ARG A 22 8.71 -6.11 0.49
CA ARG A 22 8.97 -6.67 -0.84
C ARG A 22 8.95 -5.59 -1.94
N LEU A 23 8.32 -4.45 -1.67
CA LEU A 23 8.31 -3.33 -2.61
C LEU A 23 9.66 -2.63 -2.60
N ALA A 24 10.23 -2.47 -1.41
CA ALA A 24 11.54 -1.82 -1.29
C ALA A 24 12.57 -2.72 -1.96
N ALA A 25 12.46 -4.01 -1.68
CA ALA A 25 13.33 -5.03 -2.25
C ALA A 25 12.88 -5.44 -3.67
N ASN A 26 12.18 -4.54 -4.36
CA ASN A 26 11.58 -4.81 -5.68
C ASN A 26 12.30 -5.85 -6.56
N PRO A 27 11.73 -7.07 -6.68
CA PRO A 27 12.34 -8.11 -7.50
C PRO A 27 12.15 -7.99 -9.02
N ASP A 28 11.04 -7.39 -9.45
CA ASP A 28 10.71 -7.17 -10.86
C ASP A 28 9.40 -6.36 -10.93
N PRO A 29 9.19 -5.60 -12.02
CA PRO A 29 7.99 -4.74 -12.12
C PRO A 29 6.65 -5.47 -12.19
N LYS A 30 6.65 -6.70 -12.69
CA LYS A 30 5.41 -7.48 -12.82
C LYS A 30 4.94 -7.84 -11.41
N LYS A 31 5.91 -8.20 -10.58
CA LYS A 31 5.67 -8.53 -9.18
C LYS A 31 5.25 -7.28 -8.42
N LEU A 32 5.78 -6.12 -8.78
CA LEU A 32 5.38 -4.87 -8.14
C LEU A 32 3.89 -4.60 -8.30
N LEU A 33 3.34 -4.84 -9.48
CA LEU A 33 1.91 -4.63 -9.69
C LEU A 33 1.12 -5.61 -8.84
N LYS A 34 1.58 -6.85 -8.78
CA LYS A 34 0.93 -7.88 -7.94
C LYS A 34 0.87 -7.41 -6.48
N TYR A 35 1.96 -6.83 -6.00
CA TYR A 35 1.98 -6.33 -4.62
C TYR A 35 0.98 -5.22 -4.43
N LEU A 36 0.93 -4.28 -5.36
CA LEU A 36 0.03 -3.14 -5.26
C LEU A 36 -1.41 -3.62 -5.17
N LYS A 37 -1.78 -4.58 -6.00
CA LYS A 37 -3.13 -5.16 -5.99
C LYS A 37 -3.46 -5.81 -4.64
N LYS A 38 -2.45 -6.33 -3.95
CA LYS A 38 -2.69 -6.91 -2.64
C LYS A 38 -2.91 -5.80 -1.60
N LEU A 39 -2.26 -4.66 -1.74
CA LEU A 39 -2.46 -3.56 -0.78
C LEU A 39 -3.89 -3.04 -0.97
N SER A 40 -4.33 -2.97 -2.22
CA SER A 40 -5.66 -2.44 -2.56
C SER A 40 -6.84 -3.32 -2.17
N THR A 41 -6.61 -4.61 -1.96
CA THR A 41 -7.70 -5.55 -1.64
C THR A 41 -7.84 -5.79 -0.14
N LEU A 42 -6.99 -5.15 0.66
CA LEU A 42 -7.05 -5.28 2.10
C LEU A 42 -7.74 -4.02 2.62
N PRO A 43 -8.42 -4.11 3.78
CA PRO A 43 -9.04 -2.92 4.37
C PRO A 43 -7.99 -1.97 4.97
N ILE A 44 -7.50 -1.07 4.14
CA ILE A 44 -6.49 -0.09 4.55
C ILE A 44 -7.13 1.01 5.35
N THR A 45 -6.45 1.38 6.43
CA THR A 45 -6.89 2.46 7.27
C THR A 45 -5.75 3.45 7.38
N VAL A 46 -6.01 4.63 7.94
CA VAL A 46 -4.97 5.64 8.08
C VAL A 46 -3.89 5.18 9.05
N ASP A 47 -4.27 4.35 10.00
CA ASP A 47 -3.33 3.80 10.98
C ASP A 47 -2.35 2.90 10.24
N ILE A 48 -2.88 2.07 9.34
CA ILE A 48 -2.01 1.20 8.57
C ILE A 48 -1.08 2.05 7.72
N LEU A 49 -1.63 3.06 7.05
CA LEU A 49 -0.81 3.88 6.16
C LEU A 49 0.35 4.52 6.88
N ALA A 50 0.08 4.97 8.10
CA ALA A 50 1.08 5.63 8.92
C ALA A 50 2.18 4.66 9.37
N GLU A 51 1.80 3.48 9.84
CA GLU A 51 2.77 2.53 10.38
C GLU A 51 3.61 1.89 9.29
N THR A 52 2.97 1.59 8.18
CA THR A 52 3.64 0.92 7.07
C THR A 52 4.43 1.91 6.24
N GLY A 53 3.90 3.11 6.06
CA GLY A 53 4.67 4.16 5.41
C GLY A 53 4.46 4.04 3.93
N VAL A 54 3.62 3.09 3.60
CA VAL A 54 3.24 2.79 2.23
C VAL A 54 2.71 3.98 1.46
N GLY A 55 2.12 4.95 2.15
CA GLY A 55 1.64 6.14 1.48
C GLY A 55 2.78 6.81 0.74
N LYS A 56 3.98 6.74 1.31
CA LYS A 56 5.17 7.31 0.68
C LYS A 56 5.67 6.35 -0.41
N THR A 57 5.73 5.07 -0.05
CA THR A 57 6.23 4.01 -0.94
C THR A 57 5.47 3.92 -2.27
N VAL A 58 4.16 3.73 -2.21
CA VAL A 58 3.36 3.62 -3.43
C VAL A 58 3.38 4.93 -4.22
N ASN A 59 3.43 6.08 -3.53
CA ASN A 59 3.50 7.37 -4.21
C ASN A 59 4.79 7.46 -5.04
N SER A 60 5.90 6.97 -4.50
CA SER A 60 7.17 6.96 -5.24
C SER A 60 7.07 6.03 -6.45
N LEU A 61 6.43 4.88 -6.24
CA LEU A 61 6.25 3.88 -7.30
C LEU A 61 5.49 4.42 -8.51
N ARG A 62 4.74 5.50 -8.35
CA ARG A 62 4.04 6.12 -9.49
C ARG A 62 5.01 6.53 -10.61
N LYS A 63 6.28 6.75 -10.27
CA LYS A 63 7.30 7.11 -11.26
C LYS A 63 7.81 5.91 -12.06
N HIS A 64 7.49 4.71 -11.61
CA HIS A 64 7.96 3.50 -12.25
C HIS A 64 6.91 3.18 -13.31
N GLU A 65 7.18 3.58 -14.54
CA GLU A 65 6.24 3.45 -15.67
C GLU A 65 5.45 2.14 -15.72
N HIS A 66 6.11 1.04 -15.39
CA HIS A 66 5.51 -0.28 -15.48
C HIS A 66 4.25 -0.43 -14.63
N VAL A 67 4.25 0.22 -13.48
CA VAL A 67 3.18 0.05 -12.50
C VAL A 67 2.57 1.37 -12.08
N GLY A 68 3.15 2.47 -12.54
CA GLY A 68 2.67 3.80 -12.20
C GLY A 68 1.19 4.01 -12.52
N SER A 69 0.74 3.42 -13.61
CA SER A 69 -0.67 3.53 -14.01
C SER A 69 -1.61 2.99 -12.93
N PHE A 70 -1.24 1.87 -12.32
CA PHE A 70 -2.02 1.33 -11.19
C PHE A 70 -1.71 2.09 -9.88
N ALA A 71 -0.45 2.41 -9.68
CA ALA A 71 0.00 3.05 -8.44
C ALA A 71 -0.68 4.41 -8.21
N ARG A 72 -0.97 5.15 -9.28
CA ARG A 72 -1.64 6.44 -9.12
C ARG A 72 -3.04 6.25 -8.53
N ASP A 73 -3.70 5.16 -8.88
CA ASP A 73 -5.04 4.89 -8.37
C ASP A 73 -4.94 4.42 -6.92
N LEU A 74 -3.88 3.67 -6.62
CA LEU A 74 -3.63 3.19 -5.27
C LEU A 74 -3.50 4.38 -4.30
N VAL A 75 -2.78 5.41 -4.73
CA VAL A 75 -2.62 6.61 -3.92
C VAL A 75 -3.94 7.37 -3.86
N ALA A 76 -4.69 7.38 -4.95
CA ALA A 76 -5.96 8.09 -4.98
C ALA A 76 -7.00 7.42 -4.06
N GLN A 77 -7.02 6.10 -4.00
CA GLN A 77 -7.95 5.38 -3.13
C GLN A 77 -7.59 5.71 -1.67
N TRP A 78 -6.30 5.81 -1.40
CA TRP A 78 -5.83 6.13 -0.05
C TRP A 78 -6.06 7.59 0.31
N LYS A 79 -6.18 8.45 -0.68
CA LYS A 79 -6.40 9.87 -0.44
C LYS A 79 -7.78 10.11 0.14
N LYS A 80 -8.67 9.14 -0.06
CA LYS A 80 -10.02 9.24 0.46
C LYS A 80 -10.08 8.92 1.95
N LEU A 81 -9.04 8.27 2.45
CA LEU A 81 -9.01 7.81 3.83
C LEU A 81 -8.44 8.90 4.74
N VAL A 82 -7.43 9.57 4.24
CA VAL A 82 -6.73 10.61 4.96
C VAL A 82 -7.49 11.92 4.80
N PRO A 83 -7.31 12.86 5.73
CA PRO A 83 -7.99 14.15 5.62
C PRO A 83 -7.40 14.99 4.48
N VAL A 84 -8.10 16.07 4.15
CA VAL A 84 -7.67 16.95 3.06
C VAL A 84 -7.64 18.38 3.57
N GLU A 85 -6.51 19.03 3.39
CA GLU A 85 -6.33 20.42 3.81
C GLU A 85 -6.58 21.32 2.61
N ARG A 86 -6.68 22.61 2.84
CA ARG A 86 -6.89 23.58 1.77
C ARG A 86 -5.99 24.77 2.05
N ASN A 87 -5.65 25.52 1.02
CA ASN A 87 -4.79 26.69 1.16
C ASN A 87 -5.48 27.85 0.48
N ALA A 88 -5.23 29.06 0.93
CA ALA A 88 -5.84 30.27 0.36
C ALA A 88 -4.84 31.43 0.46
N GLY A 89 -3.56 31.11 0.27
CA GLY A 89 -2.53 32.13 0.36
C GLY A 89 -2.28 32.79 -0.98
N SER A 90 -1.46 33.83 -0.98
CA SER A 90 -1.09 34.55 -2.18
C SER A 90 0.29 35.12 -1.88
N SER A 1 -18.15 -17.58 1.81
CA SER A 1 -18.04 -16.35 2.62
C SER A 1 -16.97 -16.50 3.66
N ASN A 2 -16.36 -15.39 4.08
CA ASN A 2 -15.29 -15.39 5.08
C ASN A 2 -15.26 -14.00 5.66
N ALA A 3 -14.42 -13.79 6.66
CA ALA A 3 -14.25 -12.48 7.28
C ALA A 3 -12.75 -12.31 7.51
N ALA A 4 -12.33 -11.11 7.90
CA ALA A 4 -10.92 -10.82 8.13
C ALA A 4 -10.76 -10.08 9.46
N SER A 5 -11.73 -10.27 10.35
CA SER A 5 -11.75 -9.64 11.66
C SER A 5 -12.59 -10.56 12.53
N ALA A 6 -12.37 -10.49 13.84
CA ALA A 6 -13.05 -11.33 14.85
C ALA A 6 -12.77 -12.83 14.73
N MET A 7 -11.91 -13.20 13.78
CA MET A 7 -11.53 -14.58 13.52
C MET A 7 -10.34 -14.51 12.57
N ALA A 8 -9.78 -15.66 12.22
CA ALA A 8 -8.64 -15.78 11.31
C ALA A 8 -7.36 -15.18 11.92
N ALA A 9 -6.38 -14.90 11.07
CA ALA A 9 -5.08 -14.38 11.48
C ALA A 9 -4.57 -13.52 10.33
N GLU A 10 -3.36 -12.98 10.47
CA GLU A 10 -2.75 -12.10 9.46
C GLU A 10 -3.67 -10.92 9.11
N SER A 11 -3.92 -10.10 10.13
CA SER A 11 -4.71 -8.88 9.97
C SER A 11 -4.02 -7.97 8.96
N ALA A 12 -4.76 -6.99 8.44
CA ALA A 12 -4.25 -6.10 7.39
C ALA A 12 -2.88 -5.51 7.67
N LEU A 13 -2.63 -5.07 8.90
CA LEU A 13 -1.34 -4.49 9.22
C LEU A 13 -0.19 -5.49 9.08
N GLN A 14 -0.44 -6.72 9.47
CA GLN A 14 0.62 -7.71 9.38
C GLN A 14 0.95 -7.98 7.91
N VAL A 15 -0.07 -7.97 7.07
CA VAL A 15 0.10 -8.24 5.65
C VAL A 15 0.72 -7.08 4.86
N VAL A 16 0.25 -5.86 5.08
CA VAL A 16 0.77 -4.67 4.38
C VAL A 16 2.28 -4.56 4.58
N GLU A 17 2.75 -4.84 5.78
CA GLU A 17 4.14 -4.68 6.11
C GLU A 17 5.02 -5.62 5.30
N LYS A 18 4.56 -6.85 5.21
CA LYS A 18 5.30 -7.89 4.50
C LYS A 18 5.39 -7.53 3.04
N LEU A 19 4.35 -6.91 2.53
CA LEU A 19 4.34 -6.50 1.13
C LEU A 19 5.22 -5.31 0.89
N GLN A 20 5.18 -4.32 1.76
CA GLN A 20 5.97 -3.11 1.60
C GLN A 20 7.46 -3.46 1.62
N ALA A 21 7.83 -4.40 2.45
CA ALA A 21 9.21 -4.88 2.48
C ALA A 21 9.57 -5.43 1.09
N ARG A 22 8.65 -6.16 0.47
CA ARG A 22 8.91 -6.72 -0.87
C ARG A 22 8.91 -5.64 -1.95
N LEU A 23 8.30 -4.50 -1.67
CA LEU A 23 8.27 -3.38 -2.63
C LEU A 23 9.62 -2.70 -2.70
N ALA A 24 10.23 -2.47 -1.54
CA ALA A 24 11.53 -1.80 -1.48
C ALA A 24 12.60 -2.68 -2.15
N ALA A 25 12.45 -3.97 -1.96
CA ALA A 25 13.34 -4.97 -2.53
C ALA A 25 12.92 -5.34 -3.97
N ASN A 26 12.22 -4.43 -4.65
CA ASN A 26 11.60 -4.69 -5.97
C ASN A 26 12.31 -5.72 -6.88
N PRO A 27 11.73 -6.94 -7.01
CA PRO A 27 12.28 -8.01 -7.85
C PRO A 27 11.90 -8.03 -9.34
N ASP A 28 10.76 -7.45 -9.68
CA ASP A 28 10.25 -7.44 -11.06
C ASP A 28 9.17 -6.38 -11.07
N PRO A 29 8.94 -5.71 -12.20
CA PRO A 29 7.84 -4.74 -12.23
C PRO A 29 6.51 -5.49 -12.30
N LYS A 30 6.60 -6.72 -12.78
CA LYS A 30 5.46 -7.62 -12.90
C LYS A 30 4.98 -7.98 -11.51
N LYS A 31 5.95 -8.21 -10.63
CA LYS A 31 5.68 -8.57 -9.25
C LYS A 31 5.27 -7.33 -8.47
N LEU A 32 5.82 -6.17 -8.81
CA LEU A 32 5.40 -4.91 -8.19
C LEU A 32 3.91 -4.68 -8.35
N LEU A 33 3.39 -4.91 -9.56
CA LEU A 33 1.95 -4.75 -9.79
C LEU A 33 1.16 -5.74 -8.93
N LYS A 34 1.66 -6.96 -8.81
CA LYS A 34 1.00 -7.97 -7.98
C LYS A 34 0.92 -7.50 -6.53
N TYR A 35 1.97 -6.89 -6.02
CA TYR A 35 1.96 -6.38 -4.66
C TYR A 35 0.94 -5.26 -4.50
N LEU A 36 0.93 -4.34 -5.45
CA LEU A 36 0.03 -3.20 -5.40
C LEU A 36 -1.41 -3.68 -5.38
N LYS A 37 -1.73 -4.66 -6.20
CA LYS A 37 -3.08 -5.21 -6.26
C LYS A 37 -3.45 -5.84 -4.91
N LYS A 38 -2.48 -6.36 -4.18
CA LYS A 38 -2.75 -6.95 -2.87
C LYS A 38 -3.00 -5.83 -1.87
N LEU A 39 -2.28 -4.72 -1.97
CA LEU A 39 -2.48 -3.63 -1.02
C LEU A 39 -3.87 -3.06 -1.19
N SER A 40 -4.33 -3.02 -2.43
CA SER A 40 -5.67 -2.51 -2.75
C SER A 40 -6.82 -3.39 -2.28
N THR A 41 -6.55 -4.63 -1.88
CA THR A 41 -7.62 -5.54 -1.43
C THR A 41 -7.55 -5.81 0.08
N LEU A 42 -6.62 -5.15 0.77
CA LEU A 42 -6.56 -5.24 2.21
C LEU A 42 -7.34 -4.02 2.70
N PRO A 43 -8.03 -4.13 3.83
CA PRO A 43 -8.73 -2.96 4.40
C PRO A 43 -7.74 -1.99 5.03
N ILE A 44 -7.14 -1.16 4.19
CA ILE A 44 -6.18 -0.16 4.60
C ILE A 44 -6.90 0.94 5.34
N THR A 45 -6.30 1.39 6.43
CA THR A 45 -6.87 2.47 7.21
C THR A 45 -5.81 3.55 7.38
N VAL A 46 -6.19 4.71 7.88
CA VAL A 46 -5.23 5.79 8.10
C VAL A 46 -4.20 5.38 9.15
N ASP A 47 -4.63 4.50 10.05
CA ASP A 47 -3.75 3.98 11.10
C ASP A 47 -2.64 3.16 10.44
N ILE A 48 -3.01 2.33 9.48
CA ILE A 48 -2.03 1.52 8.78
C ILE A 48 -1.13 2.42 7.95
N LEU A 49 -1.70 3.40 7.27
CA LEU A 49 -0.89 4.28 6.42
C LEU A 49 0.16 5.00 7.22
N ALA A 50 -0.20 5.37 8.44
CA ALA A 50 0.70 6.08 9.33
C ALA A 50 1.84 5.20 9.85
N GLU A 51 1.52 3.99 10.28
CA GLU A 51 2.53 3.09 10.87
C GLU A 51 3.49 2.54 9.83
N THR A 52 2.95 2.19 8.67
CA THR A 52 3.73 1.56 7.61
C THR A 52 4.45 2.59 6.76
N GLY A 53 3.74 3.67 6.41
CA GLY A 53 4.33 4.70 5.58
C GLY A 53 4.20 4.24 4.15
N VAL A 54 3.36 3.24 3.96
CA VAL A 54 3.11 2.63 2.67
C VAL A 54 2.63 3.67 1.64
N GLY A 55 1.99 4.73 2.09
CA GLY A 55 1.54 5.78 1.19
C GLY A 55 2.72 6.44 0.49
N LYS A 56 3.82 6.58 1.21
CA LYS A 56 5.03 7.20 0.67
C LYS A 56 5.64 6.24 -0.34
N THR A 57 5.62 4.97 0.00
CA THR A 57 6.15 3.91 -0.85
C THR A 57 5.44 3.83 -2.20
N VAL A 58 4.11 3.73 -2.20
CA VAL A 58 3.37 3.61 -3.45
C VAL A 58 3.43 4.92 -4.25
N ASN A 59 3.45 6.05 -3.56
CA ASN A 59 3.57 7.35 -4.24
C ASN A 59 4.90 7.44 -4.97
N SER A 60 5.93 6.86 -4.38
CA SER A 60 7.25 6.84 -5.02
C SER A 60 7.23 5.90 -6.22
N LEU A 61 6.53 4.79 -6.09
CA LEU A 61 6.46 3.78 -7.15
C LEU A 61 5.70 4.22 -8.39
N ARG A 62 4.85 5.22 -8.28
CA ARG A 62 4.08 5.64 -9.45
C ARG A 62 4.93 6.32 -10.54
N LYS A 63 6.19 6.58 -10.24
CA LYS A 63 7.13 7.12 -11.24
C LYS A 63 7.57 5.99 -12.19
N HIS A 64 7.48 4.76 -11.72
CA HIS A 64 7.91 3.60 -12.49
C HIS A 64 6.85 3.33 -13.54
N GLU A 65 7.18 3.56 -14.80
CA GLU A 65 6.23 3.46 -15.91
C GLU A 65 5.43 2.15 -15.98
N HIS A 66 6.01 1.07 -15.51
CA HIS A 66 5.37 -0.25 -15.59
C HIS A 66 4.14 -0.36 -14.72
N VAL A 67 4.18 0.31 -13.58
CA VAL A 67 3.12 0.16 -12.58
C VAL A 67 2.49 1.49 -12.21
N GLY A 68 3.03 2.58 -12.73
CA GLY A 68 2.53 3.91 -12.43
C GLY A 68 1.06 4.11 -12.65
N SER A 69 0.51 3.56 -13.73
CA SER A 69 -0.92 3.69 -14.02
C SER A 69 -1.78 3.11 -12.90
N PHE A 70 -1.36 1.99 -12.34
CA PHE A 70 -2.09 1.40 -11.21
C PHE A 70 -1.72 2.11 -9.88
N ALA A 71 -0.46 2.42 -9.71
CA ALA A 71 0.04 3.02 -8.47
C ALA A 71 -0.58 4.39 -8.19
N ARG A 72 -0.85 5.18 -9.23
CA ARG A 72 -1.50 6.48 -9.02
C ARG A 72 -2.90 6.29 -8.45
N ASP A 73 -3.56 5.20 -8.80
CA ASP A 73 -4.91 4.93 -8.28
C ASP A 73 -4.80 4.46 -6.84
N LEU A 74 -3.74 3.72 -6.54
CA LEU A 74 -3.49 3.26 -5.18
C LEU A 74 -3.33 4.46 -4.25
N VAL A 75 -2.69 5.51 -4.73
CA VAL A 75 -2.57 6.75 -3.94
C VAL A 75 -3.93 7.45 -3.88
N ALA A 76 -4.67 7.45 -4.98
CA ALA A 76 -5.94 8.16 -5.04
C ALA A 76 -6.98 7.54 -4.12
N GLN A 77 -7.01 6.22 -4.04
CA GLN A 77 -7.97 5.53 -3.19
C GLN A 77 -7.62 5.78 -1.73
N TRP A 78 -6.33 5.85 -1.43
CA TRP A 78 -5.86 6.12 -0.07
C TRP A 78 -6.07 7.57 0.36
N LYS A 79 -6.17 8.48 -0.61
CA LYS A 79 -6.37 9.90 -0.29
C LYS A 79 -7.74 10.13 0.29
N LYS A 80 -8.64 9.24 -0.09
CA LYS A 80 -10.03 9.26 0.38
C LYS A 80 -10.15 8.83 1.85
N LEU A 81 -9.11 8.20 2.37
CA LEU A 81 -9.15 7.69 3.74
C LEU A 81 -8.74 8.75 4.73
N VAL A 82 -7.76 9.56 4.35
CA VAL A 82 -7.25 10.60 5.22
C VAL A 82 -8.17 11.81 5.13
N PRO A 83 -8.15 12.68 6.15
CA PRO A 83 -8.91 13.94 6.12
C PRO A 83 -8.58 14.76 4.88
N VAL A 84 -9.60 15.46 4.36
CA VAL A 84 -9.42 16.32 3.19
C VAL A 84 -9.89 17.71 3.60
N GLU A 85 -9.08 18.70 3.30
CA GLU A 85 -9.38 20.08 3.67
C GLU A 85 -9.39 20.97 2.43
N ARG A 86 -9.77 22.22 2.62
CA ARG A 86 -9.79 23.25 1.55
C ARG A 86 -10.54 22.82 0.28
N ASN A 87 -11.68 22.17 0.50
CA ASN A 87 -12.59 21.67 -0.56
C ASN A 87 -12.00 20.50 -1.38
N ALA A 88 -12.69 19.37 -1.33
CA ALA A 88 -12.27 18.18 -2.06
C ALA A 88 -12.44 18.35 -3.58
N GLY A 89 -13.31 19.27 -3.97
CA GLY A 89 -13.60 19.52 -5.37
C GLY A 89 -14.86 18.79 -5.79
N SER A 90 -15.25 18.95 -7.04
CA SER A 90 -16.44 18.31 -7.61
C SER A 90 -16.16 18.18 -9.09
N SER A 1 15.70 -11.82 18.49
CA SER A 1 15.65 -12.35 19.88
C SER A 1 14.71 -13.56 19.96
N ASN A 2 13.42 -13.33 19.95
CA ASN A 2 12.41 -14.38 20.00
C ASN A 2 11.35 -13.99 18.98
N ALA A 3 10.38 -14.85 18.77
CA ALA A 3 9.27 -14.58 17.86
C ALA A 3 7.99 -14.82 18.65
N ALA A 4 6.86 -14.34 18.14
CA ALA A 4 5.57 -14.53 18.80
C ALA A 4 5.22 -16.02 18.89
N SER A 5 5.66 -16.77 17.88
CA SER A 5 5.51 -18.22 17.82
C SER A 5 4.10 -18.75 18.09
N ALA A 6 3.10 -18.09 17.53
CA ALA A 6 1.71 -18.51 17.70
C ALA A 6 0.98 -18.45 16.36
N MET A 7 -0.12 -19.17 16.28
CA MET A 7 -0.91 -19.31 15.06
C MET A 7 -1.88 -18.13 14.84
N ALA A 8 -1.39 -16.92 14.98
CA ALA A 8 -2.21 -15.73 14.80
C ALA A 8 -2.46 -15.51 13.30
N ALA A 9 -3.66 -15.06 12.95
CA ALA A 9 -3.99 -14.76 11.57
C ALA A 9 -3.25 -13.48 11.16
N GLU A 10 -2.96 -13.34 9.87
CA GLU A 10 -2.27 -12.17 9.37
C GLU A 10 -3.21 -10.95 9.29
N SER A 11 -3.02 -10.00 10.20
CA SER A 11 -3.83 -8.78 10.21
C SER A 11 -3.55 -7.97 8.95
N ALA A 12 -4.50 -7.14 8.52
CA ALA A 12 -4.32 -6.33 7.32
C ALA A 12 -3.02 -5.53 7.37
N LEU A 13 -2.70 -5.00 8.55
CA LEU A 13 -1.44 -4.29 8.75
C LEU A 13 -0.26 -5.20 8.42
N GLN A 14 -0.21 -6.35 9.06
CA GLN A 14 0.90 -7.29 8.91
C GLN A 14 1.13 -7.66 7.46
N VAL A 15 0.05 -7.78 6.71
CA VAL A 15 0.16 -8.16 5.31
C VAL A 15 0.71 -6.99 4.50
N VAL A 16 0.18 -5.79 4.69
CA VAL A 16 0.70 -4.61 4.00
C VAL A 16 2.16 -4.41 4.35
N GLU A 17 2.50 -4.59 5.61
CA GLU A 17 3.85 -4.37 6.06
C GLU A 17 4.82 -5.26 5.29
N LYS A 18 4.48 -6.53 5.23
CA LYS A 18 5.35 -7.52 4.63
C LYS A 18 5.43 -7.34 3.13
N LEU A 19 4.36 -6.83 2.54
CA LEU A 19 4.38 -6.49 1.12
C LEU A 19 5.24 -5.30 0.86
N GLN A 20 5.18 -4.28 1.72
CA GLN A 20 5.97 -3.08 1.52
C GLN A 20 7.44 -3.42 1.51
N ALA A 21 7.84 -4.32 2.40
CA ALA A 21 9.23 -4.79 2.41
C ALA A 21 9.58 -5.38 1.04
N ARG A 22 8.63 -6.10 0.43
CA ARG A 22 8.88 -6.69 -0.90
C ARG A 22 8.89 -5.64 -2.00
N LEU A 23 8.30 -4.48 -1.77
CA LEU A 23 8.32 -3.39 -2.76
C LEU A 23 9.70 -2.74 -2.80
N ALA A 24 10.29 -2.56 -1.62
CA ALA A 24 11.61 -1.94 -1.52
C ALA A 24 12.65 -2.89 -2.11
N ALA A 25 12.49 -4.18 -1.82
CA ALA A 25 13.35 -5.25 -2.31
C ALA A 25 12.96 -5.68 -3.73
N ASN A 26 12.32 -4.78 -4.47
CA ASN A 26 11.73 -5.06 -5.79
C ASN A 26 12.39 -6.19 -6.62
N PRO A 27 11.72 -7.36 -6.71
CA PRO A 27 12.18 -8.52 -7.47
C PRO A 27 11.81 -8.56 -8.96
N ASP A 28 10.86 -7.73 -9.35
CA ASP A 28 10.42 -7.59 -10.75
C ASP A 28 9.35 -6.51 -10.82
N PRO A 29 9.28 -5.76 -11.93
CA PRO A 29 8.20 -4.77 -12.02
C PRO A 29 6.87 -5.50 -12.24
N LYS A 30 6.97 -6.70 -12.78
CA LYS A 30 5.82 -7.58 -13.00
C LYS A 30 5.21 -7.93 -11.63
N LYS A 31 6.10 -8.15 -10.68
CA LYS A 31 5.72 -8.50 -9.31
C LYS A 31 5.21 -7.28 -8.54
N LEU A 32 5.76 -6.11 -8.84
CA LEU A 32 5.28 -4.86 -8.21
C LEU A 32 3.79 -4.64 -8.41
N LEU A 33 3.26 -4.90 -9.59
CA LEU A 33 1.82 -4.70 -9.82
C LEU A 33 1.03 -5.65 -8.93
N LYS A 34 1.48 -6.89 -8.83
CA LYS A 34 0.83 -7.89 -7.97
C LYS A 34 0.79 -7.40 -6.52
N TYR A 35 1.87 -6.78 -6.07
CA TYR A 35 1.92 -6.26 -4.71
C TYR A 35 0.93 -5.14 -4.50
N LEU A 36 0.88 -4.22 -5.44
CA LEU A 36 -0.01 -3.08 -5.34
C LEU A 36 -1.45 -3.57 -5.23
N LYS A 37 -1.81 -4.56 -6.04
CA LYS A 37 -3.16 -5.12 -6.01
C LYS A 37 -3.49 -5.72 -4.64
N LYS A 38 -2.50 -6.26 -3.95
CA LYS A 38 -2.74 -6.82 -2.62
C LYS A 38 -2.92 -5.72 -1.57
N LEU A 39 -2.21 -4.61 -1.69
CA LEU A 39 -2.39 -3.50 -0.73
C LEU A 39 -3.81 -2.97 -0.93
N SER A 40 -4.24 -2.93 -2.18
CA SER A 40 -5.55 -2.41 -2.56
C SER A 40 -6.73 -3.19 -2.00
N THR A 41 -6.63 -4.52 -2.01
CA THR A 41 -7.75 -5.38 -1.60
C THR A 41 -7.87 -5.56 -0.08
N LEU A 42 -6.92 -5.03 0.68
CA LEU A 42 -6.98 -5.14 2.13
C LEU A 42 -7.73 -3.93 2.66
N PRO A 43 -8.38 -4.05 3.82
CA PRO A 43 -9.05 -2.89 4.42
C PRO A 43 -8.04 -1.91 5.03
N ILE A 44 -7.52 -1.03 4.18
CA ILE A 44 -6.52 -0.05 4.60
C ILE A 44 -7.15 1.04 5.40
N THR A 45 -6.48 1.39 6.49
CA THR A 45 -6.91 2.48 7.34
C THR A 45 -5.78 3.47 7.43
N VAL A 46 -6.05 4.67 7.95
CA VAL A 46 -4.99 5.67 8.12
C VAL A 46 -3.96 5.17 9.13
N ASP A 47 -4.41 4.34 10.07
CA ASP A 47 -3.53 3.73 11.06
C ASP A 47 -2.52 2.85 10.35
N ILE A 48 -2.99 2.04 9.41
CA ILE A 48 -2.08 1.19 8.65
C ILE A 48 -1.14 2.05 7.83
N LEU A 49 -1.67 3.07 7.16
CA LEU A 49 -0.84 3.91 6.29
C LEU A 49 0.31 4.55 7.03
N ALA A 50 0.03 4.96 8.26
CA ALA A 50 1.01 5.62 9.09
C ALA A 50 2.15 4.70 9.50
N GLU A 51 1.83 3.49 9.95
CA GLU A 51 2.87 2.59 10.46
C GLU A 51 3.67 1.97 9.33
N THR A 52 2.99 1.68 8.24
CA THR A 52 3.63 1.02 7.10
C THR A 52 4.41 2.02 6.26
N GLY A 53 3.91 3.24 6.13
CA GLY A 53 4.70 4.30 5.49
C GLY A 53 4.51 4.18 4.00
N VAL A 54 3.64 3.26 3.67
CA VAL A 54 3.26 2.97 2.30
C VAL A 54 2.76 4.16 1.52
N GLY A 55 2.20 5.15 2.18
CA GLY A 55 1.74 6.34 1.47
C GLY A 55 2.90 6.97 0.73
N LYS A 56 4.09 6.90 1.32
CA LYS A 56 5.31 7.43 0.70
C LYS A 56 5.81 6.44 -0.36
N THR A 57 5.85 5.17 0.01
CA THR A 57 6.33 4.10 -0.89
C THR A 57 5.54 4.00 -2.19
N VAL A 58 4.23 3.83 -2.11
CA VAL A 58 3.40 3.69 -3.31
C VAL A 58 3.41 4.98 -4.14
N ASN A 59 3.49 6.13 -3.49
CA ASN A 59 3.53 7.40 -4.22
C ASN A 59 4.80 7.47 -5.06
N SER A 60 5.91 6.96 -4.53
CA SER A 60 7.16 6.91 -5.28
C SER A 60 7.04 5.94 -6.46
N LEU A 61 6.34 4.84 -6.25
CA LEU A 61 6.18 3.82 -7.30
C LEU A 61 5.33 4.33 -8.45
N ARG A 62 4.54 5.36 -8.22
CA ARG A 62 3.69 5.92 -9.27
C ARG A 62 4.52 6.59 -10.40
N LYS A 63 5.80 6.82 -10.14
CA LYS A 63 6.72 7.38 -11.13
C LYS A 63 7.28 6.27 -12.05
N HIS A 64 7.30 5.05 -11.54
CA HIS A 64 7.87 3.91 -12.28
C HIS A 64 6.94 3.64 -13.45
N GLU A 65 7.47 3.71 -14.66
CA GLU A 65 6.69 3.58 -15.88
C GLU A 65 5.96 2.24 -16.01
N HIS A 66 6.48 1.20 -15.39
CA HIS A 66 5.90 -0.14 -15.49
C HIS A 66 4.57 -0.33 -14.75
N VAL A 67 4.50 0.19 -13.53
CA VAL A 67 3.33 -0.04 -12.66
C VAL A 67 2.74 1.25 -12.13
N GLY A 68 3.28 2.35 -12.63
CA GLY A 68 2.88 3.66 -12.16
C GLY A 68 1.41 3.93 -12.35
N SER A 69 0.84 3.42 -13.44
CA SER A 69 -0.58 3.63 -13.70
C SER A 69 -1.43 3.11 -12.54
N PHE A 70 -1.13 1.91 -12.07
CA PHE A 70 -1.90 1.34 -10.97
C PHE A 70 -1.54 2.00 -9.64
N ALA A 71 -0.25 2.25 -9.41
CA ALA A 71 0.17 2.98 -8.21
C ALA A 71 -0.53 4.34 -8.03
N ARG A 72 -0.86 5.04 -9.12
CA ARG A 72 -1.56 6.34 -9.01
C ARG A 72 -2.94 6.14 -8.43
N ASP A 73 -3.60 5.10 -8.91
CA ASP A 73 -4.93 4.76 -8.46
C ASP A 73 -4.88 4.28 -7.01
N LEU A 74 -3.79 3.63 -6.65
CA LEU A 74 -3.60 3.15 -5.29
C LEU A 74 -3.54 4.35 -4.33
N VAL A 75 -2.80 5.37 -4.71
CA VAL A 75 -2.71 6.58 -3.88
C VAL A 75 -4.08 7.28 -3.90
N ALA A 76 -4.78 7.21 -5.02
CA ALA A 76 -6.12 7.83 -5.11
C ALA A 76 -7.11 7.12 -4.18
N GLN A 77 -7.03 5.80 -4.05
CA GLN A 77 -7.92 5.09 -3.14
C GLN A 77 -7.61 5.49 -1.70
N TRP A 78 -6.34 5.75 -1.41
CA TRP A 78 -5.90 6.15 -0.08
C TRP A 78 -6.24 7.60 0.24
N LYS A 79 -6.46 8.40 -0.79
CA LYS A 79 -6.84 9.81 -0.61
C LYS A 79 -8.22 9.89 0.02
N LYS A 80 -9.01 8.85 -0.14
CA LYS A 80 -10.36 8.81 0.43
C LYS A 80 -10.34 8.49 1.92
N LEU A 81 -9.17 8.11 2.44
CA LEU A 81 -9.04 7.70 3.83
C LEU A 81 -8.50 8.81 4.71
N VAL A 82 -7.57 9.58 4.16
CA VAL A 82 -6.94 10.66 4.89
C VAL A 82 -7.92 11.83 5.04
N PRO A 83 -7.75 12.65 6.09
CA PRO A 83 -8.68 13.77 6.29
C PRO A 83 -8.47 14.91 5.31
N VAL A 84 -9.49 15.73 5.18
CA VAL A 84 -9.47 16.89 4.30
C VAL A 84 -8.73 18.03 4.98
N GLU A 85 -8.41 19.08 4.22
CA GLU A 85 -7.76 20.29 4.73
C GLU A 85 -6.48 20.00 5.53
N ARG A 86 -5.74 19.01 5.06
CA ARG A 86 -4.46 18.64 5.66
C ARG A 86 -3.47 19.81 5.59
N ASN A 87 -2.48 19.79 6.47
CA ASN A 87 -1.44 20.81 6.46
C ASN A 87 -0.60 20.69 5.18
N ALA A 88 0.08 21.77 4.83
CA ALA A 88 0.92 21.81 3.65
C ALA A 88 2.17 22.61 4.00
N GLY A 89 3.21 22.48 3.19
CA GLY A 89 4.47 23.16 3.44
C GLY A 89 5.42 22.94 2.29
N SER A 90 4.99 23.38 1.11
CA SER A 90 5.74 23.19 -0.13
C SER A 90 5.27 24.28 -1.07
N SER A 1 0.37 -30.56 4.44
CA SER A 1 1.30 -30.86 5.56
C SER A 1 1.63 -29.60 6.33
N ASN A 2 2.81 -29.03 6.15
CA ASN A 2 3.18 -27.77 6.81
C ASN A 2 2.27 -26.67 6.28
N ALA A 3 1.80 -25.82 7.18
CA ALA A 3 0.96 -24.67 6.84
C ALA A 3 1.17 -23.68 7.96
N ALA A 4 0.94 -22.40 7.70
CA ALA A 4 1.10 -21.35 8.72
C ALA A 4 -0.11 -20.41 8.70
N SER A 5 -1.20 -20.89 8.11
CA SER A 5 -2.43 -20.10 7.98
C SER A 5 -3.28 -20.21 9.25
N ALA A 6 -2.74 -19.73 10.36
CA ALA A 6 -3.46 -19.75 11.62
C ALA A 6 -4.59 -18.71 11.58
N MET A 7 -5.65 -18.95 12.32
CA MET A 7 -6.77 -18.02 12.38
C MET A 7 -6.30 -16.73 13.06
N ALA A 8 -6.89 -15.61 12.64
CA ALA A 8 -6.60 -14.26 13.15
C ALA A 8 -5.15 -13.77 12.93
N ALA A 9 -4.30 -14.57 12.30
CA ALA A 9 -2.93 -14.17 12.01
C ALA A 9 -2.92 -13.35 10.72
N GLU A 10 -1.85 -12.59 10.51
CA GLU A 10 -1.66 -11.77 9.31
C GLU A 10 -2.84 -10.80 9.08
N SER A 11 -3.00 -9.87 10.01
CA SER A 11 -4.02 -8.83 9.89
C SER A 11 -3.66 -7.93 8.73
N ALA A 12 -4.59 -7.09 8.29
CA ALA A 12 -4.34 -6.20 7.15
C ALA A 12 -3.06 -5.38 7.32
N LEU A 13 -2.80 -4.96 8.55
CA LEU A 13 -1.59 -4.18 8.86
C LEU A 13 -0.36 -5.02 8.53
N GLN A 14 -0.36 -6.24 9.04
CA GLN A 14 0.79 -7.12 8.92
C GLN A 14 1.06 -7.58 7.49
N VAL A 15 0.00 -7.77 6.73
CA VAL A 15 0.16 -8.20 5.35
C VAL A 15 0.76 -7.04 4.53
N VAL A 16 0.23 -5.84 4.72
CA VAL A 16 0.76 -4.65 4.04
C VAL A 16 2.22 -4.44 4.38
N GLU A 17 2.57 -4.59 5.65
CA GLU A 17 3.94 -4.35 6.07
C GLU A 17 4.91 -5.17 5.25
N LYS A 18 4.59 -6.46 5.16
CA LYS A 18 5.45 -7.44 4.52
C LYS A 18 5.50 -7.18 3.03
N LEU A 19 4.40 -6.73 2.46
CA LEU A 19 4.39 -6.41 1.04
C LEU A 19 5.27 -5.22 0.79
N GLN A 20 5.20 -4.21 1.65
CA GLN A 20 5.99 -3.00 1.50
C GLN A 20 7.48 -3.34 1.58
N ALA A 21 7.82 -4.29 2.45
CA ALA A 21 9.20 -4.76 2.51
C ALA A 21 9.60 -5.35 1.15
N ARG A 22 8.69 -6.09 0.52
CA ARG A 22 8.99 -6.66 -0.81
C ARG A 22 9.01 -5.58 -1.90
N LEU A 23 8.38 -4.44 -1.66
CA LEU A 23 8.40 -3.33 -2.61
C LEU A 23 9.75 -2.64 -2.62
N ALA A 24 10.34 -2.46 -1.45
CA ALA A 24 11.65 -1.80 -1.35
C ALA A 24 12.70 -2.68 -2.02
N ALA A 25 12.53 -3.98 -1.89
CA ALA A 25 13.40 -4.98 -2.48
C ALA A 25 12.95 -5.34 -3.91
N ASN A 26 12.23 -4.42 -4.57
CA ASN A 26 11.58 -4.66 -5.86
C ASN A 26 12.29 -5.68 -6.81
N PRO A 27 11.73 -6.90 -6.93
CA PRO A 27 12.30 -7.96 -7.77
C PRO A 27 11.98 -7.91 -9.27
N ASP A 28 10.92 -7.19 -9.62
CA ASP A 28 10.49 -7.05 -11.02
C ASP A 28 9.39 -6.00 -11.06
N PRO A 29 9.24 -5.28 -12.19
CA PRO A 29 8.09 -4.38 -12.28
C PRO A 29 6.82 -5.22 -12.46
N LYS A 30 7.00 -6.41 -13.03
CA LYS A 30 5.91 -7.35 -13.25
C LYS A 30 5.32 -7.75 -11.89
N LYS A 31 6.22 -7.97 -10.95
CA LYS A 31 5.86 -8.40 -9.59
C LYS A 31 5.31 -7.23 -8.79
N LEU A 32 5.80 -6.02 -9.03
CA LEU A 32 5.29 -4.83 -8.36
C LEU A 32 3.77 -4.68 -8.49
N LEU A 33 3.23 -4.95 -9.67
CA LEU A 33 1.78 -4.85 -9.86
C LEU A 33 1.03 -5.80 -8.93
N LYS A 34 1.55 -7.00 -8.77
CA LYS A 34 0.92 -8.01 -7.90
C LYS A 34 0.88 -7.53 -6.46
N TYR A 35 1.94 -6.83 -6.03
CA TYR A 35 1.97 -6.32 -4.67
C TYR A 35 0.93 -5.23 -4.48
N LEU A 36 0.86 -4.31 -5.43
CA LEU A 36 -0.07 -3.19 -5.34
C LEU A 36 -1.49 -3.70 -5.21
N LYS A 37 -1.86 -4.67 -6.03
CA LYS A 37 -3.20 -5.24 -5.99
C LYS A 37 -3.52 -5.81 -4.60
N LYS A 38 -2.52 -6.33 -3.91
CA LYS A 38 -2.73 -6.88 -2.57
C LYS A 38 -2.91 -5.76 -1.54
N LEU A 39 -2.21 -4.64 -1.66
CA LEU A 39 -2.36 -3.53 -0.70
C LEU A 39 -3.79 -2.99 -0.90
N SER A 40 -4.22 -2.94 -2.15
CA SER A 40 -5.54 -2.39 -2.52
C SER A 40 -6.72 -3.21 -1.98
N THR A 41 -6.60 -4.53 -2.01
CA THR A 41 -7.71 -5.40 -1.59
C THR A 41 -7.81 -5.58 -0.08
N LEU A 42 -6.84 -5.08 0.66
CA LEU A 42 -6.88 -5.16 2.11
C LEU A 42 -7.63 -3.93 2.60
N PRO A 43 -8.31 -4.03 3.76
CA PRO A 43 -9.00 -2.87 4.34
C PRO A 43 -7.99 -1.89 4.96
N ILE A 44 -7.43 -1.04 4.10
CA ILE A 44 -6.46 -0.04 4.53
C ILE A 44 -7.13 1.04 5.33
N THR A 45 -6.50 1.38 6.43
CA THR A 45 -6.98 2.43 7.28
C THR A 45 -5.91 3.49 7.40
N VAL A 46 -6.25 4.66 7.92
CA VAL A 46 -5.26 5.71 8.12
C VAL A 46 -4.23 5.24 9.13
N ASP A 47 -4.65 4.36 10.04
CA ASP A 47 -3.76 3.79 11.05
C ASP A 47 -2.68 2.96 10.36
N ILE A 48 -3.08 2.12 9.41
CA ILE A 48 -2.10 1.32 8.69
C ILE A 48 -1.18 2.23 7.89
N LEU A 49 -1.74 3.24 7.22
CA LEU A 49 -0.93 4.12 6.39
C LEU A 49 0.12 4.84 7.20
N ALA A 50 -0.24 5.18 8.43
CA ALA A 50 0.65 5.90 9.32
C ALA A 50 1.82 5.02 9.80
N GLU A 51 1.53 3.80 10.22
CA GLU A 51 2.57 2.96 10.82
C GLU A 51 3.48 2.36 9.77
N THR A 52 2.89 1.96 8.65
CA THR A 52 3.66 1.33 7.58
C THR A 52 4.39 2.40 6.77
N GLY A 53 3.71 3.50 6.50
CA GLY A 53 4.31 4.58 5.74
C GLY A 53 4.21 4.23 4.28
N VAL A 54 3.37 3.24 4.01
CA VAL A 54 3.16 2.68 2.70
C VAL A 54 2.71 3.75 1.69
N GLY A 55 2.05 4.79 2.17
CA GLY A 55 1.63 5.88 1.29
C GLY A 55 2.81 6.51 0.59
N LYS A 56 3.94 6.60 1.27
CA LYS A 56 5.15 7.21 0.72
C LYS A 56 5.71 6.26 -0.34
N THR A 57 5.73 4.99 0.01
CA THR A 57 6.25 3.94 -0.86
C THR A 57 5.50 3.83 -2.19
N VAL A 58 4.18 3.76 -2.14
CA VAL A 58 3.41 3.59 -3.37
C VAL A 58 3.48 4.86 -4.23
N ASN A 59 3.50 6.02 -3.57
CA ASN A 59 3.64 7.28 -4.30
C ASN A 59 4.97 7.34 -5.05
N SER A 60 6.01 6.75 -4.47
CA SER A 60 7.32 6.71 -5.14
C SER A 60 7.34 5.71 -6.30
N LEU A 61 6.76 4.52 -6.10
CA LEU A 61 6.80 3.45 -7.10
C LEU A 61 5.99 3.78 -8.34
N ARG A 62 5.05 4.71 -8.24
CA ARG A 62 4.28 5.13 -9.41
C ARG A 62 5.15 5.78 -10.51
N LYS A 63 6.42 6.07 -10.19
CA LYS A 63 7.36 6.59 -11.18
C LYS A 63 7.69 5.52 -12.24
N HIS A 64 7.49 4.26 -11.90
CA HIS A 64 7.74 3.17 -12.83
C HIS A 64 6.57 3.17 -13.80
N GLU A 65 6.80 3.48 -15.06
CA GLU A 65 5.72 3.56 -16.05
C GLU A 65 4.87 2.30 -16.12
N HIS A 66 5.49 1.14 -15.90
CA HIS A 66 4.82 -0.15 -16.04
C HIS A 66 3.72 -0.37 -15.01
N VAL A 67 3.92 0.16 -13.82
CA VAL A 67 2.97 -0.03 -12.71
C VAL A 67 2.41 1.27 -12.19
N GLY A 68 2.85 2.37 -12.76
CA GLY A 68 2.42 3.68 -12.31
C GLY A 68 0.95 3.91 -12.52
N SER A 69 0.40 3.31 -13.57
CA SER A 69 -1.02 3.42 -13.84
C SER A 69 -1.84 2.90 -12.67
N PHE A 70 -1.44 1.77 -12.10
CA PHE A 70 -2.12 1.22 -10.95
C PHE A 70 -1.72 1.92 -9.64
N ALA A 71 -0.42 2.11 -9.43
CA ALA A 71 0.10 2.77 -8.23
C ALA A 71 -0.48 4.18 -8.00
N ARG A 72 -0.70 4.96 -9.05
CA ARG A 72 -1.27 6.31 -8.87
C ARG A 72 -2.70 6.20 -8.31
N ASP A 73 -3.44 5.19 -8.75
CA ASP A 73 -4.82 4.98 -8.34
C ASP A 73 -4.84 4.42 -6.93
N LEU A 74 -3.80 3.69 -6.56
CA LEU A 74 -3.64 3.17 -5.22
C LEU A 74 -3.53 4.37 -4.26
N VAL A 75 -2.75 5.37 -4.65
CA VAL A 75 -2.61 6.58 -3.84
C VAL A 75 -3.95 7.33 -3.84
N ALA A 76 -4.65 7.33 -4.97
CA ALA A 76 -5.94 8.00 -5.06
C ALA A 76 -6.98 7.36 -4.12
N GLN A 77 -6.96 6.04 -3.99
CA GLN A 77 -7.89 5.36 -3.09
C GLN A 77 -7.56 5.73 -1.64
N TRP A 78 -6.27 5.90 -1.35
CA TRP A 78 -5.82 6.26 0.00
C TRP A 78 -6.06 7.73 0.33
N LYS A 79 -6.17 8.56 -0.69
CA LYS A 79 -6.41 10.00 -0.49
C LYS A 79 -7.78 10.23 0.10
N LYS A 80 -8.68 9.29 -0.14
CA LYS A 80 -10.05 9.36 0.37
C LYS A 80 -10.13 9.00 1.84
N LEU A 81 -9.08 8.39 2.37
CA LEU A 81 -9.09 7.90 3.75
C LEU A 81 -8.59 8.97 4.71
N VAL A 82 -7.58 9.71 4.29
CA VAL A 82 -6.97 10.72 5.11
C VAL A 82 -7.79 12.01 5.06
N PRO A 83 -7.70 12.84 6.12
CA PRO A 83 -8.32 14.16 6.11
C PRO A 83 -7.89 14.96 4.88
N VAL A 84 -8.85 15.33 4.05
CA VAL A 84 -8.57 16.03 2.79
C VAL A 84 -8.51 17.54 3.03
N GLU A 85 -7.82 18.23 2.13
CA GLU A 85 -7.73 19.71 2.09
C GLU A 85 -7.13 20.40 3.32
N ARG A 86 -6.65 19.62 4.28
CA ARG A 86 -5.98 20.18 5.44
C ARG A 86 -4.67 20.81 5.02
N ASN A 87 -4.20 21.79 5.76
CA ASN A 87 -2.88 22.35 5.51
C ASN A 87 -1.91 21.27 5.99
N ALA A 88 -0.98 20.88 5.13
CA ALA A 88 -0.02 19.82 5.46
C ALA A 88 1.42 20.26 5.13
N GLY A 89 1.64 21.56 5.04
CA GLY A 89 2.95 22.06 4.69
C GLY A 89 3.17 21.91 3.18
N SER A 90 4.39 21.56 2.79
CA SER A 90 4.74 21.35 1.38
C SER A 90 5.89 20.36 1.38
N SER A 1 5.43 -22.60 12.43
CA SER A 1 4.95 -22.70 11.02
C SER A 1 5.06 -21.36 10.33
N ASN A 2 5.07 -21.35 9.00
CA ASN A 2 5.21 -20.10 8.25
C ASN A 2 3.89 -19.35 8.15
N ALA A 3 2.80 -20.06 8.35
CA ALA A 3 1.46 -19.50 8.32
C ALA A 3 0.58 -20.44 9.15
N ALA A 4 -0.62 -20.02 9.52
CA ALA A 4 -1.53 -20.87 10.28
C ALA A 4 -2.01 -22.03 9.41
N SER A 5 -2.27 -21.73 8.14
CA SER A 5 -2.70 -22.71 7.12
C SER A 5 -3.86 -23.62 7.52
N ALA A 6 -4.73 -23.14 8.40
CA ALA A 6 -5.89 -23.90 8.87
C ALA A 6 -6.95 -22.96 9.43
N MET A 7 -6.48 -21.94 10.14
CA MET A 7 -7.35 -20.93 10.73
C MET A 7 -6.98 -19.59 10.13
N ALA A 8 -7.87 -18.62 10.25
CA ALA A 8 -7.61 -17.27 9.76
C ALA A 8 -6.46 -16.65 10.56
N ALA A 9 -5.65 -15.84 9.91
CA ALA A 9 -4.50 -15.22 10.54
C ALA A 9 -4.17 -13.94 9.77
N GLU A 10 -3.22 -13.18 10.30
CA GLU A 10 -2.72 -11.94 9.71
C GLU A 10 -3.75 -10.84 9.39
N SER A 11 -3.92 -9.94 10.34
CA SER A 11 -4.75 -8.75 10.13
C SER A 11 -4.11 -7.89 9.04
N ALA A 12 -4.85 -6.92 8.51
CA ALA A 12 -4.35 -6.06 7.42
C ALA A 12 -2.95 -5.49 7.67
N LEU A 13 -2.66 -5.09 8.89
CA LEU A 13 -1.34 -4.54 9.20
C LEU A 13 -0.22 -5.57 9.03
N GLN A 14 -0.49 -6.80 9.42
CA GLN A 14 0.54 -7.82 9.28
C GLN A 14 0.83 -8.06 7.80
N VAL A 15 -0.22 -8.06 7.00
CA VAL A 15 -0.09 -8.31 5.57
C VAL A 15 0.57 -7.12 4.82
N VAL A 16 0.11 -5.90 5.07
CA VAL A 16 0.63 -4.72 4.39
C VAL A 16 2.14 -4.57 4.58
N GLU A 17 2.62 -4.86 5.79
CA GLU A 17 4.03 -4.65 6.13
C GLU A 17 4.91 -5.56 5.31
N LYS A 18 4.48 -6.82 5.23
CA LYS A 18 5.25 -7.83 4.53
C LYS A 18 5.30 -7.50 3.06
N LEU A 19 4.23 -6.91 2.54
CA LEU A 19 4.22 -6.53 1.14
C LEU A 19 5.10 -5.33 0.89
N GLN A 20 5.08 -4.35 1.76
CA GLN A 20 5.88 -3.15 1.59
C GLN A 20 7.36 -3.50 1.63
N ALA A 21 7.72 -4.45 2.49
CA ALA A 21 9.09 -4.94 2.53
C ALA A 21 9.47 -5.50 1.15
N ARG A 22 8.56 -6.23 0.51
CA ARG A 22 8.82 -6.77 -0.82
C ARG A 22 8.86 -5.68 -1.90
N LEU A 23 8.25 -4.53 -1.63
CA LEU A 23 8.28 -3.42 -2.57
C LEU A 23 9.64 -2.75 -2.58
N ALA A 24 10.24 -2.60 -1.41
CA ALA A 24 11.55 -1.96 -1.31
C ALA A 24 12.58 -2.85 -2.02
N ALA A 25 12.45 -4.16 -1.79
CA ALA A 25 13.30 -5.17 -2.39
C ALA A 25 12.86 -5.51 -3.83
N ASN A 26 12.19 -4.57 -4.50
CA ASN A 26 11.58 -4.78 -5.82
C ASN A 26 12.30 -5.81 -6.75
N PRO A 27 11.71 -7.01 -6.91
CA PRO A 27 12.26 -8.08 -7.76
C PRO A 27 11.88 -8.07 -9.24
N ASP A 28 10.81 -7.37 -9.58
CA ASP A 28 10.31 -7.28 -10.96
C ASP A 28 9.22 -6.23 -10.98
N PRO A 29 9.00 -5.55 -12.11
CA PRO A 29 7.86 -4.62 -12.16
C PRO A 29 6.56 -5.42 -12.24
N LYS A 30 6.68 -6.63 -12.76
CA LYS A 30 5.56 -7.56 -12.90
C LYS A 30 5.06 -7.90 -11.49
N LYS A 31 6.02 -8.11 -10.62
CA LYS A 31 5.74 -8.46 -9.22
C LYS A 31 5.31 -7.22 -8.45
N LEU A 32 5.85 -6.06 -8.80
CA LEU A 32 5.43 -4.80 -8.17
C LEU A 32 3.93 -4.56 -8.35
N LEU A 33 3.42 -4.76 -9.56
CA LEU A 33 1.99 -4.56 -9.79
C LEU A 33 1.20 -5.58 -8.97
N LYS A 34 1.68 -6.82 -8.91
CA LYS A 34 1.04 -7.86 -8.10
C LYS A 34 0.94 -7.43 -6.64
N TYR A 35 2.00 -6.82 -6.11
CA TYR A 35 1.98 -6.35 -4.72
C TYR A 35 0.96 -5.24 -4.55
N LEU A 36 0.93 -4.29 -5.47
CA LEU A 36 0.01 -3.16 -5.38
C LEU A 36 -1.42 -3.68 -5.37
N LYS A 37 -1.74 -4.64 -6.21
CA LYS A 37 -3.08 -5.22 -6.26
C LYS A 37 -3.46 -5.83 -4.90
N LYS A 38 -2.49 -6.39 -4.19
CA LYS A 38 -2.77 -6.96 -2.88
C LYS A 38 -2.97 -5.85 -1.86
N LEU A 39 -2.24 -4.74 -1.96
CA LEU A 39 -2.40 -3.65 -1.01
C LEU A 39 -3.77 -3.05 -1.16
N SER A 40 -4.25 -3.02 -2.41
CA SER A 40 -5.56 -2.47 -2.73
C SER A 40 -6.72 -3.23 -2.10
N THR A 41 -6.60 -4.56 -2.02
CA THR A 41 -7.69 -5.39 -1.52
C THR A 41 -7.67 -5.60 -0.01
N LEU A 42 -6.70 -5.01 0.69
CA LEU A 42 -6.67 -5.10 2.15
C LEU A 42 -7.43 -3.88 2.66
N PRO A 43 -8.12 -4.01 3.80
CA PRO A 43 -8.79 -2.85 4.41
C PRO A 43 -7.77 -1.91 5.05
N ILE A 44 -7.17 -1.08 4.22
CA ILE A 44 -6.17 -0.12 4.66
C ILE A 44 -6.87 1.02 5.37
N THR A 45 -6.29 1.43 6.47
CA THR A 45 -6.83 2.53 7.25
C THR A 45 -5.76 3.59 7.41
N VAL A 46 -6.12 4.75 7.95
CA VAL A 46 -5.16 5.84 8.15
C VAL A 46 -4.09 5.43 9.15
N ASP A 47 -4.45 4.59 10.11
CA ASP A 47 -3.51 4.11 11.11
C ASP A 47 -2.47 3.27 10.41
N ILE A 48 -2.92 2.41 9.49
CA ILE A 48 -1.99 1.56 8.76
C ILE A 48 -1.09 2.42 7.91
N LEU A 49 -1.65 3.41 7.22
CA LEU A 49 -0.84 4.27 6.34
C LEU A 49 0.24 4.98 7.10
N ALA A 50 -0.07 5.40 8.31
CA ALA A 50 0.87 6.11 9.15
C ALA A 50 2.00 5.22 9.67
N GLU A 51 1.66 4.02 10.13
CA GLU A 51 2.65 3.11 10.72
C GLU A 51 3.58 2.53 9.68
N THR A 52 3.01 2.12 8.56
CA THR A 52 3.76 1.47 7.49
C THR A 52 4.50 2.52 6.66
N GLY A 53 3.80 3.58 6.29
CA GLY A 53 4.44 4.66 5.56
C GLY A 53 4.35 4.31 4.11
N VAL A 54 3.51 3.32 3.83
CA VAL A 54 3.27 2.86 2.48
C VAL A 54 2.78 3.96 1.57
N GLY A 55 2.12 4.97 2.13
CA GLY A 55 1.65 6.08 1.32
C GLY A 55 2.81 6.73 0.60
N LYS A 56 3.98 6.73 1.23
CA LYS A 56 5.18 7.32 0.62
C LYS A 56 5.73 6.33 -0.40
N THR A 57 5.76 5.06 -0.02
CA THR A 57 6.27 3.99 -0.88
C THR A 57 5.49 3.86 -2.20
N VAL A 58 4.18 3.69 -2.13
CA VAL A 58 3.39 3.55 -3.36
C VAL A 58 3.39 4.85 -4.18
N ASN A 59 3.43 6.00 -3.52
CA ASN A 59 3.46 7.28 -4.25
C ASN A 59 4.76 7.37 -5.05
N SER A 60 5.86 6.92 -4.46
CA SER A 60 7.14 6.91 -5.16
C SER A 60 7.10 5.98 -6.36
N LEU A 61 6.44 4.83 -6.19
CA LEU A 61 6.31 3.84 -7.25
C LEU A 61 5.51 4.33 -8.44
N ARG A 62 4.69 5.36 -8.29
CA ARG A 62 3.89 5.84 -9.41
C ARG A 62 4.73 6.48 -10.51
N LYS A 63 6.00 6.78 -10.22
CA LYS A 63 6.90 7.35 -11.23
C LYS A 63 7.49 6.24 -12.11
N HIS A 64 7.35 5.00 -11.67
CA HIS A 64 7.85 3.86 -12.41
C HIS A 64 6.77 3.54 -13.43
N GLU A 65 6.96 3.99 -14.66
CA GLU A 65 5.95 3.86 -15.73
C GLU A 65 5.32 2.48 -15.84
N HIS A 66 6.12 1.45 -15.56
CA HIS A 66 5.64 0.06 -15.61
C HIS A 66 4.40 -0.22 -14.78
N VAL A 67 4.34 0.38 -13.60
CA VAL A 67 3.25 0.12 -12.66
C VAL A 67 2.58 1.40 -12.20
N GLY A 68 3.11 2.53 -12.65
CA GLY A 68 2.59 3.83 -12.27
C GLY A 68 1.12 4.05 -12.59
N SER A 69 0.65 3.46 -13.67
CA SER A 69 -0.75 3.57 -14.06
C SER A 69 -1.66 3.02 -12.95
N PHE A 70 -1.26 1.91 -12.35
CA PHE A 70 -2.00 1.35 -11.23
C PHE A 70 -1.67 2.06 -9.92
N ALA A 71 -0.40 2.39 -9.72
CA ALA A 71 0.06 3.01 -8.47
C ALA A 71 -0.63 4.35 -8.19
N ARG A 72 -0.88 5.16 -9.22
CA ARG A 72 -1.55 6.45 -9.01
C ARG A 72 -2.96 6.23 -8.48
N ASP A 73 -3.61 5.14 -8.88
CA ASP A 73 -4.96 4.83 -8.41
C ASP A 73 -4.90 4.32 -6.98
N LEU A 74 -3.84 3.59 -6.66
CA LEU A 74 -3.62 3.08 -5.32
C LEU A 74 -3.52 4.27 -4.35
N VAL A 75 -2.82 5.31 -4.76
CA VAL A 75 -2.69 6.51 -3.94
C VAL A 75 -4.04 7.21 -3.85
N ALA A 76 -4.82 7.19 -4.93
CA ALA A 76 -6.13 7.82 -4.93
C ALA A 76 -7.10 7.09 -3.98
N GLN A 77 -7.01 5.76 -3.91
CA GLN A 77 -7.85 4.98 -3.01
C GLN A 77 -7.49 5.31 -1.55
N TRP A 78 -6.24 5.63 -1.31
CA TRP A 78 -5.77 5.98 0.03
C TRP A 78 -6.01 7.43 0.42
N LYS A 79 -6.06 8.32 -0.56
CA LYS A 79 -6.20 9.75 -0.25
C LYS A 79 -7.57 10.10 0.27
N LYS A 80 -8.55 9.28 -0.08
CA LYS A 80 -9.92 9.49 0.41
C LYS A 80 -10.08 9.00 1.86
N LEU A 81 -9.04 8.38 2.41
CA LEU A 81 -9.11 7.85 3.77
C LEU A 81 -8.65 8.91 4.78
N VAL A 82 -7.64 9.66 4.39
CA VAL A 82 -7.05 10.68 5.22
C VAL A 82 -7.91 11.95 5.15
N PRO A 83 -7.83 12.81 6.18
CA PRO A 83 -8.62 14.04 6.16
C PRO A 83 -8.07 15.02 5.13
N VAL A 84 -8.89 15.98 4.74
CA VAL A 84 -8.52 16.95 3.71
C VAL A 84 -8.33 18.32 4.33
N GLU A 85 -7.22 18.96 4.01
CA GLU A 85 -6.89 20.30 4.49
C GLU A 85 -6.85 21.25 3.29
N ARG A 86 -6.55 22.52 3.53
CA ARG A 86 -6.50 23.50 2.45
C ARG A 86 -5.11 23.57 1.86
N ASN A 87 -5.03 23.36 0.54
CA ASN A 87 -3.76 23.47 -0.16
C ASN A 87 -3.40 24.94 -0.27
N ALA A 88 -2.12 25.24 -0.47
CA ALA A 88 -1.65 26.60 -0.67
C ALA A 88 -0.96 26.59 -2.03
N GLY A 89 -1.16 27.63 -2.82
CA GLY A 89 -0.59 27.68 -4.15
C GLY A 89 -1.48 26.89 -5.10
N SER A 90 -0.94 26.52 -6.26
CA SER A 90 -1.66 25.75 -7.27
C SER A 90 -0.60 25.06 -8.09
N SER A 1 -10.64 -23.85 2.53
CA SER A 1 -9.55 -23.81 1.51
C SER A 1 -8.46 -22.87 1.99
N ASN A 2 -7.34 -22.80 1.28
CA ASN A 2 -6.26 -21.87 1.64
C ASN A 2 -6.77 -20.44 1.44
N ALA A 3 -7.64 -20.28 0.46
CA ALA A 3 -8.28 -18.99 0.21
C ALA A 3 -9.56 -18.96 1.05
N ALA A 4 -9.88 -17.81 1.59
CA ALA A 4 -11.07 -17.62 2.41
C ALA A 4 -11.51 -16.16 2.21
N SER A 5 -12.70 -15.83 2.67
CA SER A 5 -13.24 -14.47 2.53
C SER A 5 -12.78 -13.55 3.65
N ALA A 6 -12.09 -14.11 4.63
CA ALA A 6 -11.59 -13.36 5.77
C ALA A 6 -10.22 -13.90 6.15
N MET A 7 -9.48 -13.13 6.92
CA MET A 7 -8.14 -13.51 7.35
C MET A 7 -8.25 -14.28 8.67
N ALA A 8 -7.62 -15.45 8.73
CA ALA A 8 -7.67 -16.26 9.94
C ALA A 8 -6.81 -15.68 11.07
N ALA A 9 -5.65 -15.14 10.71
CA ALA A 9 -4.72 -14.57 11.70
C ALA A 9 -3.85 -13.46 11.10
N GLU A 10 -4.17 -13.05 9.89
CA GLU A 10 -3.38 -12.04 9.18
C GLU A 10 -3.99 -10.65 9.31
N SER A 11 -3.50 -9.84 10.24
CA SER A 11 -3.99 -8.47 10.35
C SER A 11 -3.62 -7.73 9.07
N ALA A 12 -4.49 -6.86 8.59
CA ALA A 12 -4.26 -6.12 7.34
C ALA A 12 -2.93 -5.36 7.38
N LEU A 13 -2.61 -4.82 8.55
CA LEU A 13 -1.34 -4.12 8.74
C LEU A 13 -0.17 -5.01 8.38
N GLN A 14 -0.14 -6.19 8.98
CA GLN A 14 1.00 -7.10 8.87
C GLN A 14 1.20 -7.58 7.45
N VAL A 15 0.12 -7.69 6.72
CA VAL A 15 0.20 -8.13 5.33
C VAL A 15 0.75 -6.97 4.50
N VAL A 16 0.26 -5.77 4.72
CA VAL A 16 0.78 -4.60 4.02
C VAL A 16 2.25 -4.42 4.33
N GLU A 17 2.59 -4.56 5.59
CA GLU A 17 3.97 -4.34 6.01
C GLU A 17 4.91 -5.27 5.27
N LYS A 18 4.54 -6.54 5.23
CA LYS A 18 5.41 -7.56 4.64
C LYS A 18 5.49 -7.37 3.13
N LEU A 19 4.41 -6.90 2.52
CA LEU A 19 4.44 -6.60 1.09
C LEU A 19 5.31 -5.42 0.81
N GLN A 20 5.24 -4.40 1.65
CA GLN A 20 6.02 -3.18 1.47
C GLN A 20 7.50 -3.52 1.57
N ALA A 21 7.83 -4.50 2.41
CA ALA A 21 9.21 -4.95 2.51
C ALA A 21 9.62 -5.52 1.15
N ARG A 22 8.71 -6.22 0.47
CA ARG A 22 9.03 -6.76 -0.85
C ARG A 22 9.05 -5.68 -1.93
N LEU A 23 8.40 -4.55 -1.67
CA LEU A 23 8.39 -3.43 -2.63
C LEU A 23 9.73 -2.72 -2.64
N ALA A 24 10.34 -2.55 -1.47
CA ALA A 24 11.65 -1.90 -1.37
C ALA A 24 12.72 -2.79 -2.00
N ALA A 25 12.49 -4.09 -1.93
CA ALA A 25 13.37 -5.10 -2.49
C ALA A 25 12.93 -5.49 -3.91
N ASN A 26 12.23 -4.57 -4.59
CA ASN A 26 11.58 -4.84 -5.88
C ASN A 26 12.25 -5.90 -6.79
N PRO A 27 11.64 -7.10 -6.89
CA PRO A 27 12.17 -8.19 -7.72
C PRO A 27 11.81 -8.17 -9.21
N ASP A 28 10.73 -7.47 -9.56
CA ASP A 28 10.25 -7.38 -10.94
C ASP A 28 9.21 -6.29 -11.00
N PRO A 29 9.05 -5.62 -12.14
CA PRO A 29 7.96 -4.64 -12.24
C PRO A 29 6.63 -5.38 -12.35
N LYS A 30 6.67 -6.62 -12.80
CA LYS A 30 5.46 -7.45 -12.92
C LYS A 30 4.96 -7.78 -11.52
N LYS A 31 5.92 -8.11 -10.66
CA LYS A 31 5.64 -8.49 -9.28
C LYS A 31 5.21 -7.26 -8.48
N LEU A 32 5.78 -6.10 -8.80
CA LEU A 32 5.38 -4.85 -8.15
C LEU A 32 3.89 -4.59 -8.30
N LEU A 33 3.34 -4.79 -9.49
CA LEU A 33 1.90 -4.57 -9.69
C LEU A 33 1.11 -5.57 -8.84
N LYS A 34 1.56 -6.82 -8.81
CA LYS A 34 0.91 -7.85 -8.00
C LYS A 34 0.86 -7.43 -6.53
N TYR A 35 1.95 -6.85 -6.04
CA TYR A 35 1.99 -6.40 -4.65
C TYR A 35 1.00 -5.28 -4.42
N LEU A 36 0.96 -4.31 -5.34
CA LEU A 36 0.08 -3.16 -5.21
C LEU A 36 -1.37 -3.63 -5.12
N LYS A 37 -1.74 -4.58 -5.95
CA LYS A 37 -3.10 -5.13 -5.94
C LYS A 37 -3.41 -5.81 -4.60
N LYS A 38 -2.40 -6.35 -3.94
CA LYS A 38 -2.62 -6.95 -2.63
C LYS A 38 -2.81 -5.87 -1.56
N LEU A 39 -2.16 -4.71 -1.67
CA LEU A 39 -2.35 -3.65 -0.67
C LEU A 39 -3.79 -3.15 -0.84
N SER A 40 -4.25 -3.07 -2.09
CA SER A 40 -5.58 -2.57 -2.42
C SER A 40 -6.75 -3.50 -2.10
N THR A 41 -6.47 -4.77 -1.82
CA THR A 41 -7.55 -5.73 -1.51
C THR A 41 -7.68 -5.95 -0.01
N LEU A 42 -6.87 -5.24 0.77
CA LEU A 42 -6.91 -5.31 2.22
C LEU A 42 -7.64 -4.06 2.69
N PRO A 43 -8.30 -4.12 3.85
CA PRO A 43 -8.95 -2.93 4.40
C PRO A 43 -7.90 -1.94 4.96
N ILE A 44 -7.42 -1.06 4.10
CA ILE A 44 -6.44 -0.06 4.48
C ILE A 44 -7.11 1.03 5.27
N THR A 45 -6.47 1.41 6.36
CA THR A 45 -6.96 2.48 7.19
C THR A 45 -5.86 3.51 7.34
N VAL A 46 -6.18 4.67 7.89
CA VAL A 46 -5.17 5.72 8.07
C VAL A 46 -4.10 5.27 9.04
N ASP A 47 -4.47 4.41 9.99
CA ASP A 47 -3.53 3.88 10.97
C ASP A 47 -2.50 3.04 10.24
N ILE A 48 -2.96 2.21 9.31
CA ILE A 48 -2.03 1.38 8.56
C ILE A 48 -1.13 2.28 7.73
N LEU A 49 -1.70 3.27 7.05
CA LEU A 49 -0.89 4.13 6.19
C LEU A 49 0.19 4.84 6.97
N ALA A 50 -0.16 5.24 8.19
CA ALA A 50 0.77 5.95 9.05
C ALA A 50 1.91 5.06 9.55
N GLU A 51 1.59 3.86 10.02
CA GLU A 51 2.61 3.00 10.64
C GLU A 51 3.52 2.40 9.59
N THR A 52 2.94 1.94 8.51
CA THR A 52 3.69 1.29 7.45
C THR A 52 4.43 2.34 6.62
N GLY A 53 3.74 3.43 6.33
CA GLY A 53 4.33 4.48 5.54
C GLY A 53 4.21 4.06 4.10
N VAL A 54 3.33 3.10 3.87
CA VAL A 54 3.11 2.53 2.56
C VAL A 54 2.65 3.60 1.56
N GLY A 55 1.99 4.65 2.05
CA GLY A 55 1.58 5.74 1.19
C GLY A 55 2.77 6.39 0.53
N LYS A 56 3.87 6.48 1.26
CA LYS A 56 5.10 7.11 0.77
C LYS A 56 5.69 6.20 -0.30
N THR A 57 5.66 4.91 -0.01
CA THR A 57 6.18 3.88 -0.92
C THR A 57 5.46 3.83 -2.26
N VAL A 58 4.13 3.71 -2.24
CA VAL A 58 3.38 3.61 -3.49
C VAL A 58 3.42 4.92 -4.27
N ASN A 59 3.44 6.05 -3.56
CA ASN A 59 3.53 7.34 -4.25
C ASN A 59 4.84 7.46 -4.99
N SER A 60 5.90 6.91 -4.41
CA SER A 60 7.22 6.91 -5.06
C SER A 60 7.21 5.97 -6.27
N LEU A 61 6.52 4.84 -6.14
CA LEU A 61 6.40 3.84 -7.21
C LEU A 61 5.69 4.39 -8.45
N ARG A 62 4.92 5.45 -8.30
CA ARG A 62 4.23 6.08 -9.44
C ARG A 62 5.20 6.51 -10.54
N LYS A 63 6.46 6.71 -10.18
CA LYS A 63 7.48 7.11 -11.15
C LYS A 63 7.86 5.98 -12.11
N HIS A 64 7.61 4.74 -11.69
CA HIS A 64 8.00 3.59 -12.48
C HIS A 64 6.93 3.36 -13.53
N GLU A 65 7.32 3.50 -14.77
CA GLU A 65 6.44 3.44 -15.92
C GLU A 65 5.55 2.21 -15.97
N HIS A 66 6.08 1.09 -15.50
CA HIS A 66 5.36 -0.19 -15.55
C HIS A 66 4.15 -0.26 -14.66
N VAL A 67 4.25 0.37 -13.50
CA VAL A 67 3.24 0.23 -12.47
C VAL A 67 2.62 1.54 -12.05
N GLY A 68 3.13 2.64 -12.57
CA GLY A 68 2.61 3.96 -12.24
C GLY A 68 1.14 4.12 -12.55
N SER A 69 0.68 3.44 -13.60
CA SER A 69 -0.73 3.49 -13.98
C SER A 69 -1.62 2.95 -12.86
N PHE A 70 -1.24 1.84 -12.25
CA PHE A 70 -1.98 1.32 -11.10
C PHE A 70 -1.65 2.08 -9.81
N ALA A 71 -0.40 2.47 -9.66
CA ALA A 71 0.05 3.14 -8.44
C ALA A 71 -0.65 4.48 -8.21
N ARG A 72 -0.98 5.22 -9.27
CA ARG A 72 -1.70 6.49 -9.09
C ARG A 72 -3.09 6.24 -8.52
N ASP A 73 -3.70 5.10 -8.86
CA ASP A 73 -5.01 4.75 -8.31
C ASP A 73 -4.86 4.34 -6.85
N LEU A 74 -3.77 3.63 -6.57
CA LEU A 74 -3.48 3.20 -5.21
C LEU A 74 -3.33 4.42 -4.27
N VAL A 75 -2.71 5.48 -4.75
CA VAL A 75 -2.62 6.71 -3.97
C VAL A 75 -3.99 7.41 -3.89
N ALA A 76 -4.76 7.37 -4.97
CA ALA A 76 -6.06 8.06 -5.00
C ALA A 76 -7.07 7.39 -4.06
N GLN A 77 -7.07 6.08 -4.02
CA GLN A 77 -7.99 5.33 -3.15
C GLN A 77 -7.65 5.58 -1.69
N TRP A 78 -6.38 5.83 -1.44
CA TRP A 78 -5.90 6.14 -0.10
C TRP A 78 -6.09 7.60 0.30
N LYS A 79 -6.17 8.49 -0.68
CA LYS A 79 -6.30 9.93 -0.38
C LYS A 79 -7.64 10.24 0.24
N LYS A 80 -8.63 9.46 -0.11
CA LYS A 80 -9.98 9.64 0.44
C LYS A 80 -10.12 9.12 1.87
N LEU A 81 -9.05 8.53 2.41
CA LEU A 81 -9.11 7.96 3.76
C LEU A 81 -8.66 8.97 4.80
N VAL A 82 -7.70 9.80 4.44
CA VAL A 82 -7.15 10.79 5.34
C VAL A 82 -8.15 11.95 5.46
N PRO A 83 -8.11 12.68 6.58
CA PRO A 83 -9.09 13.76 6.78
C PRO A 83 -8.82 14.97 5.90
N VAL A 84 -9.83 15.81 5.75
CA VAL A 84 -9.71 17.02 4.95
C VAL A 84 -9.19 18.12 5.86
N GLU A 85 -8.13 18.77 5.43
CA GLU A 85 -7.49 19.84 6.18
C GLU A 85 -7.36 21.04 5.26
N ARG A 86 -7.12 22.21 5.82
CA ARG A 86 -6.95 23.44 5.04
C ARG A 86 -5.97 24.34 5.76
N ASN A 87 -5.04 24.91 5.02
CA ASN A 87 -4.00 25.79 5.58
C ASN A 87 -4.47 27.25 5.67
N ALA A 88 -5.78 27.42 5.84
CA ALA A 88 -6.44 28.73 5.88
C ALA A 88 -6.25 29.54 4.58
N GLY A 89 -5.84 28.87 3.51
CA GLY A 89 -5.67 29.53 2.22
C GLY A 89 -7.01 29.73 1.54
N SER A 90 -7.02 30.55 0.49
CA SER A 90 -8.24 30.84 -0.26
C SER A 90 -8.71 29.62 -1.04
N SER A 1 5.04 -28.30 12.24
CA SER A 1 4.55 -27.18 13.08
C SER A 1 4.13 -26.01 12.21
N ASN A 2 3.41 -25.04 12.77
CA ASN A 2 2.97 -23.84 12.04
C ASN A 2 2.23 -24.17 10.74
N ALA A 3 1.21 -25.02 10.83
CA ALA A 3 0.44 -25.41 9.66
C ALA A 3 -0.31 -24.18 9.13
N ALA A 4 -0.45 -24.10 7.81
CA ALA A 4 -1.16 -22.99 7.17
C ALA A 4 -2.67 -23.05 7.45
N SER A 5 -3.14 -24.22 7.87
CA SER A 5 -4.54 -24.43 8.22
C SER A 5 -4.76 -23.92 9.64
N ALA A 6 -4.79 -22.60 9.79
CA ALA A 6 -4.96 -21.96 11.09
C ALA A 6 -5.71 -20.65 10.89
N MET A 7 -6.02 -19.98 11.98
CA MET A 7 -6.70 -18.70 11.96
C MET A 7 -5.76 -17.64 11.39
N ALA A 8 -6.31 -16.60 10.78
CA ALA A 8 -5.54 -15.51 10.20
C ALA A 8 -4.91 -14.64 11.31
N ALA A 9 -3.71 -15.00 11.73
CA ALA A 9 -3.00 -14.29 12.78
C ALA A 9 -2.39 -12.97 12.30
N GLU A 10 -2.52 -12.70 11.02
CA GLU A 10 -1.96 -11.49 10.42
C GLU A 10 -3.04 -10.48 10.06
N SER A 11 -3.06 -9.39 10.80
CA SER A 11 -3.96 -8.27 10.53
C SER A 11 -3.57 -7.65 9.20
N ALA A 12 -4.47 -6.86 8.61
CA ALA A 12 -4.20 -6.16 7.35
C ALA A 12 -2.92 -5.33 7.48
N LEU A 13 -2.70 -4.81 8.69
CA LEU A 13 -1.51 -4.05 9.00
C LEU A 13 -0.27 -4.88 8.69
N GLN A 14 -0.23 -6.09 9.20
CA GLN A 14 0.96 -6.93 9.04
C GLN A 14 1.15 -7.35 7.60
N VAL A 15 0.07 -7.69 6.93
CA VAL A 15 0.18 -8.14 5.55
C VAL A 15 0.78 -7.02 4.74
N VAL A 16 0.27 -5.81 4.90
CA VAL A 16 0.80 -4.66 4.18
C VAL A 16 2.26 -4.47 4.49
N GLU A 17 2.66 -4.56 5.74
CA GLU A 17 4.05 -4.32 6.07
C GLU A 17 4.99 -5.30 5.38
N LYS A 18 4.61 -6.56 5.44
CA LYS A 18 5.44 -7.67 4.95
C LYS A 18 5.53 -7.59 3.44
N LEU A 19 4.44 -7.15 2.85
CA LEU A 19 4.32 -6.97 1.44
C LEU A 19 5.09 -5.72 0.97
N GLN A 20 5.06 -4.66 1.77
CA GLN A 20 5.78 -3.41 1.49
C GLN A 20 7.29 -3.60 1.48
N ALA A 21 7.80 -4.46 2.35
CA ALA A 21 9.23 -4.73 2.39
C ALA A 21 9.72 -5.23 1.01
N ARG A 22 8.85 -5.98 0.33
CA ARG A 22 9.16 -6.54 -0.98
C ARG A 22 9.12 -5.49 -2.08
N LEU A 23 8.43 -4.39 -1.81
CA LEU A 23 8.34 -3.29 -2.78
C LEU A 23 9.65 -2.53 -2.84
N ALA A 24 10.27 -2.31 -1.69
CA ALA A 24 11.54 -1.61 -1.62
C ALA A 24 12.63 -2.48 -2.27
N ALA A 25 12.51 -3.78 -2.05
CA ALA A 25 13.41 -4.77 -2.61
C ALA A 25 12.96 -5.21 -4.02
N ASN A 26 12.21 -4.34 -4.70
CA ASN A 26 11.56 -4.65 -5.99
C ASN A 26 12.27 -5.70 -6.88
N PRO A 27 11.70 -6.92 -6.95
CA PRO A 27 12.26 -8.01 -7.77
C PRO A 27 11.90 -8.03 -9.27
N ASP A 28 10.79 -7.39 -9.62
CA ASP A 28 10.32 -7.34 -11.00
C ASP A 28 9.22 -6.30 -11.05
N PRO A 29 9.01 -5.63 -12.19
CA PRO A 29 7.86 -4.72 -12.27
C PRO A 29 6.58 -5.54 -12.39
N LYS A 30 6.73 -6.75 -12.90
CA LYS A 30 5.61 -7.68 -13.06
C LYS A 30 5.09 -8.05 -11.67
N LYS A 31 6.03 -8.25 -10.76
CA LYS A 31 5.72 -8.62 -9.38
C LYS A 31 5.24 -7.39 -8.61
N LEU A 32 5.77 -6.22 -8.94
CA LEU A 32 5.33 -4.97 -8.31
C LEU A 32 3.83 -4.73 -8.49
N LEU A 33 3.30 -4.98 -9.69
CA LEU A 33 1.87 -4.78 -9.91
C LEU A 33 1.06 -5.72 -9.01
N LYS A 34 1.49 -6.97 -8.90
CA LYS A 34 0.82 -7.95 -8.02
C LYS A 34 0.79 -7.43 -6.59
N TYR A 35 1.89 -6.86 -6.14
CA TYR A 35 1.96 -6.35 -4.78
C TYR A 35 0.99 -5.20 -4.54
N LEU A 36 0.94 -4.27 -5.49
CA LEU A 36 0.07 -3.10 -5.37
C LEU A 36 -1.37 -3.55 -5.23
N LYS A 37 -1.78 -4.53 -6.03
CA LYS A 37 -3.14 -5.05 -5.98
C LYS A 37 -3.44 -5.65 -4.61
N LYS A 38 -2.46 -6.25 -3.97
CA LYS A 38 -2.68 -6.85 -2.66
C LYS A 38 -2.79 -5.79 -1.55
N LEU A 39 -2.08 -4.67 -1.64
CA LEU A 39 -2.21 -3.61 -0.62
C LEU A 39 -3.64 -3.08 -0.74
N SER A 40 -4.10 -2.94 -1.98
CA SER A 40 -5.42 -2.39 -2.29
C SER A 40 -6.60 -3.24 -1.81
N THR A 41 -6.49 -4.55 -1.90
CA THR A 41 -7.60 -5.44 -1.53
C THR A 41 -7.72 -5.67 -0.03
N LEU A 42 -6.78 -5.14 0.75
CA LEU A 42 -6.82 -5.26 2.19
C LEU A 42 -7.56 -4.04 2.71
N PRO A 43 -8.23 -4.15 3.86
CA PRO A 43 -8.89 -2.97 4.45
C PRO A 43 -7.87 -1.99 5.03
N ILE A 44 -7.38 -1.11 4.18
CA ILE A 44 -6.42 -0.09 4.57
C ILE A 44 -7.11 0.98 5.36
N THR A 45 -6.46 1.38 6.45
CA THR A 45 -6.97 2.45 7.27
C THR A 45 -5.89 3.49 7.40
N VAL A 46 -6.22 4.66 7.92
CA VAL A 46 -5.24 5.73 8.08
C VAL A 46 -4.16 5.31 9.06
N ASP A 47 -4.52 4.47 10.02
CA ASP A 47 -3.58 3.96 11.01
C ASP A 47 -2.54 3.11 10.32
N ILE A 48 -2.98 2.25 9.40
CA ILE A 48 -2.04 1.41 8.68
C ILE A 48 -1.15 2.29 7.83
N LEU A 49 -1.72 3.27 7.13
CA LEU A 49 -0.91 4.12 6.27
C LEU A 49 0.16 4.85 7.04
N ALA A 50 -0.18 5.26 8.24
CA ALA A 50 0.73 5.99 9.10
C ALA A 50 1.87 5.11 9.63
N GLU A 51 1.53 3.91 10.10
CA GLU A 51 2.53 3.05 10.74
C GLU A 51 3.47 2.45 9.72
N THR A 52 2.88 1.96 8.63
CA THR A 52 3.66 1.29 7.59
C THR A 52 4.39 2.30 6.73
N GLY A 53 3.72 3.42 6.44
CA GLY A 53 4.34 4.46 5.65
C GLY A 53 4.18 4.05 4.21
N VAL A 54 3.30 3.09 4.00
CA VAL A 54 3.06 2.52 2.69
C VAL A 54 2.58 3.58 1.69
N GLY A 55 1.93 4.64 2.19
CA GLY A 55 1.51 5.72 1.31
C GLY A 55 2.70 6.39 0.64
N LYS A 56 3.81 6.44 1.36
CA LYS A 56 5.04 7.07 0.86
C LYS A 56 5.62 6.14 -0.20
N THR A 57 5.58 4.86 0.09
CA THR A 57 6.08 3.82 -0.81
C THR A 57 5.36 3.78 -2.15
N VAL A 58 4.04 3.74 -2.13
CA VAL A 58 3.28 3.67 -3.39
C VAL A 58 3.40 4.99 -4.16
N ASN A 59 3.47 6.10 -3.45
CA ASN A 59 3.68 7.41 -4.08
C ASN A 59 5.02 7.43 -4.82
N SER A 60 6.02 6.73 -4.31
CA SER A 60 7.30 6.61 -5.01
C SER A 60 7.14 5.68 -6.21
N LEU A 61 6.45 4.57 -6.01
CA LEU A 61 6.28 3.56 -7.05
C LEU A 61 5.52 4.05 -8.28
N ARG A 62 4.67 5.05 -8.15
CA ARG A 62 3.96 5.55 -9.31
C ARG A 62 4.85 6.29 -10.28
N LYS A 63 6.10 6.56 -9.90
CA LYS A 63 7.07 7.16 -10.82
C LYS A 63 7.65 6.09 -11.75
N HIS A 64 7.44 4.84 -11.42
CA HIS A 64 7.91 3.72 -12.22
C HIS A 64 6.83 3.45 -13.25
N GLU A 65 7.04 3.92 -14.47
CA GLU A 65 6.04 3.83 -15.54
C GLU A 65 5.38 2.45 -15.69
N HIS A 66 6.14 1.40 -15.44
CA HIS A 66 5.65 0.03 -15.54
C HIS A 66 4.41 -0.26 -14.71
N VAL A 67 4.37 0.27 -13.50
CA VAL A 67 3.28 -0.02 -12.57
C VAL A 67 2.62 1.25 -12.09
N GLY A 68 3.15 2.39 -12.53
CA GLY A 68 2.59 3.68 -12.19
C GLY A 68 1.14 3.82 -12.58
N SER A 69 0.74 3.15 -13.66
CA SER A 69 -0.64 3.19 -14.11
C SER A 69 -1.57 2.68 -13.00
N PHE A 70 -1.20 1.61 -12.33
CA PHE A 70 -1.98 1.13 -11.19
C PHE A 70 -1.68 1.91 -9.90
N ALA A 71 -0.40 2.08 -9.57
CA ALA A 71 0.02 2.80 -8.37
C ALA A 71 -0.57 4.22 -8.22
N ARG A 72 -0.84 4.92 -9.31
CA ARG A 72 -1.46 6.25 -9.21
C ARG A 72 -2.85 6.16 -8.57
N ASP A 73 -3.57 5.07 -8.84
CA ASP A 73 -4.90 4.90 -8.26
C ASP A 73 -4.79 4.51 -6.80
N LEU A 74 -3.74 3.76 -6.48
CA LEU A 74 -3.49 3.36 -5.10
C LEU A 74 -3.33 4.59 -4.22
N VAL A 75 -2.65 5.61 -4.73
CA VAL A 75 -2.49 6.86 -3.97
C VAL A 75 -3.83 7.60 -3.92
N ALA A 76 -4.59 7.54 -5.01
CA ALA A 76 -5.87 8.25 -5.09
C ALA A 76 -6.95 7.62 -4.19
N GLN A 77 -6.95 6.30 -4.07
CA GLN A 77 -7.94 5.62 -3.25
C GLN A 77 -7.61 5.86 -1.77
N TRP A 78 -6.33 5.88 -1.45
CA TRP A 78 -5.88 6.16 -0.08
C TRP A 78 -6.11 7.61 0.29
N LYS A 79 -6.20 8.47 -0.71
CA LYS A 79 -6.46 9.90 -0.51
C LYS A 79 -7.86 10.12 0.02
N LYS A 80 -8.74 9.15 -0.21
CA LYS A 80 -10.13 9.21 0.27
C LYS A 80 -10.22 8.89 1.76
N LEU A 81 -9.20 8.24 2.30
CA LEU A 81 -9.22 7.77 3.68
C LEU A 81 -8.75 8.85 4.64
N VAL A 82 -7.75 9.59 4.21
CA VAL A 82 -7.18 10.66 5.00
C VAL A 82 -8.10 11.87 4.89
N PRO A 83 -8.09 12.74 5.91
CA PRO A 83 -8.97 13.91 5.87
C PRO A 83 -8.49 14.93 4.84
N VAL A 84 -9.37 15.86 4.50
CA VAL A 84 -9.03 16.90 3.53
C VAL A 84 -8.04 17.88 4.13
N GLU A 85 -7.33 18.57 3.27
CA GLU A 85 -6.20 19.38 3.69
C GLU A 85 -5.97 20.58 2.79
N ARG A 86 -5.13 21.50 3.25
CA ARG A 86 -4.69 22.68 2.49
C ARG A 86 -5.81 23.44 1.75
N ASN A 87 -6.79 23.91 2.51
CA ASN A 87 -7.91 24.71 1.99
C ASN A 87 -8.74 24.00 0.92
N ALA A 88 -8.86 22.68 1.03
CA ALA A 88 -9.71 21.93 0.12
C ALA A 88 -11.15 22.39 0.36
N GLY A 89 -11.87 22.62 -0.73
CA GLY A 89 -13.22 23.16 -0.67
C GLY A 89 -13.28 24.21 -1.75
N SER A 90 -12.08 24.62 -2.14
CA SER A 90 -11.85 25.54 -3.24
C SER A 90 -10.70 24.88 -3.99
N SER A 1 -21.80 -0.13 10.73
CA SER A 1 -20.49 -0.65 11.21
C SER A 1 -20.67 -1.31 12.56
N ASN A 2 -19.64 -1.94 13.09
CA ASN A 2 -19.67 -2.57 14.40
C ASN A 2 -18.35 -2.26 15.06
N ALA A 3 -18.34 -2.16 16.38
CA ALA A 3 -17.12 -1.85 17.14
C ALA A 3 -16.95 -2.94 18.22
N ALA A 4 -16.40 -4.07 17.80
CA ALA A 4 -16.19 -5.20 18.70
C ALA A 4 -14.99 -5.98 18.16
N SER A 5 -14.35 -6.77 19.02
CA SER A 5 -13.20 -7.57 18.62
C SER A 5 -13.61 -8.61 17.57
N ALA A 6 -12.84 -8.70 16.50
CA ALA A 6 -13.11 -9.62 15.41
C ALA A 6 -11.78 -9.83 14.68
N MET A 7 -11.75 -10.84 13.81
CA MET A 7 -10.58 -11.13 12.95
C MET A 7 -9.28 -11.31 13.75
N ALA A 8 -9.33 -12.13 14.80
CA ALA A 8 -8.15 -12.41 15.62
C ALA A 8 -7.20 -13.38 14.89
N ALA A 9 -6.50 -12.86 13.89
CA ALA A 9 -5.56 -13.61 13.07
C ALA A 9 -4.63 -12.58 12.44
N GLU A 10 -4.08 -12.91 11.28
CA GLU A 10 -3.21 -12.00 10.54
C GLU A 10 -4.01 -10.76 10.10
N SER A 11 -3.83 -9.68 10.81
CA SER A 11 -4.51 -8.43 10.52
C SER A 11 -3.92 -7.77 9.28
N ALA A 12 -4.66 -6.81 8.72
CA ALA A 12 -4.21 -6.07 7.55
C ALA A 12 -2.84 -5.47 7.74
N LEU A 13 -2.54 -5.06 8.97
CA LEU A 13 -1.26 -4.46 9.28
C LEU A 13 -0.10 -5.45 9.08
N GLN A 14 -0.28 -6.69 9.48
CA GLN A 14 0.81 -7.64 9.34
C GLN A 14 1.10 -7.87 7.85
N VAL A 15 0.04 -7.88 7.07
CA VAL A 15 0.15 -8.15 5.63
C VAL A 15 0.70 -6.95 4.83
N VAL A 16 0.22 -5.74 5.09
CA VAL A 16 0.73 -4.55 4.41
C VAL A 16 2.25 -4.42 4.61
N GLU A 17 2.74 -4.69 5.82
CA GLU A 17 4.14 -4.48 6.12
C GLU A 17 5.00 -5.43 5.32
N LYS A 18 4.60 -6.69 5.31
CA LYS A 18 5.38 -7.73 4.65
C LYS A 18 5.39 -7.49 3.15
N LEU A 19 4.34 -6.89 2.63
CA LEU A 19 4.31 -6.53 1.21
C LEU A 19 5.20 -5.34 0.92
N GLN A 20 5.16 -4.32 1.78
CA GLN A 20 5.95 -3.12 1.57
C GLN A 20 7.43 -3.45 1.62
N ALA A 21 7.80 -4.41 2.46
CA ALA A 21 9.18 -4.88 2.50
C ALA A 21 9.57 -5.42 1.12
N ARG A 22 8.65 -6.14 0.47
CA ARG A 22 8.93 -6.70 -0.85
C ARG A 22 8.91 -5.61 -1.93
N LEU A 23 8.28 -4.48 -1.65
CA LEU A 23 8.27 -3.35 -2.58
C LEU A 23 9.62 -2.66 -2.60
N ALA A 24 10.24 -2.53 -1.43
CA ALA A 24 11.55 -1.88 -1.36
C ALA A 24 12.57 -2.78 -2.08
N ALA A 25 12.44 -4.07 -1.83
CA ALA A 25 13.29 -5.09 -2.44
C ALA A 25 12.82 -5.45 -3.86
N ASN A 26 12.13 -4.53 -4.53
CA ASN A 26 11.50 -4.77 -5.85
C ASN A 26 12.22 -5.77 -6.78
N PRO A 27 11.66 -6.99 -6.92
CA PRO A 27 12.22 -8.05 -7.78
C PRO A 27 11.86 -8.04 -9.26
N ASP A 28 10.77 -7.38 -9.61
CA ASP A 28 10.27 -7.32 -10.99
C ASP A 28 9.19 -6.27 -11.04
N PRO A 29 8.98 -5.60 -12.18
CA PRO A 29 7.85 -4.67 -12.25
C PRO A 29 6.55 -5.46 -12.34
N LYS A 30 6.67 -6.67 -12.84
CA LYS A 30 5.54 -7.59 -12.98
C LYS A 30 5.03 -7.95 -11.59
N LYS A 31 5.99 -8.18 -10.69
CA LYS A 31 5.70 -8.53 -9.31
C LYS A 31 5.26 -7.28 -8.54
N LEU A 32 5.82 -6.12 -8.89
CA LEU A 32 5.38 -4.86 -8.27
C LEU A 32 3.89 -4.62 -8.48
N LEU A 33 3.38 -4.84 -9.68
CA LEU A 33 1.96 -4.66 -9.93
C LEU A 33 1.15 -5.65 -9.07
N LYS A 34 1.62 -6.88 -8.99
CA LYS A 34 0.98 -7.91 -8.16
C LYS A 34 0.89 -7.44 -6.71
N TYR A 35 1.94 -6.80 -6.21
CA TYR A 35 1.95 -6.31 -4.83
C TYR A 35 0.92 -5.20 -4.64
N LEU A 36 0.89 -4.27 -5.58
CA LEU A 36 -0.04 -3.15 -5.49
C LEU A 36 -1.48 -3.67 -5.43
N LYS A 37 -1.78 -4.65 -6.27
CA LYS A 37 -3.12 -5.24 -6.29
C LYS A 37 -3.47 -5.85 -4.94
N LYS A 38 -2.50 -6.38 -4.22
CA LYS A 38 -2.75 -6.96 -2.90
C LYS A 38 -2.97 -5.84 -1.89
N LEU A 39 -2.22 -4.74 -1.99
CA LEU A 39 -2.37 -3.66 -1.03
C LEU A 39 -3.75 -3.01 -1.20
N SER A 40 -4.23 -2.99 -2.43
CA SER A 40 -5.54 -2.43 -2.72
C SER A 40 -6.69 -3.18 -2.07
N THR A 41 -6.57 -4.51 -2.00
CA THR A 41 -7.66 -5.35 -1.47
C THR A 41 -7.60 -5.55 0.04
N LEU A 42 -6.60 -5.01 0.72
CA LEU A 42 -6.54 -5.12 2.17
C LEU A 42 -7.35 -3.92 2.69
N PRO A 43 -8.02 -4.07 3.84
CA PRO A 43 -8.74 -2.96 4.45
C PRO A 43 -7.76 -1.96 5.09
N ILE A 44 -7.13 -1.17 4.24
CA ILE A 44 -6.17 -0.17 4.66
C ILE A 44 -6.88 0.95 5.36
N THR A 45 -6.33 1.38 6.48
CA THR A 45 -6.90 2.47 7.23
C THR A 45 -5.87 3.58 7.38
N VAL A 46 -6.29 4.71 7.92
CA VAL A 46 -5.39 5.85 8.10
C VAL A 46 -4.27 5.50 9.08
N ASP A 47 -4.59 4.65 10.05
CA ASP A 47 -3.63 4.22 11.05
C ASP A 47 -2.57 3.37 10.37
N ILE A 48 -2.99 2.47 9.50
CA ILE A 48 -2.06 1.62 8.79
C ILE A 48 -1.15 2.49 7.93
N LEU A 49 -1.71 3.45 7.22
CA LEU A 49 -0.92 4.30 6.34
C LEU A 49 0.14 5.07 7.12
N ALA A 50 -0.24 5.48 8.32
CA ALA A 50 0.65 6.25 9.17
C ALA A 50 1.82 5.42 9.67
N GLU A 51 1.55 4.21 10.16
CA GLU A 51 2.61 3.39 10.76
C GLU A 51 3.54 2.82 9.70
N THR A 52 2.96 2.25 8.67
CA THR A 52 3.71 1.59 7.62
C THR A 52 4.44 2.60 6.75
N GLY A 53 3.73 3.67 6.42
CA GLY A 53 4.32 4.71 5.59
C GLY A 53 4.22 4.21 4.17
N VAL A 54 3.36 3.22 3.98
CA VAL A 54 3.15 2.60 2.70
C VAL A 54 2.69 3.62 1.67
N GLY A 55 2.03 4.68 2.13
CA GLY A 55 1.60 5.74 1.23
C GLY A 55 2.79 6.42 0.56
N LYS A 56 3.91 6.51 1.28
CA LYS A 56 5.12 7.13 0.76
C LYS A 56 5.71 6.21 -0.31
N THR A 57 5.71 4.93 0.00
CA THR A 57 6.24 3.89 -0.88
C THR A 57 5.49 3.81 -2.21
N VAL A 58 4.17 3.71 -2.15
CA VAL A 58 3.36 3.58 -3.36
C VAL A 58 3.40 4.88 -4.17
N ASN A 59 3.48 6.02 -3.48
CA ASN A 59 3.62 7.30 -4.17
C ASN A 59 4.91 7.34 -4.99
N SER A 60 5.99 6.75 -4.47
CA SER A 60 7.26 6.71 -5.21
C SER A 60 7.11 5.81 -6.45
N LEU A 61 6.40 4.70 -6.30
CA LEU A 61 6.19 3.76 -7.40
C LEU A 61 5.46 4.37 -8.59
N ARG A 62 4.76 5.48 -8.38
CA ARG A 62 4.08 6.18 -9.49
C ARG A 62 5.05 6.60 -10.59
N LYS A 63 6.31 6.83 -10.24
CA LYS A 63 7.32 7.25 -11.22
C LYS A 63 7.77 6.09 -12.11
N HIS A 64 7.55 4.86 -11.68
CA HIS A 64 7.97 3.70 -12.44
C HIS A 64 6.83 3.40 -13.41
N GLU A 65 6.98 3.87 -14.64
CA GLU A 65 5.96 3.76 -15.69
C GLU A 65 5.25 2.39 -15.75
N HIS A 66 6.01 1.33 -15.52
CA HIS A 66 5.48 -0.03 -15.56
C HIS A 66 4.27 -0.27 -14.68
N VAL A 67 4.29 0.33 -13.49
CA VAL A 67 3.26 0.10 -12.50
C VAL A 67 2.65 1.39 -11.99
N GLY A 68 3.19 2.52 -12.44
CA GLY A 68 2.70 3.82 -12.04
C GLY A 68 1.25 4.04 -12.37
N SER A 69 0.80 3.45 -13.48
CA SER A 69 -0.59 3.55 -13.89
C SER A 69 -1.53 2.98 -12.83
N PHE A 70 -1.15 1.86 -12.23
CA PHE A 70 -1.93 1.29 -11.13
C PHE A 70 -1.63 2.01 -9.81
N ALA A 71 -0.36 2.22 -9.50
CA ALA A 71 0.05 2.93 -8.29
C ALA A 71 -0.62 4.30 -8.08
N ARG A 72 -0.88 5.06 -9.14
CA ARG A 72 -1.54 6.36 -8.97
C ARG A 72 -2.96 6.18 -8.45
N ASP A 73 -3.62 5.09 -8.83
CA ASP A 73 -4.97 4.84 -8.37
C ASP A 73 -4.92 4.36 -6.92
N LEU A 74 -3.87 3.63 -6.60
CA LEU A 74 -3.65 3.15 -5.24
C LEU A 74 -3.50 4.34 -4.29
N VAL A 75 -2.77 5.36 -4.71
CA VAL A 75 -2.59 6.56 -3.90
C VAL A 75 -3.94 7.28 -3.80
N ALA A 76 -4.71 7.30 -4.87
CA ALA A 76 -6.01 7.95 -4.87
C ALA A 76 -6.98 7.24 -3.91
N GLN A 77 -6.95 5.91 -3.90
CA GLN A 77 -7.81 5.12 -3.02
C GLN A 77 -7.47 5.42 -1.56
N TRP A 78 -6.21 5.72 -1.29
CA TRP A 78 -5.76 6.04 0.06
C TRP A 78 -6.00 7.51 0.43
N LYS A 79 -5.97 8.40 -0.54
CA LYS A 79 -6.22 9.82 -0.31
C LYS A 79 -7.59 10.12 0.23
N LYS A 80 -8.57 9.33 -0.17
CA LYS A 80 -9.94 9.53 0.31
C LYS A 80 -10.15 8.99 1.73
N LEU A 81 -9.15 8.31 2.29
CA LEU A 81 -9.26 7.76 3.64
C LEU A 81 -8.85 8.81 4.66
N VAL A 82 -7.76 9.51 4.35
CA VAL A 82 -7.23 10.54 5.22
C VAL A 82 -8.02 11.84 4.96
N PRO A 83 -8.13 12.70 5.98
CA PRO A 83 -8.94 13.91 5.85
C PRO A 83 -8.31 14.99 4.97
N VAL A 84 -9.08 16.04 4.73
CA VAL A 84 -8.69 17.19 3.97
C VAL A 84 -9.15 18.40 4.79
N GLU A 85 -8.61 19.56 4.46
CA GLU A 85 -8.96 20.81 5.16
C GLU A 85 -9.44 21.80 4.11
N ARG A 86 -10.05 22.90 4.55
CA ARG A 86 -10.52 23.93 3.63
C ARG A 86 -10.30 25.30 4.25
N ASN A 87 -9.87 26.25 3.45
CA ASN A 87 -9.66 27.63 3.87
C ASN A 87 -10.20 28.42 2.69
N ALA A 88 -10.63 29.65 2.90
CA ALA A 88 -11.23 30.50 1.86
C ALA A 88 -12.37 29.75 1.12
N GLY A 89 -13.14 28.98 1.89
CA GLY A 89 -14.22 28.19 1.32
C GLY A 89 -15.55 28.91 1.29
N SER A 90 -15.55 30.11 1.86
CA SER A 90 -16.72 30.98 1.94
C SER A 90 -16.09 32.32 2.26
N SER A 1 9.22 -29.68 5.64
CA SER A 1 8.12 -29.15 4.79
C SER A 1 7.92 -27.68 5.08
N ASN A 2 6.97 -27.04 4.40
CA ASN A 2 6.72 -25.60 4.58
C ASN A 2 6.19 -25.27 5.97
N ALA A 3 5.55 -26.24 6.61
CA ALA A 3 4.92 -26.07 7.92
C ALA A 3 3.83 -24.98 7.86
N ALA A 4 3.43 -24.48 9.03
CA ALA A 4 2.40 -23.43 9.16
C ALA A 4 1.08 -23.79 8.43
N SER A 5 0.85 -25.07 8.22
CA SER A 5 -0.32 -25.55 7.49
C SER A 5 -1.54 -25.67 8.41
N ALA A 6 -2.19 -24.55 8.67
CA ALA A 6 -3.37 -24.49 9.51
C ALA A 6 -4.23 -23.34 9.04
N MET A 7 -5.46 -23.30 9.52
CA MET A 7 -6.45 -22.28 9.13
C MET A 7 -6.25 -20.97 9.92
N ALA A 8 -5.02 -20.48 9.94
CA ALA A 8 -4.71 -19.23 10.61
C ALA A 8 -5.11 -18.07 9.69
N ALA A 9 -5.26 -16.89 10.27
CA ALA A 9 -5.61 -15.70 9.50
C ALA A 9 -4.70 -14.56 9.94
N GLU A 10 -4.78 -13.44 9.25
CA GLU A 10 -3.87 -12.34 9.48
C GLU A 10 -4.53 -10.98 9.57
N SER A 11 -3.95 -10.11 10.39
CA SER A 11 -4.41 -8.73 10.49
C SER A 11 -3.88 -7.98 9.27
N ALA A 12 -4.63 -7.00 8.78
CA ALA A 12 -4.20 -6.21 7.62
C ALA A 12 -2.83 -5.59 7.83
N LEU A 13 -2.53 -5.18 9.05
CA LEU A 13 -1.23 -4.56 9.33
C LEU A 13 -0.07 -5.54 9.12
N GLN A 14 -0.25 -6.78 9.53
CA GLN A 14 0.83 -7.73 9.39
C GLN A 14 1.08 -7.99 7.90
N VAL A 15 0.01 -8.00 7.13
CA VAL A 15 0.13 -8.25 5.70
C VAL A 15 0.67 -7.05 4.94
N VAL A 16 0.13 -5.86 5.18
CA VAL A 16 0.56 -4.66 4.46
C VAL A 16 2.06 -4.50 4.62
N GLU A 17 2.58 -4.73 5.82
CA GLU A 17 3.98 -4.51 6.09
C GLU A 17 4.90 -5.47 5.39
N LYS A 18 4.52 -6.73 5.44
CA LYS A 18 5.38 -7.80 4.96
C LYS A 18 5.42 -7.74 3.45
N LEU A 19 4.33 -7.27 2.90
CA LEU A 19 4.18 -7.01 1.50
C LEU A 19 4.96 -5.74 1.09
N GLN A 20 4.96 -4.72 1.93
CA GLN A 20 5.63 -3.44 1.67
C GLN A 20 7.15 -3.56 1.56
N ALA A 21 7.76 -4.36 2.42
CA ALA A 21 9.20 -4.57 2.36
C ALA A 21 9.64 -5.10 0.99
N ARG A 22 8.77 -5.87 0.35
CA ARG A 22 9.06 -6.47 -0.95
C ARG A 22 9.02 -5.46 -2.07
N LEU A 23 8.35 -4.34 -1.84
CA LEU A 23 8.24 -3.28 -2.82
C LEU A 23 9.58 -2.54 -2.92
N ALA A 24 10.17 -2.28 -1.77
CA ALA A 24 11.43 -1.57 -1.67
C ALA A 24 12.57 -2.44 -2.24
N ALA A 25 12.39 -3.74 -2.11
CA ALA A 25 13.31 -4.75 -2.62
C ALA A 25 12.89 -5.21 -4.03
N ASN A 26 12.17 -4.36 -4.74
CA ASN A 26 11.52 -4.71 -6.02
C ASN A 26 12.22 -5.80 -6.88
N PRO A 27 11.65 -7.01 -6.92
CA PRO A 27 12.20 -8.13 -7.70
C PRO A 27 11.83 -8.21 -9.19
N ASP A 28 10.78 -7.50 -9.56
CA ASP A 28 10.29 -7.43 -10.94
C ASP A 28 9.22 -6.38 -10.92
N PRO A 29 9.00 -5.66 -12.03
CA PRO A 29 7.87 -4.74 -12.04
C PRO A 29 6.57 -5.53 -12.22
N LYS A 30 6.70 -6.73 -12.77
CA LYS A 30 5.58 -7.65 -12.94
C LYS A 30 5.07 -8.02 -11.55
N LYS A 31 6.01 -8.23 -10.65
CA LYS A 31 5.72 -8.57 -9.25
C LYS A 31 5.25 -7.33 -8.50
N LEU A 32 5.79 -6.17 -8.83
CA LEU A 32 5.32 -4.91 -8.22
C LEU A 32 3.82 -4.69 -8.47
N LEU A 33 3.35 -4.97 -9.68
CA LEU A 33 1.92 -4.81 -9.95
C LEU A 33 1.11 -5.75 -9.07
N LYS A 34 1.58 -6.98 -8.91
CA LYS A 34 0.90 -7.97 -8.05
C LYS A 34 0.83 -7.43 -6.63
N TYR A 35 1.90 -6.81 -6.16
CA TYR A 35 1.93 -6.27 -4.81
C TYR A 35 0.92 -5.16 -4.63
N LEU A 36 0.87 -4.24 -5.60
CA LEU A 36 -0.03 -3.10 -5.50
C LEU A 36 -1.47 -3.60 -5.44
N LYS A 37 -1.80 -4.58 -6.26
CA LYS A 37 -3.14 -5.15 -6.27
C LYS A 37 -3.48 -5.77 -4.91
N LYS A 38 -2.49 -6.31 -4.22
CA LYS A 38 -2.72 -6.89 -2.91
C LYS A 38 -2.92 -5.77 -1.87
N LEU A 39 -2.19 -4.67 -1.96
CA LEU A 39 -2.35 -3.59 -1.00
C LEU A 39 -3.74 -2.99 -1.16
N SER A 40 -4.21 -2.93 -2.40
CA SER A 40 -5.51 -2.37 -2.72
C SER A 40 -6.68 -3.13 -2.08
N THR A 41 -6.55 -4.45 -1.99
CA THR A 41 -7.64 -5.29 -1.47
C THR A 41 -7.59 -5.52 0.03
N LEU A 42 -6.59 -4.99 0.73
CA LEU A 42 -6.55 -5.12 2.18
C LEU A 42 -7.35 -3.92 2.70
N PRO A 43 -8.01 -4.08 3.86
CA PRO A 43 -8.75 -2.97 4.46
C PRO A 43 -7.78 -1.96 5.10
N ILE A 44 -7.19 -1.13 4.25
CA ILE A 44 -6.24 -0.12 4.69
C ILE A 44 -6.96 1.00 5.38
N THR A 45 -6.39 1.45 6.48
CA THR A 45 -6.93 2.55 7.22
C THR A 45 -5.84 3.60 7.39
N VAL A 46 -6.18 4.77 7.90
CA VAL A 46 -5.18 5.82 8.10
C VAL A 46 -4.19 5.41 9.17
N ASP A 47 -4.65 4.61 10.12
CA ASP A 47 -3.79 4.13 11.20
C ASP A 47 -2.74 3.21 10.60
N ILE A 48 -3.15 2.37 9.67
CA ILE A 48 -2.22 1.46 9.01
C ILE A 48 -1.22 2.30 8.23
N LEU A 49 -1.70 3.26 7.45
CA LEU A 49 -0.81 4.06 6.59
C LEU A 49 0.25 4.80 7.37
N ALA A 50 -0.13 5.26 8.56
CA ALA A 50 0.76 6.01 9.42
C ALA A 50 1.94 5.17 9.91
N GLU A 51 1.68 3.93 10.31
CA GLU A 51 2.74 3.08 10.88
C GLU A 51 3.62 2.47 9.79
N THR A 52 2.98 2.13 8.68
CA THR A 52 3.64 1.46 7.57
C THR A 52 4.44 2.37 6.66
N GLY A 53 3.88 3.53 6.36
CA GLY A 53 4.55 4.47 5.49
C GLY A 53 4.33 4.09 4.04
N VAL A 54 3.45 3.13 3.81
CA VAL A 54 3.12 2.70 2.43
C VAL A 54 2.69 3.88 1.57
N GLY A 55 2.08 4.89 2.19
CA GLY A 55 1.65 6.06 1.44
C GLY A 55 2.82 6.73 0.74
N LYS A 56 4.00 6.67 1.35
CA LYS A 56 5.21 7.25 0.76
C LYS A 56 5.70 6.28 -0.31
N THR A 57 5.79 5.00 0.05
CA THR A 57 6.28 3.94 -0.84
C THR A 57 5.54 3.84 -2.17
N VAL A 58 4.22 3.78 -2.12
CA VAL A 58 3.42 3.62 -3.33
C VAL A 58 3.45 4.90 -4.16
N ASN A 59 3.52 6.06 -3.52
CA ASN A 59 3.60 7.31 -4.27
C ASN A 59 4.92 7.37 -5.03
N SER A 60 5.99 6.87 -4.43
CA SER A 60 7.29 6.79 -5.10
C SER A 60 7.26 5.79 -6.26
N LEU A 61 6.51 4.71 -6.08
CA LEU A 61 6.38 3.69 -7.12
C LEU A 61 5.75 4.22 -8.39
N ARG A 62 5.04 5.33 -8.32
CA ARG A 62 4.42 5.93 -9.51
C ARG A 62 5.45 6.27 -10.59
N LYS A 63 6.71 6.45 -10.20
CA LYS A 63 7.79 6.75 -11.14
C LYS A 63 8.14 5.54 -12.03
N HIS A 64 7.74 4.36 -11.62
CA HIS A 64 8.05 3.13 -12.35
C HIS A 64 6.95 3.03 -13.39
N GLU A 65 7.22 3.49 -14.59
CA GLU A 65 6.22 3.57 -15.68
C GLU A 65 5.30 2.36 -15.80
N HIS A 66 5.87 1.17 -15.62
CA HIS A 66 5.15 -0.08 -15.82
C HIS A 66 4.02 -0.30 -14.83
N VAL A 67 4.21 0.18 -13.62
CA VAL A 67 3.21 0.00 -12.56
C VAL A 67 2.64 1.32 -12.06
N GLY A 68 3.17 2.42 -12.55
CA GLY A 68 2.74 3.73 -12.11
C GLY A 68 1.29 4.00 -12.43
N SER A 69 0.81 3.44 -13.53
CA SER A 69 -0.57 3.59 -13.94
C SER A 69 -1.50 3.03 -12.86
N PHE A 70 -1.14 1.91 -12.27
CA PHE A 70 -1.91 1.35 -11.16
C PHE A 70 -1.61 2.04 -9.82
N ALA A 71 -0.33 2.24 -9.53
CA ALA A 71 0.10 2.92 -8.30
C ALA A 71 -0.55 4.29 -8.07
N ARG A 72 -0.78 5.09 -9.11
CA ARG A 72 -1.44 6.39 -8.92
C ARG A 72 -2.88 6.21 -8.44
N ASP A 73 -3.51 5.12 -8.83
CA ASP A 73 -4.89 4.84 -8.42
C ASP A 73 -4.88 4.37 -6.97
N LEU A 74 -3.81 3.66 -6.61
CA LEU A 74 -3.63 3.19 -5.25
C LEU A 74 -3.53 4.39 -4.30
N VAL A 75 -2.77 5.41 -4.70
CA VAL A 75 -2.65 6.62 -3.89
C VAL A 75 -4.00 7.33 -3.87
N ALA A 76 -4.71 7.30 -4.99
CA ALA A 76 -6.03 7.93 -5.07
C ALA A 76 -7.04 7.24 -4.14
N GLN A 77 -6.96 5.92 -4.01
CA GLN A 77 -7.86 5.21 -3.12
C GLN A 77 -7.54 5.57 -1.66
N TRP A 78 -6.26 5.77 -1.37
CA TRP A 78 -5.85 6.14 -0.02
C TRP A 78 -6.15 7.60 0.31
N LYS A 79 -6.30 8.42 -0.71
CA LYS A 79 -6.65 9.84 -0.52
C LYS A 79 -8.07 9.96 0.00
N LYS A 80 -8.88 8.93 -0.23
CA LYS A 80 -10.26 8.90 0.25
C LYS A 80 -10.34 8.56 1.73
N LEU A 81 -9.24 8.06 2.29
CA LEU A 81 -9.22 7.63 3.69
C LEU A 81 -8.74 8.74 4.61
N VAL A 82 -7.72 9.45 4.15
CA VAL A 82 -7.12 10.51 4.94
C VAL A 82 -8.07 11.69 5.07
N PRO A 83 -8.04 12.38 6.21
CA PRO A 83 -8.93 13.54 6.38
C PRO A 83 -8.55 14.65 5.41
N VAL A 84 -9.56 15.36 4.94
CA VAL A 84 -9.37 16.39 3.91
C VAL A 84 -8.49 17.53 4.38
N GLU A 85 -7.45 17.78 3.59
CA GLU A 85 -6.48 18.86 3.78
C GLU A 85 -5.92 19.01 5.21
N ARG A 86 -5.82 17.90 5.92
CA ARG A 86 -5.25 17.91 7.27
C ARG A 86 -3.73 17.94 7.14
N ASN A 87 -3.20 19.15 6.94
CA ASN A 87 -1.77 19.34 6.82
C ASN A 87 -1.07 19.02 8.13
N ALA A 88 0.19 18.59 8.04
CA ALA A 88 1.00 18.23 9.19
C ALA A 88 2.45 18.44 8.75
N GLY A 89 3.38 18.38 9.69
CA GLY A 89 4.78 18.51 9.36
C GLY A 89 5.30 17.22 8.78
N SER A 90 6.39 17.28 8.04
CA SER A 90 7.02 16.12 7.41
C SER A 90 8.43 16.57 7.08
N SER A 1 -4.29 -12.54 28.41
CA SER A 1 -4.08 -13.69 27.50
C SER A 1 -5.00 -14.85 27.89
N ASN A 2 -4.49 -15.77 28.72
CA ASN A 2 -5.17 -17.02 29.14
C ASN A 2 -5.17 -18.05 28.01
N ALA A 3 -5.29 -19.32 28.36
CA ALA A 3 -5.32 -20.39 27.36
C ALA A 3 -6.69 -20.41 26.71
N ALA A 4 -6.74 -20.87 25.46
CA ALA A 4 -7.99 -20.99 24.68
C ALA A 4 -8.79 -19.67 24.69
N SER A 5 -8.09 -18.56 24.54
CA SER A 5 -8.71 -17.24 24.59
C SER A 5 -8.18 -16.40 23.44
N ALA A 6 -9.09 -15.66 22.82
CA ALA A 6 -8.81 -14.82 21.65
C ALA A 6 -8.24 -15.65 20.47
N MET A 7 -7.66 -14.96 19.50
CA MET A 7 -7.12 -15.62 18.30
C MET A 7 -6.11 -14.65 17.71
N ALA A 8 -5.29 -15.13 16.77
CA ALA A 8 -4.30 -14.29 16.10
C ALA A 8 -4.14 -14.80 14.67
N ALA A 9 -3.92 -13.88 13.75
CA ALA A 9 -3.72 -14.18 12.34
C ALA A 9 -3.01 -12.95 11.78
N GLU A 10 -2.55 -13.01 10.54
CA GLU A 10 -1.92 -11.82 9.94
C GLU A 10 -3.02 -10.81 9.60
N SER A 11 -3.12 -9.75 10.39
CA SER A 11 -4.11 -8.71 10.15
C SER A 11 -3.70 -7.94 8.90
N ALA A 12 -4.61 -7.11 8.39
CA ALA A 12 -4.33 -6.32 7.19
C ALA A 12 -3.04 -5.53 7.35
N LEU A 13 -2.80 -5.03 8.55
CA LEU A 13 -1.61 -4.27 8.87
C LEU A 13 -0.36 -5.11 8.57
N GLN A 14 -0.31 -6.32 9.12
CA GLN A 14 0.90 -7.14 8.97
C GLN A 14 1.13 -7.57 7.53
N VAL A 15 0.05 -7.76 6.79
CA VAL A 15 0.17 -8.20 5.41
C VAL A 15 0.71 -7.06 4.56
N VAL A 16 0.17 -5.86 4.75
CA VAL A 16 0.68 -4.68 4.05
C VAL A 16 2.13 -4.47 4.39
N GLU A 17 2.47 -4.62 5.66
CA GLU A 17 3.83 -4.39 6.10
C GLU A 17 4.81 -5.27 5.31
N LYS A 18 4.49 -6.55 5.26
CA LYS A 18 5.38 -7.54 4.67
C LYS A 18 5.46 -7.33 3.17
N LEU A 19 4.40 -6.82 2.58
CA LEU A 19 4.41 -6.50 1.16
C LEU A 19 5.28 -5.29 0.91
N GLN A 20 5.22 -4.29 1.76
CA GLN A 20 6.01 -3.08 1.58
C GLN A 20 7.50 -3.44 1.60
N ALA A 21 7.88 -4.35 2.48
CA ALA A 21 9.26 -4.83 2.50
C ALA A 21 9.63 -5.40 1.13
N ARG A 22 8.69 -6.12 0.51
CA ARG A 22 8.94 -6.70 -0.83
C ARG A 22 8.94 -5.62 -1.92
N LEU A 23 8.33 -4.48 -1.65
CA LEU A 23 8.32 -3.35 -2.60
C LEU A 23 9.65 -2.64 -2.62
N ALA A 24 10.25 -2.47 -1.45
CA ALA A 24 11.54 -1.79 -1.36
C ALA A 24 12.59 -2.66 -2.07
N ALA A 25 12.49 -3.95 -1.84
CA ALA A 25 13.37 -4.95 -2.45
C ALA A 25 12.92 -5.33 -3.87
N ASN A 26 12.20 -4.42 -4.54
CA ASN A 26 11.56 -4.65 -5.84
C ASN A 26 12.26 -5.71 -6.76
N PRO A 27 11.65 -6.91 -6.88
CA PRO A 27 12.19 -8.01 -7.71
C PRO A 27 11.80 -8.03 -9.19
N ASP A 28 10.75 -7.30 -9.54
CA ASP A 28 10.25 -7.20 -10.92
C ASP A 28 9.15 -6.16 -10.90
N PRO A 29 8.93 -5.44 -12.00
CA PRO A 29 7.79 -4.53 -11.99
C PRO A 29 6.49 -5.30 -12.15
N LYS A 30 6.58 -6.49 -12.72
CA LYS A 30 5.42 -7.37 -12.88
C LYS A 30 4.97 -7.79 -11.48
N LYS A 31 5.95 -8.04 -10.62
CA LYS A 31 5.70 -8.45 -9.24
C LYS A 31 5.26 -7.23 -8.43
N LEU A 32 5.79 -6.06 -8.75
CA LEU A 32 5.37 -4.82 -8.08
C LEU A 32 3.88 -4.56 -8.24
N LEU A 33 3.35 -4.74 -9.45
CA LEU A 33 1.92 -4.53 -9.67
C LEU A 33 1.13 -5.55 -8.84
N LYS A 34 1.61 -6.78 -8.80
CA LYS A 34 0.97 -7.84 -7.99
C LYS A 34 0.91 -7.43 -6.52
N TYR A 35 1.98 -6.83 -6.02
CA TYR A 35 1.99 -6.38 -4.63
C TYR A 35 0.98 -5.27 -4.41
N LEU A 36 0.94 -4.31 -5.33
CA LEU A 36 0.02 -3.18 -5.21
C LEU A 36 -1.42 -3.68 -5.15
N LYS A 37 -1.76 -4.65 -5.98
CA LYS A 37 -3.10 -5.24 -5.99
C LYS A 37 -3.42 -5.89 -4.65
N LYS A 38 -2.42 -6.41 -3.96
CA LYS A 38 -2.65 -6.98 -2.64
C LYS A 38 -2.88 -5.88 -1.59
N LEU A 39 -2.21 -4.73 -1.70
CA LEU A 39 -2.42 -3.65 -0.72
C LEU A 39 -3.86 -3.14 -0.90
N SER A 40 -4.30 -3.06 -2.15
CA SER A 40 -5.62 -2.52 -2.48
C SER A 40 -6.80 -3.40 -2.11
N THR A 41 -6.57 -4.70 -1.92
CA THR A 41 -7.66 -5.62 -1.61
C THR A 41 -7.80 -5.85 -0.11
N LEU A 42 -6.93 -5.22 0.67
CA LEU A 42 -7.00 -5.32 2.13
C LEU A 42 -7.73 -4.08 2.62
N PRO A 43 -8.42 -4.18 3.77
CA PRO A 43 -9.09 -3.00 4.34
C PRO A 43 -8.09 -2.01 4.94
N ILE A 44 -7.59 -1.12 4.10
CA ILE A 44 -6.62 -0.13 4.52
C ILE A 44 -7.28 0.97 5.32
N THR A 45 -6.62 1.31 6.43
CA THR A 45 -7.08 2.37 7.28
C THR A 45 -5.99 3.41 7.39
N VAL A 46 -6.30 4.58 7.91
CA VAL A 46 -5.30 5.63 8.08
C VAL A 46 -4.24 5.17 9.08
N ASP A 47 -4.66 4.32 10.01
CA ASP A 47 -3.78 3.73 11.01
C ASP A 47 -2.73 2.86 10.33
N ILE A 48 -3.17 2.03 9.39
CA ILE A 48 -2.23 1.18 8.68
C ILE A 48 -1.27 2.05 7.88
N LEU A 49 -1.81 3.05 7.18
CA LEU A 49 -0.97 3.89 6.31
C LEU A 49 0.13 4.57 7.08
N ALA A 50 -0.21 4.99 8.29
CA ALA A 50 0.72 5.71 9.14
C ALA A 50 1.91 4.85 9.54
N GLU A 51 1.66 3.61 9.96
CA GLU A 51 2.73 2.76 10.46
C GLU A 51 3.55 2.15 9.34
N THR A 52 2.86 1.76 8.28
CA THR A 52 3.53 1.09 7.16
C THR A 52 4.30 2.10 6.31
N GLY A 53 3.77 3.31 6.14
CA GLY A 53 4.53 4.38 5.51
C GLY A 53 4.42 4.22 4.01
N VAL A 54 3.58 3.27 3.66
CA VAL A 54 3.28 2.91 2.30
C VAL A 54 2.80 4.06 1.44
N GLY A 55 2.19 5.08 2.03
CA GLY A 55 1.76 6.23 1.26
C GLY A 55 2.95 6.85 0.54
N LYS A 56 4.12 6.78 1.16
CA LYS A 56 5.34 7.31 0.56
C LYS A 56 5.86 6.31 -0.48
N THR A 57 5.84 5.04 -0.10
CA THR A 57 6.33 3.96 -0.96
C THR A 57 5.57 3.84 -2.28
N VAL A 58 4.26 3.69 -2.23
CA VAL A 58 3.47 3.55 -3.46
C VAL A 58 3.52 4.85 -4.30
N ASN A 59 3.58 6.00 -3.64
CA ASN A 59 3.68 7.27 -4.38
C ASN A 59 5.00 7.33 -5.14
N SER A 60 6.05 6.79 -4.55
CA SER A 60 7.35 6.75 -5.21
C SER A 60 7.31 5.79 -6.40
N LEU A 61 6.55 4.71 -6.25
CA LEU A 61 6.44 3.70 -7.30
C LEU A 61 5.67 4.18 -8.53
N ARG A 62 4.80 5.18 -8.41
CA ARG A 62 4.05 5.64 -9.58
C ARG A 62 4.93 6.34 -10.62
N LYS A 63 6.19 6.57 -10.26
CA LYS A 63 7.18 7.13 -11.19
C LYS A 63 7.57 6.07 -12.24
N HIS A 64 7.35 4.80 -11.92
CA HIS A 64 7.75 3.70 -12.78
C HIS A 64 6.63 3.56 -13.79
N GLU A 65 6.94 3.69 -15.07
CA GLU A 65 5.93 3.65 -16.14
C GLU A 65 5.01 2.43 -16.06
N HIS A 66 5.60 1.29 -15.76
CA HIS A 66 4.87 0.01 -15.83
C HIS A 66 3.78 -0.16 -14.80
N VAL A 67 4.02 0.32 -13.59
CA VAL A 67 3.05 0.17 -12.52
C VAL A 67 2.40 1.50 -12.19
N GLY A 68 2.86 2.56 -12.84
CA GLY A 68 2.38 3.90 -12.56
C GLY A 68 0.89 4.08 -12.69
N SER A 69 0.29 3.47 -13.72
CA SER A 69 -1.14 3.58 -13.92
C SER A 69 -1.93 3.02 -12.73
N PHE A 70 -1.50 1.89 -12.20
CA PHE A 70 -2.18 1.32 -11.03
C PHE A 70 -1.76 2.02 -9.74
N ALA A 71 -0.49 2.37 -9.63
CA ALA A 71 0.05 2.98 -8.42
C ALA A 71 -0.57 4.35 -8.15
N ARG A 72 -0.85 5.14 -9.18
CA ARG A 72 -1.49 6.44 -8.96
C ARG A 72 -2.90 6.25 -8.41
N ASP A 73 -3.54 5.16 -8.80
CA ASP A 73 -4.90 4.86 -8.34
C ASP A 73 -4.83 4.38 -6.89
N LEU A 74 -3.78 3.64 -6.57
CA LEU A 74 -3.54 3.16 -5.21
C LEU A 74 -3.40 4.35 -4.26
N VAL A 75 -2.69 5.38 -4.72
CA VAL A 75 -2.53 6.59 -3.92
C VAL A 75 -3.87 7.33 -3.83
N ALA A 76 -4.63 7.35 -4.92
CA ALA A 76 -5.93 8.03 -4.91
C ALA A 76 -6.91 7.34 -3.95
N GLN A 77 -6.90 6.02 -3.94
CA GLN A 77 -7.77 5.24 -3.05
C GLN A 77 -7.44 5.55 -1.59
N TRP A 78 -6.16 5.84 -1.33
CA TRP A 78 -5.72 6.16 0.03
C TRP A 78 -5.94 7.63 0.40
N LYS A 79 -5.90 8.52 -0.58
CA LYS A 79 -6.09 9.94 -0.35
C LYS A 79 -7.47 10.26 0.21
N LYS A 80 -8.46 9.49 -0.18
CA LYS A 80 -9.82 9.70 0.32
C LYS A 80 -10.02 9.16 1.75
N LEU A 81 -9.03 8.46 2.29
CA LEU A 81 -9.13 7.91 3.64
C LEU A 81 -8.62 8.92 4.66
N VAL A 82 -7.55 9.60 4.29
CA VAL A 82 -6.91 10.58 5.13
C VAL A 82 -7.59 11.92 4.85
N PRO A 83 -7.52 12.86 5.82
CA PRO A 83 -8.17 14.16 5.61
C PRO A 83 -7.47 15.05 4.57
N VAL A 84 -8.14 16.14 4.23
CA VAL A 84 -7.67 17.10 3.24
C VAL A 84 -8.35 18.40 3.63
N GLU A 85 -7.80 19.51 3.19
CA GLU A 85 -8.34 20.82 3.51
C GLU A 85 -9.73 20.94 2.89
N ARG A 86 -10.62 21.65 3.57
CA ARG A 86 -11.99 21.79 3.10
C ARG A 86 -12.04 22.77 1.93
N ASN A 87 -12.78 22.40 0.90
CA ASN A 87 -12.93 23.25 -0.29
C ASN A 87 -14.41 23.28 -0.63
N ALA A 88 -14.84 24.34 -1.30
CA ALA A 88 -16.22 24.49 -1.74
C ALA A 88 -16.14 25.35 -3.00
N GLY A 89 -17.04 25.12 -3.95
CA GLY A 89 -17.01 25.83 -5.21
C GLY A 89 -17.51 24.92 -6.30
N SER A 90 -17.04 25.12 -7.52
CA SER A 90 -17.41 24.30 -8.67
C SER A 90 -16.19 24.27 -9.56
N SER A 1 9.79 -25.67 14.00
CA SER A 1 8.84 -25.01 14.93
C SER A 1 7.42 -25.45 14.62
N ASN A 2 6.50 -25.24 15.53
CA ASN A 2 5.10 -25.60 15.35
C ASN A 2 4.32 -24.69 16.30
N ALA A 3 3.00 -24.76 16.26
CA ALA A 3 2.10 -23.97 17.14
C ALA A 3 2.35 -22.46 17.12
N ALA A 4 2.94 -21.94 16.06
CA ALA A 4 3.21 -20.50 15.94
C ALA A 4 1.89 -19.74 15.82
N SER A 5 0.93 -20.35 15.15
CA SER A 5 -0.41 -19.80 14.99
C SER A 5 -1.31 -20.98 14.63
N ALA A 6 -2.61 -20.82 14.84
CA ALA A 6 -3.57 -21.88 14.52
C ALA A 6 -4.02 -21.78 13.06
N MET A 7 -3.90 -20.59 12.49
CA MET A 7 -4.33 -20.30 11.12
C MET A 7 -3.30 -19.32 10.57
N ALA A 8 -3.41 -18.99 9.28
CA ALA A 8 -2.48 -18.04 8.66
C ALA A 8 -2.48 -16.68 9.38
N ALA A 9 -3.65 -16.30 9.88
CA ALA A 9 -3.83 -15.04 10.63
C ALA A 9 -3.35 -13.81 9.84
N GLU A 10 -2.43 -13.06 10.43
CA GLU A 10 -1.87 -11.81 9.90
C GLU A 10 -2.87 -10.68 9.63
N SER A 11 -2.85 -9.70 10.52
CA SER A 11 -3.72 -8.53 10.39
C SER A 11 -3.38 -7.77 9.12
N ALA A 12 -4.31 -6.97 8.61
CA ALA A 12 -4.10 -6.20 7.38
C ALA A 12 -2.82 -5.39 7.45
N LEU A 13 -2.55 -4.85 8.63
CA LEU A 13 -1.32 -4.08 8.90
C LEU A 13 -0.09 -4.89 8.53
N GLN A 14 -0.04 -6.12 9.04
CA GLN A 14 1.13 -6.97 8.88
C GLN A 14 1.31 -7.47 7.46
N VAL A 15 0.20 -7.72 6.79
CA VAL A 15 0.26 -8.19 5.41
C VAL A 15 0.80 -7.05 4.55
N VAL A 16 0.29 -5.84 4.76
CA VAL A 16 0.80 -4.67 4.05
C VAL A 16 2.26 -4.46 4.36
N GLU A 17 2.64 -4.57 5.62
CA GLU A 17 4.01 -4.31 6.01
C GLU A 17 4.97 -5.22 5.25
N LYS A 18 4.64 -6.49 5.23
CA LYS A 18 5.53 -7.48 4.63
C LYS A 18 5.58 -7.29 3.12
N LEU A 19 4.47 -6.85 2.54
CA LEU A 19 4.45 -6.55 1.11
C LEU A 19 5.29 -5.33 0.82
N GLN A 20 5.22 -4.32 1.67
CA GLN A 20 5.99 -3.10 1.48
C GLN A 20 7.47 -3.41 1.53
N ALA A 21 7.86 -4.32 2.41
CA ALA A 21 9.25 -4.78 2.46
C ALA A 21 9.61 -5.39 1.10
N ARG A 22 8.69 -6.16 0.51
CA ARG A 22 8.94 -6.76 -0.80
C ARG A 22 8.94 -5.72 -1.93
N LEU A 23 8.34 -4.56 -1.70
CA LEU A 23 8.34 -3.49 -2.68
C LEU A 23 9.71 -2.83 -2.77
N ALA A 24 10.33 -2.60 -1.63
CA ALA A 24 11.66 -1.98 -1.59
C ALA A 24 12.68 -2.94 -2.21
N ALA A 25 12.47 -4.22 -1.95
CA ALA A 25 13.31 -5.29 -2.48
C ALA A 25 12.85 -5.70 -3.89
N ASN A 26 12.18 -4.80 -4.60
CA ASN A 26 11.54 -5.08 -5.90
C ASN A 26 12.22 -6.15 -6.79
N PRO A 27 11.62 -7.36 -6.86
CA PRO A 27 12.14 -8.45 -7.69
C PRO A 27 11.80 -8.42 -9.18
N ASP A 28 10.78 -7.66 -9.51
CA ASP A 28 10.32 -7.50 -10.90
C ASP A 28 9.29 -6.40 -10.90
N PRO A 29 9.15 -5.66 -12.01
CA PRO A 29 8.09 -4.65 -12.04
C PRO A 29 6.74 -5.32 -12.26
N LYS A 30 6.77 -6.53 -12.80
CA LYS A 30 5.55 -7.31 -13.02
C LYS A 30 5.01 -7.71 -11.64
N LYS A 31 5.94 -8.08 -10.77
CA LYS A 31 5.63 -8.49 -9.39
C LYS A 31 5.21 -7.27 -8.57
N LEU A 32 5.80 -6.11 -8.85
CA LEU A 32 5.40 -4.86 -8.17
C LEU A 32 3.90 -4.59 -8.33
N LEU A 33 3.35 -4.80 -9.52
CA LEU A 33 1.91 -4.59 -9.71
C LEU A 33 1.10 -5.58 -8.87
N LYS A 34 1.56 -6.82 -8.81
CA LYS A 34 0.90 -7.85 -7.98
C LYS A 34 0.85 -7.40 -6.52
N TYR A 35 1.94 -6.82 -6.04
CA TYR A 35 1.96 -6.34 -4.66
C TYR A 35 0.98 -5.21 -4.44
N LEU A 36 0.94 -4.26 -5.37
CA LEU A 36 0.07 -3.11 -5.26
C LEU A 36 -1.38 -3.58 -5.17
N LYS A 37 -1.74 -4.55 -5.99
CA LYS A 37 -3.10 -5.09 -5.98
C LYS A 37 -3.44 -5.71 -4.62
N LYS A 38 -2.44 -6.27 -3.94
CA LYS A 38 -2.67 -6.86 -2.63
C LYS A 38 -2.85 -5.77 -1.56
N LEU A 39 -2.14 -4.65 -1.66
CA LEU A 39 -2.30 -3.57 -0.68
C LEU A 39 -3.72 -3.01 -0.85
N SER A 40 -4.15 -2.93 -2.10
CA SER A 40 -5.47 -2.40 -2.46
C SER A 40 -6.65 -3.20 -1.91
N THR A 41 -6.53 -4.53 -1.94
CA THR A 41 -7.65 -5.40 -1.52
C THR A 41 -7.71 -5.60 0.00
N LEU A 42 -6.72 -5.12 0.73
CA LEU A 42 -6.74 -5.22 2.18
C LEU A 42 -7.52 -4.02 2.70
N PRO A 43 -8.16 -4.15 3.87
CA PRO A 43 -8.86 -3.02 4.48
C PRO A 43 -7.89 -2.00 5.06
N ILE A 44 -7.36 -1.16 4.19
CA ILE A 44 -6.42 -0.11 4.57
C ILE A 44 -7.12 0.96 5.35
N THR A 45 -6.48 1.37 6.43
CA THR A 45 -6.98 2.42 7.26
C THR A 45 -5.90 3.48 7.36
N VAL A 46 -6.23 4.63 7.91
CA VAL A 46 -5.24 5.68 8.10
C VAL A 46 -4.19 5.21 9.10
N ASP A 47 -4.58 4.33 10.02
CA ASP A 47 -3.67 3.79 11.02
C ASP A 47 -2.57 3.00 10.31
N ILE A 48 -2.97 2.17 9.37
CA ILE A 48 -2.01 1.36 8.63
C ILE A 48 -1.13 2.28 7.80
N LEU A 49 -1.71 3.25 7.13
CA LEU A 49 -0.93 4.14 6.26
C LEU A 49 0.13 4.88 7.04
N ALA A 50 -0.22 5.26 8.26
CA ALA A 50 0.68 6.00 9.12
C ALA A 50 1.86 5.17 9.58
N GLU A 51 1.61 3.95 10.04
CA GLU A 51 2.68 3.15 10.64
C GLU A 51 3.57 2.54 9.57
N THR A 52 2.95 1.99 8.54
CA THR A 52 3.70 1.34 7.47
C THR A 52 4.40 2.40 6.63
N GLY A 53 3.69 3.47 6.33
CA GLY A 53 4.25 4.54 5.53
C GLY A 53 4.13 4.11 4.10
N VAL A 54 3.26 3.14 3.88
CA VAL A 54 3.04 2.56 2.57
C VAL A 54 2.56 3.62 1.58
N GLY A 55 1.89 4.66 2.07
CA GLY A 55 1.45 5.73 1.20
C GLY A 55 2.63 6.41 0.53
N LYS A 56 3.72 6.52 1.28
CA LYS A 56 4.94 7.17 0.78
C LYS A 56 5.56 6.25 -0.26
N THR A 57 5.56 4.96 0.04
CA THR A 57 6.11 3.93 -0.84
C THR A 57 5.41 3.84 -2.19
N VAL A 58 4.10 3.71 -2.20
CA VAL A 58 3.37 3.57 -3.47
C VAL A 58 3.43 4.88 -4.26
N ASN A 59 3.42 6.01 -3.57
CA ASN A 59 3.55 7.30 -4.24
C ASN A 59 4.91 7.41 -4.95
N SER A 60 5.95 6.85 -4.35
CA SER A 60 7.26 6.88 -4.99
C SER A 60 7.29 5.91 -6.19
N LEU A 61 6.59 4.79 -6.06
CA LEU A 61 6.57 3.77 -7.12
C LEU A 61 5.81 4.22 -8.35
N ARG A 62 4.93 5.20 -8.22
CA ARG A 62 4.13 5.65 -9.37
C ARG A 62 4.98 6.33 -10.45
N LYS A 63 6.24 6.57 -10.15
CA LYS A 63 7.17 7.16 -11.11
C LYS A 63 7.55 6.14 -12.19
N HIS A 64 7.51 4.86 -11.83
CA HIS A 64 7.91 3.80 -12.75
C HIS A 64 6.80 3.57 -13.75
N GLU A 65 7.13 3.62 -15.02
CA GLU A 65 6.18 3.50 -16.12
C GLU A 65 5.39 2.20 -16.05
N HIS A 66 6.07 1.14 -15.60
CA HIS A 66 5.47 -0.19 -15.53
C HIS A 66 4.26 -0.30 -14.63
N VAL A 67 4.30 0.38 -13.50
CA VAL A 67 3.25 0.24 -12.48
C VAL A 67 2.59 1.54 -12.11
N GLY A 68 3.10 2.65 -12.65
CA GLY A 68 2.55 3.96 -12.33
C GLY A 68 1.09 4.10 -12.66
N SER A 69 0.65 3.44 -13.71
CA SER A 69 -0.75 3.47 -14.12
C SER A 69 -1.66 2.98 -12.98
N PHE A 70 -1.26 1.88 -12.34
CA PHE A 70 -2.00 1.37 -11.19
C PHE A 70 -1.67 2.11 -9.88
N ALA A 71 -0.40 2.41 -9.67
CA ALA A 71 0.06 3.04 -8.44
C ALA A 71 -0.58 4.40 -8.18
N ARG A 72 -0.84 5.17 -9.23
CA ARG A 72 -1.49 6.47 -9.05
C ARG A 72 -2.91 6.27 -8.49
N ASP A 73 -3.56 5.18 -8.87
CA ASP A 73 -4.91 4.88 -8.39
C ASP A 73 -4.84 4.38 -6.96
N LEU A 74 -3.77 3.66 -6.63
CA LEU A 74 -3.56 3.18 -5.27
C LEU A 74 -3.47 4.37 -4.32
N VAL A 75 -2.77 5.42 -4.75
CA VAL A 75 -2.65 6.63 -3.94
C VAL A 75 -4.02 7.34 -3.91
N ALA A 76 -4.74 7.32 -5.03
CA ALA A 76 -6.05 7.96 -5.09
C ALA A 76 -7.06 7.27 -4.15
N GLN A 77 -7.02 5.95 -4.06
CA GLN A 77 -7.91 5.22 -3.17
C GLN A 77 -7.62 5.60 -1.72
N TRP A 78 -6.34 5.84 -1.41
CA TRP A 78 -5.91 6.17 -0.06
C TRP A 78 -6.12 7.63 0.32
N LYS A 79 -6.18 8.51 -0.67
CA LYS A 79 -6.35 9.95 -0.38
C LYS A 79 -7.73 10.24 0.18
N LYS A 80 -8.64 9.34 -0.13
CA LYS A 80 -10.02 9.42 0.35
C LYS A 80 -10.14 9.00 1.81
N LEU A 81 -9.07 8.47 2.38
CA LEU A 81 -9.10 7.97 3.75
C LEU A 81 -8.57 9.00 4.75
N VAL A 82 -7.54 9.73 4.33
CA VAL A 82 -6.87 10.70 5.19
C VAL A 82 -7.72 11.96 5.39
N PRO A 83 -7.53 12.65 6.52
CA PRO A 83 -8.29 13.88 6.78
C PRO A 83 -7.79 15.04 5.92
N VAL A 84 -8.56 16.11 5.88
CA VAL A 84 -8.20 17.27 5.06
C VAL A 84 -7.07 18.07 5.70
N GLU A 85 -5.98 18.15 4.98
CA GLU A 85 -4.78 18.89 5.38
C GLU A 85 -4.98 20.36 5.00
N ARG A 86 -4.08 21.24 5.44
CA ARG A 86 -4.18 22.66 5.11
C ARG A 86 -2.82 23.32 5.10
N ASN A 87 -2.61 24.18 4.13
CA ASN A 87 -1.36 24.90 3.94
C ASN A 87 -1.66 26.40 3.81
N ALA A 88 -2.71 26.83 4.50
CA ALA A 88 -3.25 28.20 4.42
C ALA A 88 -3.72 28.43 2.97
N GLY A 89 -3.71 29.67 2.52
CA GLY A 89 -4.14 29.98 1.18
C GLY A 89 -3.85 31.43 0.88
N SER A 90 -4.16 31.88 -0.33
CA SER A 90 -3.94 33.25 -0.77
C SER A 90 -4.92 33.45 -1.90
N SER A 1 9.81 -12.19 18.84
CA SER A 1 8.99 -13.29 18.27
C SER A 1 7.52 -12.98 18.42
N ASN A 2 6.69 -13.57 17.58
CA ASN A 2 5.24 -13.36 17.68
C ASN A 2 4.77 -13.99 18.97
N ALA A 3 3.73 -13.42 19.58
CA ALA A 3 3.18 -13.95 20.83
C ALA A 3 2.47 -15.29 20.58
N ALA A 4 1.91 -15.44 19.39
CA ALA A 4 1.21 -16.66 19.00
C ALA A 4 1.27 -16.73 17.48
N SER A 5 0.98 -17.91 16.94
CA SER A 5 0.97 -18.13 15.48
C SER A 5 -0.38 -18.73 15.10
N ALA A 6 -1.44 -18.17 15.68
CA ALA A 6 -2.80 -18.63 15.41
C ALA A 6 -3.21 -18.18 14.00
N MET A 7 -4.34 -18.70 13.54
CA MET A 7 -4.88 -18.36 12.21
C MET A 7 -5.31 -16.90 12.08
N ALA A 8 -5.29 -16.17 13.19
CA ALA A 8 -5.63 -14.75 13.21
C ALA A 8 -4.38 -13.87 13.00
N ALA A 9 -3.25 -14.50 12.66
CA ALA A 9 -2.02 -13.77 12.39
C ALA A 9 -2.11 -13.11 11.01
N GLU A 10 -1.12 -12.30 10.68
CA GLU A 10 -1.06 -11.57 9.41
C GLU A 10 -2.30 -10.72 9.20
N SER A 11 -2.56 -9.85 10.18
CA SER A 11 -3.63 -8.88 10.10
C SER A 11 -3.36 -7.95 8.91
N ALA A 12 -4.37 -7.21 8.45
CA ALA A 12 -4.20 -6.31 7.28
C ALA A 12 -2.96 -5.40 7.40
N LEU A 13 -2.72 -4.90 8.60
CA LEU A 13 -1.56 -4.06 8.89
C LEU A 13 -0.27 -4.78 8.49
N GLN A 14 -0.15 -6.02 8.94
CA GLN A 14 1.06 -6.79 8.74
C GLN A 14 1.22 -7.24 7.31
N VAL A 15 0.14 -7.63 6.66
CA VAL A 15 0.25 -8.08 5.28
C VAL A 15 0.80 -6.94 4.45
N VAL A 16 0.28 -5.74 4.66
CA VAL A 16 0.77 -4.55 3.97
C VAL A 16 2.25 -4.31 4.22
N GLU A 17 2.70 -4.36 5.47
CA GLU A 17 4.09 -4.04 5.73
C GLU A 17 5.03 -5.08 5.10
N LYS A 18 4.62 -6.34 5.16
CA LYS A 18 5.39 -7.43 4.57
C LYS A 18 5.52 -7.23 3.07
N LEU A 19 4.49 -6.67 2.46
CA LEU A 19 4.53 -6.38 1.03
C LEU A 19 5.41 -5.19 0.76
N GLN A 20 5.30 -4.18 1.60
CA GLN A 20 6.08 -2.95 1.43
C GLN A 20 7.57 -3.26 1.50
N ALA A 21 7.94 -4.20 2.37
CA ALA A 21 9.32 -4.65 2.44
C ALA A 21 9.73 -5.21 1.07
N ARG A 22 8.84 -5.95 0.43
CA ARG A 22 9.15 -6.53 -0.90
C ARG A 22 9.12 -5.46 -2.00
N LEU A 23 8.44 -4.35 -1.75
CA LEU A 23 8.41 -3.24 -2.73
C LEU A 23 9.74 -2.52 -2.78
N ALA A 24 10.37 -2.35 -1.63
CA ALA A 24 11.66 -1.67 -1.56
C ALA A 24 12.76 -2.53 -2.20
N ALA A 25 12.53 -3.83 -2.16
CA ALA A 25 13.43 -4.82 -2.73
C ALA A 25 12.94 -5.27 -4.12
N ASN A 26 12.19 -4.42 -4.80
CA ASN A 26 11.48 -4.74 -6.05
C ASN A 26 12.18 -5.79 -6.97
N PRO A 27 11.65 -7.03 -6.99
CA PRO A 27 12.20 -8.12 -7.80
C PRO A 27 11.81 -8.18 -9.27
N ASP A 28 10.69 -7.56 -9.62
CA ASP A 28 10.18 -7.55 -11.00
C ASP A 28 9.11 -6.49 -11.06
N PRO A 29 8.89 -5.87 -12.22
CA PRO A 29 7.78 -4.91 -12.30
C PRO A 29 6.45 -5.70 -12.36
N LYS A 30 6.56 -6.94 -12.82
CA LYS A 30 5.42 -7.86 -12.90
C LYS A 30 4.92 -8.14 -11.48
N LYS A 31 5.88 -8.34 -10.59
CA LYS A 31 5.60 -8.64 -9.20
C LYS A 31 5.15 -7.37 -8.48
N LEU A 32 5.69 -6.23 -8.86
CA LEU A 32 5.26 -4.95 -8.29
C LEU A 32 3.76 -4.73 -8.49
N LEU A 33 3.23 -5.04 -9.66
CA LEU A 33 1.79 -4.88 -9.89
C LEU A 33 1.00 -5.80 -8.96
N LYS A 34 1.48 -7.03 -8.79
CA LYS A 34 0.82 -7.99 -7.89
C LYS A 34 0.80 -7.44 -6.47
N TYR A 35 1.88 -6.83 -6.04
CA TYR A 35 1.95 -6.26 -4.70
C TYR A 35 0.94 -5.15 -4.52
N LEU A 36 0.89 -4.23 -5.48
CA LEU A 36 0.00 -3.08 -5.40
C LEU A 36 -1.44 -3.55 -5.28
N LYS A 37 -1.81 -4.54 -6.08
CA LYS A 37 -3.17 -5.09 -6.05
C LYS A 37 -3.51 -5.67 -4.68
N LYS A 38 -2.52 -6.22 -3.98
CA LYS A 38 -2.77 -6.80 -2.66
C LYS A 38 -2.96 -5.70 -1.61
N LEU A 39 -2.23 -4.60 -1.70
CA LEU A 39 -2.39 -3.50 -0.74
C LEU A 39 -3.80 -2.94 -0.92
N SER A 40 -4.24 -2.87 -2.17
CA SER A 40 -5.55 -2.32 -2.53
C SER A 40 -6.74 -3.12 -2.00
N THR A 41 -6.63 -4.44 -1.98
CA THR A 41 -7.76 -5.29 -1.57
C THR A 41 -7.84 -5.53 -0.06
N LEU A 42 -6.85 -5.06 0.68
CA LEU A 42 -6.87 -5.20 2.13
C LEU A 42 -7.65 -4.00 2.68
N PRO A 43 -8.29 -4.14 3.84
CA PRO A 43 -8.99 -3.00 4.46
C PRO A 43 -7.99 -2.00 5.05
N ILE A 44 -7.49 -1.13 4.19
CA ILE A 44 -6.53 -0.11 4.58
C ILE A 44 -7.21 0.96 5.38
N THR A 45 -6.55 1.36 6.46
CA THR A 45 -7.02 2.41 7.31
C THR A 45 -5.94 3.46 7.39
N VAL A 46 -6.26 4.63 7.93
CA VAL A 46 -5.25 5.66 8.11
C VAL A 46 -4.21 5.18 9.11
N ASP A 47 -4.62 4.32 10.03
CA ASP A 47 -3.71 3.74 11.04
C ASP A 47 -2.63 2.94 10.32
N ILE A 48 -3.04 2.11 9.38
CA ILE A 48 -2.08 1.30 8.64
C ILE A 48 -1.17 2.19 7.83
N LEU A 49 -1.73 3.19 7.17
CA LEU A 49 -0.92 4.06 6.33
C LEU A 49 0.14 4.77 7.12
N ALA A 50 -0.21 5.13 8.35
CA ALA A 50 0.70 5.83 9.24
C ALA A 50 1.82 4.90 9.75
N GLU A 51 1.46 3.71 10.18
CA GLU A 51 2.44 2.79 10.79
C GLU A 51 3.38 2.22 9.76
N THR A 52 2.83 1.80 8.63
CA THR A 52 3.62 1.17 7.58
C THR A 52 4.37 2.25 6.78
N GLY A 53 3.68 3.35 6.51
CA GLY A 53 4.29 4.44 5.76
C GLY A 53 4.18 4.11 4.30
N VAL A 54 3.33 3.13 4.02
CA VAL A 54 3.14 2.60 2.70
C VAL A 54 2.67 3.67 1.70
N GLY A 55 1.98 4.70 2.20
CA GLY A 55 1.55 5.79 1.33
C GLY A 55 2.73 6.46 0.65
N LYS A 56 3.85 6.53 1.36
CA LYS A 56 5.07 7.15 0.84
C LYS A 56 5.63 6.24 -0.24
N THR A 57 5.69 4.96 0.08
CA THR A 57 6.21 3.94 -0.83
C THR A 57 5.47 3.85 -2.16
N VAL A 58 4.15 3.77 -2.11
CA VAL A 58 3.37 3.62 -3.34
C VAL A 58 3.44 4.90 -4.17
N ASN A 59 3.52 6.05 -3.52
CA ASN A 59 3.63 7.30 -4.26
C ASN A 59 4.96 7.35 -5.01
N SER A 60 6.02 6.84 -4.39
CA SER A 60 7.32 6.76 -5.04
C SER A 60 7.32 5.75 -6.19
N LEU A 61 6.56 4.67 -6.02
CA LEU A 61 6.45 3.63 -7.04
C LEU A 61 5.85 4.13 -8.34
N ARG A 62 5.13 5.26 -8.29
CA ARG A 62 4.54 5.85 -9.50
C ARG A 62 5.59 6.16 -10.58
N LYS A 63 6.85 6.30 -10.18
CA LYS A 63 7.93 6.55 -11.14
C LYS A 63 8.33 5.32 -11.96
N HIS A 64 7.84 4.15 -11.57
CA HIS A 64 8.11 2.92 -12.31
C HIS A 64 7.04 2.86 -13.37
N GLU A 65 7.33 3.30 -14.58
CA GLU A 65 6.32 3.39 -15.64
C GLU A 65 5.46 2.12 -15.81
N HIS A 66 6.06 0.97 -15.59
CA HIS A 66 5.33 -0.30 -15.76
C HIS A 66 4.14 -0.46 -14.83
N VAL A 67 4.22 0.13 -13.65
CA VAL A 67 3.17 -0.02 -12.63
C VAL A 67 2.65 1.31 -12.12
N GLY A 68 3.20 2.41 -12.63
CA GLY A 68 2.79 3.73 -12.19
C GLY A 68 1.33 4.00 -12.42
N SER A 69 0.80 3.45 -13.51
CA SER A 69 -0.61 3.59 -13.85
C SER A 69 -1.52 3.04 -12.74
N PHE A 70 -1.14 1.90 -12.18
CA PHE A 70 -1.91 1.34 -11.06
C PHE A 70 -1.53 2.02 -9.72
N ALA A 71 -0.25 2.24 -9.47
CA ALA A 71 0.22 2.92 -8.26
C ALA A 71 -0.46 4.28 -8.03
N ARG A 72 -0.68 5.08 -9.06
CA ARG A 72 -1.34 6.38 -8.87
C ARG A 72 -2.79 6.21 -8.42
N ASP A 73 -3.41 5.10 -8.81
CA ASP A 73 -4.80 4.81 -8.44
C ASP A 73 -4.82 4.43 -6.96
N LEU A 74 -3.79 3.71 -6.56
CA LEU A 74 -3.63 3.28 -5.18
C LEU A 74 -3.52 4.49 -4.25
N VAL A 75 -2.76 5.49 -4.66
CA VAL A 75 -2.59 6.71 -3.86
C VAL A 75 -3.93 7.45 -3.82
N ALA A 76 -4.65 7.44 -4.92
CA ALA A 76 -5.94 8.12 -4.98
C ALA A 76 -6.99 7.42 -4.08
N GLN A 77 -6.98 6.10 -4.04
CA GLN A 77 -7.93 5.38 -3.20
C GLN A 77 -7.61 5.68 -1.73
N TRP A 78 -6.32 5.79 -1.41
CA TRP A 78 -5.89 6.10 -0.05
C TRP A 78 -6.16 7.54 0.32
N LYS A 79 -6.25 8.41 -0.67
CA LYS A 79 -6.52 9.83 -0.41
C LYS A 79 -7.94 10.02 0.11
N LYS A 80 -8.80 9.04 -0.11
CA LYS A 80 -10.16 9.10 0.38
C LYS A 80 -10.24 8.77 1.87
N LEU A 81 -9.22 8.09 2.37
CA LEU A 81 -9.22 7.64 3.76
C LEU A 81 -8.71 8.74 4.68
N VAL A 82 -7.68 9.42 4.20
CA VAL A 82 -7.04 10.49 4.94
C VAL A 82 -7.84 11.77 4.69
N PRO A 83 -7.74 12.73 5.60
CA PRO A 83 -8.46 13.99 5.40
C PRO A 83 -7.86 14.83 4.28
N VAL A 84 -8.56 15.90 3.92
CA VAL A 84 -8.14 16.81 2.89
C VAL A 84 -8.10 18.20 3.51
N GLU A 85 -7.33 19.09 2.91
CA GLU A 85 -7.16 20.44 3.42
C GLU A 85 -7.33 21.37 2.23
N ARG A 86 -7.73 22.61 2.48
CA ARG A 86 -7.91 23.60 1.42
C ARG A 86 -7.39 24.92 1.95
N ASN A 87 -6.97 25.81 1.07
CA ASN A 87 -6.49 27.11 1.50
C ASN A 87 -7.66 28.07 1.65
N ALA A 88 -7.77 28.65 2.85
CA ALA A 88 -8.79 29.67 3.16
C ALA A 88 -10.25 29.29 2.89
N GLY A 89 -10.62 28.03 3.09
CA GLY A 89 -12.00 27.62 2.89
C GLY A 89 -12.28 26.20 3.29
N SER A 90 -13.56 25.89 3.52
CA SER A 90 -14.03 24.56 3.92
C SER A 90 -13.36 24.08 5.20
N SER A 1 5.75 -18.67 22.05
CA SER A 1 5.02 -19.73 21.33
C SER A 1 4.28 -19.17 20.14
N ASN A 2 3.37 -18.22 20.39
CA ASN A 2 2.61 -17.55 19.34
C ASN A 2 2.47 -16.13 19.86
N ALA A 3 1.83 -15.27 19.08
CA ALA A 3 1.60 -13.87 19.48
C ALA A 3 0.20 -13.44 19.03
N ALA A 4 -0.63 -14.43 18.74
CA ALA A 4 -1.99 -14.21 18.25
C ALA A 4 -2.72 -15.53 18.49
N SER A 5 -4.03 -15.54 18.34
CA SER A 5 -4.85 -16.75 18.56
C SER A 5 -4.80 -17.71 17.36
N ALA A 6 -3.60 -17.87 16.80
CA ALA A 6 -3.32 -18.71 15.62
C ALA A 6 -3.99 -18.25 14.31
N MET A 7 -5.31 -18.31 14.27
CA MET A 7 -6.07 -17.91 13.08
C MET A 7 -6.23 -16.40 13.07
N ALA A 8 -6.46 -15.86 11.88
CA ALA A 8 -6.63 -14.41 11.65
C ALA A 8 -5.44 -13.58 12.16
N ALA A 9 -4.27 -14.21 12.29
CA ALA A 9 -3.08 -13.53 12.77
C ALA A 9 -2.58 -12.51 11.77
N GLU A 10 -2.93 -12.77 10.53
CA GLU A 10 -2.55 -11.91 9.41
C GLU A 10 -3.58 -10.79 9.24
N SER A 11 -3.55 -9.84 10.16
CA SER A 11 -4.41 -8.67 10.07
C SER A 11 -3.89 -7.83 8.92
N ALA A 12 -4.67 -6.86 8.46
CA ALA A 12 -4.24 -6.01 7.35
C ALA A 12 -2.88 -5.38 7.61
N LEU A 13 -2.61 -5.01 8.86
CA LEU A 13 -1.33 -4.42 9.22
C LEU A 13 -0.17 -5.40 9.06
N GLN A 14 -0.40 -6.65 9.39
CA GLN A 14 0.67 -7.63 9.24
C GLN A 14 0.95 -7.84 7.76
N VAL A 15 -0.11 -7.91 6.96
CA VAL A 15 0.04 -8.17 5.53
C VAL A 15 0.66 -6.99 4.76
N VAL A 16 0.20 -5.77 5.01
CA VAL A 16 0.75 -4.58 4.35
C VAL A 16 2.27 -4.51 4.55
N GLU A 17 2.72 -4.87 5.76
CA GLU A 17 4.11 -4.75 6.09
C GLU A 17 4.96 -5.69 5.27
N LYS A 18 4.48 -6.93 5.11
CA LYS A 18 5.23 -7.92 4.35
C LYS A 18 5.33 -7.48 2.91
N LEU A 19 4.29 -6.83 2.42
CA LEU A 19 4.28 -6.39 1.04
C LEU A 19 5.18 -5.20 0.81
N GLN A 20 5.14 -4.23 1.71
CA GLN A 20 5.96 -3.03 1.56
C GLN A 20 7.43 -3.40 1.60
N ALA A 21 7.77 -4.38 2.44
CA ALA A 21 9.14 -4.89 2.48
C ALA A 21 9.53 -5.41 1.08
N ARG A 22 8.61 -6.10 0.42
CA ARG A 22 8.89 -6.63 -0.92
C ARG A 22 8.90 -5.53 -1.98
N LEU A 23 8.27 -4.39 -1.70
CA LEU A 23 8.27 -3.25 -2.63
C LEU A 23 9.63 -2.57 -2.60
N ALA A 24 10.21 -2.47 -1.41
CA ALA A 24 11.52 -1.84 -1.25
C ALA A 24 12.57 -2.71 -1.95
N ALA A 25 12.37 -4.02 -1.87
CA ALA A 25 13.24 -5.01 -2.49
C ALA A 25 12.80 -5.32 -3.94
N ASN A 26 12.12 -4.36 -4.57
CA ASN A 26 11.51 -4.53 -5.91
C ASN A 26 12.21 -5.54 -6.87
N PRO A 27 11.65 -6.76 -6.99
CA PRO A 27 12.22 -7.84 -7.82
C PRO A 27 11.83 -7.91 -9.30
N ASP A 28 10.69 -7.34 -9.67
CA ASP A 28 10.19 -7.39 -11.04
C ASP A 28 9.06 -6.38 -11.14
N PRO A 29 8.83 -5.79 -12.32
CA PRO A 29 7.68 -4.89 -12.40
C PRO A 29 6.39 -5.71 -12.38
N LYS A 30 6.49 -6.95 -12.82
CA LYS A 30 5.37 -7.88 -12.86
C LYS A 30 4.94 -8.20 -11.43
N LYS A 31 5.94 -8.37 -10.57
CA LYS A 31 5.70 -8.68 -9.16
C LYS A 31 5.24 -7.41 -8.45
N LEU A 32 5.77 -6.26 -8.85
CA LEU A 32 5.35 -4.98 -8.27
C LEU A 32 3.86 -4.72 -8.46
N LEU A 33 3.34 -4.95 -9.65
CA LEU A 33 1.91 -4.73 -9.89
C LEU A 33 1.11 -5.69 -9.01
N LYS A 34 1.56 -6.93 -8.90
CA LYS A 34 0.89 -7.91 -8.03
C LYS A 34 0.85 -7.39 -6.58
N TYR A 35 1.93 -6.79 -6.12
CA TYR A 35 1.96 -6.26 -4.76
C TYR A 35 0.95 -5.15 -4.58
N LEU A 36 0.89 -4.24 -5.54
CA LEU A 36 -0.03 -3.11 -5.46
C LEU A 36 -1.45 -3.64 -5.42
N LYS A 37 -1.75 -4.63 -6.25
CA LYS A 37 -3.09 -5.22 -6.29
C LYS A 37 -3.46 -5.83 -4.94
N LYS A 38 -2.49 -6.39 -4.24
CA LYS A 38 -2.77 -6.97 -2.93
C LYS A 38 -2.99 -5.85 -1.91
N LEU A 39 -2.28 -4.74 -2.03
CA LEU A 39 -2.47 -3.65 -1.07
C LEU A 39 -3.87 -3.08 -1.25
N SER A 40 -4.33 -3.05 -2.50
CA SER A 40 -5.65 -2.52 -2.83
C SER A 40 -6.82 -3.39 -2.34
N THR A 41 -6.57 -4.64 -1.97
CA THR A 41 -7.64 -5.53 -1.52
C THR A 41 -7.61 -5.75 -0.01
N LEU A 42 -6.68 -5.11 0.68
CA LEU A 42 -6.62 -5.18 2.13
C LEU A 42 -7.39 -3.95 2.63
N PRO A 43 -8.08 -4.07 3.77
CA PRO A 43 -8.76 -2.91 4.36
C PRO A 43 -7.75 -1.95 5.00
N ILE A 44 -7.13 -1.14 4.17
CA ILE A 44 -6.15 -0.15 4.62
C ILE A 44 -6.88 0.95 5.34
N THR A 45 -6.30 1.40 6.44
CA THR A 45 -6.87 2.47 7.22
C THR A 45 -5.82 3.56 7.39
N VAL A 46 -6.22 4.71 7.90
CA VAL A 46 -5.27 5.81 8.12
C VAL A 46 -4.24 5.40 9.18
N ASP A 47 -4.65 4.52 10.08
CA ASP A 47 -3.78 4.00 11.14
C ASP A 47 -2.65 3.21 10.49
N ILE A 48 -3.01 2.37 9.53
CA ILE A 48 -2.01 1.56 8.83
C ILE A 48 -1.11 2.47 8.02
N LEU A 49 -1.67 3.44 7.32
CA LEU A 49 -0.87 4.32 6.47
C LEU A 49 0.17 5.08 7.29
N ALA A 50 -0.22 5.46 8.49
CA ALA A 50 0.64 6.22 9.37
C ALA A 50 1.84 5.39 9.84
N GLU A 51 1.59 4.17 10.29
CA GLU A 51 2.66 3.34 10.86
C GLU A 51 3.59 2.79 9.78
N THR A 52 3.01 2.26 8.73
CA THR A 52 3.78 1.62 7.67
C THR A 52 4.49 2.66 6.81
N GLY A 53 3.77 3.72 6.49
CA GLY A 53 4.33 4.76 5.65
C GLY A 53 4.23 4.29 4.22
N VAL A 54 3.41 3.26 4.03
CA VAL A 54 3.20 2.65 2.72
C VAL A 54 2.73 3.66 1.68
N GLY A 55 2.05 4.72 2.14
CA GLY A 55 1.61 5.76 1.23
C GLY A 55 2.78 6.42 0.53
N LYS A 56 3.89 6.55 1.24
CA LYS A 56 5.10 7.20 0.70
C LYS A 56 5.71 6.27 -0.34
N THR A 57 5.72 4.99 -0.01
CA THR A 57 6.26 3.95 -0.88
C THR A 57 5.52 3.88 -2.21
N VAL A 58 4.21 3.78 -2.17
CA VAL A 58 3.42 3.66 -3.39
C VAL A 58 3.45 4.98 -4.19
N ASN A 59 3.49 6.10 -3.48
CA ASN A 59 3.60 7.41 -4.13
C ASN A 59 4.89 7.50 -4.97
N SER A 60 5.95 6.88 -4.49
CA SER A 60 7.22 6.85 -5.24
C SER A 60 7.13 5.90 -6.44
N LEU A 61 6.45 4.77 -6.25
CA LEU A 61 6.29 3.77 -7.32
C LEU A 61 5.57 4.30 -8.55
N ARG A 62 4.82 5.40 -8.41
CA ARG A 62 4.15 6.03 -9.55
C ARG A 62 5.13 6.40 -10.65
N LYS A 63 6.39 6.61 -10.31
CA LYS A 63 7.42 7.00 -11.27
C LYS A 63 7.80 5.86 -12.22
N HIS A 64 7.62 4.62 -11.79
CA HIS A 64 8.02 3.47 -12.59
C HIS A 64 6.88 3.16 -13.54
N GLU A 65 6.98 3.68 -14.76
CA GLU A 65 5.92 3.56 -15.79
C GLU A 65 5.21 2.22 -15.85
N HIS A 66 5.94 1.14 -15.65
CA HIS A 66 5.40 -0.22 -15.71
C HIS A 66 4.20 -0.46 -14.80
N VAL A 67 4.26 0.09 -13.60
CA VAL A 67 3.23 -0.14 -12.58
C VAL A 67 2.71 1.17 -12.04
N GLY A 68 3.32 2.25 -12.48
CA GLY A 68 2.98 3.57 -12.01
C GLY A 68 1.55 3.93 -12.23
N SER A 69 0.98 3.47 -13.34
CA SER A 69 -0.42 3.75 -13.65
C SER A 69 -1.33 3.18 -12.56
N PHE A 70 -1.04 1.97 -12.11
CA PHE A 70 -1.84 1.36 -11.05
C PHE A 70 -1.52 2.01 -9.70
N ALA A 71 -0.25 2.26 -9.45
CA ALA A 71 0.18 2.98 -8.25
C ALA A 71 -0.54 4.35 -8.08
N ARG A 72 -0.92 5.01 -9.17
CA ARG A 72 -1.64 6.30 -9.04
C ARG A 72 -2.99 6.09 -8.41
N ASP A 73 -3.69 5.05 -8.84
CA ASP A 73 -5.00 4.73 -8.29
C ASP A 73 -4.86 4.34 -6.84
N LEU A 74 -3.76 3.67 -6.53
CA LEU A 74 -3.49 3.23 -5.17
C LEU A 74 -3.33 4.42 -4.22
N VAL A 75 -2.68 5.48 -4.68
CA VAL A 75 -2.55 6.69 -3.87
C VAL A 75 -3.92 7.40 -3.80
N ALA A 76 -4.67 7.36 -4.90
CA ALA A 76 -5.95 8.06 -4.96
C ALA A 76 -6.98 7.41 -4.03
N GLN A 77 -7.00 6.09 -3.98
CA GLN A 77 -7.95 5.38 -3.14
C GLN A 77 -7.60 5.62 -1.66
N TRP A 78 -6.31 5.72 -1.37
CA TRP A 78 -5.85 5.98 -0.02
C TRP A 78 -6.07 7.41 0.41
N LYS A 79 -6.19 8.32 -0.53
CA LYS A 79 -6.39 9.74 -0.20
C LYS A 79 -7.80 9.99 0.30
N LYS A 80 -8.66 9.07 -0.05
CA LYS A 80 -10.05 9.09 0.41
C LYS A 80 -10.17 8.69 1.87
N LEU A 81 -9.14 8.02 2.39
CA LEU A 81 -9.16 7.55 3.76
C LEU A 81 -8.78 8.68 4.72
N VAL A 82 -7.80 9.47 4.30
CA VAL A 82 -7.33 10.58 5.10
C VAL A 82 -8.24 11.77 4.84
N PRO A 83 -8.33 12.70 5.79
CA PRO A 83 -9.18 13.86 5.57
C PRO A 83 -8.55 14.84 4.57
N VAL A 84 -9.40 15.70 4.01
CA VAL A 84 -9.02 16.74 3.04
C VAL A 84 -8.42 16.22 1.73
N GLU A 85 -9.26 16.26 0.72
CA GLU A 85 -8.90 15.81 -0.63
C GLU A 85 -8.28 16.91 -1.49
N ARG A 86 -8.63 18.15 -1.20
CA ARG A 86 -8.27 19.31 -2.02
C ARG A 86 -8.08 20.47 -1.08
N ASN A 87 -7.42 21.53 -1.55
CA ASN A 87 -7.21 22.77 -0.79
C ASN A 87 -6.45 22.52 0.52
N ALA A 88 -5.47 21.65 0.48
CA ALA A 88 -4.60 21.39 1.63
C ALA A 88 -3.67 22.59 1.76
N GLY A 89 -3.02 22.72 2.91
CA GLY A 89 -2.08 23.82 3.11
C GLY A 89 -0.69 23.45 2.62
N SER A 90 0.17 24.45 2.50
CA SER A 90 1.56 24.30 2.01
C SER A 90 1.60 23.74 0.59
N SER A 1 -14.63 -25.82 10.22
CA SER A 1 -14.23 -26.66 11.39
C SER A 1 -13.73 -25.76 12.52
N ASN A 2 -12.42 -25.62 12.68
CA ASN A 2 -11.88 -24.71 13.69
C ASN A 2 -12.28 -23.30 13.25
N ALA A 3 -12.77 -22.49 14.17
CA ALA A 3 -13.23 -21.13 13.86
C ALA A 3 -12.47 -20.08 14.67
N ALA A 4 -11.42 -20.49 15.38
CA ALA A 4 -10.63 -19.56 16.17
C ALA A 4 -9.89 -18.61 15.23
N SER A 5 -9.75 -17.35 15.63
CA SER A 5 -9.07 -16.33 14.82
C SER A 5 -7.59 -16.61 14.59
N ALA A 6 -7.07 -17.62 15.29
CA ALA A 6 -5.69 -18.04 15.11
C ALA A 6 -5.51 -18.75 13.76
N MET A 7 -6.61 -19.14 13.14
CA MET A 7 -6.55 -19.78 11.83
C MET A 7 -6.30 -18.69 10.81
N ALA A 8 -5.23 -18.85 10.04
CA ALA A 8 -4.73 -17.90 9.02
C ALA A 8 -4.17 -16.60 9.62
N ALA A 9 -4.89 -15.98 10.55
CA ALA A 9 -4.45 -14.75 11.24
C ALA A 9 -4.05 -13.65 10.23
N GLU A 10 -2.87 -13.07 10.44
CA GLU A 10 -2.30 -12.01 9.60
C GLU A 10 -3.23 -10.83 9.31
N SER A 11 -3.29 -9.90 10.26
CA SER A 11 -4.12 -8.70 10.12
C SER A 11 -3.71 -7.90 8.89
N ALA A 12 -4.61 -7.06 8.37
CA ALA A 12 -4.33 -6.25 7.18
C ALA A 12 -3.01 -5.48 7.32
N LEU A 13 -2.74 -4.98 8.52
CA LEU A 13 -1.49 -4.29 8.79
C LEU A 13 -0.30 -5.22 8.52
N GLN A 14 -0.31 -6.38 9.16
CA GLN A 14 0.78 -7.34 9.07
C GLN A 14 1.07 -7.72 7.62
N VAL A 15 0.02 -7.87 6.84
CA VAL A 15 0.18 -8.22 5.45
C VAL A 15 0.78 -7.04 4.69
N VAL A 16 0.23 -5.85 4.84
CA VAL A 16 0.77 -4.67 4.15
C VAL A 16 2.22 -4.46 4.52
N GLU A 17 2.56 -4.58 5.79
CA GLU A 17 3.92 -4.33 6.23
C GLU A 17 4.91 -5.26 5.55
N LYS A 18 4.57 -6.53 5.52
CA LYS A 18 5.50 -7.55 5.02
C LYS A 18 5.61 -7.46 3.52
N LEU A 19 4.52 -7.03 2.91
CA LEU A 19 4.42 -6.88 1.49
C LEU A 19 5.20 -5.63 1.05
N GLN A 20 5.15 -4.57 1.85
CA GLN A 20 5.88 -3.34 1.56
C GLN A 20 7.39 -3.54 1.55
N ALA A 21 7.89 -4.40 2.42
CA ALA A 21 9.33 -4.69 2.44
C ALA A 21 9.76 -5.23 1.06
N ARG A 22 8.88 -6.00 0.43
CA ARG A 22 9.13 -6.60 -0.88
C ARG A 22 9.05 -5.57 -2.00
N LEU A 23 8.39 -4.46 -1.74
CA LEU A 23 8.29 -3.37 -2.72
C LEU A 23 9.62 -2.62 -2.79
N ALA A 24 10.23 -2.40 -1.63
CA ALA A 24 11.49 -1.68 -1.56
C ALA A 24 12.60 -2.52 -2.21
N ALA A 25 12.46 -3.83 -2.07
CA ALA A 25 13.38 -4.79 -2.66
C ALA A 25 12.96 -5.15 -4.10
N ASN A 26 12.24 -4.23 -4.76
CA ASN A 26 11.62 -4.45 -6.07
C ASN A 26 12.27 -5.53 -6.98
N PRO A 27 11.67 -6.74 -7.03
CA PRO A 27 12.19 -7.88 -7.81
C PRO A 27 11.77 -8.00 -9.28
N ASP A 28 10.68 -7.36 -9.64
CA ASP A 28 10.15 -7.37 -11.02
C ASP A 28 9.04 -6.34 -11.04
N PRO A 29 8.79 -5.69 -12.18
CA PRO A 29 7.64 -4.78 -12.18
C PRO A 29 6.34 -5.59 -12.22
N LYS A 30 6.47 -6.81 -12.71
CA LYS A 30 5.37 -7.76 -12.78
C LYS A 30 4.93 -8.10 -11.36
N LYS A 31 5.93 -8.26 -10.50
CA LYS A 31 5.69 -8.58 -9.10
C LYS A 31 5.24 -7.33 -8.36
N LEU A 32 5.77 -6.16 -8.73
CA LEU A 32 5.34 -4.91 -8.11
C LEU A 32 3.85 -4.66 -8.29
N LEU A 33 3.34 -4.89 -9.50
CA LEU A 33 1.90 -4.72 -9.74
C LEU A 33 1.11 -5.71 -8.88
N LYS A 34 1.58 -6.94 -8.78
CA LYS A 34 0.93 -7.95 -7.95
C LYS A 34 0.88 -7.49 -6.49
N TYR A 35 1.97 -6.91 -6.01
CA TYR A 35 2.02 -6.41 -4.65
C TYR A 35 1.05 -5.26 -4.44
N LEU A 36 1.01 -4.33 -5.38
CA LEU A 36 0.12 -3.17 -5.30
C LEU A 36 -1.33 -3.63 -5.20
N LYS A 37 -1.70 -4.60 -6.02
CA LYS A 37 -3.06 -5.16 -6.01
C LYS A 37 -3.37 -5.81 -4.66
N LYS A 38 -2.36 -6.32 -3.98
CA LYS A 38 -2.57 -6.93 -2.67
C LYS A 38 -2.78 -5.83 -1.61
N LEU A 39 -2.09 -4.70 -1.68
CA LEU A 39 -2.30 -3.61 -0.71
C LEU A 39 -3.74 -3.11 -0.90
N SER A 40 -4.17 -3.01 -2.15
CA SER A 40 -5.50 -2.48 -2.49
C SER A 40 -6.68 -3.37 -2.16
N THR A 41 -6.45 -4.66 -1.94
CA THR A 41 -7.54 -5.60 -1.65
C THR A 41 -7.69 -5.86 -0.15
N LEU A 42 -6.86 -5.21 0.65
CA LEU A 42 -6.93 -5.33 2.09
C LEU A 42 -7.67 -4.10 2.59
N PRO A 43 -8.35 -4.21 3.75
CA PRO A 43 -9.02 -3.03 4.32
C PRO A 43 -8.00 -2.05 4.92
N ILE A 44 -7.51 -1.15 4.09
CA ILE A 44 -6.54 -0.14 4.50
C ILE A 44 -7.23 0.94 5.29
N THR A 45 -6.62 1.29 6.41
CA THR A 45 -7.14 2.35 7.24
C THR A 45 -6.06 3.40 7.38
N VAL A 46 -6.39 4.56 7.94
CA VAL A 46 -5.41 5.63 8.12
C VAL A 46 -4.34 5.18 9.11
N ASP A 47 -4.73 4.32 10.04
CA ASP A 47 -3.79 3.79 11.04
C ASP A 47 -2.73 2.96 10.33
N ILE A 48 -3.15 2.13 9.39
CA ILE A 48 -2.20 1.31 8.65
C ILE A 48 -1.30 2.22 7.84
N LEU A 49 -1.87 3.22 7.17
CA LEU A 49 -1.06 4.12 6.35
C LEU A 49 -0.01 4.84 7.17
N ALA A 50 -0.38 5.19 8.39
CA ALA A 50 0.51 5.91 9.29
C ALA A 50 1.67 5.04 9.78
N GLU A 51 1.38 3.82 10.21
CA GLU A 51 2.43 2.98 10.80
C GLU A 51 3.36 2.41 9.75
N THR A 52 2.78 2.01 8.63
CA THR A 52 3.55 1.39 7.56
C THR A 52 4.28 2.43 6.71
N GLY A 53 3.61 3.56 6.47
CA GLY A 53 4.21 4.63 5.69
C GLY A 53 4.14 4.23 4.24
N VAL A 54 3.32 3.24 3.98
CA VAL A 54 3.14 2.63 2.67
C VAL A 54 2.71 3.67 1.62
N GLY A 55 2.03 4.73 2.07
CA GLY A 55 1.62 5.78 1.16
C GLY A 55 2.81 6.41 0.46
N LYS A 56 3.94 6.49 1.15
CA LYS A 56 5.15 7.09 0.60
C LYS A 56 5.71 6.14 -0.46
N THR A 57 5.72 4.86 -0.11
CA THR A 57 6.24 3.81 -0.98
C THR A 57 5.51 3.74 -2.33
N VAL A 58 4.18 3.68 -2.29
CA VAL A 58 3.42 3.57 -3.53
C VAL A 58 3.51 4.88 -4.33
N ASN A 59 3.59 6.00 -3.64
CA ASN A 59 3.71 7.29 -4.33
C ASN A 59 5.01 7.35 -5.13
N SER A 60 6.08 6.80 -4.58
CA SER A 60 7.36 6.75 -5.29
C SER A 60 7.25 5.82 -6.50
N LEU A 61 6.53 4.72 -6.34
CA LEU A 61 6.35 3.74 -7.41
C LEU A 61 5.51 4.27 -8.56
N ARG A 62 4.72 5.31 -8.33
CA ARG A 62 3.89 5.86 -9.40
C ARG A 62 4.70 6.50 -10.52
N LYS A 63 5.99 6.71 -10.28
CA LYS A 63 6.88 7.26 -11.32
C LYS A 63 7.28 6.18 -12.34
N HIS A 64 7.05 4.92 -12.01
CA HIS A 64 7.44 3.83 -12.91
C HIS A 64 6.47 3.79 -14.08
N GLU A 65 6.99 3.65 -15.29
CA GLU A 65 6.16 3.63 -16.49
C GLU A 65 5.18 2.43 -16.53
N HIS A 66 5.59 1.31 -15.96
CA HIS A 66 4.80 0.08 -16.06
C HIS A 66 3.73 -0.10 -14.99
N VAL A 67 4.03 0.27 -13.75
CA VAL A 67 3.09 0.09 -12.66
C VAL A 67 2.51 1.41 -12.17
N GLY A 68 2.99 2.51 -12.74
CA GLY A 68 2.56 3.82 -12.30
C GLY A 68 1.09 4.10 -12.49
N SER A 69 0.51 3.57 -13.56
CA SER A 69 -0.91 3.75 -13.84
C SER A 69 -1.76 3.19 -12.69
N PHE A 70 -1.38 2.03 -12.17
CA PHE A 70 -2.10 1.45 -11.04
C PHE A 70 -1.68 2.11 -9.72
N ALA A 71 -0.40 2.43 -9.59
CA ALA A 71 0.13 3.04 -8.37
C ALA A 71 -0.52 4.39 -8.07
N ARG A 72 -0.76 5.21 -9.09
CA ARG A 72 -1.42 6.50 -8.86
C ARG A 72 -2.84 6.29 -8.36
N ASP A 73 -3.46 5.18 -8.72
CA ASP A 73 -4.81 4.87 -8.25
C ASP A 73 -4.77 4.44 -6.79
N LEU A 74 -3.72 3.71 -6.43
CA LEU A 74 -3.51 3.29 -5.05
C LEU A 74 -3.37 4.53 -4.15
N VAL A 75 -2.65 5.53 -4.63
CA VAL A 75 -2.48 6.76 -3.88
C VAL A 75 -3.81 7.52 -3.85
N ALA A 76 -4.55 7.48 -4.94
CA ALA A 76 -5.82 8.21 -5.03
C ALA A 76 -6.87 7.61 -4.09
N GLN A 77 -6.92 6.30 -3.99
CA GLN A 77 -7.91 5.66 -3.13
C GLN A 77 -7.55 5.94 -1.67
N TRP A 78 -6.26 5.95 -1.37
CA TRP A 78 -5.78 6.24 -0.02
C TRP A 78 -5.97 7.70 0.36
N LYS A 79 -5.97 8.58 -0.61
CA LYS A 79 -6.14 10.01 -0.35
C LYS A 79 -7.54 10.30 0.17
N LYS A 80 -8.48 9.43 -0.13
CA LYS A 80 -9.86 9.58 0.34
C LYS A 80 -10.00 9.14 1.79
N LEU A 81 -9.05 8.37 2.29
CA LEU A 81 -9.13 7.85 3.65
C LEU A 81 -8.65 8.88 4.64
N VAL A 82 -7.58 9.56 4.28
CA VAL A 82 -6.99 10.58 5.11
C VAL A 82 -7.74 11.88 4.85
N PRO A 83 -7.73 12.80 5.82
CA PRO A 83 -8.45 14.07 5.62
C PRO A 83 -7.83 14.93 4.52
N VAL A 84 -8.66 15.78 3.92
CA VAL A 84 -8.23 16.65 2.84
C VAL A 84 -8.74 18.07 3.08
N GLU A 85 -7.87 19.06 2.96
CA GLU A 85 -8.24 20.45 3.16
C GLU A 85 -8.87 21.00 1.86
N ARG A 86 -9.80 21.93 1.99
CA ARG A 86 -10.51 22.49 0.83
C ARG A 86 -9.76 23.68 0.24
N ASN A 87 -8.77 23.39 -0.60
CA ASN A 87 -7.99 24.44 -1.25
C ASN A 87 -8.74 25.13 -2.40
N ALA A 88 -9.67 24.42 -3.02
CA ALA A 88 -10.41 24.95 -4.17
C ALA A 88 -11.83 24.40 -4.17
N GLY A 89 -12.66 24.97 -5.02
CA GLY A 89 -14.05 24.54 -5.17
C GLY A 89 -14.31 24.14 -6.62
N SER A 90 -13.27 23.65 -7.26
CA SER A 90 -13.30 23.24 -8.66
C SER A 90 -12.25 22.17 -8.80
N SER A 1 -3.47 -34.46 -3.86
CA SER A 1 -4.06 -35.78 -3.54
C SER A 1 -4.71 -35.78 -2.17
N ASN A 2 -3.92 -35.63 -1.12
CA ASN A 2 -4.42 -35.62 0.25
C ASN A 2 -4.98 -34.23 0.61
N ALA A 3 -6.05 -33.85 -0.09
CA ALA A 3 -6.69 -32.55 0.06
C ALA A 3 -5.67 -31.42 -0.19
N ALA A 4 -5.88 -30.28 0.46
CA ALA A 4 -5.00 -29.11 0.35
C ALA A 4 -5.16 -28.22 1.59
N SER A 5 -6.41 -28.07 2.02
CA SER A 5 -6.81 -27.27 3.19
C SER A 5 -6.54 -25.77 2.99
N ALA A 6 -6.86 -24.99 4.01
CA ALA A 6 -6.70 -23.54 4.00
C ALA A 6 -6.65 -23.08 5.45
N MET A 7 -6.42 -21.79 5.66
CA MET A 7 -6.32 -21.22 7.00
C MET A 7 -6.67 -19.74 6.91
N ALA A 8 -6.91 -19.11 8.05
CA ALA A 8 -7.22 -17.69 8.10
C ALA A 8 -5.94 -16.90 7.83
N ALA A 9 -6.10 -15.68 7.33
CA ALA A 9 -4.96 -14.82 7.06
C ALA A 9 -4.66 -13.95 8.29
N GLU A 10 -3.54 -13.24 8.22
CA GLU A 10 -3.11 -12.35 9.27
C GLU A 10 -3.89 -11.05 9.16
N SER A 11 -3.67 -10.17 10.12
CA SER A 11 -4.32 -8.87 10.13
C SER A 11 -3.78 -8.06 8.96
N ALA A 12 -4.55 -7.07 8.51
CA ALA A 12 -4.15 -6.23 7.38
C ALA A 12 -2.78 -5.61 7.61
N LEU A 13 -2.48 -5.24 8.86
CA LEU A 13 -1.20 -4.63 9.17
C LEU A 13 -0.02 -5.58 8.96
N GLN A 14 -0.20 -6.83 9.34
CA GLN A 14 0.89 -7.78 9.17
C GLN A 14 1.16 -8.00 7.69
N VAL A 15 0.10 -8.02 6.91
CA VAL A 15 0.22 -8.27 5.48
C VAL A 15 0.80 -7.06 4.73
N VAL A 16 0.31 -5.86 4.99
CA VAL A 16 0.84 -4.64 4.33
C VAL A 16 2.35 -4.51 4.54
N GLU A 17 2.81 -4.76 5.76
CA GLU A 17 4.20 -4.54 6.10
C GLU A 17 5.10 -5.48 5.32
N LYS A 18 4.67 -6.72 5.24
CA LYS A 18 5.47 -7.75 4.59
C LYS A 18 5.53 -7.47 3.11
N LEU A 19 4.46 -6.92 2.57
CA LEU A 19 4.46 -6.54 1.17
C LEU A 19 5.36 -5.36 0.95
N GLN A 20 5.23 -4.32 1.76
CA GLN A 20 6.04 -3.11 1.63
C GLN A 20 7.54 -3.45 1.63
N ALA A 21 7.94 -4.41 2.44
CA ALA A 21 9.32 -4.87 2.42
C ALA A 21 9.67 -5.40 1.01
N ARG A 22 8.76 -6.15 0.41
CA ARG A 22 8.98 -6.69 -0.95
C ARG A 22 8.85 -5.61 -2.02
N LEU A 23 8.15 -4.53 -1.67
CA LEU A 23 7.94 -3.40 -2.57
C LEU A 23 9.20 -2.56 -2.69
N ALA A 24 9.86 -2.32 -1.56
CA ALA A 24 11.11 -1.54 -1.55
C ALA A 24 12.24 -2.34 -2.20
N ALA A 25 12.20 -3.64 -1.99
CA ALA A 25 13.18 -4.58 -2.55
C ALA A 25 12.84 -4.99 -4.00
N ASN A 26 12.10 -4.15 -4.71
CA ASN A 26 11.53 -4.44 -6.03
C ASN A 26 12.26 -5.52 -6.89
N PRO A 27 11.67 -6.73 -6.98
CA PRO A 27 12.24 -7.84 -7.78
C PRO A 27 11.84 -7.94 -9.26
N ASP A 28 10.70 -7.37 -9.61
CA ASP A 28 10.16 -7.40 -10.99
C ASP A 28 9.07 -6.37 -10.96
N PRO A 29 8.80 -5.71 -12.09
CA PRO A 29 7.67 -4.78 -12.06
C PRO A 29 6.36 -5.56 -12.12
N LYS A 30 6.47 -6.78 -12.62
CA LYS A 30 5.35 -7.72 -12.72
C LYS A 30 4.91 -8.04 -11.29
N LYS A 31 5.90 -8.24 -10.43
CA LYS A 31 5.66 -8.57 -9.04
C LYS A 31 5.26 -7.31 -8.26
N LEU A 32 5.80 -6.16 -8.65
CA LEU A 32 5.41 -4.89 -8.01
C LEU A 32 3.92 -4.60 -8.22
N LEU A 33 3.42 -4.79 -9.42
CA LEU A 33 2.00 -4.55 -9.68
C LEU A 33 1.18 -5.52 -8.84
N LYS A 34 1.64 -6.77 -8.74
CA LYS A 34 0.97 -7.76 -7.90
C LYS A 34 0.92 -7.29 -6.44
N TYR A 35 2.00 -6.69 -5.95
CA TYR A 35 2.03 -6.19 -4.59
C TYR A 35 1.01 -5.06 -4.42
N LEU A 36 0.98 -4.14 -5.37
CA LEU A 36 0.03 -3.03 -5.33
C LEU A 36 -1.39 -3.56 -5.31
N LYS A 37 -1.68 -4.56 -6.14
CA LYS A 37 -3.02 -5.15 -6.20
C LYS A 37 -3.40 -5.78 -4.87
N LYS A 38 -2.42 -6.33 -4.14
CA LYS A 38 -2.71 -6.93 -2.84
C LYS A 38 -3.02 -5.83 -1.85
N LEU A 39 -2.30 -4.72 -1.91
CA LEU A 39 -2.55 -3.62 -0.98
C LEU A 39 -3.93 -3.06 -1.21
N SER A 40 -4.36 -3.03 -2.46
CA SER A 40 -5.68 -2.53 -2.83
C SER A 40 -6.84 -3.42 -2.38
N THR A 41 -6.56 -4.63 -1.91
CA THR A 41 -7.62 -5.55 -1.47
C THR A 41 -7.53 -5.83 0.04
N LEU A 42 -6.60 -5.17 0.72
CA LEU A 42 -6.54 -5.26 2.18
C LEU A 42 -7.35 -4.06 2.65
N PRO A 43 -8.02 -4.19 3.81
CA PRO A 43 -8.75 -3.04 4.37
C PRO A 43 -7.77 -2.03 4.99
N ILE A 44 -7.21 -1.19 4.14
CA ILE A 44 -6.26 -0.18 4.56
C ILE A 44 -6.98 0.91 5.29
N THR A 45 -6.40 1.35 6.40
CA THR A 45 -6.96 2.41 7.19
C THR A 45 -5.92 3.48 7.36
N VAL A 46 -6.31 4.64 7.89
CA VAL A 46 -5.36 5.72 8.13
C VAL A 46 -4.33 5.30 9.17
N ASP A 47 -4.75 4.42 10.07
CA ASP A 47 -3.87 3.88 11.11
C ASP A 47 -2.76 3.08 10.45
N ILE A 48 -3.13 2.24 9.48
CA ILE A 48 -2.14 1.45 8.77
C ILE A 48 -1.23 2.35 7.97
N LEU A 49 -1.79 3.34 7.28
CA LEU A 49 -0.98 4.24 6.44
C LEU A 49 0.07 4.96 7.26
N ALA A 50 -0.31 5.31 8.48
CA ALA A 50 0.58 6.03 9.38
C ALA A 50 1.73 5.16 9.90
N GLU A 51 1.41 3.94 10.32
CA GLU A 51 2.42 3.05 10.91
C GLU A 51 3.38 2.50 9.87
N THR A 52 2.86 2.17 8.71
CA THR A 52 3.65 1.55 7.65
C THR A 52 4.37 2.58 6.79
N GLY A 53 3.69 3.65 6.45
CA GLY A 53 4.28 4.68 5.63
C GLY A 53 4.18 4.21 4.19
N VAL A 54 3.34 3.21 4.00
CA VAL A 54 3.10 2.59 2.70
C VAL A 54 2.65 3.61 1.65
N GLY A 55 2.02 4.68 2.11
CA GLY A 55 1.60 5.74 1.20
C GLY A 55 2.79 6.34 0.47
N LYS A 56 3.95 6.38 1.13
CA LYS A 56 5.15 6.94 0.54
C LYS A 56 5.69 5.95 -0.49
N THR A 57 5.65 4.67 -0.13
CA THR A 57 6.13 3.59 -1.00
C THR A 57 5.42 3.58 -2.35
N VAL A 58 4.09 3.54 -2.33
CA VAL A 58 3.34 3.44 -3.58
C VAL A 58 3.43 4.76 -4.36
N ASN A 59 3.48 5.89 -3.66
CA ASN A 59 3.58 7.19 -4.34
C ASN A 59 4.90 7.31 -5.08
N SER A 60 5.95 6.75 -4.51
CA SER A 60 7.27 6.76 -5.15
C SER A 60 7.27 5.81 -6.35
N LEU A 61 6.59 4.69 -6.20
CA LEU A 61 6.52 3.68 -7.25
C LEU A 61 5.76 4.15 -8.47
N ARG A 62 4.91 5.16 -8.34
CA ARG A 62 4.14 5.65 -9.47
C ARG A 62 5.02 6.25 -10.58
N LYS A 63 6.29 6.48 -10.28
CA LYS A 63 7.25 6.98 -11.28
C LYS A 63 7.65 5.87 -12.27
N HIS A 64 7.44 4.62 -11.89
CA HIS A 64 7.83 3.50 -12.72
C HIS A 64 6.81 3.36 -13.84
N GLU A 65 7.26 3.41 -15.09
CA GLU A 65 6.37 3.37 -16.26
C GLU A 65 5.43 2.16 -16.29
N HIS A 66 5.89 1.03 -15.78
CA HIS A 66 5.14 -0.22 -15.88
C HIS A 66 3.99 -0.35 -14.90
N VAL A 67 4.17 0.20 -13.70
CA VAL A 67 3.16 0.07 -12.65
C VAL A 67 2.54 1.40 -12.26
N GLY A 68 3.04 2.50 -12.82
CA GLY A 68 2.57 3.82 -12.46
C GLY A 68 1.09 4.05 -12.65
N SER A 69 0.53 3.54 -13.74
CA SER A 69 -0.89 3.69 -14.02
C SER A 69 -1.75 3.08 -12.90
N PHE A 70 -1.31 1.96 -12.34
CA PHE A 70 -2.01 1.37 -11.21
C PHE A 70 -1.65 2.07 -9.88
N ALA A 71 -0.38 2.41 -9.72
CA ALA A 71 0.12 3.01 -8.49
C ALA A 71 -0.55 4.34 -8.18
N ARG A 72 -0.78 5.17 -9.19
CA ARG A 72 -1.45 6.46 -8.95
C ARG A 72 -2.87 6.26 -8.42
N ASP A 73 -3.50 5.15 -8.78
CA ASP A 73 -4.85 4.87 -8.28
C ASP A 73 -4.78 4.47 -6.82
N LEU A 74 -3.74 3.72 -6.48
CA LEU A 74 -3.51 3.30 -5.10
C LEU A 74 -3.34 4.51 -4.20
N VAL A 75 -2.67 5.53 -4.69
CA VAL A 75 -2.50 6.76 -3.93
C VAL A 75 -3.84 7.50 -3.86
N ALA A 76 -4.58 7.52 -4.97
CA ALA A 76 -5.84 8.26 -5.03
C ALA A 76 -6.89 7.65 -4.11
N GLN A 77 -6.95 6.33 -4.04
CA GLN A 77 -7.92 5.66 -3.19
C GLN A 77 -7.60 5.88 -1.72
N TRP A 78 -6.30 5.94 -1.41
CA TRP A 78 -5.85 6.15 -0.04
C TRP A 78 -6.04 7.59 0.41
N LYS A 79 -6.05 8.51 -0.54
CA LYS A 79 -6.28 9.93 -0.24
C LYS A 79 -7.70 10.17 0.20
N LYS A 80 -8.59 9.24 -0.10
CA LYS A 80 -9.99 9.32 0.34
C LYS A 80 -10.15 8.92 1.80
N LEU A 81 -9.15 8.26 2.35
CA LEU A 81 -9.24 7.74 3.73
C LEU A 81 -8.80 8.80 4.73
N VAL A 82 -7.77 9.54 4.35
CA VAL A 82 -7.20 10.56 5.20
C VAL A 82 -8.00 11.84 5.07
N PRO A 83 -7.97 12.69 6.09
CA PRO A 83 -8.66 13.98 5.96
C PRO A 83 -7.87 14.86 5.00
N VAL A 84 -8.57 15.74 4.30
CA VAL A 84 -7.93 16.62 3.33
C VAL A 84 -8.30 18.05 3.64
N GLU A 85 -7.30 18.91 3.66
CA GLU A 85 -7.45 20.33 3.95
C GLU A 85 -6.63 21.08 2.91
N ARG A 86 -6.79 22.39 2.85
CA ARG A 86 -6.03 23.20 1.88
C ARG A 86 -4.63 23.52 2.43
N ASN A 87 -3.76 22.52 2.44
CA ASN A 87 -2.38 22.71 2.89
C ASN A 87 -1.47 22.72 1.64
N ALA A 88 -0.23 23.12 1.82
CA ALA A 88 0.72 23.21 0.71
C ALA A 88 1.32 21.82 0.44
N GLY A 89 1.84 21.62 -0.76
CA GLY A 89 2.47 20.35 -1.11
C GLY A 89 1.50 19.26 -1.55
N SER A 90 0.26 19.64 -1.85
CA SER A 90 -0.75 18.68 -2.31
C SER A 90 -0.51 18.26 -3.75
N SER A 1 3.70 -3.50 17.28
CA SER A 1 4.79 -4.37 16.76
C SER A 1 5.59 -5.04 17.89
N ASN A 2 5.76 -4.37 19.03
CA ASN A 2 6.51 -4.96 20.15
C ASN A 2 5.88 -6.28 20.57
N ALA A 3 6.70 -7.34 20.57
CA ALA A 3 6.30 -8.72 20.91
C ALA A 3 5.27 -9.35 19.94
N ALA A 4 4.73 -8.55 19.04
CA ALA A 4 3.73 -8.99 18.07
C ALA A 4 4.28 -8.74 16.67
N SER A 5 5.22 -9.58 16.25
CA SER A 5 5.84 -9.45 14.94
C SER A 5 6.24 -10.81 14.37
N ALA A 6 7.06 -11.56 15.10
CA ALA A 6 7.56 -12.86 14.63
C ALA A 6 6.47 -13.87 14.26
N MET A 7 5.36 -13.85 14.98
CA MET A 7 4.25 -14.77 14.73
C MET A 7 2.96 -14.00 14.48
N ALA A 8 3.11 -12.74 14.08
CA ALA A 8 1.95 -11.90 13.82
C ALA A 8 1.66 -11.96 12.31
N ALA A 9 0.45 -12.32 11.95
CA ALA A 9 0.08 -12.48 10.56
C ALA A 9 -1.39 -12.15 10.34
N GLU A 10 -1.79 -12.22 9.08
CA GLU A 10 -3.16 -12.04 8.57
C GLU A 10 -3.93 -10.76 8.82
N SER A 11 -3.49 -9.98 9.79
CA SER A 11 -4.12 -8.69 10.05
C SER A 11 -3.75 -7.83 8.86
N ALA A 12 -4.63 -6.95 8.43
CA ALA A 12 -4.36 -6.12 7.24
C ALA A 12 -3.03 -5.36 7.40
N LEU A 13 -2.78 -4.88 8.62
CA LEU A 13 -1.53 -4.20 8.94
C LEU A 13 -0.35 -5.12 8.66
N GLN A 14 -0.42 -6.33 9.19
CA GLN A 14 0.68 -7.28 9.07
C GLN A 14 0.94 -7.64 7.62
N VAL A 15 -0.12 -7.85 6.86
CA VAL A 15 0.03 -8.27 5.47
C VAL A 15 0.69 -7.14 4.65
N VAL A 16 0.19 -5.92 4.80
CA VAL A 16 0.75 -4.76 4.09
C VAL A 16 2.20 -4.56 4.45
N GLU A 17 2.53 -4.70 5.73
CA GLU A 17 3.88 -4.46 6.18
C GLU A 17 4.89 -5.29 5.40
N LYS A 18 4.59 -6.56 5.24
CA LYS A 18 5.53 -7.48 4.62
C LYS A 18 5.59 -7.21 3.13
N LEU A 19 4.48 -6.83 2.54
CA LEU A 19 4.46 -6.50 1.11
C LEU A 19 5.30 -5.29 0.84
N GLN A 20 5.22 -4.30 1.70
CA GLN A 20 5.99 -3.07 1.52
C GLN A 20 7.49 -3.38 1.56
N ALA A 21 7.88 -4.31 2.42
CA ALA A 21 9.27 -4.74 2.45
C ALA A 21 9.65 -5.32 1.08
N ARG A 22 8.75 -6.09 0.46
CA ARG A 22 9.04 -6.65 -0.86
C ARG A 22 9.00 -5.58 -1.96
N LEU A 23 8.34 -4.45 -1.71
CA LEU A 23 8.30 -3.35 -2.66
C LEU A 23 9.64 -2.64 -2.73
N ALA A 24 10.28 -2.46 -1.58
CA ALA A 24 11.58 -1.79 -1.53
C ALA A 24 12.59 -2.68 -2.25
N ALA A 25 12.48 -3.98 -1.98
CA ALA A 25 13.33 -5.00 -2.59
C ALA A 25 12.85 -5.39 -3.99
N ASN A 26 12.13 -4.48 -4.68
CA ASN A 26 11.50 -4.74 -5.96
C ASN A 26 12.22 -5.75 -6.91
N PRO A 27 11.67 -6.97 -7.03
CA PRO A 27 12.23 -8.03 -7.88
C PRO A 27 11.81 -8.04 -9.35
N ASP A 28 10.71 -7.39 -9.66
CA ASP A 28 10.16 -7.35 -11.03
C ASP A 28 9.07 -6.29 -11.06
N PRO A 29 8.84 -5.66 -12.22
CA PRO A 29 7.72 -4.72 -12.27
C PRO A 29 6.40 -5.49 -12.30
N LYS A 30 6.47 -6.73 -12.78
CA LYS A 30 5.31 -7.60 -12.85
C LYS A 30 4.88 -7.98 -11.44
N LYS A 31 5.88 -8.20 -10.60
CA LYS A 31 5.66 -8.56 -9.21
C LYS A 31 5.23 -7.32 -8.43
N LEU A 32 5.76 -6.15 -8.79
CA LEU A 32 5.34 -4.89 -8.17
C LEU A 32 3.83 -4.68 -8.33
N LEU A 33 3.31 -4.91 -9.52
CA LEU A 33 1.87 -4.77 -9.74
C LEU A 33 1.09 -5.75 -8.87
N LYS A 34 1.60 -6.97 -8.75
CA LYS A 34 0.96 -7.99 -7.91
C LYS A 34 0.91 -7.51 -6.46
N TYR A 35 1.98 -6.91 -5.98
CA TYR A 35 2.02 -6.40 -4.62
C TYR A 35 1.02 -5.28 -4.43
N LEU A 36 0.98 -4.36 -5.38
CA LEU A 36 0.09 -3.21 -5.31
C LEU A 36 -1.34 -3.66 -5.19
N LYS A 37 -1.74 -4.61 -6.03
CA LYS A 37 -3.09 -5.14 -6.00
C LYS A 37 -3.42 -5.76 -4.63
N LYS A 38 -2.43 -6.30 -3.95
CA LYS A 38 -2.68 -6.88 -2.63
C LYS A 38 -2.86 -5.79 -1.58
N LEU A 39 -2.16 -4.66 -1.67
CA LEU A 39 -2.35 -3.58 -0.70
C LEU A 39 -3.78 -3.06 -0.88
N SER A 40 -4.19 -2.98 -2.14
CA SER A 40 -5.50 -2.46 -2.51
C SER A 40 -6.69 -3.27 -2.00
N THR A 41 -6.56 -4.60 -2.03
CA THR A 41 -7.67 -5.48 -1.63
C THR A 41 -7.80 -5.67 -0.12
N LEU A 42 -6.88 -5.11 0.65
CA LEU A 42 -6.94 -5.21 2.09
C LEU A 42 -7.66 -3.96 2.60
N PRO A 43 -8.34 -4.05 3.75
CA PRO A 43 -8.98 -2.86 4.32
C PRO A 43 -7.94 -1.89 4.92
N ILE A 44 -7.42 -1.03 4.08
CA ILE A 44 -6.43 -0.04 4.48
C ILE A 44 -7.10 1.05 5.27
N THR A 45 -6.50 1.39 6.40
CA THR A 45 -7.00 2.44 7.23
C THR A 45 -5.90 3.48 7.40
N VAL A 46 -6.24 4.63 7.95
CA VAL A 46 -5.25 5.69 8.14
C VAL A 46 -4.20 5.24 9.14
N ASP A 47 -4.60 4.36 10.05
CA ASP A 47 -3.69 3.81 11.05
C ASP A 47 -2.62 2.97 10.36
N ILE A 48 -3.05 2.14 9.40
CA ILE A 48 -2.09 1.32 8.67
C ILE A 48 -1.18 2.22 7.88
N LEU A 49 -1.73 3.23 7.22
CA LEU A 49 -0.91 4.12 6.39
C LEU A 49 0.16 4.79 7.23
N ALA A 50 -0.19 5.14 8.45
CA ALA A 50 0.72 5.80 9.38
C ALA A 50 1.79 4.84 9.92
N GLU A 51 1.40 3.63 10.31
CA GLU A 51 2.34 2.67 10.91
C GLU A 51 3.32 2.12 9.88
N THR A 52 2.84 1.93 8.66
CA THR A 52 3.65 1.33 7.61
C THR A 52 4.41 2.37 6.80
N GLY A 53 3.75 3.49 6.50
CA GLY A 53 4.40 4.54 5.72
C GLY A 53 4.28 4.18 4.25
N VAL A 54 3.42 3.21 4.00
CA VAL A 54 3.20 2.64 2.68
C VAL A 54 2.76 3.71 1.68
N GLY A 55 2.10 4.75 2.17
CA GLY A 55 1.67 5.83 1.29
C GLY A 55 2.85 6.46 0.57
N LYS A 56 3.98 6.59 1.24
CA LYS A 56 5.17 7.20 0.65
C LYS A 56 5.74 6.23 -0.37
N THR A 57 5.75 4.96 -0.01
CA THR A 57 6.28 3.91 -0.87
C THR A 57 5.55 3.80 -2.21
N VAL A 58 4.22 3.70 -2.19
CA VAL A 58 3.47 3.54 -3.42
C VAL A 58 3.51 4.83 -4.24
N ASN A 59 3.54 5.98 -3.57
CA ASN A 59 3.62 7.25 -4.28
C ASN A 59 4.94 7.36 -5.03
N SER A 60 6.00 6.81 -4.44
CA SER A 60 7.31 6.80 -5.08
C SER A 60 7.33 5.90 -6.32
N LEU A 61 6.55 4.82 -6.28
CA LEU A 61 6.47 3.87 -7.39
C LEU A 61 5.77 4.45 -8.61
N ARG A 62 4.97 5.50 -8.43
CA ARG A 62 4.23 6.13 -9.53
C ARG A 62 5.12 6.58 -10.69
N LYS A 63 6.40 6.80 -10.44
CA LYS A 63 7.32 7.26 -11.48
C LYS A 63 7.68 6.16 -12.49
N HIS A 64 7.45 4.91 -12.13
CA HIS A 64 7.83 3.80 -12.99
C HIS A 64 6.73 3.57 -14.01
N GLU A 65 7.10 3.61 -15.27
CA GLU A 65 6.19 3.49 -16.40
C GLU A 65 5.35 2.21 -16.33
N HIS A 66 5.97 1.14 -15.86
CA HIS A 66 5.32 -0.16 -15.77
C HIS A 66 4.12 -0.26 -14.85
N VAL A 67 4.19 0.40 -13.70
CA VAL A 67 3.17 0.25 -12.68
C VAL A 67 2.58 1.58 -12.21
N GLY A 68 3.08 2.67 -12.74
CA GLY A 68 2.61 3.99 -12.33
C GLY A 68 1.14 4.20 -12.57
N SER A 69 0.62 3.59 -13.62
CA SER A 69 -0.79 3.70 -13.97
C SER A 69 -1.67 3.16 -12.84
N PHE A 70 -1.29 2.01 -12.26
CA PHE A 70 -2.01 1.47 -11.13
C PHE A 70 -1.64 2.16 -9.82
N ALA A 71 -0.38 2.53 -9.68
CA ALA A 71 0.12 3.16 -8.46
C ALA A 71 -0.58 4.50 -8.17
N ARG A 72 -0.90 5.27 -9.20
CA ARG A 72 -1.61 6.55 -8.99
C ARG A 72 -3.00 6.27 -8.43
N ASP A 73 -3.61 5.16 -8.83
CA ASP A 73 -4.94 4.80 -8.36
C ASP A 73 -4.86 4.33 -6.92
N LEU A 74 -3.79 3.61 -6.61
CA LEU A 74 -3.54 3.13 -5.26
C LEU A 74 -3.44 4.32 -4.29
N VAL A 75 -2.74 5.36 -4.70
CA VAL A 75 -2.62 6.55 -3.87
C VAL A 75 -3.96 7.29 -3.82
N ALA A 76 -4.70 7.30 -4.91
CA ALA A 76 -6.01 7.96 -4.93
C ALA A 76 -6.99 7.26 -3.98
N GLN A 77 -6.97 5.94 -3.96
CA GLN A 77 -7.84 5.17 -3.07
C GLN A 77 -7.53 5.51 -1.61
N TRP A 78 -6.26 5.83 -1.32
CA TRP A 78 -5.82 6.19 0.02
C TRP A 78 -6.07 7.66 0.37
N LYS A 79 -6.08 8.53 -0.62
CA LYS A 79 -6.29 9.96 -0.39
C LYS A 79 -7.66 10.21 0.21
N LYS A 80 -8.65 9.44 -0.20
CA LYS A 80 -10.00 9.63 0.31
C LYS A 80 -10.21 9.05 1.71
N LEU A 81 -9.17 8.47 2.30
CA LEU A 81 -9.27 7.90 3.65
C LEU A 81 -8.92 8.92 4.72
N VAL A 82 -8.01 9.82 4.37
CA VAL A 82 -7.50 10.83 5.29
C VAL A 82 -8.32 12.12 5.14
N PRO A 83 -8.32 12.97 6.18
CA PRO A 83 -9.00 14.25 6.06
C PRO A 83 -8.17 15.21 5.19
N VAL A 84 -8.81 16.28 4.72
CA VAL A 84 -8.23 17.31 3.83
C VAL A 84 -7.91 16.71 2.43
N GLU A 85 -8.38 17.41 1.40
CA GLU A 85 -8.28 16.95 -0.01
C GLU A 85 -8.89 15.54 -0.15
N ARG A 86 -9.88 15.26 0.69
CA ARG A 86 -10.53 13.94 0.70
C ARG A 86 -11.28 13.69 -0.59
N ASN A 87 -11.81 14.78 -1.15
CA ASN A 87 -12.56 14.74 -2.39
C ASN A 87 -11.96 15.84 -3.26
N ALA A 88 -12.18 15.77 -4.55
CA ALA A 88 -11.70 16.78 -5.49
C ALA A 88 -12.75 16.78 -6.61
N GLY A 89 -12.78 17.84 -7.41
CA GLY A 89 -13.78 17.92 -8.48
C GLY A 89 -15.11 18.41 -7.93
N SER A 90 -15.03 19.20 -6.88
CA SER A 90 -16.19 19.79 -6.22
C SER A 90 -15.69 21.10 -5.68
N SER A 1 -7.10 -26.61 3.74
CA SER A 1 -6.89 -25.85 2.47
C SER A 1 -8.13 -25.09 2.12
N ASN A 2 -8.12 -24.34 1.03
CA ASN A 2 -9.27 -23.52 0.59
C ASN A 2 -9.64 -22.54 1.70
N ALA A 3 -8.65 -21.74 2.09
CA ALA A 3 -8.75 -20.77 3.18
C ALA A 3 -8.95 -21.50 4.52
N ALA A 4 -9.59 -20.83 5.48
CA ALA A 4 -9.84 -21.41 6.81
C ALA A 4 -11.32 -21.36 7.19
N SER A 5 -12.06 -20.44 6.58
CA SER A 5 -13.50 -20.24 6.83
C SER A 5 -13.86 -20.10 8.32
N ALA A 6 -12.95 -19.51 9.09
CA ALA A 6 -13.15 -19.30 10.51
C ALA A 6 -12.22 -18.14 10.88
N MET A 7 -12.28 -17.71 12.14
CA MET A 7 -11.44 -16.61 12.61
C MET A 7 -9.98 -17.07 12.64
N ALA A 8 -9.16 -16.51 11.77
CA ALA A 8 -7.76 -16.90 11.62
C ALA A 8 -7.03 -15.78 10.89
N ALA A 9 -5.83 -16.10 10.40
CA ALA A 9 -4.97 -15.20 9.62
C ALA A 9 -4.41 -14.04 10.48
N GLU A 10 -3.98 -12.98 9.81
CA GLU A 10 -3.35 -11.83 10.46
C GLU A 10 -4.03 -10.56 9.98
N SER A 11 -3.80 -9.45 10.67
CA SER A 11 -4.47 -8.19 10.34
C SER A 11 -3.96 -7.61 9.02
N ALA A 12 -4.76 -6.73 8.42
CA ALA A 12 -4.39 -6.08 7.17
C ALA A 12 -3.05 -5.34 7.32
N LEU A 13 -2.82 -4.81 8.52
CA LEU A 13 -1.59 -4.12 8.85
C LEU A 13 -0.41 -5.04 8.59
N GLN A 14 -0.47 -6.24 9.14
CA GLN A 14 0.64 -7.18 9.03
C GLN A 14 0.89 -7.58 7.59
N VAL A 15 -0.18 -7.84 6.85
CA VAL A 15 -0.04 -8.27 5.46
C VAL A 15 0.65 -7.16 4.65
N VAL A 16 0.17 -5.93 4.80
CA VAL A 16 0.74 -4.77 4.09
C VAL A 16 2.20 -4.59 4.40
N GLU A 17 2.57 -4.71 5.67
CA GLU A 17 3.94 -4.46 6.06
C GLU A 17 4.89 -5.38 5.30
N LYS A 18 4.50 -6.64 5.27
CA LYS A 18 5.31 -7.70 4.69
C LYS A 18 5.43 -7.50 3.20
N LEU A 19 4.41 -6.94 2.58
CA LEU A 19 4.47 -6.63 1.16
C LEU A 19 5.33 -5.44 0.90
N GLN A 20 5.25 -4.42 1.74
CA GLN A 20 6.03 -3.20 1.56
C GLN A 20 7.52 -3.53 1.63
N ALA A 21 7.89 -4.47 2.47
CA ALA A 21 9.26 -4.94 2.53
C ALA A 21 9.68 -5.48 1.14
N ARG A 22 8.78 -6.19 0.47
CA ARG A 22 9.07 -6.74 -0.85
C ARG A 22 9.06 -5.65 -1.94
N LEU A 23 8.41 -4.53 -1.66
CA LEU A 23 8.38 -3.40 -2.59
C LEU A 23 9.72 -2.68 -2.64
N ALA A 24 10.33 -2.51 -1.47
CA ALA A 24 11.62 -1.82 -1.37
C ALA A 24 12.73 -2.68 -2.01
N ALA A 25 12.52 -3.98 -1.97
CA ALA A 25 13.42 -4.96 -2.54
C ALA A 25 13.00 -5.32 -3.98
N ASN A 26 12.29 -4.40 -4.63
CA ASN A 26 11.62 -4.66 -5.92
C ASN A 26 12.30 -5.71 -6.84
N PRO A 27 11.70 -6.91 -6.94
CA PRO A 27 12.23 -8.01 -7.77
C PRO A 27 11.83 -8.00 -9.25
N ASP A 28 10.78 -7.26 -9.57
CA ASP A 28 10.29 -7.11 -10.95
C ASP A 28 9.18 -6.08 -10.96
N PRO A 29 8.98 -5.37 -12.07
CA PRO A 29 7.83 -4.46 -12.09
C PRO A 29 6.53 -5.26 -12.19
N LYS A 30 6.64 -6.46 -12.76
CA LYS A 30 5.51 -7.38 -12.88
C LYS A 30 5.05 -7.78 -11.48
N LYS A 31 6.02 -8.05 -10.64
CA LYS A 31 5.77 -8.45 -9.26
C LYS A 31 5.30 -7.24 -8.44
N LEU A 32 5.82 -6.07 -8.75
CA LEU A 32 5.39 -4.83 -8.08
C LEU A 32 3.90 -4.58 -8.28
N LEU A 33 3.40 -4.79 -9.49
CA LEU A 33 1.96 -4.60 -9.77
C LEU A 33 1.16 -5.57 -8.91
N LYS A 34 1.62 -6.81 -8.83
CA LYS A 34 0.97 -7.83 -8.00
C LYS A 34 0.91 -7.39 -6.54
N TYR A 35 1.99 -6.82 -6.05
CA TYR A 35 2.03 -6.35 -4.66
C TYR A 35 1.03 -5.23 -4.43
N LEU A 36 0.98 -4.29 -5.36
CA LEU A 36 0.07 -3.15 -5.23
C LEU A 36 -1.37 -3.63 -5.14
N LYS A 37 -1.72 -4.60 -5.96
CA LYS A 37 -3.06 -5.19 -5.94
C LYS A 37 -3.38 -5.85 -4.61
N LYS A 38 -2.36 -6.36 -3.93
CA LYS A 38 -2.59 -6.95 -2.63
C LYS A 38 -2.80 -5.86 -1.57
N LEU A 39 -2.13 -4.72 -1.67
CA LEU A 39 -2.33 -3.64 -0.68
C LEU A 39 -3.78 -3.15 -0.86
N SER A 40 -4.22 -3.08 -2.11
CA SER A 40 -5.57 -2.57 -2.45
C SER A 40 -6.73 -3.53 -2.16
N THR A 41 -6.45 -4.79 -1.88
CA THR A 41 -7.53 -5.76 -1.61
C THR A 41 -7.68 -5.98 -0.11
N LEU A 42 -6.90 -5.26 0.67
CA LEU A 42 -6.97 -5.33 2.12
C LEU A 42 -7.66 -4.05 2.59
N PRO A 43 -8.36 -4.11 3.74
CA PRO A 43 -8.97 -2.89 4.29
C PRO A 43 -7.91 -1.95 4.87
N ILE A 44 -7.41 -1.06 4.04
CA ILE A 44 -6.41 -0.08 4.45
C ILE A 44 -7.09 1.01 5.25
N THR A 45 -6.46 1.38 6.35
CA THR A 45 -6.96 2.45 7.18
C THR A 45 -5.87 3.49 7.34
N VAL A 46 -6.20 4.64 7.89
CA VAL A 46 -5.21 5.69 8.07
C VAL A 46 -4.14 5.24 9.07
N ASP A 47 -4.53 4.38 9.99
CA ASP A 47 -3.61 3.85 10.99
C ASP A 47 -2.56 3.00 10.28
N ILE A 48 -3.00 2.16 9.35
CA ILE A 48 -2.06 1.32 8.61
C ILE A 48 -1.15 2.23 7.79
N LEU A 49 -1.70 3.23 7.12
CA LEU A 49 -0.89 4.09 6.28
C LEU A 49 0.19 4.79 7.08
N ALA A 50 -0.16 5.16 8.29
CA ALA A 50 0.77 5.86 9.18
C ALA A 50 1.86 4.92 9.73
N GLU A 51 1.48 3.73 10.17
CA GLU A 51 2.43 2.81 10.80
C GLU A 51 3.39 2.21 9.78
N THR A 52 2.87 1.91 8.60
CA THR A 52 3.67 1.27 7.56
C THR A 52 4.43 2.30 6.74
N GLY A 53 3.79 3.42 6.43
CA GLY A 53 4.44 4.46 5.65
C GLY A 53 4.30 4.09 4.19
N VAL A 54 3.43 3.12 3.97
CA VAL A 54 3.18 2.57 2.65
C VAL A 54 2.71 3.66 1.67
N GLY A 55 2.07 4.70 2.20
CA GLY A 55 1.61 5.80 1.37
C GLY A 55 2.77 6.48 0.67
N LYS A 56 3.94 6.50 1.30
CA LYS A 56 5.12 7.11 0.72
C LYS A 56 5.64 6.18 -0.37
N THR A 57 5.64 4.90 -0.04
CA THR A 57 6.14 3.86 -0.94
C THR A 57 5.40 3.80 -2.28
N VAL A 58 4.08 3.72 -2.26
CA VAL A 58 3.33 3.61 -3.51
C VAL A 58 3.40 4.93 -4.29
N ASN A 59 3.43 6.05 -3.58
CA ASN A 59 3.57 7.35 -4.22
C ASN A 59 4.89 7.45 -4.97
N SER A 60 5.93 6.80 -4.45
CA SER A 60 7.22 6.76 -5.15
C SER A 60 7.14 5.82 -6.35
N LEU A 61 6.50 4.67 -6.17
CA LEU A 61 6.43 3.65 -7.21
C LEU A 61 5.70 4.07 -8.47
N ARG A 62 4.83 5.06 -8.38
CA ARG A 62 4.10 5.52 -9.57
C ARG A 62 5.00 6.21 -10.59
N LYS A 63 6.26 6.45 -10.23
CA LYS A 63 7.25 6.99 -11.16
C LYS A 63 7.57 5.97 -12.24
N HIS A 64 7.40 4.68 -11.96
CA HIS A 64 7.67 3.65 -12.93
C HIS A 64 6.53 3.66 -13.93
N GLU A 65 6.86 3.66 -15.21
CA GLU A 65 5.82 3.66 -16.25
C GLU A 65 4.94 2.41 -16.17
N HIS A 66 5.56 1.29 -15.85
CA HIS A 66 4.86 0.00 -15.89
C HIS A 66 3.79 -0.18 -14.82
N VAL A 67 4.09 0.26 -13.60
CA VAL A 67 3.13 0.10 -12.50
C VAL A 67 2.47 1.40 -12.14
N GLY A 68 2.91 2.49 -12.76
CA GLY A 68 2.38 3.81 -12.45
C GLY A 68 0.91 3.94 -12.69
N SER A 69 0.40 3.27 -13.71
CA SER A 69 -1.02 3.32 -14.03
C SER A 69 -1.87 2.84 -12.85
N PHE A 70 -1.47 1.74 -12.24
CA PHE A 70 -2.18 1.23 -11.06
C PHE A 70 -1.79 1.98 -9.78
N ALA A 71 -0.52 2.33 -9.67
CA ALA A 71 -0.01 2.98 -8.46
C ALA A 71 -0.65 4.36 -8.23
N ARG A 72 -0.97 5.10 -9.29
CA ARG A 72 -1.64 6.39 -9.12
C ARG A 72 -3.02 6.18 -8.49
N ASP A 73 -3.67 5.07 -8.79
CA ASP A 73 -5.00 4.77 -8.26
C ASP A 73 -4.88 4.33 -6.82
N LEU A 74 -3.78 3.65 -6.50
CA LEU A 74 -3.49 3.24 -5.13
C LEU A 74 -3.32 4.46 -4.24
N VAL A 75 -2.67 5.50 -4.76
CA VAL A 75 -2.52 6.74 -4.00
C VAL A 75 -3.87 7.47 -3.95
N ALA A 76 -4.61 7.47 -5.05
CA ALA A 76 -5.87 8.20 -5.12
C ALA A 76 -6.92 7.63 -4.16
N GLN A 77 -6.96 6.32 -4.02
CA GLN A 77 -7.94 5.69 -3.15
C GLN A 77 -7.58 5.95 -1.68
N TRP A 78 -6.29 5.99 -1.40
CA TRP A 78 -5.80 6.23 -0.04
C TRP A 78 -5.99 7.68 0.38
N LYS A 79 -6.05 8.58 -0.60
CA LYS A 79 -6.25 9.99 -0.31
C LYS A 79 -7.65 10.25 0.23
N LYS A 80 -8.57 9.34 -0.05
CA LYS A 80 -9.94 9.47 0.46
C LYS A 80 -10.06 9.08 1.92
N LEU A 81 -9.05 8.40 2.43
CA LEU A 81 -9.09 7.89 3.81
C LEU A 81 -8.57 8.95 4.77
N VAL A 82 -7.55 9.66 4.33
CA VAL A 82 -6.90 10.68 5.12
C VAL A 82 -7.64 12.00 4.92
N PRO A 83 -7.53 12.92 5.88
CA PRO A 83 -8.17 14.22 5.70
C PRO A 83 -7.42 15.01 4.62
N VAL A 84 -8.14 15.88 3.93
CA VAL A 84 -7.60 16.65 2.82
C VAL A 84 -7.33 18.09 3.26
N GLU A 85 -6.67 18.85 2.41
CA GLU A 85 -6.32 20.24 2.68
C GLU A 85 -6.76 21.09 1.49
N ARG A 86 -6.88 22.40 1.74
CA ARG A 86 -7.35 23.40 0.75
C ARG A 86 -8.80 23.16 0.32
N ASN A 87 -9.31 24.07 -0.50
CA ASN A 87 -10.69 23.98 -0.99
C ASN A 87 -10.75 24.40 -2.45
N ALA A 88 -10.00 25.44 -2.80
CA ALA A 88 -9.95 25.96 -4.15
C ALA A 88 -8.56 26.54 -4.34
N GLY A 89 -8.30 27.08 -5.52
CA GLY A 89 -7.04 27.75 -5.80
C GLY A 89 -7.24 29.24 -5.62
N SER A 90 -6.37 30.03 -6.22
CA SER A 90 -6.49 31.49 -6.18
C SER A 90 -7.28 31.93 -7.40
N SER A 1 6.77 -25.74 11.32
CA SER A 1 5.64 -25.02 10.69
C SER A 1 4.39 -25.17 11.51
N ASN A 2 3.33 -24.47 11.15
CA ASN A 2 2.05 -24.54 11.84
C ASN A 2 0.99 -24.32 10.78
N ALA A 3 -0.27 -24.51 11.12
CA ALA A 3 -1.37 -24.32 10.17
C ALA A 3 -2.60 -23.76 10.90
N ALA A 4 -2.97 -24.42 11.99
CA ALA A 4 -4.09 -23.96 12.81
C ALA A 4 -3.70 -22.64 13.48
N SER A 5 -4.66 -21.77 13.68
CA SER A 5 -4.44 -20.50 14.35
C SER A 5 -4.16 -20.74 15.82
N ALA A 6 -3.39 -19.84 16.42
CA ALA A 6 -3.05 -19.93 17.84
C ALA A 6 -2.75 -18.51 18.31
N MET A 7 -1.69 -17.94 17.75
CA MET A 7 -1.30 -16.57 18.05
C MET A 7 -1.87 -15.71 16.93
N ALA A 8 -3.18 -15.48 17.01
CA ALA A 8 -3.93 -14.69 16.02
C ALA A 8 -3.78 -15.23 14.58
N ALA A 9 -3.87 -14.33 13.60
CA ALA A 9 -3.76 -14.64 12.18
C ALA A 9 -3.25 -13.34 11.54
N GLU A 10 -2.88 -13.38 10.27
CA GLU A 10 -2.33 -12.18 9.61
C GLU A 10 -3.35 -11.03 9.51
N SER A 11 -3.09 -9.97 10.23
CA SER A 11 -3.95 -8.79 10.21
C SER A 11 -3.57 -7.93 9.00
N ALA A 12 -4.49 -7.11 8.51
CA ALA A 12 -4.24 -6.27 7.33
C ALA A 12 -2.98 -5.41 7.48
N LEU A 13 -2.78 -4.87 8.68
CA LEU A 13 -1.61 -4.07 8.99
C LEU A 13 -0.35 -4.89 8.72
N GLN A 14 -0.34 -6.10 9.25
CA GLN A 14 0.82 -6.95 9.17
C GLN A 14 1.10 -7.38 7.76
N VAL A 15 0.07 -7.70 7.00
CA VAL A 15 0.28 -8.14 5.63
C VAL A 15 0.88 -7.01 4.81
N VAL A 16 0.30 -5.82 4.93
CA VAL A 16 0.81 -4.66 4.20
C VAL A 16 2.26 -4.43 4.54
N GLU A 17 2.63 -4.54 5.81
CA GLU A 17 4.00 -4.26 6.17
C GLU A 17 4.99 -5.14 5.41
N LYS A 18 4.69 -6.43 5.40
CA LYS A 18 5.62 -7.42 4.87
C LYS A 18 5.63 -7.33 3.37
N LEU A 19 4.49 -7.01 2.83
CA LEU A 19 4.30 -6.86 1.42
C LEU A 19 5.05 -5.61 0.94
N GLN A 20 5.07 -4.56 1.75
CA GLN A 20 5.77 -3.32 1.45
C GLN A 20 7.30 -3.52 1.43
N ALA A 21 7.82 -4.38 2.29
CA ALA A 21 9.25 -4.66 2.29
C ALA A 21 9.69 -5.20 0.92
N ARG A 22 8.80 -5.98 0.30
CA ARG A 22 9.07 -6.58 -1.01
C ARG A 22 9.06 -5.53 -2.12
N LEU A 23 8.44 -4.39 -1.85
CA LEU A 23 8.37 -3.30 -2.83
C LEU A 23 9.68 -2.56 -2.88
N ALA A 24 10.29 -2.32 -1.73
CA ALA A 24 11.56 -1.60 -1.66
C ALA A 24 12.66 -2.47 -2.27
N ALA A 25 12.54 -3.77 -2.05
CA ALA A 25 13.47 -4.76 -2.59
C ALA A 25 13.00 -5.22 -3.98
N ASN A 26 12.24 -4.37 -4.68
CA ASN A 26 11.59 -4.71 -5.95
C ASN A 26 12.27 -5.78 -6.83
N PRO A 27 11.71 -7.00 -6.87
CA PRO A 27 12.26 -8.11 -7.68
C PRO A 27 11.89 -8.14 -9.16
N ASP A 28 10.80 -7.48 -9.52
CA ASP A 28 10.32 -7.41 -10.90
C ASP A 28 9.25 -6.34 -10.92
N PRO A 29 9.08 -5.63 -12.04
CA PRO A 29 7.94 -4.70 -12.08
C PRO A 29 6.65 -5.49 -12.28
N LYS A 30 6.79 -6.69 -12.80
CA LYS A 30 5.67 -7.62 -12.99
C LYS A 30 5.12 -7.99 -11.61
N LYS A 31 6.03 -8.20 -10.68
CA LYS A 31 5.69 -8.56 -9.30
C LYS A 31 5.20 -7.33 -8.56
N LEU A 32 5.75 -6.16 -8.87
CA LEU A 32 5.31 -4.91 -8.25
C LEU A 32 3.82 -4.67 -8.46
N LEU A 33 3.30 -4.91 -9.65
CA LEU A 33 1.87 -4.71 -9.89
C LEU A 33 1.04 -5.64 -8.99
N LYS A 34 1.47 -6.90 -8.89
CA LYS A 34 0.79 -7.87 -8.04
C LYS A 34 0.77 -7.39 -6.59
N TYR A 35 1.87 -6.81 -6.14
CA TYR A 35 1.95 -6.32 -4.77
C TYR A 35 0.98 -5.18 -4.52
N LEU A 36 0.90 -4.25 -5.46
CA LEU A 36 0.03 -3.10 -5.33
C LEU A 36 -1.41 -3.58 -5.19
N LYS A 37 -1.81 -4.53 -6.02
CA LYS A 37 -3.16 -5.08 -5.97
C LYS A 37 -3.48 -5.67 -4.59
N LYS A 38 -2.50 -6.26 -3.93
CA LYS A 38 -2.74 -6.84 -2.60
C LYS A 38 -2.86 -5.76 -1.52
N LEU A 39 -2.15 -4.64 -1.63
CA LEU A 39 -2.28 -3.55 -0.64
C LEU A 39 -3.70 -3.01 -0.80
N SER A 40 -4.15 -2.91 -2.05
CA SER A 40 -5.47 -2.37 -2.39
C SER A 40 -6.65 -3.17 -1.86
N THR A 41 -6.55 -4.49 -1.91
CA THR A 41 -7.67 -5.36 -1.52
C THR A 41 -7.78 -5.59 -0.02
N LEU A 42 -6.78 -5.14 0.74
CA LEU A 42 -6.83 -5.26 2.18
C LEU A 42 -7.58 -4.04 2.69
N PRO A 43 -8.27 -4.16 3.84
CA PRO A 43 -8.94 -2.99 4.42
C PRO A 43 -7.95 -1.99 5.02
N ILE A 44 -7.45 -1.12 4.18
CA ILE A 44 -6.48 -0.11 4.58
C ILE A 44 -7.16 0.98 5.37
N THR A 45 -6.52 1.36 6.46
CA THR A 45 -7.00 2.42 7.29
C THR A 45 -5.91 3.47 7.40
N VAL A 46 -6.25 4.64 7.90
CA VAL A 46 -5.25 5.70 8.07
C VAL A 46 -4.20 5.26 9.09
N ASP A 47 -4.61 4.41 10.02
CA ASP A 47 -3.70 3.86 11.04
C ASP A 47 -2.64 3.01 10.35
N ILE A 48 -3.06 2.16 9.41
CA ILE A 48 -2.11 1.33 8.70
C ILE A 48 -1.19 2.22 7.87
N LEU A 49 -1.75 3.21 7.20
CA LEU A 49 -0.94 4.07 6.35
C LEU A 49 0.13 4.79 7.14
N ALA A 50 -0.22 5.18 8.34
CA ALA A 50 0.69 5.90 9.21
C ALA A 50 1.85 5.03 9.69
N GLU A 51 1.56 3.82 10.16
CA GLU A 51 2.60 2.97 10.76
C GLU A 51 3.50 2.35 9.71
N THR A 52 2.88 1.89 8.63
CA THR A 52 3.64 1.23 7.58
C THR A 52 4.35 2.27 6.73
N GLY A 53 3.70 3.39 6.50
CA GLY A 53 4.29 4.47 5.73
C GLY A 53 4.18 4.09 4.28
N VAL A 54 3.30 3.13 4.03
CA VAL A 54 3.10 2.57 2.71
C VAL A 54 2.65 3.63 1.70
N GLY A 55 1.99 4.68 2.16
CA GLY A 55 1.60 5.76 1.27
C GLY A 55 2.80 6.41 0.62
N LYS A 56 3.90 6.48 1.36
CA LYS A 56 5.14 7.10 0.88
C LYS A 56 5.71 6.18 -0.20
N THR A 57 5.70 4.89 0.08
CA THR A 57 6.21 3.87 -0.83
C THR A 57 5.46 3.82 -2.16
N VAL A 58 4.14 3.77 -2.12
CA VAL A 58 3.36 3.66 -3.35
C VAL A 58 3.42 4.97 -4.15
N ASN A 59 3.49 6.10 -3.46
CA ASN A 59 3.61 7.39 -4.15
C ASN A 59 4.95 7.47 -4.86
N SER A 60 5.97 6.83 -4.30
CA SER A 60 7.28 6.76 -4.95
C SER A 60 7.24 5.79 -6.14
N LEU A 61 6.54 4.68 -5.98
CA LEU A 61 6.47 3.63 -7.01
C LEU A 61 5.83 4.05 -8.32
N ARG A 62 4.96 5.05 -8.28
CA ARG A 62 4.27 5.48 -9.50
C ARG A 62 5.21 6.11 -10.53
N LYS A 63 6.45 6.34 -10.13
CA LYS A 63 7.47 6.86 -11.04
C LYS A 63 7.79 5.81 -12.12
N HIS A 64 7.55 4.54 -11.82
CA HIS A 64 7.78 3.48 -12.78
C HIS A 64 6.69 3.54 -13.83
N GLU A 65 7.08 3.47 -15.08
CA GLU A 65 6.13 3.52 -16.18
C GLU A 65 5.25 2.27 -16.18
N HIS A 66 5.85 1.15 -15.79
CA HIS A 66 5.15 -0.14 -15.87
C HIS A 66 4.03 -0.32 -14.85
N VAL A 67 4.25 0.17 -13.64
CA VAL A 67 3.25 0.00 -12.58
C VAL A 67 2.63 1.30 -12.12
N GLY A 68 3.10 2.41 -12.69
CA GLY A 68 2.61 3.72 -12.30
C GLY A 68 1.14 3.91 -12.60
N SER A 69 0.66 3.25 -13.64
CA SER A 69 -0.74 3.31 -14.01
C SER A 69 -1.62 2.81 -12.87
N PHE A 70 -1.23 1.71 -12.24
CA PHE A 70 -1.98 1.20 -11.09
C PHE A 70 -1.64 1.96 -9.80
N ALA A 71 -0.35 2.15 -9.53
CA ALA A 71 0.09 2.87 -8.33
C ALA A 71 -0.54 4.27 -8.15
N ARG A 72 -0.78 5.01 -9.22
CA ARG A 72 -1.42 6.34 -9.07
C ARG A 72 -2.85 6.20 -8.52
N ASP A 73 -3.54 5.13 -8.88
CA ASP A 73 -4.90 4.90 -8.41
C ASP A 73 -4.85 4.42 -6.97
N LEU A 74 -3.81 3.68 -6.64
CA LEU A 74 -3.59 3.21 -5.27
C LEU A 74 -3.46 4.41 -4.33
N VAL A 75 -2.74 5.42 -4.76
CA VAL A 75 -2.58 6.64 -3.95
C VAL A 75 -3.92 7.36 -3.89
N ALA A 76 -4.67 7.37 -4.99
CA ALA A 76 -5.96 8.04 -5.02
C ALA A 76 -6.97 7.36 -4.08
N GLN A 77 -6.95 6.04 -4.01
CA GLN A 77 -7.86 5.32 -3.12
C GLN A 77 -7.52 5.66 -1.67
N TRP A 78 -6.24 5.86 -1.38
CA TRP A 78 -5.79 6.18 -0.02
C TRP A 78 -5.99 7.65 0.34
N LYS A 79 -6.07 8.51 -0.66
CA LYS A 79 -6.26 9.94 -0.44
C LYS A 79 -7.63 10.21 0.14
N LYS A 80 -8.58 9.37 -0.21
CA LYS A 80 -9.94 9.49 0.26
C LYS A 80 -10.10 8.99 1.69
N LEU A 81 -9.07 8.34 2.21
CA LEU A 81 -9.12 7.81 3.58
C LEU A 81 -8.66 8.88 4.56
N VAL A 82 -7.70 9.69 4.14
CA VAL A 82 -7.16 10.73 4.99
C VAL A 82 -8.06 11.97 4.83
N PRO A 83 -8.22 12.74 5.92
CA PRO A 83 -9.07 13.93 5.83
C PRO A 83 -8.37 15.10 5.13
N VAL A 84 -9.13 16.17 4.91
CA VAL A 84 -8.63 17.44 4.36
C VAL A 84 -7.88 17.26 3.01
N GLU A 85 -8.51 16.47 2.17
CA GLU A 85 -8.03 16.14 0.82
C GLU A 85 -7.37 17.26 -0.01
N ARG A 86 -7.86 18.49 0.10
CA ARG A 86 -7.33 19.61 -0.70
C ARG A 86 -7.31 20.93 0.06
N ASN A 87 -7.28 20.85 1.39
CA ASN A 87 -7.35 22.02 2.29
C ASN A 87 -8.68 22.79 2.09
N ALA A 88 -8.80 23.91 2.78
CA ALA A 88 -9.96 24.79 2.70
C ALA A 88 -9.41 26.12 3.23
N GLY A 89 -10.12 27.21 3.00
CA GLY A 89 -9.66 28.51 3.45
C GLY A 89 -10.14 29.58 2.48
N SER A 90 -9.51 30.74 2.53
CA SER A 90 -9.83 31.86 1.65
C SER A 90 -8.55 32.68 1.64
N SER A 1 9.39 -20.42 7.99
CA SER A 1 8.80 -20.85 9.28
C SER A 1 7.29 -20.73 9.24
N ASN A 2 6.61 -21.35 10.19
CA ASN A 2 5.14 -21.26 10.33
C ASN A 2 4.42 -21.67 9.03
N ALA A 3 4.94 -22.68 8.36
CA ALA A 3 4.38 -23.14 7.09
C ALA A 3 3.15 -24.04 7.35
N ALA A 4 2.01 -23.43 7.56
CA ALA A 4 0.76 -24.15 7.78
C ALA A 4 -0.33 -23.42 6.99
N SER A 5 -1.35 -24.14 6.57
CA SER A 5 -2.44 -23.55 5.80
C SER A 5 -3.64 -23.30 6.70
N ALA A 6 -4.15 -22.08 6.69
CA ALA A 6 -5.34 -21.73 7.47
C ALA A 6 -6.00 -20.54 6.78
N MET A 7 -7.26 -20.34 7.09
CA MET A 7 -8.07 -19.29 6.45
C MET A 7 -8.26 -18.06 7.33
N ALA A 8 -7.74 -18.13 8.55
CA ALA A 8 -7.87 -17.03 9.50
C ALA A 8 -7.02 -15.82 9.08
N ALA A 9 -5.97 -16.10 8.32
CA ALA A 9 -5.04 -15.08 7.82
C ALA A 9 -4.41 -14.25 8.96
N GLU A 10 -4.12 -12.98 8.67
CA GLU A 10 -3.49 -12.07 9.62
C GLU A 10 -4.23 -10.74 9.50
N SER A 11 -3.97 -9.81 10.42
CA SER A 11 -4.60 -8.49 10.33
C SER A 11 -4.03 -7.77 9.12
N ALA A 12 -4.76 -6.79 8.60
CA ALA A 12 -4.32 -6.02 7.43
C ALA A 12 -2.94 -5.42 7.66
N LEU A 13 -2.67 -5.02 8.90
CA LEU A 13 -1.39 -4.42 9.23
C LEU A 13 -0.23 -5.41 9.07
N GLN A 14 -0.43 -6.64 9.45
CA GLN A 14 0.65 -7.60 9.29
C GLN A 14 0.90 -7.82 7.82
N VAL A 15 -0.16 -7.93 7.04
CA VAL A 15 -0.01 -8.20 5.61
C VAL A 15 0.64 -7.03 4.83
N VAL A 16 0.18 -5.80 5.06
CA VAL A 16 0.76 -4.62 4.39
C VAL A 16 2.27 -4.52 4.59
N GLU A 17 2.75 -4.83 5.79
CA GLU A 17 4.15 -4.65 6.13
C GLU A 17 5.04 -5.50 5.24
N LYS A 18 4.66 -6.77 5.13
CA LYS A 18 5.48 -7.74 4.42
C LYS A 18 5.51 -7.38 2.96
N LEU A 19 4.40 -6.86 2.45
CA LEU A 19 4.33 -6.47 1.06
C LEU A 19 5.18 -5.27 0.79
N GLN A 20 5.14 -4.28 1.66
CA GLN A 20 5.92 -3.06 1.48
C GLN A 20 7.41 -3.40 1.51
N ALA A 21 7.79 -4.34 2.36
CA ALA A 21 9.16 -4.80 2.40
C ALA A 21 9.53 -5.37 1.02
N ARG A 22 8.62 -6.11 0.39
CA ARG A 22 8.87 -6.67 -0.93
C ARG A 22 8.86 -5.59 -2.03
N LEU A 23 8.23 -4.45 -1.76
CA LEU A 23 8.22 -3.35 -2.72
C LEU A 23 9.57 -2.64 -2.75
N ALA A 24 10.16 -2.43 -1.58
CA ALA A 24 11.44 -1.75 -1.47
C ALA A 24 12.56 -2.60 -2.08
N ALA A 25 12.38 -3.90 -2.00
CA ALA A 25 13.31 -4.89 -2.54
C ALA A 25 12.91 -5.28 -3.97
N ASN A 26 12.20 -4.38 -4.66
CA ASN A 26 11.57 -4.68 -5.97
C ASN A 26 12.26 -5.75 -6.85
N PRO A 27 11.68 -6.96 -6.91
CA PRO A 27 12.22 -8.06 -7.71
C PRO A 27 11.81 -8.13 -9.18
N ASP A 28 10.72 -7.48 -9.52
CA ASP A 28 10.19 -7.46 -10.89
C ASP A 28 9.14 -6.38 -10.92
N PRO A 29 8.92 -5.73 -12.06
CA PRO A 29 7.81 -4.77 -12.12
C PRO A 29 6.48 -5.54 -12.19
N LYS A 30 6.56 -6.77 -12.66
CA LYS A 30 5.41 -7.66 -12.75
C LYS A 30 4.95 -8.01 -11.34
N LYS A 31 5.93 -8.23 -10.48
CA LYS A 31 5.67 -8.57 -9.09
C LYS A 31 5.23 -7.31 -8.34
N LEU A 32 5.78 -6.16 -8.71
CA LEU A 32 5.36 -4.88 -8.11
C LEU A 32 3.87 -4.66 -8.30
N LEU A 33 3.37 -4.89 -9.50
CA LEU A 33 1.95 -4.74 -9.77
C LEU A 33 1.15 -5.73 -8.92
N LYS A 34 1.64 -6.94 -8.80
CA LYS A 34 0.97 -7.96 -7.97
C LYS A 34 0.87 -7.49 -6.52
N TYR A 35 1.93 -6.88 -6.00
CA TYR A 35 1.92 -6.37 -4.64
C TYR A 35 0.91 -5.25 -4.49
N LEU A 36 0.90 -4.33 -5.45
CA LEU A 36 -0.01 -3.19 -5.42
C LEU A 36 -1.45 -3.68 -5.40
N LYS A 37 -1.76 -4.65 -6.24
CA LYS A 37 -3.12 -5.22 -6.28
C LYS A 37 -3.50 -5.82 -4.93
N LYS A 38 -2.53 -6.37 -4.21
CA LYS A 38 -2.80 -6.93 -2.89
C LYS A 38 -3.04 -5.80 -1.90
N LEU A 39 -2.29 -4.70 -1.99
CA LEU A 39 -2.45 -3.60 -1.04
C LEU A 39 -3.81 -2.96 -1.24
N SER A 40 -4.28 -2.94 -2.47
CA SER A 40 -5.57 -2.36 -2.79
C SER A 40 -6.74 -3.12 -2.17
N THR A 41 -6.63 -4.44 -2.07
CA THR A 41 -7.72 -5.27 -1.57
C THR A 41 -7.68 -5.50 -0.05
N LEU A 42 -6.67 -4.98 0.64
CA LEU A 42 -6.64 -5.08 2.09
C LEU A 42 -7.43 -3.89 2.61
N PRO A 43 -8.11 -4.05 3.76
CA PRO A 43 -8.83 -2.92 4.38
C PRO A 43 -7.84 -1.95 5.05
N ILE A 44 -7.19 -1.16 4.21
CA ILE A 44 -6.22 -0.17 4.66
C ILE A 44 -6.92 0.93 5.39
N THR A 45 -6.32 1.36 6.49
CA THR A 45 -6.87 2.44 7.29
C THR A 45 -5.82 3.52 7.39
N VAL A 46 -6.21 4.68 7.93
CA VAL A 46 -5.25 5.77 8.12
C VAL A 46 -4.21 5.35 9.15
N ASP A 47 -4.61 4.50 10.08
CA ASP A 47 -3.72 3.99 11.12
C ASP A 47 -2.62 3.16 10.45
N ILE A 48 -3.01 2.31 9.52
CA ILE A 48 -2.04 1.48 8.80
C ILE A 48 -1.12 2.38 7.98
N LEU A 49 -1.69 3.36 7.28
CA LEU A 49 -0.88 4.23 6.44
C LEU A 49 0.17 4.98 7.22
N ALA A 50 -0.19 5.37 8.43
CA ALA A 50 0.70 6.12 9.30
C ALA A 50 1.87 5.27 9.78
N GLU A 51 1.60 4.06 10.24
CA GLU A 51 2.65 3.22 10.83
C GLU A 51 3.57 2.63 9.77
N THR A 52 2.98 2.20 8.66
CA THR A 52 3.74 1.54 7.60
C THR A 52 4.46 2.58 6.74
N GLY A 53 3.76 3.67 6.43
CA GLY A 53 4.34 4.71 5.61
C GLY A 53 4.24 4.24 4.19
N VAL A 54 3.40 3.24 3.97
CA VAL A 54 3.20 2.61 2.68
C VAL A 54 2.72 3.64 1.66
N GLY A 55 2.04 4.68 2.14
CA GLY A 55 1.58 5.74 1.25
C GLY A 55 2.74 6.40 0.54
N LYS A 56 3.87 6.52 1.22
CA LYS A 56 5.06 7.15 0.67
C LYS A 56 5.65 6.22 -0.39
N THR A 57 5.72 4.95 -0.04
CA THR A 57 6.26 3.93 -0.93
C THR A 57 5.53 3.84 -2.27
N VAL A 58 4.22 3.74 -2.22
CA VAL A 58 3.42 3.62 -3.45
C VAL A 58 3.47 4.94 -4.24
N ASN A 59 3.54 6.07 -3.55
CA ASN A 59 3.61 7.36 -4.21
C ASN A 59 4.88 7.44 -5.05
N SER A 60 5.99 6.95 -4.51
CA SER A 60 7.25 6.92 -5.24
C SER A 60 7.17 5.99 -6.45
N LEU A 61 6.47 4.87 -6.29
CA LEU A 61 6.32 3.89 -7.37
C LEU A 61 5.58 4.45 -8.59
N ARG A 62 4.82 5.53 -8.42
CA ARG A 62 4.12 6.17 -9.53
C ARG A 62 5.07 6.59 -10.66
N LYS A 63 6.33 6.84 -10.32
CA LYS A 63 7.33 7.27 -11.31
C LYS A 63 7.73 6.12 -12.25
N HIS A 64 7.60 4.88 -11.81
CA HIS A 64 7.99 3.74 -12.61
C HIS A 64 6.85 3.43 -13.57
N GLU A 65 7.01 3.80 -14.84
CA GLU A 65 5.95 3.67 -15.85
C GLU A 65 5.27 2.30 -15.86
N HIS A 66 6.03 1.26 -15.57
CA HIS A 66 5.52 -0.11 -15.57
C HIS A 66 4.31 -0.32 -14.68
N VAL A 67 4.31 0.33 -13.52
CA VAL A 67 3.26 0.13 -12.53
C VAL A 67 2.62 1.44 -12.10
N GLY A 68 3.19 2.55 -12.55
CA GLY A 68 2.71 3.87 -12.17
C GLY A 68 1.24 4.13 -12.47
N SER A 69 0.75 3.57 -13.57
CA SER A 69 -0.66 3.74 -13.94
C SER A 69 -1.58 3.17 -12.85
N PHE A 70 -1.22 2.03 -12.29
CA PHE A 70 -1.98 1.45 -11.19
C PHE A 70 -1.63 2.12 -9.86
N ALA A 71 -0.36 2.47 -9.68
CA ALA A 71 0.11 3.07 -8.42
C ALA A 71 -0.55 4.41 -8.13
N ARG A 72 -0.82 5.22 -9.15
CA ARG A 72 -1.49 6.51 -8.92
C ARG A 72 -2.89 6.27 -8.39
N ASP A 73 -3.52 5.19 -8.81
CA ASP A 73 -4.88 4.88 -8.36
C ASP A 73 -4.84 4.35 -6.95
N LEU A 74 -3.78 3.64 -6.62
CA LEU A 74 -3.58 3.13 -5.28
C LEU A 74 -3.47 4.31 -4.30
N VAL A 75 -2.71 5.33 -4.68
CA VAL A 75 -2.56 6.53 -3.85
C VAL A 75 -3.90 7.27 -3.81
N ALA A 76 -4.62 7.29 -4.92
CA ALA A 76 -5.92 7.96 -4.97
C ALA A 76 -6.92 7.27 -4.03
N GLN A 77 -6.92 5.95 -3.99
CA GLN A 77 -7.84 5.22 -3.13
C GLN A 77 -7.51 5.53 -1.67
N TRP A 78 -6.23 5.69 -1.36
CA TRP A 78 -5.80 6.00 -0.01
C TRP A 78 -6.08 7.45 0.38
N LYS A 79 -6.14 8.34 -0.58
CA LYS A 79 -6.46 9.74 -0.32
C LYS A 79 -7.88 9.92 0.18
N LYS A 80 -8.73 8.94 -0.09
CA LYS A 80 -10.12 8.98 0.38
C LYS A 80 -10.21 8.61 1.85
N LEU A 81 -9.15 8.03 2.39
CA LEU A 81 -9.15 7.56 3.78
C LEU A 81 -8.67 8.67 4.69
N VAL A 82 -7.60 9.32 4.28
CA VAL A 82 -7.01 10.42 5.03
C VAL A 82 -7.92 11.63 4.86
N PRO A 83 -7.88 12.56 5.82
CA PRO A 83 -8.77 13.73 5.75
C PRO A 83 -8.37 14.72 4.66
N VAL A 84 -9.23 15.71 4.47
CA VAL A 84 -8.99 16.78 3.52
C VAL A 84 -8.26 17.90 4.26
N GLU A 85 -7.60 18.77 3.51
CA GLU A 85 -6.83 19.86 4.09
C GLU A 85 -7.17 21.11 3.32
N ARG A 86 -7.13 22.26 3.98
CA ARG A 86 -7.33 23.55 3.27
C ARG A 86 -6.07 23.83 2.46
N ASN A 87 -4.95 23.30 2.95
CA ASN A 87 -3.60 23.48 2.40
C ASN A 87 -3.12 24.93 2.60
N ALA A 88 -1.82 25.12 2.52
CA ALA A 88 -1.21 26.44 2.72
C ALA A 88 -1.11 27.18 1.39
N GLY A 89 -0.98 26.41 0.31
CA GLY A 89 -0.81 26.99 -1.02
C GLY A 89 0.57 26.64 -1.55
N SER A 90 0.93 27.21 -2.69
CA SER A 90 2.22 26.98 -3.33
C SER A 90 2.44 28.18 -4.22
N SER A 1 11.70 -25.18 13.17
CA SER A 1 10.66 -24.43 13.90
C SER A 1 9.76 -23.69 12.94
N ASN A 2 8.72 -23.06 13.44
CA ASN A 2 7.79 -22.23 12.63
C ASN A 2 7.23 -22.99 11.43
N ALA A 3 6.87 -24.25 11.65
CA ALA A 3 6.32 -25.09 10.60
C ALA A 3 4.79 -25.00 10.67
N ALA A 4 4.14 -25.15 9.51
CA ALA A 4 2.68 -25.10 9.38
C ALA A 4 2.11 -23.75 9.86
N SER A 5 0.82 -23.74 10.18
CA SER A 5 0.13 -22.54 10.66
C SER A 5 -1.05 -23.05 11.46
N ALA A 6 -1.63 -22.20 12.30
CA ALA A 6 -2.77 -22.59 13.14
C ALA A 6 -3.53 -21.31 13.51
N MET A 7 -4.76 -21.50 13.96
CA MET A 7 -5.64 -20.40 14.42
C MET A 7 -5.94 -19.35 13.34
N ALA A 8 -6.22 -18.12 13.76
CA ALA A 8 -6.58 -17.05 12.84
C ALA A 8 -5.37 -16.54 12.06
N ALA A 9 -5.63 -16.01 10.87
CA ALA A 9 -4.57 -15.47 10.02
C ALA A 9 -4.19 -14.03 10.40
N GLU A 10 -3.09 -13.58 9.82
CA GLU A 10 -2.53 -12.27 10.06
C GLU A 10 -3.45 -11.11 9.70
N SER A 11 -3.34 -10.09 10.51
CA SER A 11 -4.12 -8.85 10.35
C SER A 11 -3.70 -8.10 9.08
N ALA A 12 -4.59 -7.25 8.58
CA ALA A 12 -4.30 -6.47 7.36
C ALA A 12 -3.01 -5.66 7.50
N LEU A 13 -2.77 -5.13 8.68
CA LEU A 13 -1.56 -4.36 8.97
C LEU A 13 -0.33 -5.19 8.66
N GLN A 14 -0.31 -6.41 9.17
CA GLN A 14 0.84 -7.29 9.01
C GLN A 14 1.05 -7.64 7.55
N VAL A 15 -0.02 -7.94 6.84
CA VAL A 15 0.10 -8.34 5.44
C VAL A 15 0.68 -7.18 4.61
N VAL A 16 0.13 -5.98 4.76
CA VAL A 16 0.62 -4.80 4.05
C VAL A 16 2.07 -4.54 4.40
N GLU A 17 2.40 -4.69 5.67
CA GLU A 17 3.74 -4.44 6.14
C GLU A 17 4.78 -5.24 5.37
N LYS A 18 4.52 -6.53 5.25
CA LYS A 18 5.49 -7.44 4.64
C LYS A 18 5.54 -7.20 3.16
N LEU A 19 4.44 -6.77 2.58
CA LEU A 19 4.42 -6.44 1.17
C LEU A 19 5.29 -5.25 0.90
N GLN A 20 5.24 -4.24 1.78
CA GLN A 20 6.05 -3.04 1.57
C GLN A 20 7.53 -3.40 1.55
N ALA A 21 7.94 -4.31 2.43
CA ALA A 21 9.32 -4.77 2.43
C ALA A 21 9.65 -5.39 1.05
N ARG A 22 8.70 -6.10 0.47
CA ARG A 22 8.90 -6.70 -0.87
C ARG A 22 8.89 -5.66 -1.99
N LEU A 23 8.31 -4.49 -1.72
CA LEU A 23 8.28 -3.40 -2.71
C LEU A 23 9.64 -2.72 -2.76
N ALA A 24 10.24 -2.52 -1.58
CA ALA A 24 11.54 -1.86 -1.47
C ALA A 24 12.62 -2.75 -2.09
N ALA A 25 12.44 -4.05 -1.94
CA ALA A 25 13.33 -5.07 -2.48
C ALA A 25 12.94 -5.44 -3.92
N ASN A 26 12.27 -4.53 -4.62
CA ASN A 26 11.66 -4.77 -5.95
C ASN A 26 12.30 -5.88 -6.81
N PRO A 27 11.67 -7.08 -6.84
CA PRO A 27 12.17 -8.24 -7.59
C PRO A 27 11.77 -8.33 -9.07
N ASP A 28 10.73 -7.60 -9.45
CA ASP A 28 10.23 -7.57 -10.83
C ASP A 28 9.22 -6.44 -10.87
N PRO A 29 9.05 -5.77 -12.01
CA PRO A 29 8.00 -4.77 -12.07
C PRO A 29 6.64 -5.48 -12.14
N LYS A 30 6.68 -6.72 -12.63
CA LYS A 30 5.49 -7.56 -12.72
C LYS A 30 5.00 -7.90 -11.32
N LYS A 31 5.96 -8.19 -10.44
CA LYS A 31 5.67 -8.53 -9.05
C LYS A 31 5.26 -7.28 -8.30
N LEU A 32 5.82 -6.13 -8.64
CA LEU A 32 5.42 -4.86 -8.02
C LEU A 32 3.93 -4.57 -8.21
N LEU A 33 3.40 -4.79 -9.41
CA LEU A 33 1.97 -4.56 -9.64
C LEU A 33 1.15 -5.55 -8.81
N LYS A 34 1.61 -6.80 -8.75
CA LYS A 34 0.94 -7.82 -7.93
C LYS A 34 0.88 -7.38 -6.48
N TYR A 35 1.96 -6.80 -5.98
CA TYR A 35 1.99 -6.32 -4.60
C TYR A 35 1.00 -5.19 -4.40
N LEU A 36 0.97 -4.25 -5.33
CA LEU A 36 0.06 -3.12 -5.24
C LEU A 36 -1.38 -3.59 -5.18
N LYS A 37 -1.73 -4.55 -6.02
CA LYS A 37 -3.08 -5.11 -6.05
C LYS A 37 -3.45 -5.69 -4.68
N LYS A 38 -2.48 -6.26 -3.97
CA LYS A 38 -2.76 -6.83 -2.66
C LYS A 38 -2.93 -5.74 -1.60
N LEU A 39 -2.23 -4.62 -1.71
CA LEU A 39 -2.40 -3.54 -0.72
C LEU A 39 -3.82 -3.00 -0.91
N SER A 40 -4.23 -2.89 -2.17
CA SER A 40 -5.54 -2.34 -2.54
C SER A 40 -6.73 -3.13 -2.03
N THR A 41 -6.64 -4.46 -2.08
CA THR A 41 -7.76 -5.32 -1.68
C THR A 41 -7.85 -5.57 -0.17
N LEU A 42 -6.91 -5.06 0.60
CA LEU A 42 -6.96 -5.20 2.04
C LEU A 42 -7.68 -3.98 2.59
N PRO A 43 -8.35 -4.10 3.74
CA PRO A 43 -9.01 -2.94 4.35
C PRO A 43 -8.00 -1.96 4.95
N ILE A 44 -7.50 -1.06 4.11
CA ILE A 44 -6.51 -0.08 4.53
C ILE A 44 -7.16 1.01 5.34
N THR A 45 -6.51 1.37 6.43
CA THR A 45 -6.97 2.45 7.27
C THR A 45 -5.83 3.43 7.40
N VAL A 46 -6.10 4.62 7.93
CA VAL A 46 -5.04 5.61 8.13
C VAL A 46 -4.03 5.10 9.15
N ASP A 47 -4.48 4.27 10.07
CA ASP A 47 -3.62 3.66 11.07
C ASP A 47 -2.59 2.78 10.37
N ILE A 48 -3.05 1.98 9.42
CA ILE A 48 -2.13 1.11 8.67
C ILE A 48 -1.19 1.97 7.86
N LEU A 49 -1.71 3.00 7.20
CA LEU A 49 -0.88 3.84 6.33
C LEU A 49 0.25 4.48 7.09
N ALA A 50 -0.05 4.91 8.32
CA ALA A 50 0.92 5.57 9.15
C ALA A 50 2.09 4.66 9.54
N GLU A 51 1.79 3.45 9.97
CA GLU A 51 2.82 2.54 10.46
C GLU A 51 3.62 1.92 9.32
N THR A 52 2.92 1.56 8.25
CA THR A 52 3.57 0.90 7.13
C THR A 52 4.34 1.89 6.27
N GLY A 53 3.80 3.09 6.11
CA GLY A 53 4.55 4.17 5.47
C GLY A 53 4.40 4.03 3.98
N VAL A 54 3.57 3.06 3.63
CA VAL A 54 3.24 2.74 2.26
C VAL A 54 2.72 3.90 1.44
N GLY A 55 2.10 4.88 2.08
CA GLY A 55 1.61 6.04 1.35
C GLY A 55 2.78 6.72 0.64
N LYS A 56 3.95 6.68 1.26
CA LYS A 56 5.15 7.28 0.70
C LYS A 56 5.71 6.34 -0.37
N THR A 57 5.72 5.06 -0.05
CA THR A 57 6.24 4.02 -0.94
C THR A 57 5.50 3.94 -2.27
N VAL A 58 4.20 3.75 -2.25
CA VAL A 58 3.43 3.63 -3.49
C VAL A 58 3.46 4.96 -4.27
N ASN A 59 3.48 6.08 -3.56
CA ASN A 59 3.60 7.39 -4.23
C ASN A 59 4.89 7.47 -5.06
N SER A 60 5.97 6.92 -4.55
CA SER A 60 7.24 6.93 -5.27
C SER A 60 7.19 5.96 -6.46
N LEU A 61 6.53 4.83 -6.27
CA LEU A 61 6.40 3.81 -7.32
C LEU A 61 5.68 4.31 -8.57
N ARG A 62 4.91 5.38 -8.44
CA ARG A 62 4.21 6.00 -9.59
C ARG A 62 5.17 6.42 -10.70
N LYS A 63 6.45 6.55 -10.39
CA LYS A 63 7.47 6.94 -11.36
C LYS A 63 7.77 5.84 -12.37
N HIS A 64 7.56 4.58 -12.01
CA HIS A 64 7.84 3.48 -12.91
C HIS A 64 6.68 3.40 -13.89
N GLU A 65 6.92 3.48 -15.17
CA GLU A 65 5.82 3.37 -16.14
C GLU A 65 5.15 2.00 -16.05
N HIS A 66 5.93 0.98 -15.70
CA HIS A 66 5.43 -0.40 -15.57
C HIS A 66 4.21 -0.54 -14.66
N VAL A 67 4.24 0.16 -13.53
CA VAL A 67 3.22 0.00 -12.51
C VAL A 67 2.58 1.32 -12.14
N GLY A 68 3.05 2.38 -12.78
CA GLY A 68 2.63 3.72 -12.45
C GLY A 68 1.15 3.94 -12.62
N SER A 69 0.56 3.40 -13.66
CA SER A 69 -0.88 3.58 -13.90
C SER A 69 -1.68 3.10 -12.69
N PHE A 70 -1.35 1.91 -12.20
CA PHE A 70 -2.07 1.35 -11.06
C PHE A 70 -1.66 2.05 -9.76
N ALA A 71 -0.40 2.42 -9.65
CA ALA A 71 0.10 3.07 -8.45
C ALA A 71 -0.57 4.45 -8.22
N ARG A 72 -0.98 5.12 -9.29
CA ARG A 72 -1.66 6.41 -9.16
C ARG A 72 -3.00 6.22 -8.50
N ASP A 73 -3.70 5.19 -8.93
CA ASP A 73 -5.00 4.87 -8.41
C ASP A 73 -4.88 4.38 -6.97
N LEU A 74 -3.78 3.71 -6.67
CA LEU A 74 -3.54 3.21 -5.32
C LEU A 74 -3.44 4.39 -4.34
N VAL A 75 -2.76 5.44 -4.77
CA VAL A 75 -2.65 6.65 -3.93
C VAL A 75 -4.00 7.36 -3.89
N ALA A 76 -4.73 7.36 -5.01
CA ALA A 76 -6.03 8.01 -5.07
C ALA A 76 -7.03 7.35 -4.11
N GLN A 77 -7.01 6.03 -4.01
CA GLN A 77 -7.89 5.32 -3.09
C GLN A 77 -7.54 5.70 -1.64
N TRP A 78 -6.27 5.92 -1.37
CA TRP A 78 -5.80 6.24 -0.03
C TRP A 78 -6.06 7.69 0.37
N LYS A 79 -6.24 8.55 -0.63
CA LYS A 79 -6.53 9.97 -0.37
C LYS A 79 -7.89 10.12 0.29
N LYS A 80 -8.77 9.18 -0.01
CA LYS A 80 -10.14 9.20 0.52
C LYS A 80 -10.20 8.72 1.96
N LEU A 81 -9.07 8.22 2.48
CA LEU A 81 -9.05 7.69 3.84
C LEU A 81 -8.59 8.75 4.83
N VAL A 82 -7.71 9.63 4.39
CA VAL A 82 -7.18 10.68 5.24
C VAL A 82 -8.20 11.82 5.28
N PRO A 83 -8.21 12.59 6.36
CA PRO A 83 -9.19 13.68 6.43
C PRO A 83 -8.85 14.82 5.46
N VAL A 84 -9.79 15.06 4.56
CA VAL A 84 -9.73 16.09 3.51
C VAL A 84 -8.64 15.83 2.45
N GLU A 85 -9.08 15.87 1.20
CA GLU A 85 -8.18 15.70 0.07
C GLU A 85 -8.45 16.85 -0.90
N ARG A 86 -7.58 17.03 -1.87
CA ARG A 86 -7.77 18.11 -2.85
C ARG A 86 -7.64 17.53 -4.25
N ASN A 87 -8.53 17.99 -5.13
CA ASN A 87 -8.57 17.58 -6.52
C ASN A 87 -8.77 18.85 -7.32
N ALA A 88 -8.71 18.76 -8.63
CA ALA A 88 -8.91 19.88 -9.53
C ALA A 88 -9.57 19.29 -10.76
N GLY A 89 -9.98 20.14 -11.70
CA GLY A 89 -10.56 19.66 -12.95
C GLY A 89 -9.44 19.40 -13.93
N SER A 90 -9.80 19.07 -15.17
CA SER A 90 -8.83 18.85 -16.22
C SER A 90 -8.27 20.18 -16.70
N SER A 1 0.11 -14.74 16.75
CA SER A 1 0.98 -15.02 17.92
C SER A 1 1.13 -13.77 18.80
N ASN A 2 2.24 -13.05 18.68
CA ASN A 2 2.45 -11.83 19.48
C ASN A 2 2.26 -10.56 18.64
N ALA A 3 3.14 -10.33 17.67
CA ALA A 3 3.02 -9.15 16.80
C ALA A 3 1.74 -9.23 15.97
N ALA A 4 1.42 -10.43 15.51
CA ALA A 4 0.16 -10.68 14.82
C ALA A 4 -0.79 -11.11 15.93
N SER A 5 -1.98 -10.52 15.99
CA SER A 5 -2.94 -10.85 17.02
C SER A 5 -3.60 -12.20 16.71
N ALA A 6 -4.12 -12.85 17.74
CA ALA A 6 -4.76 -14.17 17.63
C ALA A 6 -3.82 -15.17 16.93
N MET A 7 -4.38 -16.12 16.19
CA MET A 7 -3.56 -17.09 15.46
C MET A 7 -4.24 -17.60 14.18
N ALA A 8 -5.37 -17.02 13.83
CA ALA A 8 -6.12 -17.47 12.67
C ALA A 8 -5.47 -17.04 11.34
N ALA A 9 -4.93 -15.84 11.32
CA ALA A 9 -4.28 -15.28 10.12
C ALA A 9 -3.49 -14.05 10.53
N GLU A 10 -2.92 -13.38 9.54
CA GLU A 10 -2.19 -12.16 9.74
C GLU A 10 -3.17 -10.99 9.68
N SER A 11 -3.00 -10.05 10.60
CA SER A 11 -3.80 -8.83 10.62
C SER A 11 -3.46 -8.00 9.38
N ALA A 12 -4.34 -7.09 8.96
CA ALA A 12 -4.09 -6.25 7.79
C ALA A 12 -2.75 -5.53 7.89
N LEU A 13 -2.40 -5.07 9.10
CA LEU A 13 -1.14 -4.39 9.33
C LEU A 13 0.05 -5.32 9.06
N GLN A 14 -0.07 -6.56 9.47
CA GLN A 14 1.03 -7.48 9.26
C GLN A 14 1.21 -7.76 7.78
N VAL A 15 0.10 -7.86 7.05
CA VAL A 15 0.16 -8.15 5.61
C VAL A 15 0.73 -6.98 4.80
N VAL A 16 0.25 -5.75 5.03
CA VAL A 16 0.78 -4.57 4.34
C VAL A 16 2.29 -4.48 4.53
N GLU A 17 2.77 -4.80 5.73
CA GLU A 17 4.19 -4.65 6.02
C GLU A 17 5.04 -5.55 5.14
N LYS A 18 4.63 -6.82 5.04
CA LYS A 18 5.42 -7.79 4.28
C LYS A 18 5.45 -7.39 2.83
N LEU A 19 4.35 -6.83 2.36
CA LEU A 19 4.28 -6.41 0.97
C LEU A 19 5.13 -5.21 0.72
N GLN A 20 5.11 -4.24 1.60
CA GLN A 20 5.91 -3.02 1.43
C GLN A 20 7.39 -3.38 1.46
N ALA A 21 7.76 -4.34 2.30
CA ALA A 21 9.14 -4.82 2.31
C ALA A 21 9.48 -5.40 0.93
N ARG A 22 8.55 -6.14 0.34
CA ARG A 22 8.78 -6.71 -0.99
C ARG A 22 8.78 -5.64 -2.09
N LEU A 23 8.17 -4.49 -1.81
CA LEU A 23 8.18 -3.37 -2.76
C LEU A 23 9.54 -2.70 -2.78
N ALA A 24 10.15 -2.55 -1.61
CA ALA A 24 11.47 -1.92 -1.52
C ALA A 24 12.50 -2.83 -2.19
N ALA A 25 12.36 -4.13 -1.90
CA ALA A 25 13.23 -5.16 -2.47
C ALA A 25 12.81 -5.53 -3.91
N ASN A 26 12.17 -4.59 -4.59
CA ASN A 26 11.58 -4.79 -5.94
C ASN A 26 12.25 -5.88 -6.81
N PRO A 27 11.61 -7.07 -6.90
CA PRO A 27 12.14 -8.20 -7.68
C PRO A 27 11.73 -8.27 -9.16
N ASP A 28 10.69 -7.53 -9.52
CA ASP A 28 10.18 -7.50 -10.90
C ASP A 28 9.14 -6.41 -10.97
N PRO A 29 8.97 -5.76 -12.13
CA PRO A 29 7.88 -4.78 -12.20
C PRO A 29 6.54 -5.50 -12.26
N LYS A 30 6.56 -6.75 -12.73
CA LYS A 30 5.37 -7.59 -12.80
C LYS A 30 4.93 -7.93 -11.37
N LYS A 31 5.91 -8.22 -10.53
CA LYS A 31 5.66 -8.56 -9.14
C LYS A 31 5.25 -7.30 -8.37
N LEU A 32 5.80 -6.14 -8.72
CA LEU A 32 5.40 -4.87 -8.10
C LEU A 32 3.90 -4.64 -8.29
N LEU A 33 3.40 -4.88 -9.49
CA LEU A 33 1.97 -4.72 -9.74
C LEU A 33 1.16 -5.70 -8.89
N LYS A 34 1.66 -6.92 -8.76
CA LYS A 34 0.98 -7.94 -7.93
C LYS A 34 0.89 -7.46 -6.49
N TYR A 35 1.95 -6.86 -5.98
CA TYR A 35 1.96 -6.35 -4.62
C TYR A 35 0.96 -5.22 -4.47
N LEU A 36 0.96 -4.31 -5.43
CA LEU A 36 0.05 -3.17 -5.41
C LEU A 36 -1.39 -3.66 -5.40
N LYS A 37 -1.71 -4.64 -6.23
CA LYS A 37 -3.06 -5.19 -6.28
C LYS A 37 -3.45 -5.81 -4.95
N LYS A 38 -2.50 -6.37 -4.22
CA LYS A 38 -2.80 -6.95 -2.92
C LYS A 38 -3.03 -5.82 -1.91
N LEU A 39 -2.27 -4.74 -1.99
CA LEU A 39 -2.43 -3.63 -1.06
C LEU A 39 -3.80 -2.99 -1.25
N SER A 40 -4.24 -2.97 -2.49
CA SER A 40 -5.53 -2.39 -2.84
C SER A 40 -6.71 -3.14 -2.21
N THR A 41 -6.58 -4.45 -2.03
CA THR A 41 -7.68 -5.27 -1.50
C THR A 41 -7.59 -5.50 0.01
N LEU A 42 -6.59 -4.96 0.68
CA LEU A 42 -6.52 -5.08 2.13
C LEU A 42 -7.35 -3.93 2.67
N PRO A 43 -7.97 -4.10 3.86
CA PRO A 43 -8.71 -3.00 4.49
C PRO A 43 -7.75 -1.97 5.09
N ILE A 44 -7.14 -1.17 4.23
CA ILE A 44 -6.19 -0.16 4.64
C ILE A 44 -6.93 0.95 5.34
N THR A 45 -6.38 1.39 6.46
CA THR A 45 -6.97 2.47 7.21
C THR A 45 -5.91 3.55 7.37
N VAL A 46 -6.32 4.72 7.85
CA VAL A 46 -5.36 5.82 8.08
C VAL A 46 -4.35 5.41 9.14
N ASP A 47 -4.76 4.55 10.06
CA ASP A 47 -3.89 4.04 11.11
C ASP A 47 -2.76 3.23 10.47
N ILE A 48 -3.12 2.36 9.53
CA ILE A 48 -2.13 1.55 8.84
C ILE A 48 -1.23 2.45 8.00
N LEU A 49 -1.80 3.44 7.34
CA LEU A 49 -0.99 4.33 6.50
C LEU A 49 0.04 5.08 7.31
N ALA A 50 -0.35 5.44 8.53
CA ALA A 50 0.54 6.17 9.42
C ALA A 50 1.67 5.27 9.92
N GLU A 51 1.34 4.06 10.36
CA GLU A 51 2.33 3.13 10.91
C GLU A 51 3.33 2.65 9.88
N THR A 52 2.81 2.28 8.71
CA THR A 52 3.65 1.68 7.67
C THR A 52 4.33 2.73 6.80
N GLY A 53 3.62 3.80 6.51
CA GLY A 53 4.17 4.85 5.68
C GLY A 53 4.12 4.37 4.25
N VAL A 54 3.31 3.35 4.03
CA VAL A 54 3.15 2.70 2.74
C VAL A 54 2.71 3.71 1.66
N GLY A 55 2.01 4.76 2.08
CA GLY A 55 1.59 5.80 1.14
C GLY A 55 2.78 6.44 0.45
N LYS A 56 3.90 6.55 1.16
CA LYS A 56 5.10 7.17 0.60
C LYS A 56 5.69 6.23 -0.43
N THR A 57 5.70 4.95 -0.09
CA THR A 57 6.24 3.91 -0.94
C THR A 57 5.52 3.80 -2.28
N VAL A 58 4.20 3.69 -2.26
CA VAL A 58 3.44 3.54 -3.51
C VAL A 58 3.51 4.84 -4.32
N ASN A 59 3.55 5.98 -3.64
CA ASN A 59 3.68 7.26 -4.34
C ASN A 59 5.01 7.33 -5.09
N SER A 60 6.07 6.77 -4.53
CA SER A 60 7.37 6.75 -5.20
C SER A 60 7.32 5.82 -6.43
N LEU A 61 6.60 4.71 -6.28
CA LEU A 61 6.46 3.74 -7.37
C LEU A 61 5.77 4.32 -8.60
N ARG A 62 5.03 5.41 -8.44
CA ARG A 62 4.38 6.08 -9.57
C ARG A 62 5.39 6.48 -10.65
N LYS A 63 6.65 6.62 -10.28
CA LYS A 63 7.71 6.97 -11.24
C LYS A 63 8.07 5.83 -12.19
N HIS A 64 7.67 4.61 -11.85
CA HIS A 64 8.00 3.45 -12.68
C HIS A 64 6.94 3.37 -13.76
N GLU A 65 7.32 3.50 -15.01
CA GLU A 65 6.35 3.45 -16.12
C GLU A 65 5.52 2.17 -16.10
N HIS A 66 6.15 1.08 -15.69
CA HIS A 66 5.48 -0.23 -15.67
C HIS A 66 4.22 -0.29 -14.82
N VAL A 67 4.26 0.37 -13.67
CA VAL A 67 3.18 0.26 -12.69
C VAL A 67 2.61 1.60 -12.26
N GLY A 68 3.12 2.69 -12.81
CA GLY A 68 2.71 4.02 -12.41
C GLY A 68 1.23 4.28 -12.57
N SER A 69 0.65 3.72 -13.63
CA SER A 69 -0.78 3.90 -13.90
C SER A 69 -1.63 3.31 -12.76
N PHE A 70 -1.25 2.16 -12.26
CA PHE A 70 -1.96 1.54 -11.14
C PHE A 70 -1.57 2.20 -9.82
N ALA A 71 -0.30 2.57 -9.69
CA ALA A 71 0.20 3.16 -8.45
C ALA A 71 -0.49 4.50 -8.14
N ARG A 72 -0.80 5.30 -9.15
CA ARG A 72 -1.49 6.57 -8.91
C ARG A 72 -2.90 6.31 -8.36
N ASP A 73 -3.52 5.23 -8.77
CA ASP A 73 -4.87 4.89 -8.30
C ASP A 73 -4.80 4.37 -6.88
N LEU A 74 -3.73 3.67 -6.55
CA LEU A 74 -3.52 3.17 -5.20
C LEU A 74 -3.42 4.35 -4.23
N VAL A 75 -2.71 5.39 -4.64
CA VAL A 75 -2.58 6.58 -3.81
C VAL A 75 -3.95 7.29 -3.75
N ALA A 76 -4.68 7.31 -4.84
CA ALA A 76 -5.99 7.95 -4.85
C ALA A 76 -6.98 7.23 -3.91
N GLN A 77 -6.95 5.91 -3.91
CA GLN A 77 -7.83 5.12 -3.04
C GLN A 77 -7.49 5.39 -1.57
N TRP A 78 -6.23 5.71 -1.29
CA TRP A 78 -5.79 6.00 0.07
C TRP A 78 -6.07 7.45 0.47
N LYS A 79 -6.17 8.34 -0.51
CA LYS A 79 -6.42 9.75 -0.21
C LYS A 79 -7.84 9.98 0.29
N LYS A 80 -8.78 9.16 -0.14
CA LYS A 80 -10.16 9.29 0.32
C LYS A 80 -10.36 8.73 1.74
N LEU A 81 -9.30 8.20 2.34
CA LEU A 81 -9.40 7.64 3.68
C LEU A 81 -9.15 8.68 4.77
N VAL A 82 -8.32 9.67 4.46
CA VAL A 82 -7.99 10.71 5.41
C VAL A 82 -9.14 11.72 5.41
N PRO A 83 -9.33 12.45 6.53
CA PRO A 83 -10.43 13.39 6.61
C PRO A 83 -10.23 14.59 5.68
N VAL A 84 -11.33 15.25 5.34
CA VAL A 84 -11.29 16.38 4.41
C VAL A 84 -10.51 17.54 5.03
N GLU A 85 -9.53 18.03 4.28
CA GLU A 85 -8.70 19.14 4.74
C GLU A 85 -9.51 20.43 4.80
N ARG A 86 -9.18 21.26 5.78
CA ARG A 86 -9.82 22.58 6.01
C ARG A 86 -11.33 22.51 6.28
N ASN A 87 -11.83 21.32 6.57
CA ASN A 87 -13.25 21.12 6.86
C ASN A 87 -13.42 20.82 8.35
N ALA A 88 -12.72 21.60 9.17
CA ALA A 88 -12.80 21.45 10.62
C ALA A 88 -14.19 21.89 11.08
N GLY A 89 -14.70 21.26 12.13
CA GLY A 89 -16.02 21.56 12.64
C GLY A 89 -16.23 20.79 13.92
N SER A 90 -17.48 20.50 14.25
CA SER A 90 -17.84 19.76 15.45
C SER A 90 -18.83 18.70 15.03
N SER A 1 6.37 -2.66 23.06
CA SER A 1 5.12 -1.88 23.27
C SER A 1 4.25 -2.58 24.33
N ASN A 2 2.98 -2.85 24.03
CA ASN A 2 2.10 -3.54 24.97
C ASN A 2 2.69 -4.89 25.40
N ALA A 3 2.80 -5.09 26.70
CA ALA A 3 3.34 -6.34 27.25
C ALA A 3 2.34 -7.48 27.05
N ALA A 4 1.06 -7.16 27.04
CA ALA A 4 0.01 -8.15 26.82
C ALA A 4 -0.19 -8.32 25.30
N SER A 5 0.91 -8.62 24.61
CA SER A 5 0.90 -8.74 23.15
C SER A 5 0.09 -9.94 22.66
N ALA A 6 0.00 -10.96 23.51
CA ALA A 6 -0.73 -12.20 23.20
C ALA A 6 -0.26 -12.77 21.85
N MET A 7 -1.22 -13.13 20.99
CA MET A 7 -0.92 -13.66 19.67
C MET A 7 -2.10 -13.28 18.77
N ALA A 8 -1.85 -13.22 17.47
CA ALA A 8 -2.89 -12.87 16.50
C ALA A 8 -2.48 -13.43 15.14
N ALA A 9 -3.43 -13.49 14.22
CA ALA A 9 -3.17 -13.94 12.86
C ALA A 9 -2.69 -12.73 12.05
N GLU A 10 -2.46 -12.93 10.76
CA GLU A 10 -2.02 -11.83 9.91
C GLU A 10 -3.12 -10.80 9.66
N SER A 11 -3.12 -9.75 10.45
CA SER A 11 -4.06 -8.65 10.29
C SER A 11 -3.64 -7.88 9.04
N ALA A 12 -4.47 -6.94 8.60
CA ALA A 12 -4.14 -6.11 7.44
C ALA A 12 -2.79 -5.46 7.65
N LEU A 13 -2.48 -5.09 8.88
CA LEU A 13 -1.22 -4.46 9.19
C LEU A 13 -0.02 -5.39 8.98
N GLN A 14 -0.15 -6.63 9.40
CA GLN A 14 0.95 -7.56 9.21
C GLN A 14 1.21 -7.78 7.72
N VAL A 15 0.14 -7.86 6.96
CA VAL A 15 0.25 -8.13 5.54
C VAL A 15 0.79 -6.91 4.76
N VAL A 16 0.30 -5.70 5.03
CA VAL A 16 0.81 -4.51 4.38
C VAL A 16 2.32 -4.36 4.62
N GLU A 17 2.79 -4.64 5.83
CA GLU A 17 4.17 -4.42 6.19
C GLU A 17 5.06 -5.33 5.36
N LYS A 18 4.67 -6.59 5.31
CA LYS A 18 5.47 -7.60 4.65
C LYS A 18 5.49 -7.34 3.15
N LEU A 19 4.40 -6.82 2.62
CA LEU A 19 4.37 -6.46 1.20
C LEU A 19 5.23 -5.26 0.92
N GLN A 20 5.18 -4.25 1.79
CA GLN A 20 5.96 -3.04 1.57
C GLN A 20 7.44 -3.36 1.59
N ALA A 21 7.84 -4.29 2.45
CA ALA A 21 9.22 -4.74 2.47
C ALA A 21 9.57 -5.35 1.10
N ARG A 22 8.64 -6.10 0.52
CA ARG A 22 8.88 -6.72 -0.80
C ARG A 22 8.88 -5.68 -1.93
N LEU A 23 8.30 -4.51 -1.70
CA LEU A 23 8.30 -3.44 -2.70
C LEU A 23 9.67 -2.81 -2.82
N ALA A 24 10.32 -2.57 -1.69
CA ALA A 24 11.64 -1.94 -1.67
C ALA A 24 12.66 -2.88 -2.31
N ALA A 25 12.47 -4.17 -2.08
CA ALA A 25 13.32 -5.21 -2.63
C ALA A 25 12.86 -5.61 -4.04
N ASN A 26 12.19 -4.69 -4.75
CA ASN A 26 11.55 -4.96 -6.05
C ASN A 26 12.22 -6.04 -6.94
N PRO A 27 11.61 -7.23 -7.02
CA PRO A 27 12.11 -8.37 -7.82
C PRO A 27 11.74 -8.42 -9.30
N ASP A 28 10.72 -7.67 -9.68
CA ASP A 28 10.23 -7.60 -11.06
C ASP A 28 9.19 -6.50 -11.10
N PRO A 29 9.00 -5.82 -12.24
CA PRO A 29 7.90 -4.84 -12.29
C PRO A 29 6.57 -5.60 -12.36
N LYS A 30 6.64 -6.83 -12.84
CA LYS A 30 5.49 -7.72 -12.97
C LYS A 30 4.99 -8.06 -11.56
N LYS A 31 5.95 -8.30 -10.69
CA LYS A 31 5.66 -8.65 -9.29
C LYS A 31 5.25 -7.39 -8.54
N LEU A 32 5.82 -6.24 -8.89
CA LEU A 32 5.39 -4.98 -8.29
C LEU A 32 3.89 -4.74 -8.51
N LEU A 33 3.39 -5.02 -9.71
CA LEU A 33 1.96 -4.86 -9.97
C LEU A 33 1.16 -5.79 -9.07
N LYS A 34 1.63 -7.03 -8.94
CA LYS A 34 0.96 -8.01 -8.07
C LYS A 34 0.89 -7.48 -6.63
N TYR A 35 1.95 -6.83 -6.17
CA TYR A 35 1.95 -6.29 -4.81
C TYR A 35 0.95 -5.17 -4.65
N LEU A 36 0.90 -4.26 -5.61
CA LEU A 36 -0.01 -3.12 -5.52
C LEU A 36 -1.44 -3.64 -5.47
N LYS A 37 -1.75 -4.63 -6.29
CA LYS A 37 -3.08 -5.22 -6.32
C LYS A 37 -3.44 -5.84 -4.96
N LYS A 38 -2.44 -6.36 -4.25
CA LYS A 38 -2.69 -6.93 -2.93
C LYS A 38 -2.93 -5.82 -1.92
N LEU A 39 -2.22 -4.71 -2.03
CA LEU A 39 -2.40 -3.63 -1.07
C LEU A 39 -3.81 -3.04 -1.25
N SER A 40 -4.28 -3.04 -2.49
CA SER A 40 -5.62 -2.53 -2.81
C SER A 40 -6.77 -3.39 -2.30
N THR A 41 -6.50 -4.64 -1.93
CA THR A 41 -7.56 -5.54 -1.46
C THR A 41 -7.51 -5.77 0.05
N LEU A 42 -6.57 -5.13 0.72
CA LEU A 42 -6.51 -5.21 2.17
C LEU A 42 -7.31 -4.01 2.67
N PRO A 43 -7.99 -4.13 3.82
CA PRO A 43 -8.72 -3.01 4.41
C PRO A 43 -7.74 -1.99 5.04
N ILE A 44 -7.18 -1.15 4.19
CA ILE A 44 -6.23 -0.14 4.60
C ILE A 44 -6.94 0.97 5.34
N THR A 45 -6.35 1.38 6.45
CA THR A 45 -6.90 2.46 7.25
C THR A 45 -5.86 3.55 7.39
N VAL A 46 -6.26 4.69 7.92
CA VAL A 46 -5.32 5.79 8.13
C VAL A 46 -4.26 5.40 9.16
N ASP A 47 -4.63 4.52 10.07
CA ASP A 47 -3.72 4.02 11.10
C ASP A 47 -2.62 3.22 10.42
N ILE A 48 -3.02 2.37 9.47
CA ILE A 48 -2.07 1.56 8.75
C ILE A 48 -1.15 2.46 7.92
N LEU A 49 -1.73 3.44 7.23
CA LEU A 49 -0.93 4.31 6.36
C LEU A 49 0.12 5.07 7.15
N ALA A 50 -0.25 5.44 8.37
CA ALA A 50 0.63 6.20 9.23
C ALA A 50 1.83 5.36 9.70
N GLU A 51 1.57 4.15 10.18
CA GLU A 51 2.65 3.33 10.76
C GLU A 51 3.57 2.76 9.71
N THR A 52 2.96 2.24 8.65
CA THR A 52 3.72 1.59 7.59
C THR A 52 4.43 2.62 6.73
N GLY A 53 3.71 3.69 6.40
CA GLY A 53 4.28 4.72 5.58
C GLY A 53 4.17 4.24 4.16
N VAL A 54 3.30 3.25 3.98
CA VAL A 54 3.08 2.63 2.69
C VAL A 54 2.60 3.67 1.68
N GLY A 55 1.94 4.73 2.15
CA GLY A 55 1.51 5.79 1.25
C GLY A 55 2.71 6.47 0.61
N LYS A 56 3.80 6.59 1.36
CA LYS A 56 5.01 7.23 0.87
C LYS A 56 5.62 6.31 -0.20
N THR A 57 5.63 5.02 0.11
CA THR A 57 6.17 4.00 -0.78
C THR A 57 5.44 3.91 -2.11
N VAL A 58 4.13 3.80 -2.08
CA VAL A 58 3.34 3.66 -3.31
C VAL A 58 3.37 4.95 -4.12
N ASN A 59 3.41 6.09 -3.46
CA ASN A 59 3.49 7.37 -4.17
C ASN A 59 4.82 7.46 -4.90
N SER A 60 5.85 6.86 -4.34
CA SER A 60 7.17 6.82 -4.97
C SER A 60 7.16 5.87 -6.16
N LEU A 61 6.46 4.74 -6.02
CA LEU A 61 6.34 3.73 -7.09
C LEU A 61 5.67 4.28 -8.34
N ARG A 62 4.93 5.36 -8.22
CA ARG A 62 4.28 5.99 -9.38
C ARG A 62 5.28 6.40 -10.47
N LYS A 63 6.54 6.58 -10.09
CA LYS A 63 7.58 6.97 -11.05
C LYS A 63 8.07 5.79 -11.89
N HIS A 64 7.74 4.59 -11.47
CA HIS A 64 8.12 3.39 -12.18
C HIS A 64 7.01 3.15 -13.20
N GLU A 65 7.20 3.61 -14.43
CA GLU A 65 6.14 3.59 -15.46
C GLU A 65 5.45 2.22 -15.65
N HIS A 66 6.17 1.14 -15.39
CA HIS A 66 5.60 -0.19 -15.53
C HIS A 66 4.35 -0.40 -14.68
N VAL A 67 4.35 0.21 -13.50
CA VAL A 67 3.28 0.02 -12.53
C VAL A 67 2.69 1.33 -12.04
N GLY A 68 3.26 2.44 -12.46
CA GLY A 68 2.78 3.75 -12.07
C GLY A 68 1.33 4.00 -12.40
N SER A 69 0.86 3.47 -13.52
CA SER A 69 -0.53 3.61 -13.92
C SER A 69 -1.48 3.00 -12.89
N PHE A 70 -1.10 1.88 -12.28
CA PHE A 70 -1.89 1.31 -11.20
C PHE A 70 -1.61 2.04 -9.86
N ALA A 71 -0.34 2.25 -9.54
CA ALA A 71 0.05 2.96 -8.32
C ALA A 71 -0.62 4.34 -8.13
N ARG A 72 -0.89 5.09 -9.19
CA ARG A 72 -1.55 6.39 -9.03
C ARG A 72 -2.97 6.22 -8.47
N ASP A 73 -3.64 5.13 -8.81
CA ASP A 73 -4.98 4.87 -8.30
C ASP A 73 -4.87 4.45 -6.84
N LEU A 74 -3.82 3.69 -6.55
CA LEU A 74 -3.56 3.22 -5.21
C LEU A 74 -3.39 4.42 -4.26
N VAL A 75 -2.76 5.47 -4.72
CA VAL A 75 -2.65 6.70 -3.92
C VAL A 75 -4.00 7.40 -3.83
N ALA A 76 -4.77 7.41 -4.91
CA ALA A 76 -6.05 8.12 -4.93
C ALA A 76 -7.07 7.48 -3.98
N GLN A 77 -7.09 6.15 -3.97
CA GLN A 77 -8.02 5.41 -3.13
C GLN A 77 -7.68 5.62 -1.66
N TRP A 78 -6.40 5.83 -1.39
CA TRP A 78 -5.92 6.11 -0.04
C TRP A 78 -6.08 7.58 0.36
N LYS A 79 -6.14 8.47 -0.62
CA LYS A 79 -6.25 9.91 -0.32
C LYS A 79 -7.57 10.20 0.34
N LYS A 80 -8.59 9.47 -0.07
CA LYS A 80 -9.94 9.70 0.47
C LYS A 80 -10.13 9.09 1.86
N LEU A 81 -9.10 8.48 2.41
CA LEU A 81 -9.20 7.91 3.75
C LEU A 81 -8.80 8.92 4.81
N VAL A 82 -7.82 9.76 4.48
CA VAL A 82 -7.30 10.74 5.42
C VAL A 82 -8.16 12.01 5.39
N PRO A 83 -8.30 12.69 6.54
CA PRO A 83 -9.10 13.91 6.55
C PRO A 83 -8.36 15.10 5.93
N VAL A 84 -9.13 16.04 5.41
CA VAL A 84 -8.67 17.28 4.77
C VAL A 84 -7.80 17.09 3.53
N GLU A 85 -8.25 17.71 2.46
CA GLU A 85 -7.56 17.69 1.18
C GLU A 85 -7.14 19.13 0.90
N ARG A 86 -6.42 19.35 -0.19
CA ARG A 86 -6.02 20.72 -0.54
C ARG A 86 -6.99 21.30 -1.54
N ASN A 87 -7.78 20.43 -2.15
CA ASN A 87 -8.80 20.83 -3.10
C ASN A 87 -9.76 19.67 -3.29
N ALA A 88 -11.00 19.99 -3.63
CA ALA A 88 -12.03 19.02 -3.91
C ALA A 88 -12.43 19.25 -5.37
N GLY A 89 -13.33 18.43 -5.88
CA GLY A 89 -13.80 18.57 -7.24
C GLY A 89 -14.15 17.20 -7.77
N SER A 90 -14.82 17.14 -8.92
CA SER A 90 -15.28 15.89 -9.54
C SER A 90 -16.22 15.15 -8.58
N SER A 1 11.91 -24.43 7.50
CA SER A 1 11.21 -24.61 8.80
C SER A 1 10.08 -23.60 8.91
N ASN A 2 9.34 -23.64 10.01
CA ASN A 2 8.24 -22.69 10.29
C ASN A 2 7.20 -22.67 9.14
N ALA A 3 6.86 -23.85 8.65
CA ALA A 3 5.90 -23.97 7.56
C ALA A 3 4.49 -23.57 8.03
N ALA A 4 3.73 -22.97 7.14
CA ALA A 4 2.37 -22.55 7.41
C ALA A 4 1.66 -22.60 6.05
N SER A 5 0.34 -22.67 6.06
CA SER A 5 -0.43 -22.77 4.82
C SER A 5 -1.65 -21.86 4.90
N ALA A 6 -2.12 -21.42 3.73
CA ALA A 6 -3.30 -20.53 3.61
C ALA A 6 -3.11 -19.25 4.45
N MET A 7 -4.21 -18.63 4.84
CA MET A 7 -4.18 -17.43 5.66
C MET A 7 -5.44 -17.40 6.51
N ALA A 8 -5.27 -17.51 7.82
CA ALA A 8 -6.37 -17.46 8.78
C ALA A 8 -5.86 -16.70 10.01
N ALA A 9 -4.91 -15.83 9.76
CA ALA A 9 -4.23 -15.06 10.79
C ALA A 9 -3.70 -13.81 10.09
N GLU A 10 -3.02 -12.96 10.86
CA GLU A 10 -2.45 -11.68 10.41
C GLU A 10 -3.47 -10.63 9.93
N SER A 11 -3.56 -9.56 10.69
CA SER A 11 -4.46 -8.45 10.37
C SER A 11 -3.92 -7.73 9.13
N ALA A 12 -4.72 -6.81 8.59
CA ALA A 12 -4.30 -6.03 7.43
C ALA A 12 -2.96 -5.35 7.68
N LEU A 13 -2.73 -4.92 8.91
CA LEU A 13 -1.47 -4.27 9.26
C LEU A 13 -0.29 -5.24 9.16
N GLN A 14 -0.48 -6.47 9.61
CA GLN A 14 0.61 -7.42 9.56
C GLN A 14 0.95 -7.76 8.12
N VAL A 15 -0.06 -7.85 7.29
CA VAL A 15 0.15 -8.16 5.87
C VAL A 15 0.81 -6.99 5.12
N VAL A 16 0.31 -5.76 5.29
CA VAL A 16 0.91 -4.60 4.60
C VAL A 16 2.41 -4.47 4.86
N GLU A 17 2.87 -4.65 6.09
CA GLU A 17 4.26 -4.40 6.42
C GLU A 17 5.17 -5.32 5.63
N LYS A 18 4.76 -6.57 5.58
CA LYS A 18 5.58 -7.64 5.01
C LYS A 18 5.58 -7.51 3.51
N LEU A 19 4.46 -7.09 2.99
CA LEU A 19 4.25 -6.91 1.59
C LEU A 19 5.01 -5.67 1.10
N GLN A 20 5.05 -4.62 1.92
CA GLN A 20 5.77 -3.38 1.61
C GLN A 20 7.27 -3.59 1.51
N ALA A 21 7.84 -4.44 2.35
CA ALA A 21 9.27 -4.72 2.30
C ALA A 21 9.66 -5.26 0.91
N ARG A 22 8.76 -6.04 0.33
CA ARG A 22 8.97 -6.66 -0.98
C ARG A 22 8.93 -5.63 -2.10
N LEU A 23 8.31 -4.49 -1.84
CA LEU A 23 8.24 -3.41 -2.82
C LEU A 23 9.57 -2.68 -2.93
N ALA A 24 10.22 -2.49 -1.78
CA ALA A 24 11.50 -1.79 -1.72
C ALA A 24 12.59 -2.67 -2.35
N ALA A 25 12.42 -3.97 -2.19
CA ALA A 25 13.31 -4.97 -2.75
C ALA A 25 12.91 -5.35 -4.18
N ASN A 26 12.22 -4.44 -4.88
CA ASN A 26 11.56 -4.71 -6.18
C ASN A 26 12.22 -5.82 -7.06
N PRO A 27 11.62 -7.02 -7.05
CA PRO A 27 12.14 -8.15 -7.84
C PRO A 27 11.73 -8.22 -9.30
N ASP A 28 10.66 -7.53 -9.64
CA ASP A 28 10.12 -7.50 -11.00
C ASP A 28 9.08 -6.39 -11.01
N PRO A 29 8.87 -5.73 -12.15
CA PRO A 29 7.79 -4.74 -12.17
C PRO A 29 6.45 -5.47 -12.24
N LYS A 30 6.49 -6.69 -12.77
CA LYS A 30 5.31 -7.55 -12.86
C LYS A 30 4.85 -7.89 -11.44
N LYS A 31 5.84 -8.17 -10.59
CA LYS A 31 5.58 -8.51 -9.19
C LYS A 31 5.17 -7.25 -8.43
N LEU A 32 5.74 -6.10 -8.78
CA LEU A 32 5.33 -4.84 -8.15
C LEU A 32 3.85 -4.58 -8.34
N LEU A 33 3.33 -4.76 -9.54
CA LEU A 33 1.89 -4.56 -9.78
C LEU A 33 1.10 -5.58 -8.96
N LYS A 34 1.58 -6.82 -8.93
CA LYS A 34 0.93 -7.86 -8.12
C LYS A 34 0.84 -7.44 -6.65
N TYR A 35 1.91 -6.85 -6.13
CA TYR A 35 1.93 -6.39 -4.74
C TYR A 35 0.92 -5.26 -4.54
N LEU A 36 0.90 -4.30 -5.46
CA LEU A 36 0.00 -3.17 -5.37
C LEU A 36 -1.46 -3.66 -5.34
N LYS A 37 -1.78 -4.62 -6.18
CA LYS A 37 -3.13 -5.18 -6.22
C LYS A 37 -3.47 -5.82 -4.87
N LYS A 38 -2.48 -6.37 -4.19
CA LYS A 38 -2.71 -6.98 -2.87
C LYS A 38 -2.94 -5.86 -1.85
N LEU A 39 -2.23 -4.75 -1.94
CA LEU A 39 -2.43 -3.66 -0.99
C LEU A 39 -3.82 -3.07 -1.14
N SER A 40 -4.28 -2.99 -2.37
CA SER A 40 -5.60 -2.44 -2.67
C SER A 40 -6.74 -3.26 -2.06
N THR A 41 -6.56 -4.56 -1.96
CA THR A 41 -7.62 -5.45 -1.46
C THR A 41 -7.55 -5.69 0.06
N LEU A 42 -6.57 -5.12 0.74
CA LEU A 42 -6.53 -5.22 2.19
C LEU A 42 -7.32 -4.00 2.68
N PRO A 43 -8.04 -4.13 3.80
CA PRO A 43 -8.75 -2.98 4.37
C PRO A 43 -7.77 -2.00 5.04
N ILE A 44 -7.14 -1.19 4.20
CA ILE A 44 -6.18 -0.20 4.65
C ILE A 44 -6.91 0.93 5.33
N THR A 45 -6.37 1.37 6.47
CA THR A 45 -6.95 2.44 7.22
C THR A 45 -5.92 3.54 7.37
N VAL A 46 -6.32 4.70 7.86
CA VAL A 46 -5.39 5.81 8.08
C VAL A 46 -4.35 5.44 9.13
N ASP A 47 -4.76 4.58 10.05
CA ASP A 47 -3.88 4.09 11.11
C ASP A 47 -2.76 3.27 10.47
N ILE A 48 -3.13 2.41 9.54
CA ILE A 48 -2.14 1.59 8.86
C ILE A 48 -1.23 2.47 8.04
N LEU A 49 -1.78 3.45 7.32
CA LEU A 49 -0.97 4.31 6.47
C LEU A 49 0.06 5.06 7.26
N ALA A 50 -0.32 5.47 8.47
CA ALA A 50 0.57 6.22 9.33
C ALA A 50 1.73 5.37 9.85
N GLU A 51 1.43 4.16 10.33
CA GLU A 51 2.47 3.33 10.93
C GLU A 51 3.43 2.75 9.89
N THR A 52 2.88 2.35 8.75
CA THR A 52 3.67 1.70 7.72
C THR A 52 4.37 2.70 6.82
N GLY A 53 3.69 3.80 6.51
CA GLY A 53 4.27 4.82 5.67
C GLY A 53 4.20 4.31 4.24
N VAL A 54 3.35 3.31 4.06
CA VAL A 54 3.17 2.65 2.77
C VAL A 54 2.71 3.65 1.72
N GLY A 55 2.03 4.70 2.16
CA GLY A 55 1.59 5.75 1.24
C GLY A 55 2.77 6.39 0.53
N LYS A 56 3.89 6.53 1.22
CA LYS A 56 5.09 7.15 0.64
C LYS A 56 5.71 6.19 -0.35
N THR A 57 5.68 4.92 0.00
CA THR A 57 6.23 3.86 -0.85
C THR A 57 5.51 3.77 -2.19
N VAL A 58 4.19 3.69 -2.18
CA VAL A 58 3.44 3.55 -3.42
C VAL A 58 3.49 4.88 -4.20
N ASN A 59 3.50 6.00 -3.51
CA ASN A 59 3.63 7.31 -4.15
C ASN A 59 4.94 7.42 -4.93
N SER A 60 6.01 6.82 -4.41
CA SER A 60 7.28 6.81 -5.12
C SER A 60 7.19 5.90 -6.34
N LEU A 61 6.57 4.74 -6.16
CA LEU A 61 6.43 3.75 -7.23
C LEU A 61 5.62 4.25 -8.41
N ARG A 62 4.80 5.27 -8.20
CA ARG A 62 3.99 5.80 -9.30
C ARG A 62 4.85 6.46 -10.39
N LYS A 63 6.11 6.72 -10.09
CA LYS A 63 7.04 7.30 -11.07
C LYS A 63 7.55 6.21 -12.01
N HIS A 64 7.43 4.95 -11.61
CA HIS A 64 7.92 3.84 -12.40
C HIS A 64 6.88 3.57 -13.48
N GLU A 65 7.20 3.95 -14.72
CA GLU A 65 6.28 3.81 -15.86
C GLU A 65 5.56 2.47 -15.92
N HIS A 66 6.26 1.41 -15.56
CA HIS A 66 5.74 0.05 -15.61
C HIS A 66 4.46 -0.18 -14.81
N VAL A 67 4.39 0.42 -13.62
CA VAL A 67 3.27 0.19 -12.71
C VAL A 67 2.61 1.47 -12.26
N GLY A 68 3.15 2.60 -12.73
CA GLY A 68 2.65 3.90 -12.34
C GLY A 68 1.17 4.13 -12.56
N SER A 69 0.63 3.55 -13.62
CA SER A 69 -0.79 3.69 -13.92
C SER A 69 -1.65 3.12 -12.78
N PHE A 70 -1.28 1.97 -12.25
CA PHE A 70 -2.01 1.39 -11.13
C PHE A 70 -1.60 2.05 -9.80
N ALA A 71 -0.33 2.39 -9.67
CA ALA A 71 0.17 2.98 -8.44
C ALA A 71 -0.49 4.33 -8.13
N ARG A 72 -0.74 5.15 -9.15
CA ARG A 72 -1.39 6.44 -8.90
C ARG A 72 -2.82 6.23 -8.43
N ASP A 73 -3.47 5.16 -8.86
CA ASP A 73 -4.83 4.85 -8.41
C ASP A 73 -4.79 4.37 -6.97
N LEU A 74 -3.75 3.62 -6.62
CA LEU A 74 -3.56 3.15 -5.27
C LEU A 74 -3.45 4.34 -4.31
N VAL A 75 -2.69 5.35 -4.72
CA VAL A 75 -2.53 6.56 -3.92
C VAL A 75 -3.87 7.30 -3.88
N ALA A 76 -4.60 7.31 -4.99
CA ALA A 76 -5.89 7.99 -5.05
C ALA A 76 -6.90 7.33 -4.11
N GLN A 77 -6.92 6.00 -4.04
CA GLN A 77 -7.85 5.30 -3.16
C GLN A 77 -7.51 5.63 -1.70
N TRP A 78 -6.22 5.75 -1.40
CA TRP A 78 -5.78 6.07 -0.04
C TRP A 78 -6.04 7.54 0.33
N LYS A 79 -6.06 8.41 -0.66
CA LYS A 79 -6.33 9.83 -0.43
C LYS A 79 -7.75 10.05 0.06
N LYS A 80 -8.63 9.13 -0.27
CA LYS A 80 -10.03 9.20 0.15
C LYS A 80 -10.22 8.79 1.61
N LEU A 81 -9.20 8.17 2.19
CA LEU A 81 -9.31 7.66 3.57
C LEU A 81 -8.96 8.71 4.61
N VAL A 82 -7.98 9.54 4.29
CA VAL A 82 -7.48 10.54 5.23
C VAL A 82 -8.45 11.72 5.34
N PRO A 83 -8.46 12.40 6.48
CA PRO A 83 -9.38 13.53 6.68
C PRO A 83 -8.95 14.79 5.93
N VAL A 84 -9.74 15.84 6.08
CA VAL A 84 -9.46 17.13 5.44
C VAL A 84 -8.12 17.68 5.94
N GLU A 85 -7.40 18.30 5.02
CA GLU A 85 -6.09 18.95 5.24
C GLU A 85 -5.22 18.38 6.36
N ARG A 86 -5.21 19.06 7.51
CA ARG A 86 -4.37 18.65 8.64
C ARG A 86 -5.15 18.64 9.94
N ASN A 87 -6.20 17.85 9.99
CA ASN A 87 -6.94 17.67 11.25
C ASN A 87 -6.05 16.99 12.29
N ALA A 88 -4.98 16.37 11.83
CA ALA A 88 -3.99 15.75 12.70
C ALA A 88 -2.66 15.79 11.93
N GLY A 89 -1.55 15.77 12.65
CA GLY A 89 -0.24 15.78 12.02
C GLY A 89 0.26 17.16 11.64
N SER A 90 1.42 17.22 11.02
CA SER A 90 2.04 18.47 10.59
C SER A 90 2.83 18.17 9.32
N SER A 1 9.22 -18.89 11.16
CA SER A 1 8.42 -17.77 11.73
C SER A 1 8.86 -17.53 13.16
N ASN A 2 8.12 -16.71 13.91
CA ASN A 2 8.42 -16.52 15.33
C ASN A 2 8.16 -17.85 16.01
N ALA A 3 8.99 -18.23 16.96
CA ALA A 3 8.83 -19.48 17.69
C ALA A 3 7.75 -19.32 18.76
N ALA A 4 7.48 -18.08 19.15
CA ALA A 4 6.46 -17.80 20.16
C ALA A 4 5.08 -18.13 19.58
N SER A 5 4.21 -18.67 20.44
CA SER A 5 2.86 -19.01 20.04
C SER A 5 2.04 -17.75 19.75
N ALA A 6 1.07 -17.88 18.86
CA ALA A 6 0.19 -16.79 18.48
C ALA A 6 -1.15 -17.41 18.10
N MET A 7 -2.08 -16.58 17.66
CA MET A 7 -3.42 -17.02 17.31
C MET A 7 -3.93 -16.07 16.23
N ALA A 8 -5.07 -16.42 15.63
CA ALA A 8 -5.70 -15.67 14.53
C ALA A 8 -4.83 -15.66 13.26
N ALA A 9 -5.27 -14.91 12.26
CA ALA A 9 -4.58 -14.81 10.97
C ALA A 9 -3.87 -13.46 10.91
N GLU A 10 -2.94 -13.30 9.97
CA GLU A 10 -2.23 -12.04 9.82
C GLU A 10 -3.23 -10.93 9.45
N SER A 11 -3.28 -9.94 10.32
CA SER A 11 -4.18 -8.80 10.17
C SER A 11 -3.76 -7.92 9.00
N ALA A 12 -4.62 -7.00 8.57
CA ALA A 12 -4.30 -6.10 7.46
C ALA A 12 -2.96 -5.41 7.64
N LEU A 13 -2.69 -4.97 8.86
CA LEU A 13 -1.44 -4.32 9.17
C LEU A 13 -0.26 -5.27 8.98
N GLN A 14 -0.43 -6.52 9.38
CA GLN A 14 0.68 -7.44 9.28
C GLN A 14 0.93 -7.77 7.80
N VAL A 15 -0.12 -7.83 7.01
CA VAL A 15 0.03 -8.15 5.59
C VAL A 15 0.70 -6.99 4.83
N VAL A 16 0.25 -5.75 5.05
CA VAL A 16 0.87 -4.58 4.41
C VAL A 16 2.38 -4.50 4.66
N GLU A 17 2.81 -4.83 5.88
CA GLU A 17 4.20 -4.69 6.26
C GLU A 17 5.07 -5.47 5.31
N LYS A 18 4.68 -6.72 5.17
CA LYS A 18 5.45 -7.73 4.46
C LYS A 18 5.43 -7.42 2.99
N LEU A 19 4.34 -6.87 2.50
CA LEU A 19 4.27 -6.50 1.09
C LEU A 19 5.14 -5.31 0.81
N GLN A 20 5.13 -4.31 1.68
CA GLN A 20 5.93 -3.11 1.47
C GLN A 20 7.41 -3.47 1.51
N ALA A 21 7.77 -4.41 2.36
CA ALA A 21 9.14 -4.92 2.39
C ALA A 21 9.49 -5.50 1.01
N ARG A 22 8.56 -6.22 0.40
CA ARG A 22 8.80 -6.80 -0.93
C ARG A 22 8.84 -5.73 -2.02
N LEU A 23 8.27 -4.56 -1.75
CA LEU A 23 8.28 -3.45 -2.71
C LEU A 23 9.65 -2.77 -2.75
N ALA A 24 10.25 -2.59 -1.58
CA ALA A 24 11.54 -1.91 -1.48
C ALA A 24 12.64 -2.78 -2.10
N ALA A 25 12.45 -4.09 -2.02
CA ALA A 25 13.37 -5.07 -2.57
C ALA A 25 12.94 -5.46 -4.00
N ASN A 26 12.23 -4.57 -4.69
CA ASN A 26 11.58 -4.87 -5.97
C ASN A 26 12.25 -5.95 -6.87
N PRO A 27 11.64 -7.15 -6.94
CA PRO A 27 12.15 -8.27 -7.75
C PRO A 27 11.75 -8.31 -9.22
N ASP A 28 10.70 -7.59 -9.57
CA ASP A 28 10.21 -7.50 -10.96
C ASP A 28 9.16 -6.42 -10.96
N PRO A 29 8.95 -5.73 -12.09
CA PRO A 29 7.85 -4.76 -12.11
C PRO A 29 6.52 -5.51 -12.20
N LYS A 30 6.60 -6.72 -12.72
CA LYS A 30 5.44 -7.61 -12.86
C LYS A 30 4.95 -7.95 -11.45
N LYS A 31 5.91 -8.20 -10.58
CA LYS A 31 5.63 -8.54 -9.20
C LYS A 31 5.22 -7.29 -8.43
N LEU A 32 5.78 -6.14 -8.77
CA LEU A 32 5.39 -4.87 -8.14
C LEU A 32 3.90 -4.61 -8.32
N LEU A 33 3.37 -4.81 -9.52
CA LEU A 33 1.95 -4.60 -9.76
C LEU A 33 1.14 -5.60 -8.93
N LYS A 34 1.59 -6.84 -8.87
CA LYS A 34 0.92 -7.86 -8.04
C LYS A 34 0.83 -7.41 -6.58
N TYR A 35 1.91 -6.83 -6.06
CA TYR A 35 1.91 -6.36 -4.68
C TYR A 35 0.92 -5.23 -4.50
N LEU A 36 0.92 -4.30 -5.43
CA LEU A 36 0.02 -3.16 -5.37
C LEU A 36 -1.43 -3.64 -5.35
N LYS A 37 -1.76 -4.60 -6.19
CA LYS A 37 -3.12 -5.15 -6.23
C LYS A 37 -3.49 -5.76 -4.89
N LYS A 38 -2.53 -6.35 -4.19
CA LYS A 38 -2.81 -6.93 -2.87
C LYS A 38 -3.03 -5.81 -1.86
N LEU A 39 -2.26 -4.72 -1.95
CA LEU A 39 -2.42 -3.63 -1.00
C LEU A 39 -3.77 -2.97 -1.18
N SER A 40 -4.23 -2.93 -2.42
CA SER A 40 -5.53 -2.34 -2.75
C SER A 40 -6.70 -3.08 -2.12
N THR A 41 -6.59 -4.40 -2.01
CA THR A 41 -7.71 -5.22 -1.51
C THR A 41 -7.67 -5.46 0.01
N LEU A 42 -6.67 -4.95 0.70
CA LEU A 42 -6.64 -5.08 2.15
C LEU A 42 -7.43 -3.89 2.69
N PRO A 43 -8.09 -4.05 3.84
CA PRO A 43 -8.79 -2.92 4.47
C PRO A 43 -7.79 -1.97 5.12
N ILE A 44 -7.17 -1.16 4.28
CA ILE A 44 -6.19 -0.19 4.69
C ILE A 44 -6.89 0.94 5.41
N THR A 45 -6.30 1.37 6.51
CA THR A 45 -6.85 2.46 7.28
C THR A 45 -5.79 3.54 7.42
N VAL A 46 -6.17 4.70 7.95
CA VAL A 46 -5.23 5.80 8.11
C VAL A 46 -4.14 5.43 9.11
N ASP A 47 -4.49 4.59 10.07
CA ASP A 47 -3.55 4.13 11.09
C ASP A 47 -2.49 3.29 10.41
N ILE A 48 -2.92 2.41 9.51
CA ILE A 48 -1.98 1.56 8.78
C ILE A 48 -1.09 2.43 7.93
N LEU A 49 -1.66 3.40 7.24
CA LEU A 49 -0.87 4.25 6.36
C LEU A 49 0.20 5.00 7.13
N ALA A 50 -0.14 5.42 8.33
CA ALA A 50 0.76 6.16 9.18
C ALA A 50 1.89 5.26 9.72
N GLU A 51 1.55 4.07 10.19
CA GLU A 51 2.54 3.17 10.81
C GLU A 51 3.51 2.61 9.78
N THR A 52 2.98 2.25 8.63
CA THR A 52 3.78 1.61 7.59
C THR A 52 4.49 2.62 6.71
N GLY A 53 3.79 3.68 6.38
CA GLY A 53 4.37 4.72 5.53
C GLY A 53 4.25 4.23 4.11
N VAL A 54 3.39 3.24 3.93
CA VAL A 54 3.18 2.61 2.65
C VAL A 54 2.68 3.63 1.63
N GLY A 55 2.01 4.67 2.10
CA GLY A 55 1.53 5.72 1.21
C GLY A 55 2.70 6.40 0.52
N LYS A 56 3.82 6.52 1.22
CA LYS A 56 5.01 7.18 0.68
C LYS A 56 5.62 6.25 -0.36
N THR A 57 5.62 4.97 -0.05
CA THR A 57 6.16 3.94 -0.93
C THR A 57 5.43 3.88 -2.28
N VAL A 58 4.11 3.76 -2.25
CA VAL A 58 3.34 3.66 -3.50
C VAL A 58 3.38 4.99 -4.26
N ASN A 59 3.40 6.10 -3.53
CA ASN A 59 3.49 7.43 -4.16
C ASN A 59 4.80 7.56 -4.93
N SER A 60 5.86 6.99 -4.39
CA SER A 60 7.16 6.98 -5.06
C SER A 60 7.14 6.06 -6.28
N LEU A 61 6.43 4.94 -6.16
CA LEU A 61 6.29 3.96 -7.24
C LEU A 61 5.59 4.53 -8.46
N ARG A 62 4.83 5.62 -8.31
CA ARG A 62 4.19 6.27 -9.46
C ARG A 62 5.21 6.63 -10.54
N LYS A 63 6.45 6.92 -10.12
CA LYS A 63 7.51 7.29 -11.06
C LYS A 63 8.00 6.11 -11.92
N HIS A 64 7.71 4.89 -11.49
CA HIS A 64 8.13 3.70 -12.21
C HIS A 64 7.04 3.44 -13.23
N GLU A 65 7.25 3.93 -14.45
CA GLU A 65 6.28 3.82 -15.54
C GLU A 65 5.57 2.47 -15.64
N HIS A 66 6.33 1.41 -15.40
CA HIS A 66 5.81 0.05 -15.47
C HIS A 66 4.56 -0.21 -14.65
N VAL A 67 4.49 0.39 -13.47
CA VAL A 67 3.39 0.16 -12.53
C VAL A 67 2.76 1.46 -12.08
N GLY A 68 3.32 2.58 -12.50
CA GLY A 68 2.82 3.89 -12.12
C GLY A 68 1.37 4.11 -12.45
N SER A 69 0.92 3.53 -13.55
CA SER A 69 -0.48 3.65 -13.97
C SER A 69 -1.42 3.09 -12.89
N PHE A 70 -1.09 1.95 -12.32
CA PHE A 70 -1.86 1.39 -11.21
C PHE A 70 -1.53 2.06 -9.88
N ALA A 71 -0.27 2.44 -9.70
CA ALA A 71 0.18 3.06 -8.45
C ALA A 71 -0.56 4.36 -8.15
N ARG A 72 -0.87 5.15 -9.19
CA ARG A 72 -1.61 6.40 -8.98
C ARG A 72 -3.01 6.12 -8.44
N ASP A 73 -3.60 4.99 -8.83
CA ASP A 73 -4.93 4.62 -8.36
C ASP A 73 -4.85 4.21 -6.90
N LEU A 74 -3.76 3.56 -6.53
CA LEU A 74 -3.54 3.15 -5.15
C LEU A 74 -3.45 4.39 -4.25
N VAL A 75 -2.73 5.40 -4.71
CA VAL A 75 -2.61 6.64 -3.95
C VAL A 75 -3.97 7.34 -3.90
N ALA A 76 -4.70 7.30 -5.02
CA ALA A 76 -6.01 7.93 -5.08
C ALA A 76 -7.00 7.25 -4.12
N GLN A 77 -6.98 5.93 -4.02
CA GLN A 77 -7.89 5.24 -3.12
C GLN A 77 -7.54 5.56 -1.67
N TRP A 78 -6.25 5.68 -1.37
CA TRP A 78 -5.81 5.99 -0.02
C TRP A 78 -6.06 7.44 0.36
N LYS A 79 -6.15 8.31 -0.62
CA LYS A 79 -6.42 9.72 -0.37
C LYS A 79 -7.85 9.93 0.12
N LYS A 80 -8.71 8.96 -0.16
CA LYS A 80 -10.11 9.01 0.29
C LYS A 80 -10.23 8.63 1.76
N LEU A 81 -9.18 8.03 2.31
CA LEU A 81 -9.21 7.55 3.69
C LEU A 81 -8.78 8.65 4.66
N VAL A 82 -7.75 9.39 4.25
CA VAL A 82 -7.19 10.45 5.05
C VAL A 82 -8.09 11.66 4.94
N PRO A 83 -8.11 12.51 5.98
CA PRO A 83 -8.94 13.71 5.89
C PRO A 83 -8.33 14.67 4.88
N VAL A 84 -9.18 15.49 4.27
CA VAL A 84 -8.73 16.42 3.25
C VAL A 84 -8.82 17.82 3.81
N GLU A 85 -7.72 18.52 3.69
CA GLU A 85 -7.57 19.85 4.24
C GLU A 85 -7.60 20.91 3.15
N ARG A 86 -7.61 22.17 3.56
CA ARG A 86 -7.61 23.30 2.64
C ARG A 86 -6.26 23.38 1.94
N ASN A 87 -5.22 22.93 2.62
CA ASN A 87 -3.87 22.94 2.06
C ASN A 87 -3.75 21.82 1.02
N ALA A 88 -2.95 22.05 -0.02
CA ALA A 88 -2.80 21.08 -1.09
C ALA A 88 -1.35 21.07 -1.59
N GLY A 89 -1.02 20.09 -2.42
CA GLY A 89 0.32 19.95 -2.98
C GLY A 89 0.26 18.90 -4.06
N SER A 90 1.39 18.57 -4.66
CA SER A 90 1.45 17.60 -5.78
C SER A 90 2.36 16.42 -5.43
N SER A 1 -5.90 -8.61 34.50
CA SER A 1 -6.34 -9.33 33.28
C SER A 1 -6.06 -8.51 32.06
N ASN A 2 -5.88 -9.16 30.92
CA ASN A 2 -5.65 -8.45 29.66
C ASN A 2 -6.93 -7.74 29.26
N ALA A 3 -6.82 -6.71 28.45
CA ALA A 3 -7.99 -6.02 27.91
C ALA A 3 -8.47 -6.84 26.70
N ALA A 4 -9.04 -8.01 27.01
CA ALA A 4 -9.47 -9.00 26.03
C ALA A 4 -8.25 -9.46 25.20
N SER A 5 -8.50 -10.01 24.03
CA SER A 5 -7.43 -10.47 23.13
C SER A 5 -7.59 -9.88 21.74
N ALA A 6 -8.83 -9.58 21.38
CA ALA A 6 -9.19 -8.99 20.08
C ALA A 6 -8.72 -9.81 18.86
N MET A 7 -7.63 -9.41 18.23
CA MET A 7 -7.14 -10.07 17.02
C MET A 7 -6.26 -11.28 17.35
N ALA A 8 -6.18 -12.20 16.39
CA ALA A 8 -5.36 -13.41 16.54
C ALA A 8 -4.72 -13.82 15.19
N ALA A 9 -5.50 -13.74 14.12
CA ALA A 9 -4.99 -14.05 12.79
C ALA A 9 -4.32 -12.80 12.21
N GLU A 10 -3.75 -12.94 11.00
CA GLU A 10 -3.08 -11.81 10.36
C GLU A 10 -4.02 -10.65 10.08
N SER A 11 -3.82 -9.57 10.81
CA SER A 11 -4.56 -8.35 10.59
C SER A 11 -3.97 -7.70 9.34
N ALA A 12 -4.70 -6.76 8.74
CA ALA A 12 -4.23 -6.08 7.53
C ALA A 12 -2.84 -5.48 7.71
N LEU A 13 -2.53 -5.05 8.92
CA LEU A 13 -1.22 -4.47 9.22
C LEU A 13 -0.08 -5.48 9.00
N GLN A 14 -0.29 -6.72 9.37
CA GLN A 14 0.76 -7.70 9.22
C GLN A 14 1.02 -7.95 7.73
N VAL A 15 -0.05 -7.89 6.94
CA VAL A 15 0.04 -8.16 5.51
C VAL A 15 0.68 -6.99 4.75
N VAL A 16 0.23 -5.76 4.99
CA VAL A 16 0.79 -4.57 4.34
C VAL A 16 2.30 -4.49 4.56
N GLU A 17 2.75 -4.77 5.78
CA GLU A 17 4.16 -4.61 6.11
C GLU A 17 5.02 -5.56 5.30
N LYS A 18 4.57 -6.80 5.24
CA LYS A 18 5.29 -7.84 4.53
C LYS A 18 5.38 -7.49 3.05
N LEU A 19 4.35 -6.86 2.53
CA LEU A 19 4.35 -6.44 1.13
C LEU A 19 5.22 -5.24 0.89
N GLN A 20 5.18 -4.25 1.78
CA GLN A 20 5.97 -3.02 1.60
C GLN A 20 7.45 -3.36 1.59
N ALA A 21 7.85 -4.30 2.42
CA ALA A 21 9.23 -4.78 2.42
C ALA A 21 9.57 -5.33 1.03
N ARG A 22 8.63 -6.05 0.42
CA ARG A 22 8.85 -6.62 -0.91
C ARG A 22 8.81 -5.56 -2.02
N LEU A 23 8.20 -4.41 -1.74
CA LEU A 23 8.16 -3.31 -2.71
C LEU A 23 9.52 -2.62 -2.79
N ALA A 24 10.14 -2.41 -1.64
CA ALA A 24 11.44 -1.74 -1.57
C ALA A 24 12.52 -2.60 -2.21
N ALA A 25 12.35 -3.91 -2.08
CA ALA A 25 13.26 -4.89 -2.65
C ALA A 25 12.87 -5.26 -4.10
N ASN A 26 12.18 -4.35 -4.79
CA ASN A 26 11.55 -4.61 -6.11
C ASN A 26 12.23 -5.69 -6.99
N PRO A 27 11.67 -6.92 -7.01
CA PRO A 27 12.24 -8.02 -7.79
C PRO A 27 11.85 -8.11 -9.28
N ASP A 28 10.74 -7.48 -9.63
CA ASP A 28 10.22 -7.51 -11.01
C ASP A 28 9.17 -6.42 -11.07
N PRO A 29 8.96 -5.80 -12.24
CA PRO A 29 7.86 -4.83 -12.31
C PRO A 29 6.53 -5.59 -12.35
N LYS A 30 6.61 -6.85 -12.80
CA LYS A 30 5.45 -7.74 -12.87
C LYS A 30 5.00 -8.07 -11.45
N LYS A 31 5.97 -8.30 -10.59
CA LYS A 31 5.71 -8.62 -9.18
C LYS A 31 5.26 -7.36 -8.45
N LEU A 32 5.80 -6.20 -8.84
CA LEU A 32 5.36 -4.93 -8.25
C LEU A 32 3.86 -4.72 -8.46
N LEU A 33 3.36 -5.00 -9.66
CA LEU A 33 1.94 -4.85 -9.92
C LEU A 33 1.14 -5.80 -9.02
N LYS A 34 1.63 -7.02 -8.85
CA LYS A 34 0.96 -8.01 -7.99
C LYS A 34 0.88 -7.48 -6.56
N TYR A 35 1.94 -6.84 -6.09
CA TYR A 35 1.94 -6.29 -4.73
C TYR A 35 0.92 -5.17 -4.59
N LEU A 36 0.88 -4.28 -5.56
CA LEU A 36 -0.05 -3.15 -5.51
C LEU A 36 -1.47 -3.68 -5.47
N LYS A 37 -1.76 -4.65 -6.31
CA LYS A 37 -3.10 -5.24 -6.35
C LYS A 37 -3.48 -5.86 -5.01
N LYS A 38 -2.51 -6.42 -4.29
CA LYS A 38 -2.80 -7.00 -2.98
C LYS A 38 -3.00 -5.90 -1.94
N LEU A 39 -2.28 -4.79 -2.04
CA LEU A 39 -2.44 -3.71 -1.07
C LEU A 39 -3.80 -3.08 -1.25
N SER A 40 -4.26 -3.03 -2.49
CA SER A 40 -5.55 -2.45 -2.82
C SER A 40 -6.72 -3.19 -2.18
N THR A 41 -6.63 -4.51 -2.09
CA THR A 41 -7.72 -5.33 -1.56
C THR A 41 -7.66 -5.55 -0.05
N LEU A 42 -6.66 -4.99 0.63
CA LEU A 42 -6.61 -5.09 2.08
C LEU A 42 -7.40 -3.89 2.61
N PRO A 43 -8.05 -4.04 3.77
CA PRO A 43 -8.77 -2.92 4.38
C PRO A 43 -7.78 -1.94 5.03
N ILE A 44 -7.16 -1.13 4.19
CA ILE A 44 -6.20 -0.13 4.63
C ILE A 44 -6.92 0.99 5.32
N THR A 45 -6.38 1.41 6.45
CA THR A 45 -6.96 2.49 7.22
C THR A 45 -5.90 3.56 7.39
N VAL A 46 -6.30 4.71 7.94
CA VAL A 46 -5.36 5.82 8.16
C VAL A 46 -4.30 5.42 9.17
N ASP A 47 -4.67 4.55 10.10
CA ASP A 47 -3.75 4.07 11.13
C ASP A 47 -2.67 3.24 10.46
N ILE A 48 -3.07 2.37 9.53
CA ILE A 48 -2.10 1.54 8.82
C ILE A 48 -1.19 2.44 8.00
N LEU A 49 -1.75 3.42 7.31
CA LEU A 49 -0.94 4.30 6.47
C LEU A 49 0.12 5.03 7.29
N ALA A 50 -0.26 5.41 8.49
CA ALA A 50 0.64 6.13 9.38
C ALA A 50 1.76 5.24 9.93
N GLU A 51 1.42 4.04 10.35
CA GLU A 51 2.40 3.13 10.96
C GLU A 51 3.38 2.57 9.92
N THR A 52 2.87 2.27 8.75
CA THR A 52 3.69 1.64 7.70
C THR A 52 4.42 2.66 6.84
N GLY A 53 3.74 3.75 6.51
CA GLY A 53 4.35 4.77 5.68
C GLY A 53 4.24 4.32 4.24
N VAL A 54 3.42 3.30 4.04
CA VAL A 54 3.21 2.69 2.74
C VAL A 54 2.73 3.72 1.72
N GLY A 55 2.07 4.77 2.19
CA GLY A 55 1.62 5.83 1.31
C GLY A 55 2.77 6.48 0.58
N LYS A 56 3.92 6.61 1.25
CA LYS A 56 5.10 7.24 0.65
C LYS A 56 5.69 6.28 -0.37
N THR A 57 5.74 5.01 0.00
CA THR A 57 6.26 3.96 -0.86
C THR A 57 5.51 3.85 -2.19
N VAL A 58 4.19 3.77 -2.12
CA VAL A 58 3.38 3.63 -3.32
C VAL A 58 3.40 4.94 -4.13
N ASN A 59 3.47 6.08 -3.46
CA ASN A 59 3.55 7.36 -4.15
C ASN A 59 4.85 7.40 -4.96
N SER A 60 5.91 6.86 -4.40
CA SER A 60 7.21 6.79 -5.09
C SER A 60 7.15 5.83 -6.28
N LEU A 61 6.38 4.75 -6.14
CA LEU A 61 6.24 3.77 -7.22
C LEU A 61 5.58 4.36 -8.47
N ARG A 62 4.86 5.47 -8.33
CA ARG A 62 4.21 6.11 -9.48
C ARG A 62 5.19 6.48 -10.60
N LYS A 63 6.46 6.71 -10.27
CA LYS A 63 7.45 7.07 -11.30
C LYS A 63 7.89 5.89 -12.18
N HIS A 64 7.45 4.69 -11.86
CA HIS A 64 7.83 3.51 -12.63
C HIS A 64 6.85 3.39 -13.78
N GLU A 65 7.33 3.55 -15.00
CA GLU A 65 6.49 3.45 -16.20
C GLU A 65 5.61 2.20 -16.21
N HIS A 66 6.18 1.10 -15.76
CA HIS A 66 5.51 -0.20 -15.76
C HIS A 66 4.25 -0.29 -14.90
N VAL A 67 4.29 0.29 -13.71
CA VAL A 67 3.22 0.11 -12.73
C VAL A 67 2.65 1.41 -12.19
N GLY A 68 3.16 2.53 -12.69
CA GLY A 68 2.74 3.83 -12.21
C GLY A 68 1.27 4.10 -12.41
N SER A 69 0.71 3.57 -13.50
CA SER A 69 -0.71 3.73 -13.79
C SER A 69 -1.56 3.13 -12.68
N PHE A 70 -1.17 1.97 -12.16
CA PHE A 70 -1.92 1.36 -11.07
C PHE A 70 -1.54 2.01 -9.72
N ALA A 71 -0.25 2.24 -9.48
CA ALA A 71 0.21 2.91 -8.26
C ALA A 71 -0.47 4.27 -8.01
N ARG A 72 -0.70 5.08 -9.04
CA ARG A 72 -1.36 6.38 -8.83
C ARG A 72 -2.80 6.19 -8.37
N ASP A 73 -3.45 5.13 -8.82
CA ASP A 73 -4.83 4.85 -8.41
C ASP A 73 -4.82 4.36 -6.97
N LEU A 74 -3.78 3.62 -6.61
CA LEU A 74 -3.61 3.13 -5.25
C LEU A 74 -3.51 4.32 -4.29
N VAL A 75 -2.77 5.35 -4.69
CA VAL A 75 -2.62 6.55 -3.86
C VAL A 75 -3.98 7.24 -3.79
N ALA A 76 -4.73 7.24 -4.88
CA ALA A 76 -6.06 7.87 -4.88
C ALA A 76 -7.02 7.14 -3.93
N GLN A 77 -6.96 5.82 -3.91
CA GLN A 77 -7.81 5.03 -3.02
C GLN A 77 -7.47 5.32 -1.55
N TRP A 78 -6.22 5.64 -1.28
CA TRP A 78 -5.78 5.98 0.07
C TRP A 78 -6.01 7.43 0.47
N LYS A 79 -5.99 8.34 -0.49
CA LYS A 79 -6.11 9.77 -0.18
C LYS A 79 -7.50 10.15 0.29
N LYS A 80 -8.47 9.35 -0.08
CA LYS A 80 -9.86 9.57 0.36
C LYS A 80 -10.08 9.09 1.80
N LEU A 81 -9.10 8.39 2.37
CA LEU A 81 -9.22 7.86 3.72
C LEU A 81 -8.81 8.91 4.74
N VAL A 82 -7.77 9.65 4.40
CA VAL A 82 -7.23 10.68 5.26
C VAL A 82 -8.08 11.94 5.04
N PRO A 83 -8.10 12.84 6.03
CA PRO A 83 -8.88 14.06 5.88
C PRO A 83 -8.29 14.96 4.80
N VAL A 84 -9.13 15.78 4.18
CA VAL A 84 -8.68 16.63 3.08
C VAL A 84 -7.66 17.68 3.54
N GLU A 85 -6.50 17.64 2.89
CA GLU A 85 -5.42 18.58 3.17
C GLU A 85 -5.79 20.02 2.80
N ARG A 86 -6.71 20.17 1.84
CA ARG A 86 -7.15 21.47 1.33
C ARG A 86 -5.94 22.36 0.99
N ASN A 87 -5.00 21.75 0.29
CA ASN A 87 -3.75 22.40 -0.09
C ASN A 87 -4.00 23.65 -0.93
N ALA A 88 -3.41 24.76 -0.51
CA ALA A 88 -3.54 26.04 -1.19
C ALA A 88 -2.31 26.85 -0.79
N GLY A 89 -1.99 27.89 -1.55
CA GLY A 89 -0.82 28.71 -1.25
C GLY A 89 -0.86 29.96 -2.11
N SER A 90 -1.67 30.93 -1.66
CA SER A 90 -1.92 32.17 -2.39
C SER A 90 -2.50 31.87 -3.78
N SER A 1 -4.00 -19.27 23.12
CA SER A 1 -5.38 -19.51 23.60
C SER A 1 -6.31 -18.44 23.07
N ASN A 2 -7.60 -18.72 23.05
CA ASN A 2 -8.61 -17.78 22.57
C ASN A 2 -9.78 -17.85 23.54
N ALA A 3 -10.74 -16.95 23.36
CA ALA A 3 -11.95 -16.94 24.18
C ALA A 3 -13.06 -16.54 23.22
N ALA A 4 -14.26 -17.08 23.44
CA ALA A 4 -15.40 -16.83 22.56
C ALA A 4 -15.05 -17.22 21.11
N SER A 5 -15.76 -16.64 20.15
CA SER A 5 -15.51 -16.92 18.74
C SER A 5 -14.22 -16.27 18.24
N ALA A 6 -13.73 -15.31 19.02
CA ALA A 6 -12.52 -14.53 18.68
C ALA A 6 -12.65 -13.88 17.30
N MET A 7 -11.52 -13.66 16.64
CA MET A 7 -11.46 -13.05 15.32
C MET A 7 -10.37 -13.75 14.53
N ALA A 8 -10.37 -13.55 13.22
CA ALA A 8 -9.35 -14.15 12.36
C ALA A 8 -7.97 -13.52 12.60
N ALA A 9 -6.93 -14.28 12.27
CA ALA A 9 -5.56 -13.82 12.40
C ALA A 9 -5.18 -12.94 11.19
N GLU A 10 -3.98 -12.38 11.23
CA GLU A 10 -3.44 -11.53 10.15
C GLU A 10 -4.31 -10.32 9.79
N SER A 11 -4.37 -9.37 10.71
CA SER A 11 -5.01 -8.09 10.44
C SER A 11 -4.25 -7.46 9.27
N ALA A 12 -4.89 -6.57 8.52
CA ALA A 12 -4.29 -5.94 7.34
C ALA A 12 -2.90 -5.35 7.61
N LEU A 13 -2.67 -4.89 8.84
CA LEU A 13 -1.37 -4.32 9.20
C LEU A 13 -0.24 -5.35 9.08
N GLN A 14 -0.52 -6.59 9.42
CA GLN A 14 0.49 -7.61 9.35
C GLN A 14 0.85 -7.86 7.88
N VAL A 15 -0.16 -7.82 7.04
CA VAL A 15 0.01 -8.11 5.62
C VAL A 15 0.68 -6.96 4.84
N VAL A 16 0.24 -5.72 5.04
CA VAL A 16 0.82 -4.56 4.37
C VAL A 16 2.33 -4.46 4.57
N GLU A 17 2.80 -4.73 5.79
CA GLU A 17 4.21 -4.56 6.11
C GLU A 17 5.07 -5.51 5.28
N LYS A 18 4.58 -6.74 5.22
CA LYS A 18 5.29 -7.81 4.52
C LYS A 18 5.35 -7.50 3.03
N LEU A 19 4.31 -6.85 2.52
CA LEU A 19 4.29 -6.45 1.12
C LEU A 19 5.19 -5.27 0.85
N GLN A 20 5.17 -4.29 1.72
CA GLN A 20 5.96 -3.07 1.53
C GLN A 20 7.44 -3.42 1.53
N ALA A 21 7.83 -4.38 2.37
CA ALA A 21 9.20 -4.88 2.37
C ALA A 21 9.54 -5.42 0.98
N ARG A 22 8.62 -6.14 0.36
CA ARG A 22 8.87 -6.70 -0.98
C ARG A 22 8.86 -5.64 -2.08
N LEU A 23 8.25 -4.49 -1.80
CA LEU A 23 8.24 -3.38 -2.76
C LEU A 23 9.62 -2.74 -2.80
N ALA A 24 10.21 -2.55 -1.63
CA ALA A 24 11.53 -1.93 -1.54
C ALA A 24 12.57 -2.88 -2.14
N ALA A 25 12.40 -4.17 -1.86
CA ALA A 25 13.27 -5.23 -2.36
C ALA A 25 12.90 -5.63 -3.81
N ASN A 26 12.29 -4.71 -4.55
CA ASN A 26 11.76 -4.95 -5.90
C ASN A 26 12.38 -6.11 -6.70
N PRO A 27 11.70 -7.27 -6.75
CA PRO A 27 12.16 -8.46 -7.47
C PRO A 27 11.77 -8.56 -8.95
N ASP A 28 10.79 -7.76 -9.36
CA ASP A 28 10.31 -7.71 -10.76
C ASP A 28 9.28 -6.60 -10.84
N PRO A 29 9.18 -5.92 -11.98
CA PRO A 29 8.11 -4.92 -12.07
C PRO A 29 6.77 -5.65 -12.22
N LYS A 30 6.82 -6.87 -12.74
CA LYS A 30 5.63 -7.71 -12.87
C LYS A 30 5.10 -8.05 -11.48
N LYS A 31 6.03 -8.27 -10.56
CA LYS A 31 5.70 -8.59 -9.18
C LYS A 31 5.25 -7.33 -8.45
N LEU A 32 5.81 -6.18 -8.78
CA LEU A 32 5.39 -4.91 -8.18
C LEU A 32 3.91 -4.64 -8.40
N LEU A 33 3.41 -4.87 -9.61
CA LEU A 33 2.00 -4.63 -9.87
C LEU A 33 1.16 -5.60 -9.04
N LYS A 34 1.61 -6.84 -8.94
CA LYS A 34 0.93 -7.85 -8.12
C LYS A 34 0.86 -7.37 -6.66
N TYR A 35 1.93 -6.77 -6.16
CA TYR A 35 1.95 -6.27 -4.79
C TYR A 35 0.96 -5.13 -4.61
N LEU A 36 0.95 -4.20 -5.56
CA LEU A 36 0.02 -3.07 -5.49
C LEU A 36 -1.41 -3.59 -5.46
N LYS A 37 -1.70 -4.57 -6.29
CA LYS A 37 -3.05 -5.16 -6.31
C LYS A 37 -3.42 -5.76 -4.97
N LYS A 38 -2.45 -6.34 -4.26
CA LYS A 38 -2.73 -6.91 -2.95
C LYS A 38 -2.96 -5.79 -1.93
N LEU A 39 -2.21 -4.69 -2.03
CA LEU A 39 -2.39 -3.60 -1.08
C LEU A 39 -3.76 -2.96 -1.27
N SER A 40 -4.22 -2.92 -2.51
CA SER A 40 -5.52 -2.34 -2.84
C SER A 40 -6.68 -3.12 -2.23
N THR A 41 -6.56 -4.45 -2.16
CA THR A 41 -7.64 -5.30 -1.66
C THR A 41 -7.60 -5.52 -0.15
N LEU A 42 -6.59 -5.01 0.55
CA LEU A 42 -6.54 -5.14 2.00
C LEU A 42 -7.33 -3.94 2.53
N PRO A 43 -8.03 -4.11 3.66
CA PRO A 43 -8.74 -2.99 4.30
C PRO A 43 -7.74 -2.06 5.00
N ILE A 44 -7.14 -1.18 4.20
CA ILE A 44 -6.18 -0.20 4.68
C ILE A 44 -6.92 0.89 5.40
N THR A 45 -6.38 1.30 6.54
CA THR A 45 -6.96 2.36 7.32
C THR A 45 -5.94 3.47 7.49
N VAL A 46 -6.36 4.61 8.06
CA VAL A 46 -5.45 5.73 8.26
C VAL A 46 -4.35 5.35 9.25
N ASP A 47 -4.69 4.47 10.19
CA ASP A 47 -3.74 4.01 11.19
C ASP A 47 -2.65 3.20 10.50
N ILE A 48 -3.04 2.34 9.58
CA ILE A 48 -2.07 1.53 8.86
C ILE A 48 -1.18 2.44 8.04
N LEU A 49 -1.76 3.42 7.37
CA LEU A 49 -0.96 4.32 6.53
C LEU A 49 0.05 5.08 7.34
N ALA A 50 -0.33 5.46 8.55
CA ALA A 50 0.54 6.20 9.45
C ALA A 50 1.70 5.35 9.96
N GLU A 51 1.41 4.11 10.37
CA GLU A 51 2.43 3.24 10.95
C GLU A 51 3.42 2.72 9.90
N THR A 52 2.89 2.36 8.75
CA THR A 52 3.71 1.75 7.69
C THR A 52 4.40 2.77 6.80
N GLY A 53 3.70 3.86 6.50
CA GLY A 53 4.28 4.89 5.65
C GLY A 53 4.21 4.43 4.21
N VAL A 54 3.42 3.39 4.01
CA VAL A 54 3.23 2.75 2.72
C VAL A 54 2.78 3.75 1.65
N GLY A 55 2.11 4.82 2.07
CA GLY A 55 1.67 5.84 1.13
C GLY A 55 2.85 6.48 0.41
N LYS A 56 3.95 6.68 1.10
CA LYS A 56 5.14 7.29 0.51
C LYS A 56 5.76 6.32 -0.49
N THR A 57 5.80 5.07 -0.11
CA THR A 57 6.34 4.00 -0.94
C THR A 57 5.59 3.86 -2.26
N VAL A 58 4.27 3.78 -2.19
CA VAL A 58 3.45 3.62 -3.39
C VAL A 58 3.47 4.90 -4.23
N ASN A 59 3.52 6.06 -3.59
CA ASN A 59 3.56 7.32 -4.33
C ASN A 59 4.83 7.41 -5.16
N SER A 60 5.92 6.87 -4.63
CA SER A 60 7.19 6.87 -5.34
C SER A 60 7.14 5.97 -6.57
N LEU A 61 6.43 4.85 -6.45
CA LEU A 61 6.30 3.90 -7.56
C LEU A 61 5.56 4.48 -8.77
N ARG A 62 4.79 5.55 -8.56
CA ARG A 62 4.03 6.18 -9.65
C ARG A 62 4.91 6.63 -10.82
N LYS A 63 6.19 6.89 -10.59
CA LYS A 63 7.09 7.32 -11.67
C LYS A 63 7.58 6.15 -12.53
N HIS A 64 7.54 4.93 -12.00
CA HIS A 64 8.03 3.76 -12.73
C HIS A 64 6.93 3.31 -13.68
N GLU A 65 7.09 3.64 -14.95
CA GLU A 65 6.10 3.40 -16.00
C GLU A 65 5.38 2.03 -16.00
N HIS A 66 6.08 0.99 -15.56
CA HIS A 66 5.51 -0.36 -15.58
C HIS A 66 4.28 -0.51 -14.71
N VAL A 67 4.35 0.07 -13.52
CA VAL A 67 3.32 -0.13 -12.50
C VAL A 67 2.78 1.18 -11.98
N GLY A 68 3.41 2.27 -12.40
CA GLY A 68 3.06 3.58 -11.92
C GLY A 68 1.62 3.96 -12.18
N SER A 69 1.09 3.55 -13.33
CA SER A 69 -0.30 3.85 -13.67
C SER A 69 -1.25 3.28 -12.62
N PHE A 70 -0.97 2.07 -12.14
CA PHE A 70 -1.82 1.44 -11.13
C PHE A 70 -1.56 2.09 -9.76
N ALA A 71 -0.29 2.33 -9.45
CA ALA A 71 0.07 3.04 -8.22
C ALA A 71 -0.66 4.41 -8.06
N ARG A 72 -1.02 5.06 -9.16
CA ARG A 72 -1.78 6.33 -9.05
C ARG A 72 -3.09 6.12 -8.34
N ASP A 73 -3.80 5.08 -8.76
CA ASP A 73 -5.12 4.78 -8.22
C ASP A 73 -4.99 4.31 -6.79
N LEU A 74 -3.87 3.67 -6.50
CA LEU A 74 -3.62 3.18 -5.15
C LEU A 74 -3.52 4.37 -4.19
N VAL A 75 -2.80 5.41 -4.60
CA VAL A 75 -2.70 6.61 -3.77
C VAL A 75 -4.05 7.32 -3.76
N ALA A 76 -4.77 7.27 -4.87
CA ALA A 76 -6.10 7.90 -4.94
C ALA A 76 -7.09 7.23 -3.97
N GLN A 77 -7.05 5.91 -3.86
CA GLN A 77 -7.96 5.23 -2.94
C GLN A 77 -7.59 5.59 -1.49
N TRP A 78 -6.30 5.71 -1.21
CA TRP A 78 -5.84 6.05 0.13
C TRP A 78 -6.09 7.51 0.48
N LYS A 79 -6.19 8.36 -0.53
CA LYS A 79 -6.45 9.79 -0.32
C LYS A 79 -7.84 10.01 0.24
N LYS A 80 -8.73 9.06 -0.02
CA LYS A 80 -10.12 9.15 0.44
C LYS A 80 -10.24 8.78 1.91
N LEU A 81 -9.22 8.14 2.45
CA LEU A 81 -9.25 7.67 3.84
C LEU A 81 -8.77 8.76 4.79
N VAL A 82 -7.72 9.46 4.37
CA VAL A 82 -7.07 10.44 5.20
C VAL A 82 -7.75 11.81 5.15
N PRO A 83 -7.65 12.58 6.26
CA PRO A 83 -8.23 13.92 6.22
C PRO A 83 -7.42 14.85 5.32
N VAL A 84 -8.10 15.84 4.78
CA VAL A 84 -7.53 16.79 3.84
C VAL A 84 -7.68 18.19 4.39
N GLU A 85 -7.00 19.14 3.76
CA GLU A 85 -7.12 20.58 4.09
C GLU A 85 -6.75 20.88 5.55
N ARG A 86 -5.83 20.09 6.08
CA ARG A 86 -5.38 20.20 7.47
C ARG A 86 -4.62 21.48 7.81
N ASN A 87 -4.21 22.23 6.79
CA ASN A 87 -3.43 23.45 7.03
C ASN A 87 -4.35 24.51 7.62
N ALA A 88 -4.23 24.70 8.94
CA ALA A 88 -5.08 25.60 9.72
C ALA A 88 -6.55 25.13 9.65
N GLY A 89 -6.74 23.84 9.44
CA GLY A 89 -8.06 23.24 9.34
C GLY A 89 -8.31 22.29 10.50
N SER A 90 -7.69 22.61 11.63
CA SER A 90 -7.74 21.80 12.86
C SER A 90 -7.20 20.39 12.63
N SER A 1 4.65 -7.56 12.54
CA SER A 1 5.24 -8.90 12.28
C SER A 1 4.28 -10.02 12.66
N ASN A 2 4.05 -10.94 11.74
CA ASN A 2 3.15 -12.09 11.95
C ASN A 2 3.69 -13.17 11.00
N ALA A 3 3.35 -14.43 11.23
CA ALA A 3 3.89 -15.52 10.41
C ALA A 3 2.85 -16.63 10.23
N ALA A 4 3.12 -17.51 9.27
CA ALA A 4 2.27 -18.65 8.91
C ALA A 4 0.87 -18.16 8.49
N SER A 5 -0.12 -19.04 8.60
CA SER A 5 -1.51 -18.71 8.29
C SER A 5 -2.36 -19.58 9.21
N ALA A 6 -3.33 -18.96 9.86
CA ALA A 6 -4.19 -19.63 10.82
C ALA A 6 -5.37 -18.68 11.01
N MET A 7 -6.30 -19.06 11.86
CA MET A 7 -7.42 -18.19 12.20
C MET A 7 -6.83 -17.00 12.97
N ALA A 8 -7.45 -15.84 12.82
CA ALA A 8 -7.00 -14.57 13.46
C ALA A 8 -5.56 -14.14 13.10
N ALA A 9 -5.00 -14.69 12.04
CA ALA A 9 -3.66 -14.33 11.57
C ALA A 9 -3.81 -13.48 10.31
N GLU A 10 -2.69 -13.01 9.77
CA GLU A 10 -2.64 -12.21 8.54
C GLU A 10 -3.57 -10.98 8.56
N SER A 11 -3.52 -10.24 9.66
CA SER A 11 -4.27 -9.00 9.79
C SER A 11 -3.78 -8.03 8.71
N ALA A 12 -4.65 -7.14 8.24
CA ALA A 12 -4.31 -6.24 7.12
C ALA A 12 -2.98 -5.51 7.28
N LEU A 13 -2.71 -4.98 8.47
CA LEU A 13 -1.43 -4.29 8.71
C LEU A 13 -0.29 -5.25 8.43
N GLN A 14 -0.34 -6.41 9.05
CA GLN A 14 0.74 -7.40 8.97
C GLN A 14 1.08 -7.77 7.53
N VAL A 15 0.05 -7.86 6.71
CA VAL A 15 0.23 -8.22 5.31
C VAL A 15 0.81 -7.04 4.52
N VAL A 16 0.28 -5.84 4.72
CA VAL A 16 0.83 -4.65 4.05
C VAL A 16 2.27 -4.46 4.45
N GLU A 17 2.56 -4.65 5.72
CA GLU A 17 3.91 -4.43 6.23
C GLU A 17 4.89 -5.24 5.40
N LYS A 18 4.58 -6.53 5.27
CA LYS A 18 5.47 -7.48 4.63
C LYS A 18 5.57 -7.23 3.14
N LEU A 19 4.48 -6.78 2.53
CA LEU A 19 4.49 -6.46 1.11
C LEU A 19 5.33 -5.25 0.84
N GLN A 20 5.25 -4.24 1.68
CA GLN A 20 6.01 -3.01 1.49
C GLN A 20 7.50 -3.32 1.54
N ALA A 21 7.89 -4.23 2.41
CA ALA A 21 9.28 -4.68 2.47
C ALA A 21 9.67 -5.27 1.09
N ARG A 22 8.75 -6.02 0.49
CA ARG A 22 9.04 -6.62 -0.83
C ARG A 22 9.02 -5.57 -1.95
N LEU A 23 8.38 -4.43 -1.71
CA LEU A 23 8.35 -3.34 -2.70
C LEU A 23 9.69 -2.65 -2.79
N ALA A 24 10.36 -2.47 -1.66
CA ALA A 24 11.67 -1.83 -1.65
C ALA A 24 12.65 -2.75 -2.36
N ALA A 25 12.53 -4.04 -2.06
CA ALA A 25 13.37 -5.08 -2.65
C ALA A 25 12.87 -5.50 -4.05
N ASN A 26 12.17 -4.60 -4.75
CA ASN A 26 11.51 -4.88 -6.03
C ASN A 26 12.20 -5.93 -6.95
N PRO A 27 11.61 -7.15 -7.03
CA PRO A 27 12.15 -8.25 -7.85
C PRO A 27 11.76 -8.30 -9.33
N ASP A 28 10.69 -7.60 -9.68
CA ASP A 28 10.19 -7.54 -11.07
C ASP A 28 9.10 -6.48 -11.09
N PRO A 29 8.88 -5.82 -12.23
CA PRO A 29 7.76 -4.87 -12.26
C PRO A 29 6.44 -5.64 -12.31
N LYS A 30 6.52 -6.87 -12.82
CA LYS A 30 5.37 -7.76 -12.92
C LYS A 30 4.90 -8.09 -11.52
N LYS A 31 5.87 -8.31 -10.65
CA LYS A 31 5.62 -8.64 -9.25
C LYS A 31 5.20 -7.38 -8.49
N LEU A 32 5.75 -6.23 -8.87
CA LEU A 32 5.35 -4.96 -8.25
C LEU A 32 3.85 -4.71 -8.42
N LEU A 33 3.31 -4.95 -9.60
CA LEU A 33 1.88 -4.73 -9.82
C LEU A 33 1.08 -5.68 -8.93
N LYS A 34 1.53 -6.92 -8.83
CA LYS A 34 0.88 -7.91 -7.97
C LYS A 34 0.85 -7.42 -6.51
N TYR A 35 1.93 -6.81 -6.06
CA TYR A 35 1.98 -6.30 -4.69
C TYR A 35 0.98 -5.18 -4.48
N LEU A 36 0.94 -4.25 -5.42
CA LEU A 36 0.04 -3.11 -5.32
C LEU A 36 -1.40 -3.60 -5.19
N LYS A 37 -1.78 -4.54 -6.04
CA LYS A 37 -3.12 -5.13 -6.00
C LYS A 37 -3.43 -5.77 -4.64
N LYS A 38 -2.41 -6.28 -3.95
CA LYS A 38 -2.64 -6.85 -2.64
C LYS A 38 -2.86 -5.74 -1.59
N LEU A 39 -2.15 -4.62 -1.68
CA LEU A 39 -2.33 -3.53 -0.70
C LEU A 39 -3.75 -2.99 -0.89
N SER A 40 -4.19 -2.91 -2.14
CA SER A 40 -5.51 -2.36 -2.47
C SER A 40 -6.70 -3.22 -2.08
N THR A 41 -6.51 -4.52 -1.92
CA THR A 41 -7.62 -5.42 -1.60
C THR A 41 -7.75 -5.67 -0.09
N LEU A 42 -6.83 -5.11 0.69
CA LEU A 42 -6.88 -5.23 2.13
C LEU A 42 -7.62 -4.00 2.64
N PRO A 43 -8.30 -4.10 3.79
CA PRO A 43 -8.97 -2.94 4.37
C PRO A 43 -7.95 -1.94 4.97
N ILE A 44 -7.41 -1.10 4.11
CA ILE A 44 -6.45 -0.08 4.51
C ILE A 44 -7.13 1.00 5.30
N THR A 45 -6.51 1.36 6.40
CA THR A 45 -7.00 2.40 7.25
C THR A 45 -5.93 3.45 7.35
N VAL A 46 -6.26 4.60 7.93
CA VAL A 46 -5.26 5.63 8.16
C VAL A 46 -4.21 5.13 9.14
N ASP A 47 -4.60 4.24 10.04
CA ASP A 47 -3.68 3.66 11.03
C ASP A 47 -2.60 2.87 10.29
N ILE A 48 -3.00 2.05 9.34
CA ILE A 48 -2.04 1.26 8.58
C ILE A 48 -1.15 2.18 7.79
N LEU A 49 -1.71 3.19 7.16
CA LEU A 49 -0.91 4.09 6.33
C LEU A 49 0.16 4.78 7.15
N ALA A 50 -0.20 5.12 8.38
CA ALA A 50 0.71 5.81 9.29
C ALA A 50 1.83 4.89 9.80
N GLU A 51 1.48 3.68 10.21
CA GLU A 51 2.47 2.77 10.82
C GLU A 51 3.42 2.19 9.78
N THR A 52 2.90 1.93 8.60
CA THR A 52 3.69 1.32 7.54
C THR A 52 4.44 2.38 6.73
N GLY A 53 3.77 3.49 6.45
CA GLY A 53 4.39 4.58 5.69
C GLY A 53 4.28 4.25 4.23
N VAL A 54 3.44 3.25 3.97
CA VAL A 54 3.20 2.70 2.65
C VAL A 54 2.73 3.77 1.67
N GLY A 55 2.07 4.81 2.18
CA GLY A 55 1.61 5.88 1.32
C GLY A 55 2.75 6.53 0.57
N LYS A 56 3.90 6.66 1.21
CA LYS A 56 5.07 7.28 0.58
C LYS A 56 5.66 6.32 -0.43
N THR A 57 5.70 5.05 -0.06
CA THR A 57 6.24 3.99 -0.91
C THR A 57 5.49 3.89 -2.23
N VAL A 58 4.16 3.83 -2.17
CA VAL A 58 3.36 3.68 -3.38
C VAL A 58 3.38 4.97 -4.20
N ASN A 59 3.44 6.12 -3.54
CA ASN A 59 3.55 7.39 -4.26
C ASN A 59 4.87 7.45 -5.03
N SER A 60 5.94 6.91 -4.46
CA SER A 60 7.23 6.86 -5.15
C SER A 60 7.17 5.90 -6.35
N LEU A 61 6.48 4.79 -6.17
CA LEU A 61 6.32 3.78 -7.22
C LEU A 61 5.64 4.33 -8.48
N ARG A 62 4.92 5.44 -8.35
CA ARG A 62 4.29 6.08 -9.50
C ARG A 62 5.31 6.46 -10.57
N LYS A 63 6.54 6.72 -10.16
CA LYS A 63 7.61 7.10 -11.10
C LYS A 63 8.06 5.92 -11.96
N HIS A 64 7.76 4.70 -11.53
CA HIS A 64 8.13 3.51 -12.26
C HIS A 64 6.98 3.27 -13.22
N GLU A 65 7.13 3.76 -14.45
CA GLU A 65 6.08 3.71 -15.48
C GLU A 65 5.36 2.37 -15.57
N HIS A 66 6.11 1.30 -15.39
CA HIS A 66 5.58 -0.06 -15.47
C HIS A 66 4.35 -0.32 -14.62
N VAL A 67 4.36 0.23 -13.41
CA VAL A 67 3.29 -0.01 -12.44
C VAL A 67 2.70 1.28 -11.92
N GLY A 68 3.28 2.39 -12.33
CA GLY A 68 2.79 3.69 -11.91
C GLY A 68 1.35 3.93 -12.28
N SER A 69 0.92 3.33 -13.39
CA SER A 69 -0.46 3.44 -13.83
C SER A 69 -1.43 2.90 -12.77
N PHE A 70 -1.08 1.78 -12.16
CA PHE A 70 -1.88 1.25 -11.04
C PHE A 70 -1.58 1.97 -9.73
N ALA A 71 -0.30 2.20 -9.43
CA ALA A 71 0.12 2.90 -8.21
C ALA A 71 -0.56 4.26 -8.00
N ARG A 72 -0.77 5.05 -9.06
CA ARG A 72 -1.44 6.35 -8.90
C ARG A 72 -2.90 6.16 -8.45
N ASP A 73 -3.50 5.04 -8.81
CA ASP A 73 -4.88 4.74 -8.42
C ASP A 73 -4.89 4.33 -6.96
N LEU A 74 -3.84 3.63 -6.56
CA LEU A 74 -3.67 3.20 -5.19
C LEU A 74 -3.57 4.43 -4.26
N VAL A 75 -2.83 5.43 -4.70
CA VAL A 75 -2.68 6.66 -3.92
C VAL A 75 -4.04 7.37 -3.89
N ALA A 76 -4.77 7.35 -4.99
CA ALA A 76 -6.08 7.98 -5.04
C ALA A 76 -7.07 7.30 -4.08
N GLN A 77 -7.03 5.98 -4.01
CA GLN A 77 -7.90 5.23 -3.10
C GLN A 77 -7.56 5.56 -1.64
N TRP A 78 -6.30 5.85 -1.37
CA TRP A 78 -5.85 6.20 -0.02
C TRP A 78 -6.07 7.67 0.33
N LYS A 79 -6.14 8.53 -0.68
CA LYS A 79 -6.28 9.98 -0.45
C LYS A 79 -7.62 10.29 0.17
N LYS A 80 -8.60 9.48 -0.17
CA LYS A 80 -9.96 9.66 0.39
C LYS A 80 -10.08 9.16 1.83
N LEU A 81 -9.03 8.51 2.35
CA LEU A 81 -9.08 7.97 3.72
C LEU A 81 -8.56 8.99 4.71
N VAL A 82 -7.53 9.72 4.31
CA VAL A 82 -6.91 10.71 5.16
C VAL A 82 -7.80 11.97 5.14
N PRO A 83 -7.74 12.76 6.22
CA PRO A 83 -8.60 13.95 6.27
C PRO A 83 -8.14 15.04 5.31
N VAL A 84 -9.07 15.91 4.96
CA VAL A 84 -8.78 17.03 4.07
C VAL A 84 -7.90 18.04 4.80
N GLU A 85 -7.25 18.89 4.02
CA GLU A 85 -6.41 20.01 4.54
C GLU A 85 -5.22 19.60 5.42
N ARG A 86 -4.97 18.29 5.54
CA ARG A 86 -3.82 17.82 6.31
C ARG A 86 -2.52 18.35 5.71
N ASN A 87 -1.54 18.60 6.57
CA ASN A 87 -0.25 19.14 6.11
C ASN A 87 0.52 18.12 5.26
N ALA A 88 1.42 18.61 4.43
CA ALA A 88 2.26 17.76 3.60
C ALA A 88 3.34 17.12 4.49
N GLY A 89 3.89 16.00 4.04
CA GLY A 89 4.93 15.32 4.80
C GLY A 89 5.59 14.21 3.98
N SER A 90 5.57 14.38 2.67
CA SER A 90 6.10 13.40 1.72
C SER A 90 6.15 14.15 0.41
N SER A 1 -15.93 -13.89 -1.52
CA SER A 1 -15.57 -15.15 -0.83
C SER A 1 -16.73 -16.11 -0.92
N ASN A 2 -16.48 -17.41 -0.74
CA ASN A 2 -17.54 -18.42 -0.81
C ASN A 2 -18.49 -18.23 0.37
N ALA A 3 -17.95 -17.80 1.50
CA ALA A 3 -18.72 -17.54 2.70
C ALA A 3 -17.93 -16.49 3.48
N ALA A 4 -18.59 -15.83 4.41
CA ALA A 4 -17.97 -14.81 5.26
C ALA A 4 -18.81 -14.73 6.53
N SER A 5 -18.23 -14.23 7.61
CA SER A 5 -18.96 -14.07 8.87
C SER A 5 -18.32 -12.97 9.72
N ALA A 6 -17.04 -13.14 10.02
CA ALA A 6 -16.29 -12.16 10.81
C ALA A 6 -14.85 -12.23 10.34
N MET A 7 -14.04 -11.26 10.74
CA MET A 7 -12.62 -11.23 10.39
C MET A 7 -11.86 -12.15 11.34
N ALA A 8 -10.75 -12.69 10.86
CA ALA A 8 -9.92 -13.61 11.65
C ALA A 8 -8.53 -13.63 11.00
N ALA A 9 -7.60 -14.33 11.66
CA ALA A 9 -6.21 -14.49 11.18
C ALA A 9 -5.47 -13.15 11.05
N GLU A 10 -4.64 -13.03 10.02
CA GLU A 10 -3.81 -11.84 9.84
C GLU A 10 -4.61 -10.57 9.55
N SER A 11 -4.51 -9.63 10.48
CA SER A 11 -5.08 -8.31 10.28
C SER A 11 -4.33 -7.63 9.15
N ALA A 12 -4.96 -6.66 8.49
CA ALA A 12 -4.35 -5.96 7.35
C ALA A 12 -2.95 -5.44 7.63
N LEU A 13 -2.68 -5.02 8.86
CA LEU A 13 -1.36 -4.50 9.21
C LEU A 13 -0.25 -5.54 9.04
N GLN A 14 -0.53 -6.76 9.40
CA GLN A 14 0.48 -7.80 9.28
C GLN A 14 0.79 -8.03 7.80
N VAL A 15 -0.24 -7.95 6.98
CA VAL A 15 -0.09 -8.22 5.55
C VAL A 15 0.59 -7.06 4.80
N VAL A 16 0.15 -5.83 5.03
CA VAL A 16 0.73 -4.64 4.38
C VAL A 16 2.24 -4.56 4.58
N GLU A 17 2.71 -4.84 5.79
CA GLU A 17 4.11 -4.68 6.11
C GLU A 17 4.97 -5.63 5.31
N LYS A 18 4.49 -6.86 5.22
CA LYS A 18 5.22 -7.91 4.54
C LYS A 18 5.29 -7.58 3.05
N LEU A 19 4.27 -6.93 2.53
CA LEU A 19 4.27 -6.53 1.13
C LEU A 19 5.17 -5.35 0.89
N GLN A 20 5.14 -4.35 1.76
CA GLN A 20 5.95 -3.15 1.61
C GLN A 20 7.43 -3.52 1.67
N ALA A 21 7.76 -4.48 2.52
CA ALA A 21 9.12 -4.98 2.57
C ALA A 21 9.55 -5.49 1.19
N ARG A 22 8.64 -6.19 0.50
CA ARG A 22 8.96 -6.68 -0.84
C ARG A 22 8.96 -5.57 -1.89
N LEU A 23 8.30 -4.46 -1.60
CA LEU A 23 8.28 -3.32 -2.52
C LEU A 23 9.60 -2.58 -2.52
N ALA A 24 10.19 -2.40 -1.34
CA ALA A 24 11.46 -1.68 -1.22
C ALA A 24 12.56 -2.50 -1.90
N ALA A 25 12.46 -3.81 -1.79
CA ALA A 25 13.39 -4.75 -2.40
C ALA A 25 12.96 -5.12 -3.82
N ASN A 26 12.19 -4.24 -4.47
CA ASN A 26 11.56 -4.51 -5.78
C ASN A 26 12.28 -5.51 -6.70
N PRO A 27 11.74 -6.74 -6.82
CA PRO A 27 12.32 -7.80 -7.67
C PRO A 27 11.94 -7.81 -9.15
N ASP A 28 10.83 -7.19 -9.50
CA ASP A 28 10.33 -7.15 -10.87
C ASP A 28 9.21 -6.14 -10.94
N PRO A 29 9.01 -5.50 -12.11
CA PRO A 29 7.87 -4.58 -12.19
C PRO A 29 6.56 -5.38 -12.29
N LYS A 30 6.68 -6.62 -12.75
CA LYS A 30 5.53 -7.51 -12.88
C LYS A 30 5.07 -7.90 -11.48
N LYS A 31 6.05 -8.14 -10.62
CA LYS A 31 5.79 -8.50 -9.22
C LYS A 31 5.31 -7.26 -8.47
N LEU A 32 5.82 -6.08 -8.81
CA LEU A 32 5.36 -4.84 -8.19
C LEU A 32 3.86 -4.64 -8.36
N LEU A 33 3.36 -4.88 -9.56
CA LEU A 33 1.92 -4.75 -9.80
C LEU A 33 1.15 -5.76 -8.96
N LYS A 34 1.68 -6.97 -8.85
CA LYS A 34 1.05 -8.02 -8.03
C LYS A 34 0.93 -7.56 -6.57
N TYR A 35 1.97 -6.92 -6.06
CA TYR A 35 1.94 -6.42 -4.68
C TYR A 35 0.91 -5.32 -4.53
N LEU A 36 0.88 -4.40 -5.48
CA LEU A 36 -0.03 -3.27 -5.42
C LEU A 36 -1.48 -3.76 -5.39
N LYS A 37 -1.79 -4.71 -6.24
CA LYS A 37 -3.14 -5.30 -6.28
C LYS A 37 -3.50 -5.95 -4.95
N LYS A 38 -2.51 -6.46 -4.22
CA LYS A 38 -2.78 -7.01 -2.90
C LYS A 38 -3.02 -5.87 -1.90
N LEU A 39 -2.32 -4.76 -2.03
CA LEU A 39 -2.49 -3.66 -1.08
C LEU A 39 -3.87 -3.04 -1.27
N SER A 40 -4.34 -2.99 -2.50
CA SER A 40 -5.64 -2.40 -2.81
C SER A 40 -6.83 -3.21 -2.29
N THR A 41 -6.62 -4.50 -2.03
CA THR A 41 -7.71 -5.37 -1.58
C THR A 41 -7.70 -5.58 -0.07
N LEU A 42 -6.71 -5.03 0.63
CA LEU A 42 -6.68 -5.12 2.08
C LEU A 42 -7.44 -3.89 2.59
N PRO A 43 -8.13 -4.01 3.73
CA PRO A 43 -8.80 -2.86 4.34
C PRO A 43 -7.78 -1.91 4.99
N ILE A 44 -7.14 -1.12 4.16
CA ILE A 44 -6.15 -0.14 4.62
C ILE A 44 -6.86 0.98 5.32
N THR A 45 -6.28 1.40 6.43
CA THR A 45 -6.83 2.49 7.21
C THR A 45 -5.76 3.55 7.39
N VAL A 46 -6.14 4.72 7.89
CA VAL A 46 -5.18 5.79 8.12
C VAL A 46 -4.15 5.37 9.19
N ASP A 47 -4.58 4.52 10.09
CA ASP A 47 -3.71 3.99 11.14
C ASP A 47 -2.60 3.16 10.48
N ILE A 48 -2.99 2.33 9.52
CA ILE A 48 -2.01 1.51 8.81
C ILE A 48 -1.10 2.41 7.99
N LEU A 49 -1.66 3.40 7.30
CA LEU A 49 -0.85 4.28 6.45
C LEU A 49 0.19 5.01 7.26
N ALA A 50 -0.15 5.37 8.47
CA ALA A 50 0.74 6.09 9.35
C ALA A 50 1.91 5.22 9.83
N GLU A 51 1.61 4.00 10.28
CA GLU A 51 2.66 3.14 10.84
C GLU A 51 3.58 2.59 9.76
N THR A 52 2.99 2.13 8.68
CA THR A 52 3.75 1.49 7.60
C THR A 52 4.47 2.54 6.76
N GLY A 53 3.75 3.60 6.43
CA GLY A 53 4.32 4.65 5.60
C GLY A 53 4.22 4.19 4.17
N VAL A 54 3.39 3.18 3.96
CA VAL A 54 3.17 2.58 2.66
C VAL A 54 2.72 3.62 1.62
N GLY A 55 2.07 4.67 2.08
CA GLY A 55 1.65 5.74 1.18
C GLY A 55 2.84 6.40 0.50
N LYS A 56 3.94 6.49 1.22
CA LYS A 56 5.16 7.12 0.70
C LYS A 56 5.75 6.20 -0.36
N THR A 57 5.73 4.91 -0.05
CA THR A 57 6.26 3.88 -0.93
C THR A 57 5.54 3.83 -2.28
N VAL A 58 4.21 3.70 -2.25
CA VAL A 58 3.44 3.59 -3.48
C VAL A 58 3.48 4.90 -4.26
N ASN A 59 3.53 6.02 -3.55
CA ASN A 59 3.66 7.33 -4.21
C ASN A 59 4.93 7.41 -5.06
N SER A 60 6.03 6.84 -4.57
CA SER A 60 7.27 6.82 -5.34
C SER A 60 7.12 5.96 -6.60
N LEU A 61 6.45 4.83 -6.45
CA LEU A 61 6.24 3.89 -7.56
C LEU A 61 5.43 4.50 -8.70
N ARG A 62 4.68 5.56 -8.45
CA ARG A 62 3.91 6.25 -9.51
C ARG A 62 4.77 6.71 -10.67
N LYS A 63 6.07 6.92 -10.43
CA LYS A 63 6.99 7.39 -11.47
C LYS A 63 7.38 6.29 -12.47
N HIS A 64 7.36 5.04 -12.04
CA HIS A 64 7.80 3.92 -12.85
C HIS A 64 6.63 3.58 -13.77
N GLU A 65 6.81 3.83 -15.06
CA GLU A 65 5.74 3.67 -16.07
C GLU A 65 5.08 2.30 -16.02
N HIS A 66 5.86 1.27 -15.69
CA HIS A 66 5.36 -0.09 -15.64
C HIS A 66 4.17 -0.29 -14.71
N VAL A 67 4.19 0.40 -13.58
CA VAL A 67 3.15 0.23 -12.56
C VAL A 67 2.52 1.54 -12.15
N GLY A 68 3.05 2.64 -12.64
CA GLY A 68 2.58 3.97 -12.27
C GLY A 68 1.12 4.21 -12.54
N SER A 69 0.58 3.62 -13.58
CA SER A 69 -0.84 3.76 -13.89
C SER A 69 -1.72 3.16 -12.80
N PHE A 70 -1.32 2.01 -12.27
CA PHE A 70 -2.06 1.42 -11.15
C PHE A 70 -1.69 2.08 -9.82
N ALA A 71 -0.42 2.45 -9.67
CA ALA A 71 0.06 3.05 -8.43
C ALA A 71 -0.62 4.39 -8.12
N ARG A 72 -0.96 5.16 -9.15
CA ARG A 72 -1.64 6.43 -8.92
C ARG A 72 -3.06 6.19 -8.41
N ASP A 73 -3.68 5.09 -8.84
CA ASP A 73 -5.01 4.73 -8.36
C ASP A 73 -4.91 4.28 -6.91
N LEU A 74 -3.84 3.56 -6.60
CA LEU A 74 -3.59 3.10 -5.24
C LEU A 74 -3.45 4.28 -4.28
N VAL A 75 -2.75 5.32 -4.71
CA VAL A 75 -2.59 6.52 -3.88
C VAL A 75 -3.93 7.26 -3.81
N ALA A 76 -4.69 7.28 -4.90
CA ALA A 76 -5.98 7.95 -4.90
C ALA A 76 -6.97 7.26 -3.93
N GLN A 77 -6.96 5.94 -3.91
CA GLN A 77 -7.83 5.20 -3.01
C GLN A 77 -7.49 5.51 -1.56
N TRP A 78 -6.22 5.80 -1.30
CA TRP A 78 -5.74 6.13 0.04
C TRP A 78 -5.94 7.59 0.41
N LYS A 79 -5.98 8.49 -0.57
CA LYS A 79 -6.10 9.93 -0.27
C LYS A 79 -7.45 10.25 0.31
N LYS A 80 -8.45 9.48 -0.09
CA LYS A 80 -9.82 9.68 0.43
C LYS A 80 -10.00 9.10 1.84
N LEU A 81 -8.97 8.44 2.37
CA LEU A 81 -9.05 7.87 3.72
C LEU A 81 -8.64 8.91 4.74
N VAL A 82 -7.66 9.72 4.36
CA VAL A 82 -7.15 10.77 5.24
C VAL A 82 -8.09 11.97 5.07
N PRO A 83 -8.20 12.79 6.12
CA PRO A 83 -9.12 13.93 6.02
C PRO A 83 -8.59 15.05 5.12
N VAL A 84 -9.53 15.84 4.58
CA VAL A 84 -9.25 17.02 3.76
C VAL A 84 -8.35 16.73 2.54
N GLU A 85 -8.94 15.99 1.65
CA GLU A 85 -8.33 15.61 0.35
C GLU A 85 -8.28 16.73 -0.71
N ARG A 86 -8.59 17.96 -0.32
CA ARG A 86 -8.63 19.10 -1.26
C ARG A 86 -7.24 19.53 -1.72
N ASN A 87 -7.20 20.38 -2.75
CA ASN A 87 -5.96 20.90 -3.34
C ASN A 87 -5.26 19.75 -4.09
N ALA A 88 -3.98 19.93 -4.43
CA ALA A 88 -3.21 18.98 -5.25
C ALA A 88 -3.88 18.84 -6.63
N GLY A 89 -4.60 19.89 -6.99
CA GLY A 89 -5.35 19.97 -8.22
C GLY A 89 -6.18 21.22 -8.05
N SER A 90 -7.00 21.56 -9.03
CA SER A 90 -7.86 22.75 -8.97
C SER A 90 -9.00 22.45 -9.90
N SER A 1 4.62 4.98 12.53
CA SER A 1 5.56 5.26 13.64
C SER A 1 6.54 4.11 13.82
N ASN A 2 6.04 2.95 14.24
CA ASN A 2 6.89 1.77 14.45
C ASN A 2 6.06 0.53 14.10
N ALA A 3 5.85 0.31 12.81
CA ALA A 3 5.08 -0.84 12.36
C ALA A 3 5.83 -2.12 12.76
N ALA A 4 5.07 -3.18 13.01
CA ALA A 4 5.64 -4.46 13.41
C ALA A 4 4.67 -5.55 12.96
N SER A 5 5.13 -6.79 12.96
CA SER A 5 4.30 -7.93 12.57
C SER A 5 4.57 -9.10 13.51
N ALA A 6 3.57 -9.94 13.67
CA ALA A 6 3.68 -11.14 14.48
C ALA A 6 4.05 -12.26 13.51
N MET A 7 4.40 -13.42 14.03
CA MET A 7 4.72 -14.57 13.19
C MET A 7 3.47 -15.04 12.40
N ALA A 8 2.30 -14.69 12.91
CA ALA A 8 1.05 -15.04 12.24
C ALA A 8 0.89 -14.19 10.96
N ALA A 9 1.13 -12.89 11.10
CA ALA A 9 1.22 -11.94 9.97
C ALA A 9 0.00 -11.74 9.04
N GLU A 10 -1.15 -12.26 9.39
CA GLU A 10 -2.35 -12.14 8.52
C GLU A 10 -3.17 -10.89 8.73
N SER A 11 -2.88 -10.15 9.77
CA SER A 11 -3.62 -8.91 10.06
C SER A 11 -3.35 -7.91 8.94
N ALA A 12 -4.33 -7.08 8.59
CA ALA A 12 -4.20 -6.14 7.46
C ALA A 12 -2.89 -5.34 7.49
N LEU A 13 -2.54 -4.80 8.65
CA LEU A 13 -1.29 -4.06 8.81
C LEU A 13 -0.10 -4.92 8.45
N GLN A 14 -0.07 -6.11 9.02
CA GLN A 14 1.08 -6.99 8.93
C GLN A 14 1.24 -7.54 7.52
N VAL A 15 0.13 -7.69 6.81
CA VAL A 15 0.17 -8.14 5.42
C VAL A 15 0.73 -7.00 4.57
N VAL A 16 0.25 -5.80 4.77
CA VAL A 16 0.78 -4.64 4.04
C VAL A 16 2.25 -4.50 4.33
N GLU A 17 2.62 -4.62 5.59
CA GLU A 17 3.99 -4.44 5.98
C GLU A 17 4.93 -5.40 5.29
N LYS A 18 4.54 -6.67 5.28
CA LYS A 18 5.39 -7.71 4.72
C LYS A 18 5.53 -7.50 3.22
N LEU A 19 4.47 -6.99 2.60
CA LEU A 19 4.54 -6.65 1.18
C LEU A 19 5.40 -5.43 0.94
N GLN A 20 5.30 -4.42 1.79
CA GLN A 20 6.05 -3.19 1.63
C GLN A 20 7.54 -3.48 1.69
N ALA A 21 7.94 -4.41 2.56
CA ALA A 21 9.32 -4.85 2.61
C ALA A 21 9.72 -5.41 1.23
N ARG A 22 8.83 -6.16 0.60
CA ARG A 22 9.10 -6.73 -0.73
C ARG A 22 9.07 -5.67 -1.83
N LEU A 23 8.41 -4.54 -1.58
CA LEU A 23 8.38 -3.44 -2.55
C LEU A 23 9.73 -2.76 -2.64
N ALA A 24 10.40 -2.60 -1.50
CA ALA A 24 11.72 -1.97 -1.49
C ALA A 24 12.69 -2.89 -2.22
N ALA A 25 12.55 -4.18 -1.95
CA ALA A 25 13.36 -5.24 -2.56
C ALA A 25 12.84 -5.62 -3.96
N ASN A 26 12.14 -4.71 -4.64
CA ASN A 26 11.46 -4.97 -5.92
C ASN A 26 12.15 -6.00 -6.86
N PRO A 27 11.56 -7.22 -6.94
CA PRO A 27 12.11 -8.31 -7.77
C PRO A 27 11.75 -8.30 -9.27
N ASP A 28 10.71 -7.55 -9.62
CA ASP A 28 10.24 -7.43 -11.01
C ASP A 28 9.18 -6.35 -11.01
N PRO A 29 9.00 -5.65 -12.13
CA PRO A 29 7.89 -4.69 -12.18
C PRO A 29 6.57 -5.46 -12.34
N LYS A 30 6.68 -6.67 -12.88
CA LYS A 30 5.55 -7.58 -13.04
C LYS A 30 5.01 -7.94 -11.66
N LYS A 31 5.96 -8.18 -10.76
CA LYS A 31 5.65 -8.56 -9.38
C LYS A 31 5.20 -7.33 -8.59
N LEU A 32 5.76 -6.16 -8.90
CA LEU A 32 5.32 -4.92 -8.26
C LEU A 32 3.81 -4.69 -8.47
N LEU A 33 3.29 -4.97 -9.66
CA LEU A 33 1.85 -4.82 -9.89
C LEU A 33 1.06 -5.76 -8.97
N LYS A 34 1.53 -6.99 -8.83
CA LYS A 34 0.87 -7.96 -7.94
C LYS A 34 0.84 -7.43 -6.52
N TYR A 35 1.93 -6.81 -6.09
CA TYR A 35 1.99 -6.25 -4.75
C TYR A 35 1.00 -5.13 -4.54
N LEU A 36 0.94 -4.22 -5.50
CA LEU A 36 0.05 -3.06 -5.39
C LEU A 36 -1.39 -3.55 -5.24
N LYS A 37 -1.76 -4.53 -6.04
CA LYS A 37 -3.11 -5.08 -6.00
C LYS A 37 -3.42 -5.68 -4.63
N LYS A 38 -2.40 -6.22 -3.96
CA LYS A 38 -2.61 -6.81 -2.63
C LYS A 38 -2.79 -5.72 -1.57
N LEU A 39 -2.09 -4.60 -1.65
CA LEU A 39 -2.26 -3.52 -0.67
C LEU A 39 -3.69 -3.00 -0.83
N SER A 40 -4.13 -2.92 -2.08
CA SER A 40 -5.48 -2.41 -2.43
C SER A 40 -6.63 -3.26 -1.89
N THR A 41 -6.50 -4.58 -1.94
CA THR A 41 -7.58 -5.47 -1.53
C THR A 41 -7.66 -5.69 -0.01
N LEU A 42 -6.73 -5.12 0.73
CA LEU A 42 -6.75 -5.21 2.18
C LEU A 42 -7.53 -4.01 2.69
N PRO A 43 -8.17 -4.14 3.86
CA PRO A 43 -8.85 -2.99 4.46
C PRO A 43 -7.84 -2.00 5.04
N ILE A 44 -7.33 -1.14 4.17
CA ILE A 44 -6.37 -0.12 4.55
C ILE A 44 -7.06 0.93 5.37
N THR A 45 -6.41 1.32 6.45
CA THR A 45 -6.92 2.34 7.29
C THR A 45 -5.89 3.43 7.40
N VAL A 46 -6.28 4.57 7.95
CA VAL A 46 -5.34 5.66 8.16
C VAL A 46 -4.25 5.21 9.14
N ASP A 47 -4.61 4.31 10.03
CA ASP A 47 -3.68 3.75 11.02
C ASP A 47 -2.59 2.98 10.28
N ILE A 48 -2.97 2.15 9.33
CA ILE A 48 -2.00 1.39 8.57
C ILE A 48 -1.12 2.35 7.78
N LEU A 49 -1.71 3.33 7.11
CA LEU A 49 -0.92 4.25 6.31
C LEU A 49 0.10 5.00 7.14
N ALA A 50 -0.31 5.38 8.34
CA ALA A 50 0.54 6.11 9.26
C ALA A 50 1.66 5.24 9.83
N GLU A 51 1.38 3.99 10.11
CA GLU A 51 2.39 3.13 10.71
C GLU A 51 3.38 2.61 9.72
N THR A 52 2.87 2.12 8.60
CA THR A 52 3.69 1.50 7.58
C THR A 52 4.42 2.55 6.75
N GLY A 53 3.71 3.62 6.40
CA GLY A 53 4.30 4.67 5.60
C GLY A 53 4.20 4.23 4.16
N VAL A 54 3.37 3.23 3.94
CA VAL A 54 3.14 2.64 2.63
C VAL A 54 2.68 3.70 1.63
N GLY A 55 2.03 4.75 2.11
CA GLY A 55 1.59 5.83 1.24
C GLY A 55 2.77 6.48 0.55
N LYS A 56 3.90 6.56 1.23
CA LYS A 56 5.12 7.16 0.67
C LYS A 56 5.68 6.21 -0.36
N THR A 57 5.66 4.93 -0.02
CA THR A 57 6.18 3.87 -0.89
C THR A 57 5.44 3.81 -2.21
N VAL A 58 4.11 3.77 -2.19
CA VAL A 58 3.33 3.67 -3.41
C VAL A 58 3.41 4.99 -4.21
N ASN A 59 3.49 6.11 -3.51
CA ASN A 59 3.63 7.41 -4.17
C ASN A 59 4.95 7.46 -4.92
N SER A 60 5.97 6.80 -4.38
CA SER A 60 7.25 6.70 -5.05
C SER A 60 7.17 5.73 -6.23
N LEU A 61 6.46 4.62 -6.04
CA LEU A 61 6.33 3.60 -7.09
C LEU A 61 5.61 4.07 -8.33
N ARG A 62 4.74 5.06 -8.21
CA ARG A 62 3.99 5.52 -9.39
C ARG A 62 4.87 6.24 -10.42
N LYS A 63 6.13 6.50 -10.08
CA LYS A 63 7.07 7.09 -11.03
C LYS A 63 7.60 6.05 -11.99
N HIS A 64 7.43 4.79 -11.63
CA HIS A 64 7.86 3.68 -12.47
C HIS A 64 6.79 3.61 -13.54
N GLU A 65 7.15 3.82 -14.79
CA GLU A 65 6.17 3.79 -15.88
C GLU A 65 5.44 2.45 -15.93
N HIS A 66 6.16 1.39 -15.59
CA HIS A 66 5.63 0.04 -15.58
C HIS A 66 4.38 -0.18 -14.73
N VAL A 67 4.35 0.40 -13.55
CA VAL A 67 3.27 0.16 -12.60
C VAL A 67 2.58 1.45 -12.17
N GLY A 68 3.02 2.56 -12.73
CA GLY A 68 2.47 3.86 -12.38
C GLY A 68 1.01 3.99 -12.70
N SER A 69 0.57 3.30 -13.74
CA SER A 69 -0.83 3.33 -14.13
C SER A 69 -1.73 2.84 -12.99
N PHE A 70 -1.32 1.76 -12.34
CA PHE A 70 -2.06 1.25 -11.17
C PHE A 70 -1.73 2.03 -9.89
N ALA A 71 -0.45 2.17 -9.58
CA ALA A 71 0.00 2.86 -8.37
C ALA A 71 -0.57 4.29 -8.18
N ARG A 72 -0.83 5.02 -9.25
CA ARG A 72 -1.41 6.36 -9.10
C ARG A 72 -2.82 6.27 -8.49
N ASP A 73 -3.57 5.23 -8.84
CA ASP A 73 -4.92 5.05 -8.34
C ASP A 73 -4.86 4.55 -6.90
N LEU A 74 -3.82 3.78 -6.60
CA LEU A 74 -3.60 3.28 -5.26
C LEU A 74 -3.45 4.48 -4.29
N VAL A 75 -2.74 5.51 -4.73
CA VAL A 75 -2.59 6.71 -3.91
C VAL A 75 -3.94 7.46 -3.88
N ALA A 76 -4.64 7.48 -5.01
CA ALA A 76 -5.91 8.20 -5.10
C ALA A 76 -6.99 7.58 -4.19
N GLN A 77 -7.02 6.27 -4.07
CA GLN A 77 -8.01 5.61 -3.22
C GLN A 77 -7.66 5.86 -1.75
N TRP A 78 -6.37 5.91 -1.45
CA TRP A 78 -5.90 6.16 -0.09
C TRP A 78 -6.15 7.60 0.35
N LYS A 79 -6.24 8.50 -0.62
CA LYS A 79 -6.51 9.91 -0.34
C LYS A 79 -7.93 10.09 0.18
N LYS A 80 -8.80 9.13 -0.12
CA LYS A 80 -10.19 9.19 0.34
C LYS A 80 -10.31 8.80 1.81
N LEU A 81 -9.28 8.16 2.35
CA LEU A 81 -9.32 7.67 3.72
C LEU A 81 -8.88 8.72 4.72
N VAL A 82 -7.95 9.55 4.28
CA VAL A 82 -7.37 10.57 5.13
C VAL A 82 -8.17 11.87 5.02
N PRO A 83 -8.20 12.66 6.10
CA PRO A 83 -8.90 13.93 6.00
C PRO A 83 -8.09 14.91 5.15
N VAL A 84 -8.78 15.82 4.48
CA VAL A 84 -8.14 16.80 3.61
C VAL A 84 -8.69 18.16 4.01
N GLU A 85 -7.82 19.15 4.12
CA GLU A 85 -8.24 20.49 4.47
C GLU A 85 -8.91 21.17 3.28
N ARG A 86 -10.13 21.64 3.50
CA ARG A 86 -10.88 22.43 2.52
C ARG A 86 -11.03 21.68 1.17
N ASN A 87 -11.22 22.43 0.10
CA ASN A 87 -11.39 21.86 -1.24
C ASN A 87 -11.13 23.02 -2.21
N ALA A 88 -11.06 22.73 -3.50
CA ALA A 88 -10.86 23.75 -4.52
C ALA A 88 -11.71 23.31 -5.72
N GLY A 89 -12.00 24.25 -6.62
CA GLY A 89 -12.83 23.97 -7.78
C GLY A 89 -13.86 25.06 -7.95
N SER A 90 -13.98 25.87 -6.91
CA SER A 90 -14.86 27.03 -6.87
C SER A 90 -14.05 28.03 -6.08
N SER A 1 -0.91 -31.04 -6.85
CA SER A 1 -1.16 -31.01 -5.38
C SER A 1 -2.40 -30.19 -5.09
N ASN A 2 -3.14 -30.57 -4.06
CA ASN A 2 -4.39 -29.86 -3.74
C ASN A 2 -4.16 -29.03 -2.48
N ALA A 3 -4.94 -27.96 -2.35
CA ALA A 3 -4.85 -27.09 -1.17
C ALA A 3 -5.67 -27.73 -0.03
N ALA A 4 -5.06 -28.67 0.68
CA ALA A 4 -5.72 -29.36 1.79
C ALA A 4 -5.91 -28.43 2.99
N SER A 5 -5.13 -27.36 3.04
CA SER A 5 -5.18 -26.39 4.12
C SER A 5 -5.11 -25.00 3.52
N ALA A 6 -5.54 -23.99 4.27
CA ALA A 6 -5.53 -22.61 3.82
C ALA A 6 -4.79 -21.75 4.83
N MET A 7 -4.52 -20.51 4.43
CA MET A 7 -3.73 -19.56 5.23
C MET A 7 -4.56 -18.28 5.47
N ALA A 8 -5.81 -18.49 5.88
CA ALA A 8 -6.71 -17.37 6.18
C ALA A 8 -6.37 -16.79 7.56
N ALA A 9 -5.37 -15.92 7.60
CA ALA A 9 -4.91 -15.31 8.84
C ALA A 9 -4.28 -13.95 8.52
N GLU A 10 -3.64 -13.38 9.54
CA GLU A 10 -2.93 -12.09 9.52
C GLU A 10 -3.79 -10.83 9.31
N SER A 11 -3.52 -9.83 10.12
CA SER A 11 -4.25 -8.56 10.03
C SER A 11 -3.77 -7.80 8.79
N ALA A 12 -4.61 -6.91 8.27
CA ALA A 12 -4.29 -6.14 7.07
C ALA A 12 -2.95 -5.43 7.20
N LEU A 13 -2.67 -4.87 8.38
CA LEU A 13 -1.38 -4.21 8.63
C LEU A 13 -0.22 -5.15 8.36
N GLN A 14 -0.30 -6.33 8.95
CA GLN A 14 0.80 -7.28 8.91
C GLN A 14 1.07 -7.76 7.49
N VAL A 15 0.02 -7.87 6.71
CA VAL A 15 0.16 -8.30 5.33
C VAL A 15 0.75 -7.15 4.51
N VAL A 16 0.24 -5.93 4.68
CA VAL A 16 0.77 -4.75 3.99
C VAL A 16 2.22 -4.55 4.31
N GLU A 17 2.57 -4.69 5.58
CA GLU A 17 3.93 -4.44 6.01
C GLU A 17 4.90 -5.34 5.26
N LYS A 18 4.53 -6.61 5.19
CA LYS A 18 5.38 -7.61 4.55
C LYS A 18 5.47 -7.35 3.06
N LEU A 19 4.39 -6.84 2.47
CA LEU A 19 4.42 -6.52 1.05
C LEU A 19 5.30 -5.32 0.81
N GLN A 20 5.23 -4.32 1.66
CA GLN A 20 6.02 -3.11 1.51
C GLN A 20 7.50 -3.44 1.58
N ALA A 21 7.85 -4.38 2.45
CA ALA A 21 9.23 -4.87 2.50
C ALA A 21 9.63 -5.43 1.12
N ARG A 22 8.71 -6.16 0.48
CA ARG A 22 9.00 -6.72 -0.85
C ARG A 22 8.99 -5.62 -1.93
N LEU A 23 8.35 -4.50 -1.65
CA LEU A 23 8.33 -3.38 -2.59
C LEU A 23 9.65 -2.65 -2.62
N ALA A 24 10.24 -2.43 -1.45
CA ALA A 24 11.53 -1.74 -1.35
C ALA A 24 12.61 -2.60 -2.01
N ALA A 25 12.49 -3.90 -1.82
CA ALA A 25 13.39 -4.89 -2.39
C ALA A 25 12.93 -5.29 -3.81
N ASN A 26 12.19 -4.41 -4.49
CA ASN A 26 11.55 -4.70 -5.78
C ASN A 26 12.29 -5.69 -6.70
N PRO A 27 11.76 -6.93 -6.82
CA PRO A 27 12.38 -7.94 -7.70
C PRO A 27 12.03 -7.81 -9.19
N ASP A 28 10.78 -7.46 -9.51
CA ASP A 28 10.33 -7.38 -10.90
C ASP A 28 9.30 -6.28 -10.97
N PRO A 29 9.21 -5.56 -12.10
CA PRO A 29 8.10 -4.61 -12.17
C PRO A 29 6.76 -5.33 -12.29
N LYS A 30 6.80 -6.57 -12.77
CA LYS A 30 5.59 -7.38 -12.91
C LYS A 30 5.09 -7.79 -11.53
N LYS A 31 6.03 -8.12 -10.66
CA LYS A 31 5.70 -8.52 -9.28
C LYS A 31 5.25 -7.28 -8.50
N LEU A 32 5.82 -6.12 -8.81
CA LEU A 32 5.40 -4.87 -8.16
C LEU A 32 3.90 -4.63 -8.31
N LEU A 33 3.35 -4.85 -9.50
CA LEU A 33 1.91 -4.66 -9.70
C LEU A 33 1.13 -5.65 -8.84
N LYS A 34 1.59 -6.89 -8.77
CA LYS A 34 0.94 -7.92 -7.94
C LYS A 34 0.89 -7.46 -6.49
N TYR A 35 1.97 -6.87 -6.00
CA TYR A 35 2.00 -6.39 -4.63
C TYR A 35 1.00 -5.27 -4.41
N LEU A 36 0.97 -4.32 -5.34
CA LEU A 36 0.08 -3.17 -5.24
C LEU A 36 -1.36 -3.62 -5.18
N LYS A 37 -1.72 -4.60 -5.99
CA LYS A 37 -3.08 -5.14 -6.00
C LYS A 37 -3.43 -5.74 -4.64
N LYS A 38 -2.47 -6.31 -3.95
CA LYS A 38 -2.74 -6.90 -2.65
C LYS A 38 -2.91 -5.83 -1.57
N LEU A 39 -2.21 -4.70 -1.66
CA LEU A 39 -2.39 -3.63 -0.66
C LEU A 39 -3.83 -3.11 -0.82
N SER A 40 -4.25 -2.98 -2.07
CA SER A 40 -5.59 -2.46 -2.43
C SER A 40 -6.75 -3.32 -1.95
N THR A 41 -6.61 -4.64 -2.00
CA THR A 41 -7.71 -5.53 -1.62
C THR A 41 -7.80 -5.77 -0.11
N LEU A 42 -6.91 -5.16 0.66
CA LEU A 42 -6.96 -5.25 2.11
C LEU A 42 -7.65 -3.99 2.61
N PRO A 43 -8.35 -4.08 3.75
CA PRO A 43 -8.97 -2.87 4.31
C PRO A 43 -7.94 -1.92 4.91
N ILE A 44 -7.40 -1.05 4.07
CA ILE A 44 -6.42 -0.07 4.49
C ILE A 44 -7.10 0.99 5.31
N THR A 45 -6.44 1.38 6.39
CA THR A 45 -6.95 2.42 7.25
C THR A 45 -5.90 3.49 7.38
N VAL A 46 -6.27 4.63 7.94
CA VAL A 46 -5.31 5.70 8.15
C VAL A 46 -4.24 5.23 9.15
N ASP A 47 -4.64 4.33 10.03
CA ASP A 47 -3.73 3.75 11.03
C ASP A 47 -2.66 2.94 10.31
N ILE A 48 -3.05 2.13 9.34
CA ILE A 48 -2.09 1.33 8.59
C ILE A 48 -1.18 2.27 7.81
N LEU A 49 -1.74 3.27 7.15
CA LEU A 49 -0.92 4.18 6.35
C LEU A 49 0.13 4.89 7.18
N ALA A 50 -0.24 5.20 8.41
CA ALA A 50 0.65 5.90 9.32
C ALA A 50 1.78 5.00 9.82
N GLU A 51 1.47 3.78 10.21
CA GLU A 51 2.50 2.90 10.81
C GLU A 51 3.43 2.32 9.76
N THR A 52 2.86 1.95 8.62
CA THR A 52 3.65 1.33 7.56
C THR A 52 4.40 2.39 6.75
N GLY A 53 3.72 3.49 6.45
CA GLY A 53 4.36 4.56 5.68
C GLY A 53 4.26 4.17 4.22
N VAL A 54 3.41 3.18 3.96
CA VAL A 54 3.19 2.62 2.64
C VAL A 54 2.77 3.69 1.64
N GLY A 55 2.13 4.75 2.13
CA GLY A 55 1.72 5.85 1.26
C GLY A 55 2.90 6.48 0.56
N LYS A 56 4.05 6.50 1.23
CA LYS A 56 5.26 7.09 0.64
C LYS A 56 5.75 6.15 -0.45
N THR A 57 5.75 4.87 -0.12
CA THR A 57 6.23 3.81 -1.02
C THR A 57 5.47 3.76 -2.35
N VAL A 58 4.16 3.66 -2.30
CA VAL A 58 3.38 3.55 -3.53
C VAL A 58 3.44 4.86 -4.33
N ASN A 59 3.49 5.99 -3.64
CA ASN A 59 3.58 7.28 -4.33
C ASN A 59 4.89 7.37 -5.10
N SER A 60 5.93 6.82 -4.53
CA SER A 60 7.25 6.81 -5.19
C SER A 60 7.22 5.87 -6.40
N LEU A 61 6.54 4.74 -6.24
CA LEU A 61 6.46 3.74 -7.30
C LEU A 61 5.67 4.19 -8.50
N ARG A 62 4.80 5.18 -8.34
CA ARG A 62 3.99 5.64 -9.47
C ARG A 62 4.81 6.32 -10.56
N LYS A 63 6.07 6.61 -10.28
CA LYS A 63 6.98 7.20 -11.27
C LYS A 63 7.45 6.12 -12.26
N HIS A 64 7.34 4.87 -11.88
CA HIS A 64 7.81 3.78 -12.70
C HIS A 64 6.71 3.44 -13.70
N GLU A 65 6.94 3.73 -14.97
CA GLU A 65 5.97 3.50 -16.05
C GLU A 65 5.23 2.16 -15.96
N HIS A 66 5.96 1.11 -15.61
CA HIS A 66 5.40 -0.24 -15.56
C HIS A 66 4.21 -0.42 -14.64
N VAL A 67 4.22 0.28 -13.52
CA VAL A 67 3.19 0.12 -12.51
C VAL A 67 2.51 1.42 -12.16
N GLY A 68 3.02 2.52 -12.70
CA GLY A 68 2.47 3.84 -12.42
C GLY A 68 0.98 3.97 -12.69
N SER A 69 0.51 3.35 -13.76
CA SER A 69 -0.91 3.40 -14.10
C SER A 69 -1.77 2.85 -12.96
N PHE A 70 -1.35 1.76 -12.34
CA PHE A 70 -2.07 1.22 -11.20
C PHE A 70 -1.75 1.97 -9.90
N ALA A 71 -0.49 2.33 -9.72
CA ALA A 71 -0.03 2.98 -8.49
C ALA A 71 -0.68 4.34 -8.26
N ARG A 72 -1.01 5.06 -9.33
CA ARG A 72 -1.69 6.35 -9.17
C ARG A 72 -3.07 6.17 -8.52
N ASP A 73 -3.73 5.04 -8.78
CA ASP A 73 -5.02 4.76 -8.17
C ASP A 73 -4.84 4.42 -6.70
N LEU A 74 -3.78 3.69 -6.40
CA LEU A 74 -3.48 3.31 -5.03
C LEU A 74 -3.29 4.56 -4.16
N VAL A 75 -2.66 5.58 -4.70
CA VAL A 75 -2.49 6.83 -3.96
C VAL A 75 -3.84 7.58 -3.86
N ALA A 76 -4.63 7.54 -4.93
CA ALA A 76 -5.89 8.28 -4.97
C ALA A 76 -6.93 7.68 -4.02
N GLN A 77 -6.97 6.36 -3.93
CA GLN A 77 -7.92 5.70 -3.05
C GLN A 77 -7.54 5.96 -1.60
N TRP A 78 -6.25 6.05 -1.32
CA TRP A 78 -5.78 6.28 0.03
C TRP A 78 -6.06 7.71 0.46
N LYS A 79 -6.12 8.61 -0.51
CA LYS A 79 -6.47 9.99 -0.23
C LYS A 79 -7.89 10.16 0.28
N LYS A 80 -8.75 9.19 -0.01
CA LYS A 80 -10.11 9.25 0.51
C LYS A 80 -10.19 8.84 1.97
N LEU A 81 -9.18 8.12 2.44
CA LEU A 81 -9.19 7.62 3.81
C LEU A 81 -8.74 8.72 4.76
N VAL A 82 -7.71 9.45 4.34
CA VAL A 82 -7.16 10.54 5.12
C VAL A 82 -7.93 11.83 4.84
N PRO A 83 -8.02 12.74 5.82
CA PRO A 83 -8.74 13.99 5.62
C PRO A 83 -7.96 15.02 4.79
N VAL A 84 -8.53 16.21 4.70
CA VAL A 84 -7.99 17.39 4.01
C VAL A 84 -8.12 17.27 2.50
N GLU A 85 -8.96 18.15 2.00
CA GLU A 85 -9.37 18.20 0.60
C GLU A 85 -8.45 19.13 -0.17
N ARG A 86 -7.35 18.57 -0.67
CA ARG A 86 -6.34 19.33 -1.44
C ARG A 86 -5.84 20.49 -0.57
N ASN A 87 -5.74 21.67 -1.15
CA ASN A 87 -5.36 22.87 -0.41
C ASN A 87 -5.87 24.05 -1.24
N ALA A 88 -6.83 24.79 -0.68
CA ALA A 88 -7.44 25.94 -1.33
C ALA A 88 -8.09 25.61 -2.69
N GLY A 89 -8.57 26.64 -3.37
CA GLY A 89 -9.21 26.47 -4.67
C GLY A 89 -10.60 25.89 -4.51
N SER A 90 -11.11 25.32 -5.60
CA SER A 90 -12.42 24.67 -5.62
C SER A 90 -12.27 23.55 -6.61
N SER A 1 -11.88 -14.71 12.08
CA SER A 1 -10.58 -14.42 11.39
C SER A 1 -9.54 -15.46 11.76
N ASN A 2 -8.87 -15.28 12.89
CA ASN A 2 -7.90 -16.25 13.39
C ASN A 2 -8.23 -16.38 14.87
N ALA A 3 -7.91 -17.52 15.46
CA ALA A 3 -8.19 -17.77 16.87
C ALA A 3 -7.05 -18.62 17.46
N ALA A 4 -5.91 -18.63 16.76
CA ALA A 4 -4.75 -19.41 17.18
C ALA A 4 -3.51 -18.63 16.80
N SER A 5 -2.38 -19.01 17.38
CA SER A 5 -1.10 -18.35 17.12
C SER A 5 -0.39 -18.93 15.90
N ALA A 6 -1.12 -19.63 15.04
CA ALA A 6 -0.54 -20.27 13.87
C ALA A 6 -1.58 -20.41 12.75
N MET A 7 -1.08 -20.48 11.52
CA MET A 7 -1.90 -20.69 10.32
C MET A 7 -3.00 -19.63 10.15
N ALA A 8 -4.10 -20.03 9.50
CA ALA A 8 -5.24 -19.14 9.20
C ALA A 8 -4.81 -17.88 8.42
N ALA A 9 -4.91 -16.70 9.04
CA ALA A 9 -4.57 -15.45 8.36
C ALA A 9 -4.11 -14.39 9.37
N GLU A 10 -3.47 -13.37 8.84
CA GLU A 10 -2.95 -12.26 9.62
C GLU A 10 -3.86 -11.05 9.45
N SER A 11 -3.68 -10.07 10.32
CA SER A 11 -4.45 -8.83 10.26
C SER A 11 -3.93 -7.98 9.10
N ALA A 12 -4.73 -7.02 8.63
CA ALA A 12 -4.34 -6.13 7.52
C ALA A 12 -2.97 -5.51 7.73
N LEU A 13 -2.69 -5.10 8.96
CA LEU A 13 -1.40 -4.48 9.26
C LEU A 13 -0.23 -5.45 9.07
N GLN A 14 -0.41 -6.68 9.50
CA GLN A 14 0.66 -7.64 9.36
C GLN A 14 0.94 -7.92 7.89
N VAL A 15 -0.12 -7.95 7.11
CA VAL A 15 0.02 -8.23 5.67
C VAL A 15 0.66 -7.04 4.91
N VAL A 16 0.20 -5.82 5.13
CA VAL A 16 0.76 -4.63 4.47
C VAL A 16 2.27 -4.50 4.70
N GLU A 17 2.74 -4.75 5.91
CA GLU A 17 4.14 -4.52 6.25
C GLU A 17 5.01 -5.42 5.41
N LYS A 18 4.58 -6.67 5.33
CA LYS A 18 5.34 -7.71 4.65
C LYS A 18 5.39 -7.43 3.17
N LEU A 19 4.31 -6.87 2.64
CA LEU A 19 4.30 -6.51 1.23
C LEU A 19 5.19 -5.33 0.95
N GLN A 20 5.15 -4.32 1.82
CA GLN A 20 5.95 -3.12 1.62
C GLN A 20 7.43 -3.47 1.65
N ALA A 21 7.80 -4.41 2.51
CA ALA A 21 9.18 -4.90 2.55
C ALA A 21 9.56 -5.47 1.18
N ARG A 22 8.64 -6.20 0.56
CA ARG A 22 8.90 -6.79 -0.77
C ARG A 22 8.91 -5.73 -1.87
N LEU A 23 8.31 -4.58 -1.62
CA LEU A 23 8.31 -3.47 -2.60
C LEU A 23 9.68 -2.82 -2.66
N ALA A 24 10.29 -2.63 -1.51
CA ALA A 24 11.62 -1.99 -1.44
C ALA A 24 12.66 -2.90 -2.08
N ALA A 25 12.44 -4.20 -1.94
CA ALA A 25 13.31 -5.23 -2.51
C ALA A 25 12.87 -5.57 -3.95
N ASN A 26 12.20 -4.63 -4.62
CA ASN A 26 11.57 -4.86 -5.93
C ASN A 26 12.25 -5.89 -6.86
N PRO A 27 11.63 -7.09 -7.00
CA PRO A 27 12.16 -8.18 -7.85
C PRO A 27 11.81 -8.12 -9.34
N ASP A 28 10.79 -7.36 -9.68
CA ASP A 28 10.33 -7.20 -11.07
C ASP A 28 9.31 -6.07 -11.05
N PRO A 29 9.16 -5.34 -12.16
CA PRO A 29 8.09 -4.33 -12.18
C PRO A 29 6.74 -5.05 -12.32
N LYS A 30 6.80 -6.26 -12.85
CA LYS A 30 5.63 -7.12 -13.03
C LYS A 30 5.10 -7.53 -11.66
N LYS A 31 6.03 -7.91 -10.81
CA LYS A 31 5.73 -8.35 -9.45
C LYS A 31 5.30 -7.16 -8.61
N LEU A 32 5.86 -5.99 -8.88
CA LEU A 32 5.45 -4.77 -8.18
C LEU A 32 3.95 -4.52 -8.34
N LEU A 33 3.42 -4.70 -9.54
CA LEU A 33 1.98 -4.50 -9.76
C LEU A 33 1.20 -5.53 -8.95
N LYS A 34 1.69 -6.77 -8.91
CA LYS A 34 1.05 -7.83 -8.12
C LYS A 34 0.95 -7.44 -6.65
N TYR A 35 1.98 -6.82 -6.12
CA TYR A 35 1.96 -6.38 -4.72
C TYR A 35 0.93 -5.29 -4.52
N LEU A 36 0.90 -4.32 -5.44
CA LEU A 36 -0.04 -3.22 -5.35
C LEU A 36 -1.46 -3.74 -5.34
N LYS A 37 -1.76 -4.71 -6.20
CA LYS A 37 -3.10 -5.31 -6.25
C LYS A 37 -3.46 -5.97 -4.91
N LYS A 38 -2.48 -6.46 -4.17
CA LYS A 38 -2.76 -7.01 -2.85
C LYS A 38 -3.01 -5.87 -1.86
N LEU A 39 -2.29 -4.76 -1.98
CA LEU A 39 -2.47 -3.66 -1.05
C LEU A 39 -3.84 -3.02 -1.24
N SER A 40 -4.32 -3.00 -2.48
CA SER A 40 -5.62 -2.39 -2.77
C SER A 40 -6.80 -3.19 -2.24
N THR A 41 -6.60 -4.48 -1.97
CA THR A 41 -7.69 -5.34 -1.48
C THR A 41 -7.65 -5.55 0.03
N LEU A 42 -6.64 -5.01 0.71
CA LEU A 42 -6.60 -5.10 2.16
C LEU A 42 -7.38 -3.88 2.65
N PRO A 43 -8.07 -4.00 3.80
CA PRO A 43 -8.76 -2.85 4.39
C PRO A 43 -7.76 -1.88 5.03
N ILE A 44 -7.16 -1.06 4.18
CA ILE A 44 -6.17 -0.08 4.61
C ILE A 44 -6.87 1.07 5.30
N THR A 45 -6.31 1.49 6.42
CA THR A 45 -6.85 2.59 7.17
C THR A 45 -5.78 3.64 7.36
N VAL A 46 -6.16 4.79 7.90
CA VAL A 46 -5.20 5.88 8.11
C VAL A 46 -4.13 5.48 9.12
N ASP A 47 -4.51 4.64 10.07
CA ASP A 47 -3.56 4.15 11.08
C ASP A 47 -2.52 3.30 10.39
N ILE A 48 -2.97 2.44 9.47
CA ILE A 48 -2.05 1.58 8.75
C ILE A 48 -1.13 2.45 7.91
N LEU A 49 -1.67 3.44 7.21
CA LEU A 49 -0.86 4.28 6.35
C LEU A 49 0.22 5.01 7.14
N ALA A 50 -0.14 5.41 8.35
CA ALA A 50 0.78 6.13 9.21
C ALA A 50 1.93 5.24 9.70
N GLU A 51 1.61 4.05 10.18
CA GLU A 51 2.63 3.17 10.78
C GLU A 51 3.54 2.58 9.73
N THR A 52 2.96 2.16 8.63
CA THR A 52 3.72 1.49 7.58
C THR A 52 4.45 2.51 6.72
N GLY A 53 3.76 3.59 6.38
CA GLY A 53 4.36 4.61 5.54
C GLY A 53 4.24 4.14 4.12
N VAL A 54 3.37 3.17 3.93
CA VAL A 54 3.13 2.56 2.63
C VAL A 54 2.65 3.59 1.62
N GLY A 55 1.99 4.64 2.11
CA GLY A 55 1.54 5.71 1.23
C GLY A 55 2.71 6.40 0.56
N LYS A 56 3.83 6.50 1.28
CA LYS A 56 5.04 7.15 0.75
C LYS A 56 5.63 6.22 -0.30
N THR A 57 5.63 4.94 0.02
CA THR A 57 6.18 3.91 -0.85
C THR A 57 5.46 3.80 -2.20
N VAL A 58 4.14 3.68 -2.18
CA VAL A 58 3.39 3.53 -3.44
C VAL A 58 3.43 4.83 -4.24
N ASN A 59 3.43 5.97 -3.56
CA ASN A 59 3.55 7.25 -4.25
C ASN A 59 4.88 7.34 -4.99
N SER A 60 5.94 6.79 -4.41
CA SER A 60 7.25 6.78 -5.07
C SER A 60 7.22 5.83 -6.27
N LEU A 61 6.57 4.69 -6.09
CA LEU A 61 6.49 3.66 -7.15
C LEU A 61 5.76 4.12 -8.39
N ARG A 62 4.90 5.12 -8.28
CA ARG A 62 4.15 5.59 -9.45
C ARG A 62 5.04 6.28 -10.48
N LYS A 63 6.30 6.50 -10.13
CA LYS A 63 7.28 7.07 -11.07
C LYS A 63 7.62 6.04 -12.15
N HIS A 64 7.43 4.76 -11.86
CA HIS A 64 7.72 3.71 -12.84
C HIS A 64 6.60 3.68 -13.84
N GLU A 65 6.93 3.73 -15.12
CA GLU A 65 5.90 3.66 -16.17
C GLU A 65 5.15 2.33 -16.07
N HIS A 66 5.86 1.27 -15.72
CA HIS A 66 5.27 -0.06 -15.66
C HIS A 66 4.08 -0.20 -14.72
N VAL A 67 4.16 0.44 -13.56
CA VAL A 67 3.14 0.28 -12.54
C VAL A 67 2.49 1.60 -12.16
N GLY A 68 2.93 2.69 -12.77
CA GLY A 68 2.43 4.01 -12.41
C GLY A 68 0.94 4.17 -12.60
N SER A 69 0.40 3.59 -13.65
CA SER A 69 -1.04 3.68 -13.92
C SER A 69 -1.85 3.09 -12.76
N PHE A 70 -1.42 1.97 -12.22
CA PHE A 70 -2.09 1.36 -11.08
C PHE A 70 -1.70 2.02 -9.76
N ALA A 71 -0.44 2.40 -9.63
CA ALA A 71 0.08 2.98 -8.38
C ALA A 71 -0.58 4.33 -8.09
N ARG A 72 -0.83 5.15 -9.10
CA ARG A 72 -1.51 6.43 -8.87
C ARG A 72 -2.94 6.17 -8.41
N ASP A 73 -3.52 5.04 -8.81
CA ASP A 73 -4.88 4.69 -8.41
C ASP A 73 -4.87 4.21 -6.96
N LEU A 74 -3.80 3.53 -6.59
CA LEU A 74 -3.60 3.06 -5.23
C LEU A 74 -3.54 4.27 -4.29
N VAL A 75 -2.83 5.31 -4.72
CA VAL A 75 -2.74 6.54 -3.94
C VAL A 75 -4.10 7.24 -3.95
N ALA A 76 -4.82 7.17 -5.07
CA ALA A 76 -6.14 7.79 -5.17
C ALA A 76 -7.14 7.13 -4.20
N GLN A 77 -7.01 5.83 -3.99
CA GLN A 77 -7.88 5.12 -3.06
C GLN A 77 -7.52 5.49 -1.61
N TRP A 78 -6.25 5.78 -1.37
CA TRP A 78 -5.77 6.09 -0.02
C TRP A 78 -5.98 7.55 0.39
N LYS A 79 -6.00 8.44 -0.58
CA LYS A 79 -6.11 9.87 -0.29
C LYS A 79 -7.46 10.23 0.30
N LYS A 80 -8.49 9.47 -0.07
CA LYS A 80 -9.84 9.71 0.44
C LYS A 80 -10.02 9.20 1.87
N LEU A 81 -9.01 8.53 2.41
CA LEU A 81 -9.12 7.96 3.75
C LEU A 81 -8.78 9.01 4.80
N VAL A 82 -7.87 9.91 4.44
CA VAL A 82 -7.43 10.96 5.33
C VAL A 82 -8.36 12.15 5.15
N PRO A 83 -8.55 12.96 6.20
CA PRO A 83 -9.45 14.11 6.05
C PRO A 83 -8.85 15.23 5.20
N VAL A 84 -9.73 15.87 4.44
CA VAL A 84 -9.42 16.99 3.54
C VAL A 84 -8.39 16.71 2.43
N GLU A 85 -8.88 16.78 1.21
CA GLU A 85 -8.03 16.57 0.04
C GLU A 85 -7.60 17.94 -0.49
N ARG A 86 -6.44 18.00 -1.12
CA ARG A 86 -5.95 19.25 -1.69
C ARG A 86 -6.88 19.67 -2.84
N ASN A 87 -7.32 20.92 -2.83
CA ASN A 87 -8.19 21.45 -3.88
C ASN A 87 -7.58 21.26 -5.26
N ALA A 88 -8.42 20.94 -6.24
CA ALA A 88 -8.02 20.77 -7.62
C ALA A 88 -9.26 21.11 -8.43
N GLY A 89 -9.09 21.29 -9.73
CA GLY A 89 -10.22 21.56 -10.60
C GLY A 89 -10.85 20.26 -11.07
N SER A 90 -11.88 20.37 -11.89
CA SER A 90 -12.59 19.21 -12.44
C SER A 90 -13.11 19.63 -13.79
N SER A 1 6.23 -17.58 28.67
CA SER A 1 7.68 -17.29 28.46
C SER A 1 7.89 -16.60 27.13
N ASN A 2 8.01 -17.38 26.06
CA ASN A 2 8.15 -16.82 24.72
C ASN A 2 6.76 -16.46 24.22
N ALA A 3 6.69 -15.57 23.24
CA ALA A 3 5.43 -15.16 22.63
C ALA A 3 5.81 -14.82 21.19
N ALA A 4 4.81 -14.75 20.30
CA ALA A 4 5.06 -14.42 18.91
C ALA A 4 4.53 -13.01 18.64
N SER A 5 5.28 -12.23 17.87
CA SER A 5 4.88 -10.89 17.50
C SER A 5 5.47 -10.66 16.12
N ALA A 6 4.79 -9.85 15.32
CA ALA A 6 5.18 -9.52 13.93
C ALA A 6 5.27 -10.71 12.94
N MET A 7 5.16 -11.93 13.43
CA MET A 7 5.20 -13.13 12.59
C MET A 7 3.83 -13.48 12.02
N ALA A 8 2.79 -12.88 12.60
CA ALA A 8 1.43 -13.11 12.13
C ALA A 8 1.36 -12.55 10.71
N ALA A 9 0.47 -13.07 9.88
CA ALA A 9 0.42 -12.67 8.47
C ALA A 9 -1.00 -12.53 7.94
N GLU A 10 -1.95 -12.37 8.84
CA GLU A 10 -3.37 -12.30 8.45
C GLU A 10 -4.07 -10.97 8.63
N SER A 11 -3.63 -10.24 9.62
CA SER A 11 -4.24 -8.95 9.94
C SER A 11 -3.78 -7.97 8.89
N ALA A 12 -4.60 -7.00 8.54
CA ALA A 12 -4.25 -6.03 7.49
C ALA A 12 -2.88 -5.41 7.71
N LEU A 13 -2.59 -5.00 8.92
CA LEU A 13 -1.28 -4.41 9.24
C LEU A 13 -0.14 -5.41 9.08
N GLN A 14 -0.39 -6.65 9.48
CA GLN A 14 0.64 -7.65 9.37
C GLN A 14 0.96 -7.93 7.90
N VAL A 15 -0.07 -7.90 7.06
CA VAL A 15 0.08 -8.19 5.64
C VAL A 15 0.74 -7.02 4.88
N VAL A 16 0.26 -5.79 5.09
CA VAL A 16 0.81 -4.62 4.40
C VAL A 16 2.32 -4.48 4.59
N GLU A 17 2.80 -4.69 5.81
CA GLU A 17 4.20 -4.48 6.12
C GLU A 17 5.08 -5.43 5.34
N LYS A 18 4.61 -6.67 5.27
CA LYS A 18 5.38 -7.73 4.63
C LYS A 18 5.45 -7.47 3.14
N LEU A 19 4.40 -6.88 2.60
CA LEU A 19 4.39 -6.51 1.19
C LEU A 19 5.27 -5.31 0.93
N GLN A 20 5.21 -4.31 1.79
CA GLN A 20 6.00 -3.10 1.61
C GLN A 20 7.48 -3.42 1.62
N ALA A 21 7.88 -4.37 2.46
CA ALA A 21 9.26 -4.83 2.48
C ALA A 21 9.63 -5.39 1.09
N ARG A 22 8.70 -6.11 0.47
CA ARG A 22 8.95 -6.68 -0.87
C ARG A 22 8.94 -5.61 -1.96
N LEU A 23 8.32 -4.47 -1.69
CA LEU A 23 8.29 -3.37 -2.66
C LEU A 23 9.64 -2.67 -2.73
N ALA A 24 10.28 -2.49 -1.58
CA ALA A 24 11.58 -1.82 -1.50
C ALA A 24 12.66 -2.70 -2.15
N ALA A 25 12.47 -3.99 -2.06
CA ALA A 25 13.36 -4.99 -2.65
C ALA A 25 12.94 -5.35 -4.08
N ASN A 26 12.23 -4.44 -4.76
CA ASN A 26 11.58 -4.71 -6.05
C ASN A 26 12.27 -5.77 -6.96
N PRO A 27 11.68 -6.99 -7.04
CA PRO A 27 12.21 -8.09 -7.86
C PRO A 27 11.82 -8.14 -9.34
N ASP A 28 10.70 -7.54 -9.69
CA ASP A 28 10.18 -7.54 -11.07
C ASP A 28 9.09 -6.49 -11.08
N PRO A 29 8.84 -5.85 -12.22
CA PRO A 29 7.73 -4.89 -12.25
C PRO A 29 6.41 -5.66 -12.31
N LYS A 30 6.51 -6.90 -12.79
CA LYS A 30 5.37 -7.82 -12.89
C LYS A 30 4.92 -8.13 -11.48
N LYS A 31 5.89 -8.34 -10.60
CA LYS A 31 5.63 -8.66 -9.21
C LYS A 31 5.21 -7.39 -8.47
N LEU A 32 5.76 -6.24 -8.85
CA LEU A 32 5.33 -4.97 -8.26
C LEU A 32 3.84 -4.74 -8.46
N LEU A 33 3.35 -4.99 -9.66
CA LEU A 33 1.91 -4.82 -9.93
C LEU A 33 1.11 -5.77 -9.03
N LYS A 34 1.59 -6.99 -8.87
CA LYS A 34 0.91 -7.98 -8.01
C LYS A 34 0.84 -7.45 -6.58
N TYR A 35 1.90 -6.83 -6.10
CA TYR A 35 1.92 -6.28 -4.75
C TYR A 35 0.90 -5.16 -4.59
N LEU A 36 0.88 -4.25 -5.56
CA LEU A 36 -0.03 -3.11 -5.50
C LEU A 36 -1.46 -3.62 -5.43
N LYS A 37 -1.77 -4.62 -6.25
CA LYS A 37 -3.11 -5.21 -6.27
C LYS A 37 -3.46 -5.83 -4.91
N LYS A 38 -2.47 -6.35 -4.19
CA LYS A 38 -2.73 -6.93 -2.88
C LYS A 38 -2.98 -5.82 -1.88
N LEU A 39 -2.28 -4.70 -1.98
CA LEU A 39 -2.50 -3.60 -1.04
C LEU A 39 -3.90 -3.06 -1.23
N SER A 40 -4.36 -3.05 -2.47
CA SER A 40 -5.70 -2.56 -2.80
C SER A 40 -6.84 -3.47 -2.34
N THR A 41 -6.55 -4.68 -1.89
CA THR A 41 -7.60 -5.61 -1.44
C THR A 41 -7.53 -5.85 0.07
N LEU A 42 -6.62 -5.16 0.74
CA LEU A 42 -6.57 -5.21 2.20
C LEU A 42 -7.33 -3.99 2.68
N PRO A 43 -8.02 -4.09 3.83
CA PRO A 43 -8.71 -2.92 4.39
C PRO A 43 -7.70 -1.95 5.01
N ILE A 44 -7.12 -1.12 4.17
CA ILE A 44 -6.15 -0.13 4.59
C ILE A 44 -6.87 0.97 5.32
N THR A 45 -6.28 1.41 6.41
CA THR A 45 -6.85 2.48 7.20
C THR A 45 -5.83 3.59 7.37
N VAL A 46 -6.24 4.72 7.90
CA VAL A 46 -5.32 5.84 8.12
C VAL A 46 -4.26 5.45 9.14
N ASP A 47 -4.62 4.57 10.06
CA ASP A 47 -3.70 4.07 11.08
C ASP A 47 -2.60 3.27 10.39
N ILE A 48 -2.99 2.41 9.46
CA ILE A 48 -2.02 1.61 8.74
C ILE A 48 -1.13 2.51 7.90
N LEU A 49 -1.70 3.50 7.22
CA LEU A 49 -0.90 4.38 6.37
C LEU A 49 0.14 5.13 7.17
N ALA A 50 -0.23 5.49 8.38
CA ALA A 50 0.66 6.23 9.26
C ALA A 50 1.80 5.36 9.78
N GLU A 51 1.49 4.15 10.24
CA GLU A 51 2.50 3.26 10.82
C GLU A 51 3.47 2.74 9.78
N THR A 52 2.92 2.22 8.70
CA THR A 52 3.72 1.59 7.66
C THR A 52 4.44 2.63 6.81
N GLY A 53 3.72 3.70 6.47
CA GLY A 53 4.29 4.73 5.65
C GLY A 53 4.20 4.25 4.23
N VAL A 54 3.36 3.25 4.02
CA VAL A 54 3.14 2.64 2.72
C VAL A 54 2.68 3.68 1.70
N GLY A 55 2.04 4.75 2.17
CA GLY A 55 1.62 5.82 1.28
C GLY A 55 2.81 6.48 0.62
N LYS A 56 3.92 6.56 1.34
CA LYS A 56 5.15 7.18 0.81
C LYS A 56 5.71 6.25 -0.26
N THR A 57 5.73 4.97 0.07
CA THR A 57 6.24 3.93 -0.83
C THR A 57 5.48 3.84 -2.15
N VAL A 58 4.18 3.75 -2.09
CA VAL A 58 3.35 3.60 -3.29
C VAL A 58 3.38 4.90 -4.12
N ASN A 59 3.46 6.04 -3.45
CA ASN A 59 3.54 7.31 -4.18
C ASN A 59 4.85 7.36 -4.95
N SER A 60 5.91 6.83 -4.37
CA SER A 60 7.21 6.77 -5.04
C SER A 60 7.15 5.79 -6.22
N LEU A 61 6.45 4.69 -6.03
CA LEU A 61 6.32 3.66 -7.07
C LEU A 61 5.55 4.17 -8.28
N ARG A 62 4.70 5.19 -8.11
CA ARG A 62 3.93 5.69 -9.25
C ARG A 62 4.79 6.39 -10.30
N LYS A 63 6.05 6.65 -9.98
CA LYS A 63 7.00 7.22 -10.95
C LYS A 63 7.46 6.13 -11.93
N HIS A 64 7.30 4.88 -11.57
CA HIS A 64 7.75 3.78 -12.43
C HIS A 64 6.78 3.70 -13.58
N GLU A 65 7.26 3.88 -14.79
CA GLU A 65 6.40 3.82 -15.98
C GLU A 65 5.69 2.48 -16.06
N HIS A 66 6.38 1.44 -15.61
CA HIS A 66 5.86 0.08 -15.63
C HIS A 66 4.56 -0.15 -14.85
N VAL A 67 4.45 0.39 -13.65
CA VAL A 67 3.30 0.12 -12.78
C VAL A 67 2.62 1.40 -12.28
N GLY A 68 3.09 2.53 -12.77
CA GLY A 68 2.61 3.83 -12.31
C GLY A 68 1.14 4.05 -12.51
N SER A 69 0.59 3.54 -13.61
CA SER A 69 -0.83 3.68 -13.88
C SER A 69 -1.68 3.09 -12.76
N PHE A 70 -1.27 1.95 -12.22
CA PHE A 70 -1.98 1.35 -11.10
C PHE A 70 -1.60 2.03 -9.77
N ALA A 71 -0.30 2.20 -9.52
CA ALA A 71 0.16 2.86 -8.31
C ALA A 71 -0.47 4.26 -8.07
N ARG A 72 -0.70 5.05 -9.10
CA ARG A 72 -1.31 6.37 -8.90
C ARG A 72 -2.76 6.24 -8.40
N ASP A 73 -3.44 5.18 -8.80
CA ASP A 73 -4.83 4.96 -8.37
C ASP A 73 -4.82 4.48 -6.93
N LEU A 74 -3.78 3.74 -6.59
CA LEU A 74 -3.56 3.26 -5.24
C LEU A 74 -3.39 4.46 -4.28
N VAL A 75 -2.72 5.50 -4.75
CA VAL A 75 -2.58 6.72 -3.95
C VAL A 75 -3.93 7.46 -3.89
N ALA A 76 -4.68 7.44 -4.98
CA ALA A 76 -5.95 8.14 -5.05
C ALA A 76 -6.99 7.52 -4.13
N GLN A 77 -7.02 6.20 -4.07
CA GLN A 77 -7.98 5.51 -3.21
C GLN A 77 -7.63 5.77 -1.73
N TRP A 78 -6.33 5.86 -1.44
CA TRP A 78 -5.88 6.09 -0.08
C TRP A 78 -6.14 7.53 0.36
N LYS A 79 -6.23 8.44 -0.60
CA LYS A 79 -6.56 9.83 -0.30
C LYS A 79 -7.94 9.97 0.29
N LYS A 80 -8.82 9.03 0.00
CA LYS A 80 -10.19 9.09 0.51
C LYS A 80 -10.27 8.67 1.97
N LEU A 81 -9.25 7.96 2.43
CA LEU A 81 -9.24 7.45 3.80
C LEU A 81 -8.86 8.55 4.77
N VAL A 82 -7.85 9.32 4.40
CA VAL A 82 -7.37 10.42 5.21
C VAL A 82 -8.32 11.59 4.97
N PRO A 83 -8.51 12.46 5.96
CA PRO A 83 -9.49 13.53 5.82
C PRO A 83 -9.12 14.61 4.79
N VAL A 84 -10.13 15.39 4.44
CA VAL A 84 -10.06 16.50 3.47
C VAL A 84 -9.57 16.10 2.08
N GLU A 85 -10.52 15.98 1.19
CA GLU A 85 -10.28 15.65 -0.20
C GLU A 85 -10.03 16.94 -0.98
N ARG A 86 -9.65 16.81 -2.25
CA ARG A 86 -9.38 17.98 -3.10
C ARG A 86 -10.42 18.00 -4.23
N ASN A 87 -11.62 17.58 -3.88
CA ASN A 87 -12.74 17.52 -4.80
C ASN A 87 -13.97 17.82 -3.95
N ALA A 88 -15.02 18.30 -4.60
CA ALA A 88 -16.26 18.74 -3.93
C ALA A 88 -15.94 19.92 -2.99
N GLY A 89 -16.85 20.20 -2.06
CA GLY A 89 -16.66 21.33 -1.18
C GLY A 89 -17.09 22.61 -1.86
N SER A 90 -16.75 23.74 -1.27
CA SER A 90 -17.13 25.08 -1.77
C SER A 90 -18.66 25.21 -1.89
N SER A 1 0.88 -8.15 21.89
CA SER A 1 0.07 -9.36 21.56
C SER A 1 0.43 -9.86 20.17
N ASN A 2 0.99 -11.07 20.09
CA ASN A 2 1.44 -11.63 18.80
C ASN A 2 0.49 -12.66 18.21
N ALA A 3 -0.71 -12.79 18.80
CA ALA A 3 -1.73 -13.74 18.33
C ALA A 3 -1.22 -15.19 18.21
N ALA A 4 -0.45 -15.62 19.20
CA ALA A 4 0.08 -16.98 19.21
C ALA A 4 -1.10 -17.97 19.25
N SER A 5 -0.97 -19.05 18.49
CA SER A 5 -1.97 -20.12 18.41
C SER A 5 -3.38 -19.64 18.05
N ALA A 6 -3.46 -18.58 17.26
CA ALA A 6 -4.74 -18.07 16.80
C ALA A 6 -5.19 -18.83 15.55
N MET A 7 -6.27 -18.37 14.94
CA MET A 7 -6.85 -18.99 13.75
C MET A 7 -6.99 -17.90 12.69
N ALA A 8 -7.61 -18.24 11.57
CA ALA A 8 -7.80 -17.33 10.43
C ALA A 8 -6.45 -16.93 9.80
N ALA A 9 -6.14 -15.64 9.74
CA ALA A 9 -4.90 -15.18 9.10
C ALA A 9 -4.45 -13.82 9.63
N GLU A 10 -3.36 -13.34 9.05
CA GLU A 10 -2.77 -12.07 9.37
C GLU A 10 -3.76 -10.92 9.20
N SER A 11 -3.68 -10.00 10.14
CA SER A 11 -4.47 -8.78 10.12
C SER A 11 -3.99 -7.90 8.97
N ALA A 12 -4.80 -6.96 8.51
CA ALA A 12 -4.41 -6.06 7.41
C ALA A 12 -3.05 -5.42 7.63
N LEU A 13 -2.78 -4.99 8.86
CA LEU A 13 -1.50 -4.37 9.17
C LEU A 13 -0.35 -5.36 9.02
N GLN A 14 -0.56 -6.58 9.45
CA GLN A 14 0.51 -7.55 9.32
C GLN A 14 0.79 -7.79 7.84
N VAL A 15 -0.26 -7.92 7.05
CA VAL A 15 -0.08 -8.19 5.62
C VAL A 15 0.61 -7.04 4.86
N VAL A 16 0.17 -5.80 5.06
CA VAL A 16 0.79 -4.64 4.39
C VAL A 16 2.29 -4.57 4.64
N GLU A 17 2.73 -4.89 5.85
CA GLU A 17 4.13 -4.72 6.22
C GLU A 17 5.02 -5.58 5.35
N LYS A 18 4.60 -6.82 5.18
CA LYS A 18 5.42 -7.83 4.49
C LYS A 18 5.50 -7.44 3.04
N LEU A 19 4.44 -6.87 2.53
CA LEU A 19 4.40 -6.47 1.13
C LEU A 19 5.26 -5.27 0.88
N GLN A 20 5.20 -4.28 1.75
CA GLN A 20 6.00 -3.07 1.56
C GLN A 20 7.48 -3.41 1.61
N ALA A 21 7.85 -4.36 2.45
CA ALA A 21 9.23 -4.84 2.49
C ALA A 21 9.59 -5.40 1.11
N ARG A 22 8.67 -6.14 0.49
CA ARG A 22 8.92 -6.71 -0.84
C ARG A 22 8.91 -5.64 -1.93
N LEU A 23 8.30 -4.49 -1.67
CA LEU A 23 8.30 -3.39 -2.64
C LEU A 23 9.66 -2.72 -2.68
N ALA A 24 10.27 -2.49 -1.52
CA ALA A 24 11.56 -1.83 -1.44
C ALA A 24 12.65 -2.71 -2.06
N ALA A 25 12.46 -4.02 -1.91
CA ALA A 25 13.37 -5.02 -2.47
C ALA A 25 12.93 -5.43 -3.88
N ASN A 26 12.22 -4.56 -4.57
CA ASN A 26 11.57 -4.85 -5.86
C ASN A 26 12.26 -5.92 -6.75
N PRO A 27 11.69 -7.13 -6.83
CA PRO A 27 12.23 -8.24 -7.62
C PRO A 27 11.88 -8.28 -9.11
N ASP A 28 10.83 -7.56 -9.48
CA ASP A 28 10.37 -7.48 -10.86
C ASP A 28 9.30 -6.41 -10.91
N PRO A 29 9.12 -5.72 -12.04
CA PRO A 29 8.01 -4.78 -12.11
C PRO A 29 6.69 -5.53 -12.25
N LYS A 30 6.79 -6.75 -12.76
CA LYS A 30 5.64 -7.65 -12.91
C LYS A 30 5.12 -8.00 -11.52
N LYS A 31 6.06 -8.23 -10.61
CA LYS A 31 5.75 -8.58 -9.23
C LYS A 31 5.29 -7.34 -8.49
N LEU A 32 5.84 -6.18 -8.83
CA LEU A 32 5.39 -4.92 -8.23
C LEU A 32 3.90 -4.71 -8.46
N LEU A 33 3.40 -4.98 -9.66
CA LEU A 33 1.98 -4.84 -9.92
C LEU A 33 1.17 -5.78 -9.04
N LYS A 34 1.65 -7.00 -8.86
CA LYS A 34 0.97 -7.98 -8.00
C LYS A 34 0.88 -7.45 -6.58
N TYR A 35 1.94 -6.81 -6.10
CA TYR A 35 1.93 -6.27 -4.74
C TYR A 35 0.92 -5.16 -4.60
N LEU A 36 0.88 -4.25 -5.57
CA LEU A 36 -0.05 -3.14 -5.52
C LEU A 36 -1.48 -3.66 -5.48
N LYS A 37 -1.78 -4.66 -6.30
CA LYS A 37 -3.11 -5.25 -6.33
C LYS A 37 -3.48 -5.87 -4.98
N LYS A 38 -2.49 -6.35 -4.23
CA LYS A 38 -2.75 -6.89 -2.91
C LYS A 38 -3.01 -5.74 -1.94
N LEU A 39 -2.29 -4.63 -2.06
CA LEU A 39 -2.47 -3.53 -1.13
C LEU A 39 -3.81 -2.85 -1.35
N SER A 40 -4.30 -2.88 -2.58
CA SER A 40 -5.59 -2.27 -2.89
C SER A 40 -6.79 -3.05 -2.37
N THR A 41 -6.59 -4.33 -2.04
CA THR A 41 -7.69 -5.18 -1.59
C THR A 41 -7.68 -5.43 -0.08
N LEU A 42 -6.68 -4.92 0.62
CA LEU A 42 -6.65 -5.04 2.07
C LEU A 42 -7.42 -3.85 2.60
N PRO A 43 -8.11 -4.00 3.74
CA PRO A 43 -8.79 -2.86 4.38
C PRO A 43 -7.77 -1.94 5.05
N ILE A 44 -7.17 -1.09 4.23
CA ILE A 44 -6.18 -0.13 4.68
C ILE A 44 -6.88 0.97 5.42
N THR A 45 -6.26 1.42 6.51
CA THR A 45 -6.81 2.48 7.29
C THR A 45 -5.77 3.57 7.45
N VAL A 46 -6.16 4.71 8.02
CA VAL A 46 -5.24 5.83 8.20
C VAL A 46 -4.13 5.43 9.17
N ASP A 47 -4.45 4.57 10.12
CA ASP A 47 -3.50 4.09 11.11
C ASP A 47 -2.45 3.25 10.40
N ILE A 48 -2.90 2.38 9.49
CA ILE A 48 -1.98 1.55 8.74
C ILE A 48 -1.07 2.42 7.90
N LEU A 49 -1.64 3.41 7.22
CA LEU A 49 -0.83 4.27 6.35
C LEU A 49 0.24 4.98 7.13
N ALA A 50 -0.10 5.38 8.35
CA ALA A 50 0.82 6.09 9.22
C ALA A 50 1.93 5.18 9.75
N GLU A 51 1.58 3.99 10.20
CA GLU A 51 2.56 3.07 10.81
C GLU A 51 3.52 2.50 9.78
N THR A 52 2.99 2.18 8.61
CA THR A 52 3.77 1.54 7.56
C THR A 52 4.51 2.57 6.72
N GLY A 53 3.83 3.65 6.38
CA GLY A 53 4.42 4.68 5.56
C GLY A 53 4.28 4.23 4.14
N VAL A 54 3.43 3.24 3.94
CA VAL A 54 3.19 2.62 2.64
C VAL A 54 2.70 3.66 1.63
N GLY A 55 2.03 4.71 2.12
CA GLY A 55 1.57 5.76 1.23
C GLY A 55 2.73 6.44 0.52
N LYS A 56 3.84 6.57 1.23
CA LYS A 56 5.04 7.23 0.68
C LYS A 56 5.64 6.29 -0.37
N THR A 57 5.69 5.01 -0.02
CA THR A 57 6.23 3.97 -0.90
C THR A 57 5.48 3.89 -2.21
N VAL A 58 4.16 3.77 -2.16
CA VAL A 58 3.37 3.62 -3.38
C VAL A 58 3.39 4.93 -4.18
N ASN A 59 3.43 6.06 -3.50
CA ASN A 59 3.54 7.35 -4.20
C ASN A 59 4.84 7.42 -5.02
N SER A 60 5.90 6.83 -4.51
CA SER A 60 7.17 6.78 -5.26
C SER A 60 7.03 5.82 -6.45
N LEU A 61 6.35 4.70 -6.23
CA LEU A 61 6.19 3.68 -7.28
C LEU A 61 5.35 4.20 -8.42
N ARG A 62 4.54 5.21 -8.18
CA ARG A 62 3.70 5.78 -9.24
C ARG A 62 4.53 6.48 -10.31
N LYS A 63 5.81 6.68 -10.04
CA LYS A 63 6.73 7.27 -11.02
C LYS A 63 7.26 6.23 -12.01
N HIS A 64 7.07 4.95 -11.72
CA HIS A 64 7.59 3.90 -12.59
C HIS A 64 6.65 3.78 -13.78
N GLU A 65 7.18 3.76 -14.99
CA GLU A 65 6.35 3.59 -16.19
C GLU A 65 5.56 2.28 -16.10
N HIS A 66 6.22 1.25 -15.61
CA HIS A 66 5.65 -0.10 -15.56
C HIS A 66 4.39 -0.28 -14.71
N VAL A 67 4.38 0.34 -13.55
CA VAL A 67 3.29 0.13 -12.59
C VAL A 67 2.63 1.42 -12.13
N GLY A 68 3.08 2.54 -12.67
CA GLY A 68 2.58 3.83 -12.25
C GLY A 68 1.11 4.03 -12.50
N SER A 69 0.61 3.46 -13.59
CA SER A 69 -0.80 3.59 -13.94
C SER A 69 -1.68 3.00 -12.82
N PHE A 70 -1.27 1.88 -12.25
CA PHE A 70 -1.99 1.30 -11.12
C PHE A 70 -1.66 2.01 -9.79
N ALA A 71 -0.37 2.19 -9.50
CA ALA A 71 0.07 2.88 -8.28
C ALA A 71 -0.56 4.26 -8.05
N ARG A 72 -0.78 5.06 -9.10
CA ARG A 72 -1.41 6.37 -8.90
C ARG A 72 -2.85 6.23 -8.42
N ASP A 73 -3.50 5.13 -8.79
CA ASP A 73 -4.88 4.88 -8.37
C ASP A 73 -4.87 4.44 -6.93
N LEU A 74 -3.83 3.72 -6.55
CA LEU A 74 -3.64 3.26 -5.19
C LEU A 74 -3.52 4.45 -4.25
N VAL A 75 -2.76 5.45 -4.67
CA VAL A 75 -2.60 6.68 -3.86
C VAL A 75 -3.94 7.40 -3.81
N ALA A 76 -4.66 7.42 -4.93
CA ALA A 76 -5.95 8.09 -4.99
C ALA A 76 -6.97 7.42 -4.06
N GLN A 77 -6.98 6.09 -4.00
CA GLN A 77 -7.90 5.37 -3.13
C GLN A 77 -7.54 5.65 -1.67
N TRP A 78 -6.25 5.77 -1.37
CA TRP A 78 -5.80 6.03 0.00
C TRP A 78 -6.08 7.46 0.44
N LYS A 79 -6.14 8.39 -0.51
CA LYS A 79 -6.44 9.78 -0.18
C LYS A 79 -7.87 9.93 0.30
N LYS A 80 -8.72 8.97 -0.03
CA LYS A 80 -10.12 8.99 0.40
C LYS A 80 -10.26 8.56 1.86
N LEU A 81 -9.23 7.94 2.40
CA LEU A 81 -9.28 7.42 3.77
C LEU A 81 -8.93 8.50 4.77
N VAL A 82 -7.99 9.35 4.38
CA VAL A 82 -7.51 10.42 5.23
C VAL A 82 -8.33 11.67 4.95
N PRO A 83 -8.38 12.60 5.91
CA PRO A 83 -9.07 13.89 5.75
C PRO A 83 -8.65 14.70 4.52
N VAL A 84 -9.54 15.59 4.12
CA VAL A 84 -9.26 16.55 3.05
C VAL A 84 -8.24 17.51 3.66
N GLU A 85 -7.24 17.89 2.88
CA GLU A 85 -6.17 18.75 3.37
C GLU A 85 -6.11 20.01 2.51
N ARG A 86 -5.62 21.10 3.08
CA ARG A 86 -5.43 22.35 2.36
C ARG A 86 -4.15 22.96 2.86
N ASN A 87 -3.14 22.96 2.01
CA ASN A 87 -1.81 23.45 2.38
C ASN A 87 -1.59 24.80 1.71
N ALA A 88 -2.10 25.85 2.35
CA ALA A 88 -2.00 27.24 1.86
C ALA A 88 -2.56 27.38 0.43
N GLY A 89 -3.64 26.65 0.16
CA GLY A 89 -4.26 26.71 -1.15
C GLY A 89 -5.65 26.09 -1.11
N SER A 90 -6.28 26.00 -2.27
CA SER A 90 -7.63 25.45 -2.41
C SER A 90 -7.62 23.93 -2.35
N SER A 1 7.25 -3.07 18.21
CA SER A 1 8.38 -4.01 18.49
C SER A 1 9.06 -4.39 17.18
N ASN A 2 8.54 -5.41 16.51
CA ASN A 2 8.93 -5.76 15.14
C ASN A 2 10.43 -6.04 14.93
N ALA A 3 11.11 -6.54 15.96
CA ALA A 3 12.53 -6.88 15.85
C ALA A 3 12.73 -8.07 14.90
N ALA A 4 11.65 -8.83 14.74
CA ALA A 4 11.60 -9.97 13.85
C ALA A 4 10.11 -10.07 13.54
N SER A 5 9.74 -10.90 12.57
CA SER A 5 8.34 -11.08 12.21
C SER A 5 8.14 -12.52 11.76
N ALA A 6 6.90 -12.97 11.80
CA ALA A 6 6.53 -14.33 11.42
C ALA A 6 5.06 -14.23 11.04
N MET A 7 4.45 -15.37 10.71
CA MET A 7 3.03 -15.48 10.32
C MET A 7 2.66 -14.66 9.08
N ALA A 8 1.39 -14.75 8.68
CA ALA A 8 0.84 -14.05 7.52
C ALA A 8 -0.67 -14.07 7.72
N ALA A 9 -1.39 -13.21 6.98
CA ALA A 9 -2.88 -13.14 6.96
C ALA A 9 -3.53 -12.67 8.26
N GLU A 10 -2.71 -12.19 9.18
CA GLU A 10 -3.15 -11.85 10.54
C GLU A 10 -4.11 -10.70 10.65
N SER A 11 -3.64 -9.62 10.11
CA SER A 11 -4.40 -8.38 10.03
C SER A 11 -3.97 -7.67 8.77
N ALA A 12 -4.77 -6.73 8.31
CA ALA A 12 -4.44 -5.97 7.10
C ALA A 12 -3.11 -5.26 7.28
N LEU A 13 -2.84 -4.77 8.48
CA LEU A 13 -1.58 -4.11 8.76
C LEU A 13 -0.43 -5.05 8.51
N GLN A 14 -0.47 -6.20 9.18
CA GLN A 14 0.64 -7.15 9.11
C GLN A 14 0.90 -7.58 7.69
N VAL A 15 -0.16 -7.81 6.95
CA VAL A 15 0.00 -8.24 5.57
C VAL A 15 0.65 -7.13 4.77
N VAL A 16 0.17 -5.89 4.91
CA VAL A 16 0.75 -4.75 4.20
C VAL A 16 2.20 -4.57 4.59
N GLU A 17 2.52 -4.70 5.87
CA GLU A 17 3.88 -4.46 6.31
C GLU A 17 4.87 -5.39 5.62
N LYS A 18 4.50 -6.65 5.57
CA LYS A 18 5.38 -7.71 5.07
C LYS A 18 5.52 -7.58 3.59
N LEU A 19 4.45 -7.16 2.97
CA LEU A 19 4.33 -6.97 1.56
C LEU A 19 5.10 -5.71 1.09
N GLN A 20 5.08 -4.65 1.90
CA GLN A 20 5.81 -3.42 1.60
C GLN A 20 7.32 -3.61 1.58
N ALA A 21 7.84 -4.47 2.44
CA ALA A 21 9.28 -4.75 2.45
C ALA A 21 9.72 -5.26 1.07
N ARG A 22 8.83 -5.99 0.42
CA ARG A 22 9.11 -6.58 -0.90
C ARG A 22 9.10 -5.54 -2.00
N LEU A 23 8.45 -4.41 -1.73
CA LEU A 23 8.41 -3.30 -2.68
C LEU A 23 9.72 -2.56 -2.70
N ALA A 24 10.35 -2.45 -1.53
CA ALA A 24 11.64 -1.79 -1.43
C ALA A 24 12.66 -2.66 -2.17
N ALA A 25 12.57 -3.96 -1.92
CA ALA A 25 13.42 -4.97 -2.55
C ALA A 25 12.91 -5.36 -3.95
N ASN A 26 12.18 -4.46 -4.61
CA ASN A 26 11.51 -4.72 -5.90
C ASN A 26 12.23 -5.73 -6.85
N PRO A 27 11.69 -6.95 -6.96
CA PRO A 27 12.27 -8.01 -7.82
C PRO A 27 11.89 -8.00 -9.30
N ASP A 28 10.78 -7.36 -9.63
CA ASP A 28 10.27 -7.30 -11.01
C ASP A 28 9.15 -6.29 -11.05
N PRO A 29 8.93 -5.61 -12.18
CA PRO A 29 7.76 -4.73 -12.26
C PRO A 29 6.49 -5.57 -12.37
N LYS A 30 6.67 -6.80 -12.86
CA LYS A 30 5.58 -7.75 -13.00
C LYS A 30 5.06 -8.09 -11.59
N LYS A 31 6.02 -8.27 -10.69
CA LYS A 31 5.74 -8.61 -9.31
C LYS A 31 5.25 -7.38 -8.55
N LEU A 32 5.78 -6.21 -8.89
CA LEU A 32 5.33 -4.95 -8.27
C LEU A 32 3.83 -4.74 -8.48
N LEU A 33 3.31 -5.00 -9.67
CA LEU A 33 1.87 -4.85 -9.90
C LEU A 33 1.08 -5.81 -9.00
N LYS A 34 1.57 -7.03 -8.86
CA LYS A 34 0.93 -8.03 -7.99
C LYS A 34 0.89 -7.52 -6.56
N TYR A 35 1.96 -6.88 -6.12
CA TYR A 35 2.01 -6.34 -4.77
C TYR A 35 1.02 -5.20 -4.56
N LEU A 36 0.96 -4.29 -5.53
CA LEU A 36 0.07 -3.14 -5.42
C LEU A 36 -1.36 -3.63 -5.27
N LYS A 37 -1.75 -4.59 -6.09
CA LYS A 37 -3.10 -5.16 -6.03
C LYS A 37 -3.39 -5.79 -4.68
N LYS A 38 -2.36 -6.30 -4.01
CA LYS A 38 -2.54 -6.88 -2.69
C LYS A 38 -2.73 -5.78 -1.62
N LEU A 39 -2.02 -4.66 -1.69
CA LEU A 39 -2.21 -3.58 -0.71
C LEU A 39 -3.64 -3.03 -0.89
N SER A 40 -4.07 -2.93 -2.15
CA SER A 40 -5.40 -2.37 -2.47
C SER A 40 -6.59 -3.23 -2.11
N THR A 41 -6.39 -4.54 -1.97
CA THR A 41 -7.51 -5.46 -1.68
C THR A 41 -7.67 -5.70 -0.18
N LEU A 42 -6.82 -5.07 0.62
CA LEU A 42 -6.90 -5.18 2.07
C LEU A 42 -7.61 -3.93 2.56
N PRO A 43 -8.32 -4.01 3.69
CA PRO A 43 -8.95 -2.81 4.25
C PRO A 43 -7.89 -1.88 4.88
N ILE A 44 -7.37 -0.99 4.06
CA ILE A 44 -6.37 -0.01 4.49
C ILE A 44 -7.04 1.08 5.27
N THR A 45 -6.41 1.45 6.37
CA THR A 45 -6.91 2.53 7.19
C THR A 45 -5.81 3.56 7.35
N VAL A 46 -6.13 4.72 7.90
CA VAL A 46 -5.13 5.77 8.08
C VAL A 46 -4.06 5.31 9.08
N ASP A 47 -4.45 4.46 10.02
CA ASP A 47 -3.53 3.93 11.01
C ASP A 47 -2.49 3.08 10.30
N ILE A 48 -2.95 2.26 9.37
CA ILE A 48 -2.04 1.41 8.61
C ILE A 48 -1.12 2.30 7.79
N LEU A 49 -1.67 3.30 7.12
CA LEU A 49 -0.85 4.16 6.27
C LEU A 49 0.25 4.85 7.07
N ALA A 50 -0.09 5.24 8.28
CA ALA A 50 0.84 5.92 9.15
C ALA A 50 1.95 4.99 9.68
N GLU A 51 1.57 3.79 10.12
CA GLU A 51 2.55 2.89 10.74
C GLU A 51 3.48 2.28 9.71
N THR A 52 2.92 1.91 8.57
CA THR A 52 3.67 1.25 7.52
C THR A 52 4.43 2.27 6.69
N GLY A 53 3.77 3.39 6.40
CA GLY A 53 4.39 4.42 5.62
C GLY A 53 4.26 4.03 4.17
N VAL A 54 3.36 3.09 3.94
CA VAL A 54 3.12 2.53 2.63
C VAL A 54 2.66 3.61 1.64
N GLY A 55 2.02 4.65 2.15
CA GLY A 55 1.60 5.76 1.30
C GLY A 55 2.80 6.42 0.64
N LYS A 56 3.91 6.47 1.36
CA LYS A 56 5.13 7.10 0.86
C LYS A 56 5.70 6.20 -0.23
N THR A 57 5.68 4.91 0.05
CA THR A 57 6.18 3.89 -0.86
C THR A 57 5.43 3.85 -2.20
N VAL A 58 4.11 3.80 -2.16
CA VAL A 58 3.34 3.72 -3.40
C VAL A 58 3.39 5.04 -4.17
N ASN A 59 3.44 6.17 -3.46
CA ASN A 59 3.54 7.47 -4.11
C ASN A 59 4.87 7.57 -4.85
N SER A 60 5.89 6.91 -4.32
CA SER A 60 7.17 6.83 -4.99
C SER A 60 7.10 5.89 -6.21
N LEU A 61 6.45 4.76 -6.03
CA LEU A 61 6.33 3.73 -7.09
C LEU A 61 5.59 4.20 -8.33
N ARG A 62 4.69 5.16 -8.19
CA ARG A 62 3.93 5.63 -9.35
C ARG A 62 4.77 6.37 -10.37
N LYS A 63 6.03 6.65 -10.04
CA LYS A 63 6.95 7.28 -10.98
C LYS A 63 7.37 6.30 -12.07
N HIS A 64 7.23 5.01 -11.81
CA HIS A 64 7.60 4.00 -12.79
C HIS A 64 6.47 3.94 -13.80
N GLU A 65 6.76 4.07 -15.08
CA GLU A 65 5.72 4.07 -16.10
C GLU A 65 4.97 2.73 -16.14
N HIS A 66 5.68 1.64 -15.86
CA HIS A 66 5.08 0.32 -15.99
C HIS A 66 4.05 -0.06 -14.94
N VAL A 67 4.26 0.40 -13.71
CA VAL A 67 3.31 0.11 -12.62
C VAL A 67 2.59 1.36 -12.15
N GLY A 68 2.99 2.50 -12.68
CA GLY A 68 2.44 3.77 -12.26
C GLY A 68 0.97 3.93 -12.50
N SER A 69 0.47 3.39 -13.61
CA SER A 69 -0.95 3.49 -13.92
C SER A 69 -1.81 2.93 -12.80
N PHE A 70 -1.40 1.80 -12.22
CA PHE A 70 -2.10 1.25 -11.07
C PHE A 70 -1.72 1.96 -9.76
N ALA A 71 -0.42 2.12 -9.50
CA ALA A 71 0.06 2.80 -8.29
C ALA A 71 -0.55 4.19 -8.05
N ARG A 72 -0.77 4.99 -9.08
CA ARG A 72 -1.40 6.31 -8.89
C ARG A 72 -2.82 6.16 -8.38
N ASP A 73 -3.50 5.09 -8.76
CA ASP A 73 -4.87 4.84 -8.33
C ASP A 73 -4.86 4.37 -6.88
N LEU A 74 -3.81 3.66 -6.51
CA LEU A 74 -3.63 3.22 -5.13
C LEU A 74 -3.55 4.45 -4.22
N VAL A 75 -2.80 5.45 -4.67
CA VAL A 75 -2.67 6.70 -3.90
C VAL A 75 -4.03 7.41 -3.93
N ALA A 76 -4.73 7.36 -5.06
CA ALA A 76 -6.03 8.01 -5.18
C ALA A 76 -7.08 7.36 -4.25
N GLN A 77 -6.99 6.05 -4.04
CA GLN A 77 -7.92 5.37 -3.14
C GLN A 77 -7.55 5.73 -1.69
N TRP A 78 -6.27 5.87 -1.40
CA TRP A 78 -5.81 6.23 -0.06
C TRP A 78 -6.07 7.69 0.28
N LYS A 79 -6.22 8.51 -0.76
CA LYS A 79 -6.52 9.94 -0.58
C LYS A 79 -7.91 10.11 0.00
N LYS A 80 -8.77 9.12 -0.20
CA LYS A 80 -10.13 9.15 0.33
C LYS A 80 -10.19 8.82 1.81
N LEU A 81 -9.09 8.30 2.36
CA LEU A 81 -9.06 7.86 3.75
C LEU A 81 -8.51 8.93 4.67
N VAL A 82 -7.46 9.60 4.20
CA VAL A 82 -6.77 10.60 4.98
C VAL A 82 -7.61 11.88 5.10
N PRO A 83 -7.41 12.65 6.17
CA PRO A 83 -8.14 13.90 6.30
C PRO A 83 -7.60 14.93 5.33
N VAL A 84 -8.38 15.98 5.09
CA VAL A 84 -8.00 17.01 4.12
C VAL A 84 -7.87 18.35 4.83
N GLU A 85 -6.78 19.05 4.56
CA GLU A 85 -6.52 20.37 5.12
C GLU A 85 -6.34 21.34 3.98
N ARG A 86 -6.34 22.63 4.30
CA ARG A 86 -6.11 23.69 3.32
C ARG A 86 -4.73 23.49 2.69
N ASN A 87 -4.65 23.57 1.38
CA ASN A 87 -3.40 23.41 0.65
C ASN A 87 -3.59 23.95 -0.75
N ALA A 88 -2.50 24.29 -1.42
CA ALA A 88 -2.55 24.72 -2.81
C ALA A 88 -2.56 23.45 -3.66
N GLY A 89 -3.05 23.55 -4.89
CA GLY A 89 -3.07 22.39 -5.77
C GLY A 89 -3.53 22.79 -7.15
N SER A 90 -3.49 21.84 -8.07
CA SER A 90 -3.90 22.02 -9.45
C SER A 90 -4.14 20.60 -9.93
N SER A 1 -1.15 -25.97 27.42
CA SER A 1 -2.44 -25.54 26.81
C SER A 1 -2.41 -25.71 25.31
N ASN A 2 -1.60 -24.90 24.62
CA ASN A 2 -1.33 -25.03 23.19
C ASN A 2 -2.60 -24.94 22.33
N ALA A 3 -3.56 -24.14 22.79
CA ALA A 3 -4.80 -23.93 22.07
C ALA A 3 -5.03 -22.43 21.96
N ALA A 4 -5.38 -21.96 20.77
CA ALA A 4 -5.64 -20.55 20.51
C ALA A 4 -6.51 -20.54 19.25
N SER A 5 -7.18 -19.43 18.98
CA SER A 5 -8.03 -19.32 17.79
C SER A 5 -8.14 -17.89 17.27
N ALA A 6 -8.47 -16.95 18.16
CA ALA A 6 -8.64 -15.55 17.78
C ALA A 6 -7.35 -14.91 17.19
N MET A 7 -6.20 -15.48 17.51
CA MET A 7 -4.91 -14.96 17.04
C MET A 7 -4.29 -15.91 16.00
N ALA A 8 -5.11 -16.74 15.38
CA ALA A 8 -4.62 -17.69 14.38
C ALA A 8 -4.52 -17.06 12.98
N ALA A 9 -4.82 -15.77 12.88
CA ALA A 9 -4.75 -15.05 11.60
C ALA A 9 -4.07 -13.72 11.81
N GLU A 10 -3.56 -13.14 10.73
CA GLU A 10 -2.86 -11.88 10.78
C GLU A 10 -3.79 -10.76 10.35
N SER A 11 -3.49 -9.57 10.85
CA SER A 11 -4.27 -8.37 10.58
C SER A 11 -3.88 -7.78 9.22
N ALA A 12 -4.75 -6.95 8.65
CA ALA A 12 -4.49 -6.30 7.36
C ALA A 12 -3.19 -5.50 7.40
N LEU A 13 -2.91 -4.93 8.56
CA LEU A 13 -1.68 -4.18 8.80
C LEU A 13 -0.48 -5.05 8.47
N GLN A 14 -0.48 -6.26 9.01
CA GLN A 14 0.65 -7.15 8.90
C GLN A 14 0.83 -7.67 7.49
N VAL A 15 -0.27 -7.88 6.78
CA VAL A 15 -0.19 -8.35 5.41
C VAL A 15 0.50 -7.27 4.57
N VAL A 16 0.05 -6.02 4.74
CA VAL A 16 0.64 -4.88 4.04
C VAL A 16 2.09 -4.68 4.42
N GLU A 17 2.43 -4.85 5.69
CA GLU A 17 3.80 -4.63 6.11
C GLU A 17 4.75 -5.52 5.32
N LYS A 18 4.35 -6.78 5.24
CA LYS A 18 5.16 -7.81 4.60
C LYS A 18 5.28 -7.52 3.13
N LEU A 19 4.25 -6.92 2.56
CA LEU A 19 4.29 -6.55 1.15
C LEU A 19 5.19 -5.36 0.93
N GLN A 20 5.17 -4.37 1.80
CA GLN A 20 6.00 -3.17 1.63
C GLN A 20 7.47 -3.56 1.61
N ALA A 21 7.84 -4.50 2.47
CA ALA A 21 9.21 -5.01 2.46
C ALA A 21 9.57 -5.53 1.06
N ARG A 22 8.63 -6.19 0.40
CA ARG A 22 8.87 -6.70 -0.96
C ARG A 22 8.89 -5.59 -2.01
N LEU A 23 8.27 -4.45 -1.69
CA LEU A 23 8.28 -3.29 -2.59
C LEU A 23 9.60 -2.57 -2.55
N ALA A 24 10.14 -2.38 -1.35
CA ALA A 24 11.41 -1.67 -1.17
C ALA A 24 12.55 -2.46 -1.80
N ALA A 25 12.45 -3.78 -1.71
CA ALA A 25 13.41 -4.71 -2.28
C ALA A 25 13.03 -5.08 -3.72
N ASN A 26 12.29 -4.20 -4.39
CA ASN A 26 11.68 -4.45 -5.71
C ASN A 26 12.40 -5.50 -6.60
N PRO A 27 11.83 -6.73 -6.68
CA PRO A 27 12.43 -7.81 -7.46
C PRO A 27 12.10 -7.83 -8.96
N ASP A 28 11.01 -7.20 -9.35
CA ASP A 28 10.57 -7.15 -10.75
C ASP A 28 9.36 -6.23 -10.80
N PRO A 29 9.12 -5.56 -11.93
CA PRO A 29 7.98 -4.66 -12.05
C PRO A 29 6.64 -5.39 -12.14
N LYS A 30 6.66 -6.62 -12.64
CA LYS A 30 5.44 -7.42 -12.74
C LYS A 30 5.02 -7.80 -11.34
N LYS A 31 6.03 -8.08 -10.51
CA LYS A 31 5.80 -8.45 -9.13
C LYS A 31 5.33 -7.22 -8.35
N LEU A 32 5.83 -6.04 -8.69
CA LEU A 32 5.38 -4.80 -8.05
C LEU A 32 3.89 -4.59 -8.25
N LEU A 33 3.38 -4.83 -9.45
CA LEU A 33 1.94 -4.69 -9.70
C LEU A 33 1.16 -5.68 -8.85
N LYS A 34 1.67 -6.90 -8.73
CA LYS A 34 1.03 -7.92 -7.91
C LYS A 34 0.94 -7.46 -6.45
N TYR A 35 2.00 -6.85 -5.96
CA TYR A 35 2.00 -6.36 -4.58
C TYR A 35 0.99 -5.24 -4.42
N LEU A 36 0.97 -4.31 -5.36
CA LEU A 36 0.05 -3.18 -5.32
C LEU A 36 -1.39 -3.68 -5.25
N LYS A 37 -1.74 -4.65 -6.09
CA LYS A 37 -3.08 -5.23 -6.11
C LYS A 37 -3.44 -5.86 -4.75
N LYS A 38 -2.45 -6.38 -4.04
CA LYS A 38 -2.71 -6.94 -2.72
C LYS A 38 -2.94 -5.84 -1.68
N LEU A 39 -2.23 -4.71 -1.77
CA LEU A 39 -2.43 -3.62 -0.80
C LEU A 39 -3.85 -3.09 -1.02
N SER A 40 -4.26 -2.99 -2.28
CA SER A 40 -5.56 -2.42 -2.64
C SER A 40 -6.77 -3.26 -2.24
N THR A 41 -6.59 -4.56 -2.04
CA THR A 41 -7.71 -5.45 -1.71
C THR A 41 -7.86 -5.67 -0.21
N LEU A 42 -6.98 -5.08 0.58
CA LEU A 42 -7.04 -5.18 2.02
C LEU A 42 -7.74 -3.92 2.54
N PRO A 43 -8.43 -4.02 3.69
CA PRO A 43 -9.07 -2.84 4.28
C PRO A 43 -8.03 -1.88 4.88
N ILE A 44 -7.51 -0.98 4.06
CA ILE A 44 -6.51 -0.03 4.48
C ILE A 44 -7.14 1.10 5.29
N THR A 45 -6.47 1.44 6.38
CA THR A 45 -6.89 2.54 7.21
C THR A 45 -5.73 3.51 7.34
N VAL A 46 -5.98 4.71 7.86
CA VAL A 46 -4.92 5.68 8.04
C VAL A 46 -3.89 5.18 9.05
N ASP A 47 -4.35 4.35 9.98
CA ASP A 47 -3.50 3.73 10.98
C ASP A 47 -2.49 2.83 10.27
N ILE A 48 -2.97 2.03 9.33
CA ILE A 48 -2.08 1.15 8.59
C ILE A 48 -1.11 1.99 7.77
N LEU A 49 -1.62 3.02 7.09
CA LEU A 49 -0.76 3.84 6.22
C LEU A 49 0.38 4.46 6.98
N ALA A 50 0.10 4.89 8.19
CA ALA A 50 1.08 5.56 9.02
C ALA A 50 2.23 4.64 9.42
N GLU A 51 1.91 3.43 9.87
CA GLU A 51 2.95 2.53 10.37
C GLU A 51 3.73 1.87 9.24
N THR A 52 3.03 1.55 8.17
CA THR A 52 3.66 0.87 7.05
C THR A 52 4.45 1.83 6.18
N GLY A 53 3.96 3.05 6.01
CA GLY A 53 4.74 4.09 5.34
C GLY A 53 4.54 3.96 3.86
N VAL A 54 3.68 3.01 3.54
CA VAL A 54 3.30 2.69 2.18
C VAL A 54 2.77 3.88 1.40
N GLY A 55 2.18 4.87 2.07
CA GLY A 55 1.70 6.04 1.36
C GLY A 55 2.83 6.69 0.60
N LYS A 56 4.02 6.67 1.18
CA LYS A 56 5.21 7.26 0.56
C LYS A 56 5.75 6.29 -0.49
N THR A 57 5.76 5.01 -0.14
CA THR A 57 6.25 3.96 -1.02
C THR A 57 5.49 3.87 -2.35
N VAL A 58 4.18 3.71 -2.29
CA VAL A 58 3.40 3.60 -3.53
C VAL A 58 3.40 4.93 -4.29
N ASN A 59 3.43 6.05 -3.59
CA ASN A 59 3.52 7.35 -4.25
C ASN A 59 4.80 7.43 -5.10
N SER A 60 5.91 6.91 -4.59
CA SER A 60 7.17 6.90 -5.34
C SER A 60 7.03 5.99 -6.56
N LEU A 61 6.36 4.86 -6.38
CA LEU A 61 6.14 3.88 -7.44
C LEU A 61 5.34 4.43 -8.62
N ARG A 62 4.63 5.54 -8.45
CA ARG A 62 3.93 6.18 -9.57
C ARG A 62 4.90 6.52 -10.70
N LYS A 63 6.15 6.80 -10.34
CA LYS A 63 7.18 7.18 -11.32
C LYS A 63 7.75 5.97 -12.05
N HIS A 64 7.40 4.77 -11.60
CA HIS A 64 7.88 3.55 -12.21
C HIS A 64 6.87 3.24 -13.31
N GLU A 65 7.20 3.65 -14.53
CA GLU A 65 6.31 3.55 -15.70
C GLU A 65 5.54 2.22 -15.84
N HIS A 66 6.18 1.13 -15.46
CA HIS A 66 5.58 -0.20 -15.57
C HIS A 66 4.28 -0.35 -14.77
N VAL A 67 4.23 0.28 -13.61
CA VAL A 67 3.12 0.12 -12.67
C VAL A 67 2.50 1.43 -12.25
N GLY A 68 3.07 2.53 -12.69
CA GLY A 68 2.60 3.86 -12.32
C GLY A 68 1.12 4.10 -12.54
N SER A 69 0.57 3.54 -13.61
CA SER A 69 -0.86 3.71 -13.91
C SER A 69 -1.73 3.13 -12.79
N PHE A 70 -1.37 1.98 -12.26
CA PHE A 70 -2.10 1.40 -11.14
C PHE A 70 -1.71 2.06 -9.82
N ALA A 71 -0.45 2.45 -9.70
CA ALA A 71 0.06 3.06 -8.48
C ALA A 71 -0.65 4.38 -8.16
N ARG A 72 -1.00 5.16 -9.18
CA ARG A 72 -1.71 6.42 -8.93
C ARG A 72 -3.12 6.14 -8.39
N ASP A 73 -3.72 5.03 -8.77
CA ASP A 73 -5.05 4.67 -8.26
C ASP A 73 -4.93 4.24 -6.81
N LEU A 74 -3.83 3.58 -6.49
CA LEU A 74 -3.57 3.15 -5.12
C LEU A 74 -3.48 4.38 -4.20
N VAL A 75 -2.79 5.40 -4.67
CA VAL A 75 -2.65 6.63 -3.91
C VAL A 75 -4.01 7.34 -3.83
N ALA A 76 -4.78 7.29 -4.91
CA ALA A 76 -6.10 7.93 -4.92
C ALA A 76 -7.06 7.25 -3.93
N GLN A 77 -7.02 5.93 -3.86
CA GLN A 77 -7.88 5.18 -2.93
C GLN A 77 -7.50 5.51 -1.49
N TRP A 78 -6.24 5.83 -1.27
CA TRP A 78 -5.73 6.21 0.05
C TRP A 78 -5.97 7.68 0.39
N LYS A 79 -6.10 8.51 -0.63
CA LYS A 79 -6.29 9.95 -0.44
C LYS A 79 -7.60 10.23 0.23
N LYS A 80 -8.59 9.42 -0.07
CA LYS A 80 -9.93 9.62 0.51
C LYS A 80 -10.01 9.11 1.95
N LEU A 81 -8.93 8.52 2.46
CA LEU A 81 -8.92 7.99 3.81
C LEU A 81 -8.39 9.05 4.77
N VAL A 82 -7.46 9.86 4.28
CA VAL A 82 -6.83 10.90 5.08
C VAL A 82 -7.65 12.18 4.92
N PRO A 83 -7.62 13.06 5.94
CA PRO A 83 -8.38 14.29 5.81
C PRO A 83 -7.72 15.28 4.84
N VAL A 84 -8.57 16.02 4.14
CA VAL A 84 -8.18 17.06 3.16
C VAL A 84 -7.37 16.53 1.95
N GLU A 85 -8.00 16.62 0.80
CA GLU A 85 -7.42 16.14 -0.45
C GLU A 85 -6.51 17.16 -1.15
N ARG A 86 -6.44 18.36 -0.58
CA ARG A 86 -5.65 19.44 -1.18
C ARG A 86 -4.16 19.32 -0.83
N ASN A 87 -3.50 18.37 -1.49
CA ASN A 87 -2.07 18.13 -1.29
C ASN A 87 -1.19 19.32 -1.72
N ALA A 88 -1.76 20.21 -2.54
CA ALA A 88 -1.06 21.41 -3.05
C ALA A 88 0.23 21.06 -3.81
N GLY A 89 0.27 19.86 -4.35
CA GLY A 89 1.42 19.39 -5.10
C GLY A 89 1.00 18.06 -5.68
N SER A 90 1.87 17.41 -6.44
CA SER A 90 1.56 16.12 -7.06
C SER A 90 2.85 15.34 -7.24
N SER A 1 12.32 -15.20 9.96
CA SER A 1 11.50 -16.27 9.36
C SER A 1 12.08 -16.73 8.02
N ASN A 2 12.13 -15.80 7.07
CA ASN A 2 12.63 -16.04 5.69
C ASN A 2 11.58 -16.90 4.97
N ALA A 3 11.54 -18.19 5.27
CA ALA A 3 10.47 -19.03 4.80
C ALA A 3 9.25 -18.57 5.62
N ALA A 4 8.06 -18.67 5.05
CA ALA A 4 6.82 -18.28 5.73
C ALA A 4 6.88 -16.88 6.39
N SER A 5 7.47 -15.92 5.68
CA SER A 5 7.57 -14.53 6.19
C SER A 5 6.20 -13.83 6.16
N ALA A 6 5.22 -14.48 5.54
CA ALA A 6 3.84 -14.05 5.52
C ALA A 6 3.11 -15.32 5.16
N MET A 7 1.81 -15.36 5.41
CA MET A 7 1.01 -16.55 5.22
C MET A 7 -0.44 -16.17 4.92
N ALA A 8 -1.37 -17.10 5.14
CA ALA A 8 -2.79 -16.84 4.95
C ALA A 8 -3.29 -16.01 6.15
N ALA A 9 -4.49 -15.47 6.01
CA ALA A 9 -5.12 -14.64 7.06
C ALA A 9 -4.28 -13.40 7.35
N GLU A 10 -3.82 -13.31 8.59
CA GLU A 10 -3.05 -12.17 9.15
C GLU A 10 -3.88 -10.87 9.17
N SER A 11 -3.55 -9.96 10.09
CA SER A 11 -4.24 -8.68 10.16
C SER A 11 -3.81 -7.86 8.94
N ALA A 12 -4.66 -6.96 8.48
CA ALA A 12 -4.36 -6.15 7.29
C ALA A 12 -3.01 -5.43 7.41
N LEU A 13 -2.69 -4.93 8.59
CA LEU A 13 -1.40 -4.29 8.82
C LEU A 13 -0.28 -5.26 8.52
N GLN A 14 -0.34 -6.44 9.13
CA GLN A 14 0.73 -7.41 9.01
C GLN A 14 0.98 -7.78 7.55
N VAL A 15 -0.09 -7.92 6.79
CA VAL A 15 0.03 -8.31 5.38
C VAL A 15 0.69 -7.18 4.58
N VAL A 16 0.19 -5.96 4.72
CA VAL A 16 0.75 -4.80 4.01
C VAL A 16 2.20 -4.61 4.35
N GLU A 17 2.50 -4.78 5.63
CA GLU A 17 3.84 -4.59 6.14
C GLU A 17 4.87 -5.37 5.33
N LYS A 18 4.59 -6.65 5.13
CA LYS A 18 5.54 -7.54 4.48
C LYS A 18 5.63 -7.23 3.02
N LEU A 19 4.51 -6.84 2.44
CA LEU A 19 4.48 -6.50 1.02
C LEU A 19 5.32 -5.29 0.76
N GLN A 20 5.23 -4.29 1.62
CA GLN A 20 6.00 -3.06 1.44
C GLN A 20 7.48 -3.36 1.49
N ALA A 21 7.89 -4.28 2.35
CA ALA A 21 9.29 -4.70 2.38
C ALA A 21 9.66 -5.30 1.02
N ARG A 22 8.75 -6.06 0.41
CA ARG A 22 9.00 -6.66 -0.91
C ARG A 22 8.98 -5.60 -2.03
N LEU A 23 8.33 -4.47 -1.77
CA LEU A 23 8.29 -3.38 -2.76
C LEU A 23 9.63 -2.67 -2.83
N ALA A 24 10.23 -2.42 -1.68
CA ALA A 24 11.52 -1.74 -1.62
C ALA A 24 12.61 -2.63 -2.23
N ALA A 25 12.47 -3.92 -2.00
CA ALA A 25 13.39 -4.92 -2.54
C ALA A 25 12.96 -5.36 -3.95
N ASN A 26 12.25 -4.47 -4.67
CA ASN A 26 11.63 -4.76 -5.97
C ASN A 26 12.29 -5.88 -6.83
N PRO A 27 11.66 -7.07 -6.89
CA PRO A 27 12.16 -8.21 -7.67
C PRO A 27 11.76 -8.28 -9.14
N ASP A 28 10.72 -7.54 -9.51
CA ASP A 28 10.23 -7.47 -10.90
C ASP A 28 9.17 -6.39 -10.90
N PRO A 29 8.96 -5.69 -12.02
CA PRO A 29 7.85 -4.73 -12.04
C PRO A 29 6.53 -5.48 -12.13
N LYS A 30 6.60 -6.70 -12.64
CA LYS A 30 5.44 -7.59 -12.75
C LYS A 30 4.95 -7.93 -11.35
N LYS A 31 5.93 -8.20 -10.49
CA LYS A 31 5.66 -8.55 -9.10
C LYS A 31 5.25 -7.30 -8.32
N LEU A 32 5.80 -6.15 -8.68
CA LEU A 32 5.41 -4.89 -8.03
C LEU A 32 3.92 -4.60 -8.22
N LEU A 33 3.39 -4.81 -9.41
CA LEU A 33 1.97 -4.58 -9.65
C LEU A 33 1.14 -5.58 -8.81
N LYS A 34 1.59 -6.82 -8.77
CA LYS A 34 0.92 -7.84 -7.95
C LYS A 34 0.86 -7.40 -6.49
N TYR A 35 1.95 -6.83 -6.00
CA TYR A 35 1.98 -6.35 -4.61
C TYR A 35 1.00 -5.22 -4.39
N LEU A 36 0.97 -4.26 -5.32
CA LEU A 36 0.08 -3.11 -5.22
C LEU A 36 -1.37 -3.57 -5.13
N LYS A 37 -1.73 -4.53 -5.96
CA LYS A 37 -3.08 -5.09 -5.95
C LYS A 37 -3.40 -5.76 -4.62
N LYS A 38 -2.40 -6.30 -3.94
CA LYS A 38 -2.63 -6.92 -2.64
C LYS A 38 -2.84 -5.83 -1.59
N LEU A 39 -2.17 -4.69 -1.68
CA LEU A 39 -2.39 -3.61 -0.70
C LEU A 39 -3.83 -3.13 -0.87
N SER A 40 -4.27 -3.04 -2.12
CA SER A 40 -5.60 -2.52 -2.45
C SER A 40 -6.78 -3.46 -2.15
N THR A 41 -6.51 -4.73 -1.89
CA THR A 41 -7.59 -5.68 -1.61
C THR A 41 -7.73 -5.91 -0.10
N LEU A 42 -6.92 -5.22 0.68
CA LEU A 42 -6.97 -5.29 2.12
C LEU A 42 -7.69 -4.04 2.61
N PRO A 43 -8.36 -4.10 3.77
CA PRO A 43 -9.00 -2.91 4.32
C PRO A 43 -7.95 -1.94 4.91
N ILE A 44 -7.43 -1.08 4.06
CA ILE A 44 -6.44 -0.09 4.47
C ILE A 44 -7.10 0.99 5.29
N THR A 45 -6.46 1.33 6.39
CA THR A 45 -6.95 2.38 7.26
C THR A 45 -5.86 3.41 7.39
N VAL A 46 -6.20 4.59 7.92
CA VAL A 46 -5.20 5.63 8.12
C VAL A 46 -4.14 5.17 9.12
N ASP A 47 -4.56 4.29 10.03
CA ASP A 47 -3.66 3.72 11.03
C ASP A 47 -2.59 2.89 10.32
N ILE A 48 -3.01 2.07 9.37
CA ILE A 48 -2.06 1.25 8.62
C ILE A 48 -1.14 2.16 7.81
N LEU A 49 -1.70 3.17 7.17
CA LEU A 49 -0.90 4.05 6.32
C LEU A 49 0.16 4.75 7.12
N ALA A 50 -0.18 5.10 8.35
CA ALA A 50 0.73 5.79 9.24
C ALA A 50 1.89 4.90 9.70
N GLU A 51 1.57 3.69 10.16
CA GLU A 51 2.60 2.81 10.73
C GLU A 51 3.51 2.22 9.67
N THR A 52 2.92 1.82 8.56
CA THR A 52 3.69 1.20 7.49
C THR A 52 4.41 2.28 6.70
N GLY A 53 3.72 3.37 6.42
CA GLY A 53 4.31 4.46 5.67
C GLY A 53 4.20 4.09 4.21
N VAL A 54 3.35 3.12 3.94
CA VAL A 54 3.13 2.57 2.62
C VAL A 54 2.68 3.65 1.63
N GLY A 55 2.02 4.69 2.12
CA GLY A 55 1.61 5.78 1.26
C GLY A 55 2.80 6.43 0.57
N LYS A 56 3.93 6.48 1.27
CA LYS A 56 5.15 7.10 0.73
C LYS A 56 5.69 6.18 -0.36
N THR A 57 5.69 4.89 -0.06
CA THR A 57 6.19 3.87 -0.97
C THR A 57 5.45 3.82 -2.30
N VAL A 58 4.13 3.70 -2.26
CA VAL A 58 3.37 3.59 -3.50
C VAL A 58 3.44 4.89 -4.30
N ASN A 59 3.48 6.03 -3.61
CA ASN A 59 3.59 7.31 -4.30
C ASN A 59 4.90 7.41 -5.08
N SER A 60 5.97 6.86 -4.54
CA SER A 60 7.26 6.86 -5.26
C SER A 60 7.17 5.95 -6.48
N LEU A 61 6.53 4.81 -6.31
CA LEU A 61 6.36 3.82 -7.40
C LEU A 61 5.61 4.38 -8.61
N ARG A 62 4.85 5.44 -8.43
CA ARG A 62 4.13 6.08 -9.55
C ARG A 62 5.08 6.51 -10.67
N LYS A 63 6.33 6.82 -10.33
CA LYS A 63 7.32 7.24 -11.32
C LYS A 63 7.73 6.09 -12.25
N HIS A 64 7.62 4.86 -11.79
CA HIS A 64 8.02 3.71 -12.57
C HIS A 64 6.84 3.39 -13.48
N GLU A 65 6.89 3.82 -14.73
CA GLU A 65 5.77 3.69 -15.68
C GLU A 65 5.14 2.30 -15.70
N HIS A 66 5.96 1.28 -15.49
CA HIS A 66 5.50 -0.11 -15.47
C HIS A 66 4.32 -0.36 -14.56
N VAL A 67 4.33 0.28 -13.40
CA VAL A 67 3.31 0.08 -12.39
C VAL A 67 2.66 1.38 -12.00
N GLY A 68 3.21 2.49 -12.50
CA GLY A 68 2.68 3.82 -12.24
C GLY A 68 1.23 3.96 -12.66
N SER A 69 0.85 3.22 -13.69
CA SER A 69 -0.53 3.22 -14.16
C SER A 69 -1.48 2.79 -13.04
N PHE A 70 -1.16 1.71 -12.35
CA PHE A 70 -1.96 1.25 -11.22
C PHE A 70 -1.66 2.02 -9.92
N ALA A 71 -0.40 2.37 -9.71
CA ALA A 71 0.03 3.03 -8.48
C ALA A 71 -0.65 4.37 -8.25
N ARG A 72 -1.01 5.08 -9.31
CA ARG A 72 -1.69 6.37 -9.15
C ARG A 72 -3.07 6.17 -8.50
N ASP A 73 -3.72 5.05 -8.80
CA ASP A 73 -5.03 4.75 -8.21
C ASP A 73 -4.86 4.39 -6.75
N LEU A 74 -3.78 3.67 -6.45
CA LEU A 74 -3.49 3.27 -5.09
C LEU A 74 -3.33 4.49 -4.19
N VAL A 75 -2.68 5.54 -4.69
CA VAL A 75 -2.57 6.78 -3.93
C VAL A 75 -3.91 7.52 -3.89
N ALA A 76 -4.65 7.50 -4.99
CA ALA A 76 -5.92 8.24 -5.07
C ALA A 76 -6.98 7.65 -4.14
N GLN A 77 -7.01 6.33 -4.04
CA GLN A 77 -7.99 5.67 -3.18
C GLN A 77 -7.65 5.94 -1.72
N TRP A 78 -6.37 6.02 -1.42
CA TRP A 78 -5.89 6.28 -0.06
C TRP A 78 -6.11 7.73 0.35
N LYS A 79 -6.21 8.61 -0.64
CA LYS A 79 -6.45 10.03 -0.37
C LYS A 79 -7.84 10.24 0.20
N LYS A 80 -8.73 9.30 -0.07
CA LYS A 80 -10.10 9.37 0.45
C LYS A 80 -10.18 8.96 1.92
N LEU A 81 -9.10 8.39 2.44
CA LEU A 81 -9.09 7.89 3.82
C LEU A 81 -8.54 8.94 4.77
N VAL A 82 -7.52 9.65 4.31
CA VAL A 82 -6.86 10.66 5.11
C VAL A 82 -7.69 11.94 5.11
N PRO A 83 -7.53 12.77 6.15
CA PRO A 83 -8.28 14.02 6.18
C PRO A 83 -7.71 15.04 5.18
N VAL A 84 -8.56 16.01 4.84
CA VAL A 84 -8.28 17.09 3.88
C VAL A 84 -8.16 16.59 2.43
N GLU A 85 -8.97 17.17 1.57
CA GLU A 85 -9.01 16.82 0.16
C GLU A 85 -8.81 18.10 -0.65
N ARG A 86 -9.00 18.03 -1.96
CA ARG A 86 -8.87 19.17 -2.88
C ARG A 86 -7.48 19.82 -2.88
N ASN A 87 -6.51 19.13 -2.32
CA ASN A 87 -5.13 19.59 -2.24
C ASN A 87 -4.38 19.42 -3.58
N ALA A 88 -5.00 19.89 -4.65
CA ALA A 88 -4.44 19.81 -5.99
C ALA A 88 -3.87 21.17 -6.40
N GLY A 89 -4.31 22.22 -5.73
CA GLY A 89 -3.88 23.57 -6.04
C GLY A 89 -4.61 24.48 -5.07
N SER A 90 -4.67 25.77 -5.36
CA SER A 90 -5.38 26.73 -4.53
C SER A 90 -6.81 26.85 -5.04
N SER A 1 11.82 -20.15 0.73
CA SER A 1 12.23 -20.83 1.98
C SER A 1 11.00 -21.30 2.77
N ASN A 2 10.56 -20.51 3.75
CA ASN A 2 9.42 -20.88 4.61
C ASN A 2 8.06 -20.73 3.92
N ALA A 3 7.82 -21.52 2.88
CA ALA A 3 6.56 -21.51 2.14
C ALA A 3 6.14 -20.09 1.71
N ALA A 4 4.90 -19.74 1.98
CA ALA A 4 4.33 -18.43 1.65
C ALA A 4 3.21 -18.22 2.68
N SER A 5 2.66 -17.02 2.72
CA SER A 5 1.57 -16.70 3.64
C SER A 5 0.28 -17.43 3.23
N ALA A 6 -0.05 -18.46 3.99
CA ALA A 6 -1.24 -19.28 3.75
C ALA A 6 -1.76 -19.78 5.09
N MET A 7 -1.88 -18.87 6.05
CA MET A 7 -2.28 -19.22 7.41
C MET A 7 -3.35 -18.26 7.89
N ALA A 8 -3.95 -18.57 9.03
CA ALA A 8 -4.96 -17.71 9.64
C ALA A 8 -4.28 -16.48 10.28
N ALA A 9 -5.08 -15.63 10.90
CA ALA A 9 -4.63 -14.37 11.52
C ALA A 9 -4.08 -13.44 10.43
N GLU A 10 -2.88 -12.90 10.62
CA GLU A 10 -2.26 -11.95 9.68
C GLU A 10 -3.21 -10.80 9.33
N SER A 11 -3.32 -9.84 10.22
CA SER A 11 -4.22 -8.69 10.02
C SER A 11 -3.79 -7.91 8.78
N ALA A 12 -4.67 -7.06 8.27
CA ALA A 12 -4.36 -6.27 7.08
C ALA A 12 -3.07 -5.48 7.30
N LEU A 13 -2.88 -4.98 8.51
CA LEU A 13 -1.66 -4.26 8.87
C LEU A 13 -0.45 -5.16 8.65
N GLN A 14 -0.51 -6.36 9.20
CA GLN A 14 0.63 -7.28 9.12
C GLN A 14 0.94 -7.64 7.68
N VAL A 15 -0.09 -7.92 6.90
CA VAL A 15 0.14 -8.31 5.52
C VAL A 15 0.77 -7.14 4.76
N VAL A 16 0.20 -5.95 4.86
CA VAL A 16 0.74 -4.76 4.18
C VAL A 16 2.17 -4.50 4.59
N GLU A 17 2.50 -4.65 5.87
CA GLU A 17 3.85 -4.35 6.32
C GLU A 17 4.87 -5.23 5.59
N LYS A 18 4.54 -6.50 5.53
CA LYS A 18 5.45 -7.53 5.03
C LYS A 18 5.55 -7.43 3.53
N LEU A 19 4.45 -7.00 2.95
CA LEU A 19 4.32 -6.80 1.54
C LEU A 19 5.11 -5.55 1.12
N GLN A 20 5.14 -4.54 1.99
CA GLN A 20 5.89 -3.30 1.70
C GLN A 20 7.39 -3.56 1.60
N ALA A 21 7.93 -4.41 2.45
CA ALA A 21 9.35 -4.75 2.37
C ALA A 21 9.70 -5.30 0.98
N ARG A 22 8.76 -6.04 0.40
CA ARG A 22 8.94 -6.64 -0.93
C ARG A 22 8.88 -5.58 -2.03
N LEU A 23 8.27 -4.43 -1.74
CA LEU A 23 8.20 -3.33 -2.70
C LEU A 23 9.53 -2.61 -2.75
N ALA A 24 10.13 -2.39 -1.59
CA ALA A 24 11.41 -1.70 -1.51
C ALA A 24 12.48 -2.56 -2.19
N ALA A 25 12.43 -3.85 -1.91
CA ALA A 25 13.33 -4.83 -2.49
C ALA A 25 12.90 -5.23 -3.92
N ASN A 26 12.18 -4.34 -4.60
CA ASN A 26 11.58 -4.60 -5.92
C ASN A 26 12.30 -5.64 -6.82
N PRO A 27 11.74 -6.86 -6.89
CA PRO A 27 12.31 -7.96 -7.69
C PRO A 27 11.90 -8.06 -9.17
N ASP A 28 10.78 -7.46 -9.52
CA ASP A 28 10.24 -7.50 -10.88
C ASP A 28 9.16 -6.45 -10.97
N PRO A 29 8.95 -5.85 -12.14
CA PRO A 29 7.83 -4.90 -12.24
C PRO A 29 6.51 -5.69 -12.26
N LYS A 30 6.61 -6.93 -12.70
CA LYS A 30 5.46 -7.85 -12.76
C LYS A 30 5.00 -8.15 -11.34
N LYS A 31 5.98 -8.33 -10.46
CA LYS A 31 5.72 -8.62 -9.06
C LYS A 31 5.26 -7.34 -8.36
N LEU A 32 5.79 -6.19 -8.76
CA LEU A 32 5.33 -4.91 -8.20
C LEU A 32 3.84 -4.69 -8.42
N LEU A 33 3.34 -4.98 -9.61
CA LEU A 33 1.90 -4.81 -9.85
C LEU A 33 1.10 -5.75 -8.95
N LYS A 34 1.58 -6.98 -8.81
CA LYS A 34 0.93 -7.96 -7.95
C LYS A 34 0.88 -7.43 -6.51
N TYR A 35 1.96 -6.81 -6.07
CA TYR A 35 2.01 -6.26 -4.73
C TYR A 35 1.01 -5.13 -4.53
N LEU A 36 0.95 -4.23 -5.48
CA LEU A 36 0.06 -3.07 -5.38
C LEU A 36 -1.38 -3.57 -5.25
N LYS A 37 -1.73 -4.58 -6.06
CA LYS A 37 -3.06 -5.17 -6.01
C LYS A 37 -3.36 -5.82 -4.67
N LYS A 38 -2.33 -6.33 -3.99
CA LYS A 38 -2.53 -6.93 -2.69
C LYS A 38 -2.73 -5.86 -1.62
N LEU A 39 -2.09 -4.70 -1.73
CA LEU A 39 -2.32 -3.62 -0.75
C LEU A 39 -3.77 -3.15 -0.92
N SER A 40 -4.22 -3.08 -2.18
CA SER A 40 -5.56 -2.59 -2.51
C SER A 40 -6.72 -3.56 -2.21
N THR A 41 -6.41 -4.82 -1.96
CA THR A 41 -7.49 -5.80 -1.69
C THR A 41 -7.66 -6.02 -0.19
N LEU A 42 -6.88 -5.29 0.61
CA LEU A 42 -6.97 -5.37 2.06
C LEU A 42 -7.66 -4.10 2.54
N PRO A 43 -8.37 -4.18 3.69
CA PRO A 43 -9.01 -2.97 4.24
C PRO A 43 -7.99 -2.00 4.85
N ILE A 44 -7.49 -1.09 4.03
CA ILE A 44 -6.52 -0.10 4.45
C ILE A 44 -7.18 1.00 5.26
N THR A 45 -6.55 1.36 6.36
CA THR A 45 -7.03 2.43 7.20
C THR A 45 -5.89 3.42 7.36
N VAL A 46 -6.18 4.60 7.91
CA VAL A 46 -5.14 5.62 8.09
C VAL A 46 -4.09 5.14 9.09
N ASP A 47 -4.50 4.29 10.03
CA ASP A 47 -3.59 3.74 11.02
C ASP A 47 -2.57 2.86 10.31
N ILE A 48 -3.06 2.05 9.38
CA ILE A 48 -2.16 1.18 8.63
C ILE A 48 -1.22 2.05 7.81
N LEU A 49 -1.74 3.05 7.13
CA LEU A 49 -0.91 3.90 6.26
C LEU A 49 0.22 4.54 7.04
N ALA A 50 -0.09 4.97 8.25
CA ALA A 50 0.88 5.64 9.11
C ALA A 50 2.00 4.70 9.55
N GLU A 51 1.63 3.49 9.99
CA GLU A 51 2.63 2.55 10.53
C GLU A 51 3.48 1.94 9.43
N THR A 52 2.87 1.66 8.30
CA THR A 52 3.56 1.00 7.19
C THR A 52 4.35 1.98 6.34
N GLY A 53 3.82 3.18 6.15
CA GLY A 53 4.58 4.23 5.49
C GLY A 53 4.41 4.08 4.00
N VAL A 54 3.56 3.12 3.67
CA VAL A 54 3.22 2.79 2.30
C VAL A 54 2.72 3.96 1.49
N GLY A 55 2.11 4.95 2.12
CA GLY A 55 1.63 6.11 1.39
C GLY A 55 2.78 6.76 0.65
N LYS A 56 3.97 6.73 1.25
CA LYS A 56 5.16 7.31 0.63
C LYS A 56 5.69 6.33 -0.42
N THR A 57 5.72 5.07 -0.06
CA THR A 57 6.22 4.00 -0.93
C THR A 57 5.47 3.92 -2.26
N VAL A 58 4.16 3.78 -2.21
CA VAL A 58 3.36 3.66 -3.44
C VAL A 58 3.40 4.97 -4.23
N ASN A 59 3.42 6.11 -3.54
CA ASN A 59 3.53 7.41 -4.21
C ASN A 59 4.81 7.49 -5.04
N SER A 60 5.91 6.95 -4.53
CA SER A 60 7.17 6.93 -5.27
C SER A 60 7.08 5.96 -6.45
N LEU A 61 6.43 4.82 -6.25
CA LEU A 61 6.29 3.79 -7.28
C LEU A 61 5.48 4.28 -8.47
N ARG A 62 4.67 5.32 -8.29
CA ARG A 62 3.85 5.85 -9.38
C ARG A 62 4.68 6.48 -10.51
N LYS A 63 5.97 6.68 -10.26
CA LYS A 63 6.89 7.22 -11.26
C LYS A 63 7.37 6.11 -12.22
N HIS A 64 7.34 4.87 -11.75
CA HIS A 64 7.81 3.75 -12.55
C HIS A 64 6.84 3.54 -13.70
N GLU A 65 7.35 3.58 -14.93
CA GLU A 65 6.51 3.49 -16.12
C GLU A 65 5.73 2.17 -16.20
N HIS A 66 6.27 1.12 -15.60
CA HIS A 66 5.65 -0.20 -15.67
C HIS A 66 4.36 -0.36 -14.88
N VAL A 67 4.34 0.18 -13.67
CA VAL A 67 3.23 -0.05 -12.75
C VAL A 67 2.65 1.23 -12.22
N GLY A 68 3.18 2.34 -12.71
CA GLY A 68 2.78 3.64 -12.22
C GLY A 68 1.31 3.92 -12.35
N SER A 69 0.69 3.48 -13.44
CA SER A 69 -0.74 3.73 -13.63
C SER A 69 -1.57 3.16 -12.48
N PHE A 70 -1.27 1.95 -12.04
CA PHE A 70 -2.01 1.35 -10.94
C PHE A 70 -1.61 1.99 -9.61
N ALA A 71 -0.31 2.24 -9.41
CA ALA A 71 0.15 2.96 -8.23
C ALA A 71 -0.57 4.31 -8.02
N ARG A 72 -0.97 4.99 -9.09
CA ARG A 72 -1.68 6.29 -8.96
C ARG A 72 -3.04 6.09 -8.35
N ASP A 73 -3.72 5.05 -8.79
CA ASP A 73 -5.03 4.71 -8.26
C ASP A 73 -4.89 4.32 -6.80
N LEU A 74 -3.79 3.67 -6.47
CA LEU A 74 -3.50 3.29 -5.10
C LEU A 74 -3.34 4.52 -4.20
N VAL A 75 -2.72 5.57 -4.72
CA VAL A 75 -2.58 6.81 -3.97
C VAL A 75 -3.94 7.50 -3.88
N ALA A 76 -4.72 7.47 -4.94
CA ALA A 76 -6.02 8.14 -4.98
C ALA A 76 -7.03 7.50 -4.01
N GLN A 77 -7.02 6.18 -3.95
CA GLN A 77 -7.93 5.45 -3.06
C GLN A 77 -7.57 5.70 -1.60
N TRP A 78 -6.29 5.93 -1.36
CA TRP A 78 -5.80 6.25 -0.01
C TRP A 78 -5.98 7.72 0.34
N LYS A 79 -6.01 8.58 -0.66
CA LYS A 79 -6.14 10.02 -0.44
C LYS A 79 -7.48 10.38 0.16
N LYS A 80 -8.50 9.60 -0.17
CA LYS A 80 -9.84 9.84 0.40
C LYS A 80 -9.97 9.31 1.83
N LEU A 81 -8.95 8.61 2.32
CA LEU A 81 -9.00 8.07 3.69
C LEU A 81 -8.42 9.08 4.67
N VAL A 82 -7.37 9.76 4.24
CA VAL A 82 -6.69 10.74 5.06
C VAL A 82 -7.43 12.07 5.01
N PRO A 83 -7.29 12.90 6.04
CA PRO A 83 -7.97 14.19 6.05
C PRO A 83 -7.34 15.19 5.08
N VAL A 84 -7.98 16.34 4.95
CA VAL A 84 -7.50 17.40 4.06
C VAL A 84 -6.14 17.87 4.56
N GLU A 85 -5.19 18.00 3.64
CA GLU A 85 -3.84 18.43 3.96
C GLU A 85 -3.53 19.64 3.10
N ARG A 86 -2.43 20.33 3.40
CA ARG A 86 -2.04 21.50 2.63
C ARG A 86 -1.23 21.02 1.41
N ASN A 87 -1.39 21.72 0.30
CA ASN A 87 -0.72 21.38 -0.97
C ASN A 87 -1.16 19.96 -1.40
N ALA A 88 -0.32 19.26 -2.17
CA ALA A 88 -0.61 17.90 -2.66
C ALA A 88 -1.90 17.85 -3.50
N GLY A 89 -2.21 18.96 -4.15
CA GLY A 89 -3.39 19.08 -5.00
C GLY A 89 -2.99 19.54 -6.38
N SER A 90 -3.94 20.08 -7.13
CA SER A 90 -3.71 20.61 -8.47
C SER A 90 -4.15 22.06 -8.46
N SER A 1 -2.44 -0.27 15.79
CA SER A 1 -1.05 -0.11 15.27
C SER A 1 0.00 -0.62 16.26
N ASN A 2 -0.14 -0.27 17.54
CA ASN A 2 0.85 -0.55 18.62
C ASN A 2 1.48 -1.95 18.80
N ALA A 3 1.08 -2.96 18.03
CA ALA A 3 1.67 -4.29 18.14
C ALA A 3 1.69 -4.94 16.75
N ALA A 4 2.86 -5.45 16.37
CA ALA A 4 3.04 -6.10 15.08
C ALA A 4 4.21 -7.07 15.24
N SER A 5 4.38 -7.97 14.30
CA SER A 5 5.50 -8.92 14.38
C SER A 5 5.91 -9.39 13.00
N ALA A 6 7.08 -10.02 12.92
CA ALA A 6 7.57 -10.58 11.66
C ALA A 6 6.85 -11.90 11.37
N MET A 7 6.18 -12.44 12.36
CA MET A 7 5.47 -13.70 12.25
C MET A 7 4.12 -13.48 11.59
N ALA A 8 3.70 -14.46 10.79
CA ALA A 8 2.40 -14.48 10.11
C ALA A 8 2.09 -13.26 9.21
N ALA A 9 0.96 -13.32 8.54
CA ALA A 9 0.46 -12.26 7.68
C ALA A 9 -1.02 -12.51 7.50
N GLU A 10 -1.81 -11.92 8.36
CA GLU A 10 -3.24 -12.18 8.40
C GLU A 10 -4.08 -10.94 8.47
N SER A 11 -4.01 -10.32 9.62
CA SER A 11 -4.65 -9.04 9.87
C SER A 11 -4.06 -8.05 8.89
N ALA A 12 -4.84 -7.07 8.43
CA ALA A 12 -4.39 -6.13 7.39
C ALA A 12 -3.03 -5.50 7.68
N LEU A 13 -2.79 -5.07 8.92
CA LEU A 13 -1.50 -4.47 9.26
C LEU A 13 -0.36 -5.49 9.16
N GLN A 14 -0.61 -6.70 9.59
CA GLN A 14 0.45 -7.70 9.54
C GLN A 14 0.77 -8.03 8.07
N VAL A 15 -0.21 -7.96 7.19
CA VAL A 15 -0.01 -8.24 5.76
C VAL A 15 0.67 -7.08 4.99
N VAL A 16 0.17 -5.86 5.14
CA VAL A 16 0.70 -4.68 4.44
C VAL A 16 2.22 -4.52 4.62
N GLU A 17 2.71 -4.77 5.83
CA GLU A 17 4.11 -4.53 6.11
C GLU A 17 5.01 -5.48 5.32
N LYS A 18 4.58 -6.73 5.21
CA LYS A 18 5.38 -7.73 4.53
C LYS A 18 5.48 -7.37 3.06
N LEU A 19 4.41 -6.79 2.55
CA LEU A 19 4.36 -6.40 1.15
C LEU A 19 5.21 -5.19 0.89
N GLN A 20 5.17 -4.20 1.77
CA GLN A 20 5.94 -2.98 1.58
C GLN A 20 7.42 -3.31 1.52
N ALA A 21 7.86 -4.22 2.38
CA ALA A 21 9.25 -4.67 2.35
C ALA A 21 9.59 -5.25 0.97
N ARG A 22 8.65 -5.99 0.38
CA ARG A 22 8.87 -6.58 -0.96
C ARG A 22 8.87 -5.53 -2.07
N LEU A 23 8.26 -4.38 -1.81
CA LEU A 23 8.23 -3.29 -2.79
C LEU A 23 9.59 -2.62 -2.88
N ALA A 24 10.20 -2.39 -1.73
CA ALA A 24 11.51 -1.73 -1.66
C ALA A 24 12.60 -2.63 -2.25
N ALA A 25 12.39 -3.92 -2.10
CA ALA A 25 13.30 -4.94 -2.62
C ALA A 25 12.88 -5.38 -4.04
N ASN A 26 12.18 -4.50 -4.76
CA ASN A 26 11.54 -4.82 -6.04
C ASN A 26 12.21 -5.92 -6.91
N PRO A 27 11.63 -7.14 -6.89
CA PRO A 27 12.18 -8.27 -7.66
C PRO A 27 11.78 -8.37 -9.12
N ASP A 28 10.71 -7.70 -9.49
CA ASP A 28 10.18 -7.70 -10.86
C ASP A 28 9.15 -6.61 -10.95
N PRO A 29 8.96 -6.00 -12.13
CA PRO A 29 7.87 -5.03 -12.24
C PRO A 29 6.53 -5.78 -12.29
N LYS A 30 6.60 -7.04 -12.71
CA LYS A 30 5.45 -7.92 -12.78
C LYS A 30 4.96 -8.20 -11.36
N LYS A 31 5.92 -8.41 -10.47
CA LYS A 31 5.63 -8.69 -9.07
C LYS A 31 5.21 -7.41 -8.37
N LEU A 32 5.77 -6.27 -8.77
CA LEU A 32 5.35 -4.98 -8.22
C LEU A 32 3.85 -4.75 -8.44
N LEU A 33 3.36 -5.04 -9.64
CA LEU A 33 1.93 -4.88 -9.92
C LEU A 33 1.12 -5.79 -9.01
N LYS A 34 1.59 -7.03 -8.83
CA LYS A 34 0.92 -7.98 -7.95
C LYS A 34 0.85 -7.44 -6.52
N TYR A 35 1.92 -6.80 -6.07
CA TYR A 35 1.93 -6.23 -4.72
C TYR A 35 0.91 -5.13 -4.58
N LEU A 36 0.87 -4.24 -5.56
CA LEU A 36 -0.07 -3.11 -5.50
C LEU A 36 -1.50 -3.66 -5.46
N LYS A 37 -1.78 -4.66 -6.29
CA LYS A 37 -3.11 -5.27 -6.31
C LYS A 37 -3.46 -5.91 -4.97
N LYS A 38 -2.46 -6.40 -4.24
CA LYS A 38 -2.72 -6.97 -2.92
C LYS A 38 -3.00 -5.83 -1.94
N LEU A 39 -2.29 -4.71 -2.06
CA LEU A 39 -2.49 -3.61 -1.13
C LEU A 39 -3.86 -2.99 -1.32
N SER A 40 -4.33 -2.95 -2.57
CA SER A 40 -5.63 -2.37 -2.87
C SER A 40 -6.81 -3.19 -2.34
N THR A 41 -6.59 -4.47 -2.08
CA THR A 41 -7.67 -5.35 -1.60
C THR A 41 -7.63 -5.59 -0.08
N LEU A 42 -6.63 -5.05 0.61
CA LEU A 42 -6.61 -5.16 2.06
C LEU A 42 -7.40 -3.96 2.55
N PRO A 43 -8.10 -4.09 3.68
CA PRO A 43 -8.81 -2.96 4.27
C PRO A 43 -7.82 -2.00 4.93
N ILE A 44 -7.21 -1.16 4.12
CA ILE A 44 -6.23 -0.19 4.59
C ILE A 44 -6.95 0.91 5.31
N THR A 45 -6.40 1.29 6.46
CA THR A 45 -6.99 2.34 7.26
C THR A 45 -5.94 3.41 7.50
N VAL A 46 -6.35 4.54 8.06
CA VAL A 46 -5.41 5.61 8.35
C VAL A 46 -4.39 5.16 9.41
N ASP A 47 -4.82 4.26 10.29
CA ASP A 47 -3.96 3.69 11.33
C ASP A 47 -2.84 2.89 10.69
N ILE A 48 -3.18 2.16 9.65
CA ILE A 48 -2.20 1.37 8.94
C ILE A 48 -1.24 2.30 8.21
N LEU A 49 -1.78 3.26 7.47
CA LEU A 49 -0.95 4.14 6.65
C LEU A 49 0.06 4.92 7.45
N ALA A 50 -0.35 5.32 8.64
CA ALA A 50 0.48 6.12 9.53
C ALA A 50 1.80 5.41 9.87
N GLU A 51 1.70 4.13 10.18
CA GLU A 51 2.88 3.37 10.63
C GLU A 51 3.71 2.87 9.46
N THR A 52 3.04 2.20 8.55
CA THR A 52 3.69 1.56 7.41
C THR A 52 4.39 2.56 6.52
N GLY A 53 3.71 3.66 6.22
CA GLY A 53 4.33 4.70 5.44
C GLY A 53 4.23 4.30 3.99
N VAL A 54 3.41 3.29 3.73
CA VAL A 54 3.19 2.82 2.37
C VAL A 54 2.71 3.94 1.46
N GLY A 55 2.05 4.94 2.02
CA GLY A 55 1.61 6.07 1.23
C GLY A 55 2.77 6.75 0.54
N LYS A 56 3.93 6.76 1.20
CA LYS A 56 5.14 7.38 0.65
C LYS A 56 5.71 6.43 -0.41
N THR A 57 5.73 5.15 -0.07
CA THR A 57 6.25 4.10 -0.94
C THR A 57 5.52 4.01 -2.28
N VAL A 58 4.20 3.86 -2.23
CA VAL A 58 3.41 3.72 -3.46
C VAL A 58 3.43 5.03 -4.26
N ASN A 59 3.46 6.17 -3.57
CA ASN A 59 3.52 7.46 -4.27
C ASN A 59 4.82 7.56 -5.05
N SER A 60 5.88 6.97 -4.53
CA SER A 60 7.16 6.94 -5.21
C SER A 60 7.11 5.96 -6.39
N LEU A 61 6.44 4.83 -6.20
CA LEU A 61 6.31 3.80 -7.23
C LEU A 61 5.53 4.28 -8.44
N ARG A 62 4.72 5.33 -8.27
CA ARG A 62 3.94 5.85 -9.39
C ARG A 62 4.81 6.45 -10.50
N LYS A 63 6.09 6.68 -10.21
CA LYS A 63 7.04 7.16 -11.21
C LYS A 63 7.52 6.02 -12.12
N HIS A 64 7.51 4.80 -11.60
CA HIS A 64 8.02 3.63 -12.30
C HIS A 64 7.05 3.31 -13.43
N GLU A 65 7.47 3.55 -14.64
CA GLU A 65 6.65 3.44 -15.84
C GLU A 65 5.90 2.12 -15.97
N HIS A 66 6.47 1.05 -15.44
CA HIS A 66 5.86 -0.27 -15.54
C HIS A 66 4.55 -0.40 -14.78
N VAL A 67 4.51 0.21 -13.60
CA VAL A 67 3.38 0.01 -12.68
C VAL A 67 2.74 1.31 -12.21
N GLY A 68 3.27 2.43 -12.67
CA GLY A 68 2.80 3.73 -12.25
C GLY A 68 1.32 3.97 -12.48
N SER A 69 0.78 3.41 -13.55
CA SER A 69 -0.63 3.56 -13.87
C SER A 69 -1.51 3.00 -12.76
N PHE A 70 -1.15 1.86 -12.20
CA PHE A 70 -1.90 1.28 -11.09
C PHE A 70 -1.52 1.96 -9.77
N ALA A 71 -0.24 2.20 -9.55
CA ALA A 71 0.22 2.90 -8.34
C ALA A 71 -0.48 4.23 -8.08
N ARG A 72 -0.74 5.03 -9.11
CA ARG A 72 -1.42 6.33 -8.88
C ARG A 72 -2.86 6.13 -8.37
N ASP A 73 -3.50 5.04 -8.77
CA ASP A 73 -4.87 4.76 -8.32
C ASP A 73 -4.83 4.36 -6.86
N LEU A 74 -3.78 3.64 -6.50
CA LEU A 74 -3.56 3.21 -5.13
C LEU A 74 -3.42 4.43 -4.22
N VAL A 75 -2.72 5.45 -4.69
CA VAL A 75 -2.54 6.68 -3.92
C VAL A 75 -3.89 7.37 -3.76
N ALA A 76 -4.67 7.39 -4.83
CA ALA A 76 -5.98 8.05 -4.80
C ALA A 76 -6.92 7.34 -3.81
N GLN A 77 -6.93 6.01 -3.84
CA GLN A 77 -7.80 5.24 -2.95
C GLN A 77 -7.44 5.49 -1.49
N TRP A 78 -6.16 5.73 -1.21
CA TRP A 78 -5.70 6.00 0.14
C TRP A 78 -5.88 7.46 0.56
N LYS A 79 -5.82 8.35 -0.41
CA LYS A 79 -5.90 9.77 -0.12
C LYS A 79 -7.26 10.17 0.41
N LYS A 80 -8.29 9.50 -0.06
CA LYS A 80 -9.65 9.76 0.42
C LYS A 80 -9.93 9.15 1.80
N LEU A 81 -8.98 8.42 2.35
CA LEU A 81 -9.17 7.82 3.69
C LEU A 81 -8.77 8.81 4.76
N VAL A 82 -7.79 9.64 4.46
CA VAL A 82 -7.26 10.60 5.39
C VAL A 82 -8.00 11.91 5.14
N PRO A 83 -8.09 12.77 6.16
CA PRO A 83 -8.80 14.03 5.96
C PRO A 83 -8.04 14.97 5.03
N VAL A 84 -8.81 15.84 4.36
CA VAL A 84 -8.33 16.84 3.39
C VAL A 84 -7.71 16.21 2.14
N GLU A 85 -8.27 16.59 1.01
CA GLU A 85 -7.79 16.12 -0.29
C GLU A 85 -7.79 17.27 -1.26
N ARG A 86 -7.12 17.10 -2.39
CA ARG A 86 -7.02 18.15 -3.38
C ARG A 86 -8.08 17.90 -4.43
N ASN A 87 -8.71 18.98 -4.87
CA ASN A 87 -9.78 18.91 -5.85
C ASN A 87 -9.41 19.80 -7.03
N ALA A 88 -10.19 19.71 -8.10
CA ALA A 88 -10.00 20.49 -9.32
C ALA A 88 -8.62 20.28 -9.99
N GLY A 89 -8.01 19.13 -9.75
CA GLY A 89 -6.72 18.82 -10.34
C GLY A 89 -5.92 17.94 -9.41
N SER A 90 -4.61 17.86 -9.68
CA SER A 90 -3.63 17.07 -8.90
C SER A 90 -3.74 15.57 -9.13
#